data_2HRJ
#
_entry.id   2HRJ
#
_cell.length_a   1.000
_cell.length_b   1.000
_cell.length_c   1.000
_cell.angle_alpha   90.00
_cell.angle_beta   90.00
_cell.angle_gamma   90.00
#
_symmetry.space_group_name_H-M   'P 1'
#
_entity_poly.entity_id   1
_entity_poly.type   'polypeptide(L)'
_entity_poly.pdbx_seq_one_letter_code
;ETLLLRRKFFYSDQNVDSRDPVQLNLLYVQARDDILNGSHPVSFDKACEFAGYQCQIQFGPHNEQKHKPGFLELKDFLPK
EYIKQKGERKIFMAHKNCGNMSEIEAKVRYVKLARSLKTYG
;
_entity_poly.pdbx_strand_id   A
#
# COMPACT_ATOMS: atom_id res chain seq x y z
N GLU A 1 -31.80 -27.32 23.75
CA GLU A 1 -30.84 -26.37 24.29
C GLU A 1 -30.53 -25.30 23.25
N THR A 2 -30.01 -25.74 22.12
CA THR A 2 -29.66 -24.82 21.04
C THR A 2 -29.58 -25.56 19.71
N LEU A 3 -30.04 -24.88 18.67
CA LEU A 3 -30.03 -25.47 17.33
C LEU A 3 -29.57 -24.41 16.33
N LEU A 4 -28.32 -24.01 16.47
CA LEU A 4 -27.75 -23.01 15.58
C LEU A 4 -26.38 -23.48 15.09
N LEU A 5 -25.80 -22.70 14.20
CA LEU A 5 -24.49 -23.03 13.65
C LEU A 5 -23.94 -21.82 12.89
N ARG A 6 -22.69 -21.50 13.18
CA ARG A 6 -22.04 -20.37 12.53
C ARG A 6 -20.81 -20.84 11.74
N ARG A 7 -20.66 -20.27 10.56
CA ARG A 7 -19.54 -20.63 9.69
C ARG A 7 -19.48 -19.69 8.49
N LYS A 8 -18.30 -19.15 8.25
CA LYS A 8 -18.10 -18.24 7.13
C LYS A 8 -16.62 -18.23 6.75
N PHE A 9 -16.30 -18.98 5.70
CA PHE A 9 -14.94 -19.06 5.23
C PHE A 9 -14.87 -18.90 3.70
N PHE A 10 -14.82 -17.64 3.29
CA PHE A 10 -14.77 -17.33 1.87
C PHE A 10 -14.24 -15.90 1.63
N TYR A 11 -13.31 -15.80 0.70
CA TYR A 11 -12.72 -14.51 0.38
C TYR A 11 -12.32 -14.44 -1.10
N SER A 12 -13.18 -13.80 -1.87
CA SER A 12 -12.95 -13.66 -3.30
C SER A 12 -13.10 -12.18 -3.71
N ASP A 13 -11.97 -11.48 -3.66
CA ASP A 13 -11.96 -10.07 -4.02
C ASP A 13 -12.69 -9.88 -5.35
N GLN A 14 -12.92 -8.63 -5.69
CA GLN A 14 -13.62 -8.30 -6.93
C GLN A 14 -12.68 -8.53 -8.13
N ASN A 15 -13.18 -9.29 -9.08
CA ASN A 15 -12.41 -9.60 -10.28
C ASN A 15 -12.90 -8.71 -11.43
N VAL A 16 -14.17 -8.34 -11.36
CA VAL A 16 -14.76 -7.49 -12.39
C VAL A 16 -14.16 -6.09 -12.28
N ASP A 17 -13.40 -5.87 -11.22
CA ASP A 17 -12.78 -4.58 -10.99
C ASP A 17 -11.26 -4.74 -11.08
N SER A 18 -10.76 -5.81 -10.47
CA SER A 18 -9.34 -6.08 -10.47
C SER A 18 -8.76 -5.81 -11.87
N ARG A 19 -9.44 -6.36 -12.87
CA ARG A 19 -9.00 -6.18 -14.24
C ARG A 19 -8.89 -4.70 -14.58
N ASP A 20 -10.00 -4.01 -14.44
CA ASP A 20 -10.05 -2.58 -14.72
C ASP A 20 -9.16 -1.83 -13.72
N PRO A 21 -8.09 -1.21 -14.27
CA PRO A 21 -7.16 -0.46 -13.43
C PRO A 21 -7.76 0.88 -13.00
N VAL A 22 -8.68 1.36 -13.82
CA VAL A 22 -9.35 2.63 -13.53
C VAL A 22 -10.04 2.54 -12.16
N GLN A 23 -10.92 1.56 -12.05
CA GLN A 23 -11.66 1.36 -10.82
C GLN A 23 -10.70 1.01 -9.68
N LEU A 24 -9.55 0.48 -10.06
CA LEU A 24 -8.54 0.09 -9.09
C LEU A 24 -7.76 1.33 -8.65
N ASN A 25 -7.60 2.25 -9.59
CA ASN A 25 -6.88 3.48 -9.30
C ASN A 25 -7.76 4.39 -8.44
N LEU A 26 -9.05 4.37 -8.73
CA LEU A 26 -10.00 5.18 -7.99
C LEU A 26 -10.06 4.70 -6.54
N LEU A 27 -9.92 3.39 -6.38
CA LEU A 27 -9.96 2.80 -5.05
C LEU A 27 -8.62 3.04 -4.36
N TYR A 28 -7.55 2.78 -5.09
CA TYR A 28 -6.21 2.97 -4.56
C TYR A 28 -6.04 4.38 -4.00
N VAL A 29 -6.50 5.35 -4.77
CA VAL A 29 -6.39 6.74 -4.35
C VAL A 29 -7.22 6.96 -3.09
N GLN A 30 -8.49 6.56 -3.17
CA GLN A 30 -9.39 6.71 -2.05
C GLN A 30 -8.80 6.02 -0.80
N ALA A 31 -8.33 4.80 -1.02
CA ALA A 31 -7.74 4.03 0.07
C ALA A 31 -6.66 4.88 0.77
N ARG A 32 -5.78 5.43 -0.04
CA ARG A 32 -4.71 6.26 0.47
C ARG A 32 -5.27 7.46 1.22
N ASP A 33 -6.12 8.21 0.51
CA ASP A 33 -6.73 9.39 1.09
C ASP A 33 -7.37 9.02 2.43
N ASP A 34 -8.08 7.90 2.42
CA ASP A 34 -8.75 7.43 3.63
C ASP A 34 -7.75 7.40 4.78
N ILE A 35 -6.53 6.97 4.46
CA ILE A 35 -5.48 6.88 5.45
C ILE A 35 -5.08 8.30 5.88
N LEU A 36 -4.82 9.14 4.88
CA LEU A 36 -4.43 10.51 5.14
C LEU A 36 -5.53 11.21 5.94
N ASN A 37 -6.77 10.84 5.61
CA ASN A 37 -7.92 11.43 6.29
C ASN A 37 -7.84 11.13 7.79
N GLY A 38 -7.46 9.89 8.09
CA GLY A 38 -7.34 9.47 9.47
C GLY A 38 -8.69 9.03 10.03
N SER A 39 -9.36 8.18 9.28
CA SER A 39 -10.66 7.67 9.68
C SER A 39 -10.55 6.20 10.09
N HIS A 40 -9.70 5.48 9.37
CA HIS A 40 -9.49 4.07 9.64
C HIS A 40 -8.12 3.87 10.30
N PRO A 41 -8.16 3.48 11.60
CA PRO A 41 -6.94 3.25 12.35
C PRO A 41 -6.28 1.93 11.94
N VAL A 42 -5.62 1.97 10.78
CA VAL A 42 -4.95 0.80 10.27
C VAL A 42 -3.68 0.53 11.09
N SER A 43 -3.29 -0.74 11.14
CA SER A 43 -2.10 -1.13 11.88
C SER A 43 -0.88 -0.42 11.31
N PHE A 44 -0.12 0.20 12.20
CA PHE A 44 1.08 0.91 11.80
C PHE A 44 1.84 0.14 10.72
N ASP A 45 2.02 -1.15 10.98
CA ASP A 45 2.73 -2.01 10.04
C ASP A 45 2.04 -1.94 8.68
N LYS A 46 0.72 -2.07 8.71
CA LYS A 46 -0.07 -2.03 7.49
C LYS A 46 0.19 -0.71 6.77
N ALA A 47 -0.30 0.36 7.37
CA ALA A 47 -0.13 1.68 6.80
C ALA A 47 1.28 1.80 6.21
N CYS A 48 2.24 1.26 6.94
CA CYS A 48 3.62 1.29 6.50
C CYS A 48 3.69 0.75 5.07
N GLU A 49 3.12 -0.44 4.89
CA GLU A 49 3.11 -1.08 3.59
C GLU A 49 2.65 -0.08 2.52
N PHE A 50 1.42 0.38 2.68
CA PHE A 50 0.84 1.33 1.75
C PHE A 50 1.88 2.36 1.29
N ALA A 51 2.51 2.99 2.28
CA ALA A 51 3.52 3.98 2.00
C ALA A 51 4.61 3.38 1.11
N GLY A 52 5.24 2.34 1.64
CA GLY A 52 6.30 1.66 0.91
C GLY A 52 5.88 1.38 -0.54
N TYR A 53 4.66 0.87 -0.67
CA TYR A 53 4.12 0.56 -1.99
C TYR A 53 3.89 1.84 -2.80
N GLN A 54 3.26 2.80 -2.16
CA GLN A 54 2.97 4.07 -2.80
C GLN A 54 4.19 4.56 -3.58
N CYS A 55 5.31 4.64 -2.89
CA CYS A 55 6.55 5.08 -3.51
C CYS A 55 6.86 4.17 -4.69
N GLN A 56 6.72 2.87 -4.44
CA GLN A 56 6.97 1.88 -5.48
C GLN A 56 6.07 2.14 -6.70
N ILE A 57 4.77 2.10 -6.44
CA ILE A 57 3.81 2.33 -7.50
C ILE A 57 4.00 3.72 -8.09
N GLN A 58 4.50 4.61 -7.25
CA GLN A 58 4.74 5.98 -7.68
C GLN A 58 5.81 6.01 -8.77
N PHE A 59 7.01 5.59 -8.41
CA PHE A 59 8.12 5.56 -9.34
C PHE A 59 8.36 4.15 -9.86
N GLY A 60 8.63 3.24 -8.92
CA GLY A 60 8.88 1.86 -9.26
C GLY A 60 10.09 1.31 -8.49
N PRO A 61 10.16 -0.05 -8.43
CA PRO A 61 11.25 -0.70 -7.73
C PRO A 61 12.54 -0.64 -8.56
N HIS A 62 12.44 0.00 -9.71
CA HIS A 62 13.58 0.14 -10.59
C HIS A 62 14.49 1.26 -10.09
N ASN A 63 14.90 1.14 -8.84
CA ASN A 63 15.76 2.13 -8.22
C ASN A 63 16.13 1.67 -6.81
N GLU A 64 17.13 2.34 -6.25
CA GLU A 64 17.61 2.00 -4.92
C GLU A 64 18.49 3.13 -4.37
N GLN A 65 19.49 3.49 -5.16
CA GLN A 65 20.41 4.55 -4.76
C GLN A 65 19.69 5.90 -4.76
N LYS A 66 18.81 6.07 -5.74
CA LYS A 66 18.05 7.30 -5.86
C LYS A 66 16.85 7.26 -4.91
N HIS A 67 16.06 6.21 -5.08
CA HIS A 67 14.88 6.04 -4.24
C HIS A 67 15.30 5.82 -2.79
N LYS A 68 15.02 6.84 -1.97
CA LYS A 68 15.37 6.78 -0.56
C LYS A 68 14.09 6.85 0.27
N PRO A 69 14.18 6.28 1.51
CA PRO A 69 13.04 6.27 2.41
C PRO A 69 12.83 7.65 3.03
N GLY A 70 13.83 8.51 2.85
CA GLY A 70 13.77 9.86 3.39
C GLY A 70 13.09 10.80 2.40
N PHE A 71 13.62 10.83 1.19
CA PHE A 71 13.09 11.69 0.15
C PHE A 71 11.56 11.68 0.16
N LEU A 72 11.01 10.55 0.60
CA LEU A 72 9.57 10.40 0.68
C LEU A 72 9.00 11.46 1.63
N GLU A 73 7.71 11.73 1.45
CA GLU A 73 7.04 12.72 2.28
C GLU A 73 6.05 12.03 3.22
N LEU A 74 6.62 11.34 4.21
CA LEU A 74 5.80 10.63 5.18
C LEU A 74 4.73 11.58 5.74
N LYS A 75 5.03 12.86 5.66
CA LYS A 75 4.11 13.88 6.15
C LYS A 75 2.94 14.00 5.18
N ASP A 76 3.24 13.81 3.91
CA ASP A 76 2.22 13.90 2.88
C ASP A 76 1.89 12.49 2.37
N PHE A 77 2.21 11.51 3.20
CA PHE A 77 1.97 10.12 2.85
C PHE A 77 1.25 9.39 3.99
N LEU A 78 1.71 9.65 5.20
CA LEU A 78 1.13 9.02 6.38
C LEU A 78 0.34 10.07 7.16
N PRO A 79 -0.62 9.57 7.99
CA PRO A 79 -1.45 10.45 8.80
C PRO A 79 -0.66 11.00 9.99
N LYS A 80 -1.16 12.09 10.54
CA LYS A 80 -0.52 12.72 11.68
C LYS A 80 -0.09 11.64 12.68
N GLU A 81 -1.07 10.84 13.08
CA GLU A 81 -0.81 9.77 14.04
C GLU A 81 0.55 9.12 13.75
N TYR A 82 0.90 9.09 12.47
CA TYR A 82 2.16 8.51 12.06
C TYR A 82 3.26 9.58 11.97
N ILE A 83 2.91 10.68 11.33
CA ILE A 83 3.85 11.78 11.17
C ILE A 83 4.65 11.96 12.47
N LYS A 84 3.92 12.07 13.57
CA LYS A 84 4.55 12.24 14.87
C LYS A 84 5.59 11.14 15.07
N GLN A 85 5.11 9.90 15.00
CA GLN A 85 5.98 8.75 15.18
C GLN A 85 7.15 8.81 14.19
N LYS A 86 6.84 9.30 13.00
CA LYS A 86 7.85 9.42 11.96
C LYS A 86 8.45 8.04 11.68
N GLY A 87 7.62 7.18 11.10
CA GLY A 87 8.05 5.83 10.78
C GLY A 87 8.64 5.77 9.37
N GLU A 88 9.91 6.14 9.27
CA GLU A 88 10.60 6.13 7.99
C GLU A 88 11.27 4.77 7.76
N ARG A 89 12.24 4.47 8.61
CA ARG A 89 12.97 3.22 8.51
C ARG A 89 11.99 2.06 8.33
N LYS A 90 10.77 2.27 8.78
CA LYS A 90 9.74 1.25 8.67
C LYS A 90 9.33 1.10 7.19
N ILE A 91 9.07 2.25 6.57
CA ILE A 91 8.67 2.26 5.17
C ILE A 91 9.62 1.36 4.37
N PHE A 92 10.87 1.78 4.31
CA PHE A 92 11.88 1.03 3.57
C PHE A 92 11.66 -0.47 3.74
N MET A 93 11.57 -0.89 5.00
CA MET A 93 11.36 -2.30 5.30
C MET A 93 10.31 -2.91 4.37
N ALA A 94 9.20 -2.20 4.23
CA ALA A 94 8.13 -2.66 3.38
C ALA A 94 8.65 -2.87 1.96
N HIS A 95 9.29 -1.84 1.44
CA HIS A 95 9.85 -1.91 0.09
C HIS A 95 10.65 -3.21 -0.06
N LYS A 96 11.47 -3.49 0.93
CA LYS A 96 12.29 -4.68 0.91
C LYS A 96 11.41 -5.90 0.60
N ASN A 97 10.24 -5.90 1.23
CA ASN A 97 9.29 -6.99 1.03
C ASN A 97 8.75 -6.94 -0.40
N CYS A 98 8.32 -5.75 -0.80
CA CYS A 98 7.78 -5.56 -2.12
C CYS A 98 8.77 -6.13 -3.14
N GLY A 99 10.00 -5.64 -3.04
CA GLY A 99 11.05 -6.10 -3.95
C GLY A 99 10.97 -5.39 -5.30
N ASN A 100 10.47 -6.12 -6.28
CA ASN A 100 10.33 -5.57 -7.62
C ASN A 100 8.98 -6.01 -8.20
N MET A 101 7.94 -5.84 -7.41
CA MET A 101 6.60 -6.21 -7.82
C MET A 101 6.06 -5.22 -8.85
N SER A 102 5.15 -5.72 -9.68
CA SER A 102 4.53 -4.89 -10.71
C SER A 102 3.82 -3.70 -10.08
N GLU A 103 3.81 -2.59 -10.80
CA GLU A 103 3.16 -1.39 -10.32
C GLU A 103 1.65 -1.62 -10.17
N ILE A 104 1.12 -2.46 -11.04
CA ILE A 104 -0.30 -2.78 -11.02
C ILE A 104 -0.56 -3.83 -9.94
N GLU A 105 0.26 -4.88 -9.97
CA GLU A 105 0.12 -5.95 -9.00
C GLU A 105 0.19 -5.40 -7.58
N ALA A 106 0.88 -4.28 -7.44
CA ALA A 106 1.02 -3.64 -6.14
C ALA A 106 -0.23 -2.83 -5.84
N LYS A 107 -0.73 -2.15 -6.87
CA LYS A 107 -1.93 -1.35 -6.72
C LYS A 107 -3.12 -2.24 -6.37
N VAL A 108 -3.14 -3.41 -6.99
CA VAL A 108 -4.21 -4.37 -6.75
C VAL A 108 -4.25 -4.72 -5.27
N ARG A 109 -3.15 -5.30 -4.80
CA ARG A 109 -3.04 -5.69 -3.40
C ARG A 109 -3.39 -4.50 -2.50
N TYR A 110 -3.01 -3.31 -2.96
CA TYR A 110 -3.26 -2.10 -2.20
C TYR A 110 -4.74 -1.98 -1.84
N VAL A 111 -5.57 -1.99 -2.88
CA VAL A 111 -7.01 -1.87 -2.70
C VAL A 111 -7.48 -2.97 -1.74
N LYS A 112 -7.09 -4.20 -2.06
CA LYS A 112 -7.47 -5.34 -1.24
C LYS A 112 -7.05 -5.08 0.21
N LEU A 113 -5.80 -4.67 0.37
CA LEU A 113 -5.27 -4.38 1.69
C LEU A 113 -6.21 -3.42 2.41
N ALA A 114 -6.44 -2.27 1.79
CA ALA A 114 -7.32 -1.27 2.38
C ALA A 114 -8.71 -1.87 2.58
N ARG A 115 -8.98 -2.91 1.81
CA ARG A 115 -10.27 -3.58 1.88
C ARG A 115 -10.20 -4.73 2.91
N SER A 116 -9.01 -4.92 3.45
CA SER A 116 -8.81 -5.98 4.44
C SER A 116 -8.93 -5.40 5.85
N LEU A 117 -8.39 -4.21 6.01
CA LEU A 117 -8.43 -3.53 7.30
C LEU A 117 -9.88 -3.35 7.74
N LYS A 118 -10.64 -2.68 6.88
CA LYS A 118 -12.05 -2.44 7.17
C LYS A 118 -12.82 -3.76 7.06
N THR A 119 -13.02 -4.37 8.21
CA THR A 119 -13.74 -5.64 8.26
C THR A 119 -15.18 -5.42 8.74
N TYR A 120 -16.06 -6.32 8.34
CA TYR A 120 -17.45 -6.23 8.73
C TYR A 120 -17.77 -7.21 9.86
N GLY A 121 -18.50 -6.71 10.85
CA GLY A 121 -18.87 -7.52 11.99
C GLY A 121 -19.73 -6.73 12.98
N GLU A 1 6.55 -2.94 -19.08
CA GLU A 1 6.81 -2.25 -17.82
C GLU A 1 7.53 -3.19 -16.85
N THR A 2 8.81 -3.41 -17.12
CA THR A 2 9.61 -4.28 -16.29
C THR A 2 8.79 -5.49 -15.82
N LEU A 3 8.74 -6.51 -16.66
CA LEU A 3 8.00 -7.71 -16.36
C LEU A 3 8.58 -8.88 -17.16
N LEU A 4 8.46 -10.06 -16.58
CA LEU A 4 8.96 -11.26 -17.22
C LEU A 4 8.06 -12.46 -16.85
N LEU A 5 7.81 -12.56 -15.55
CA LEU A 5 6.97 -13.64 -15.05
C LEU A 5 5.55 -13.48 -15.60
N ARG A 6 4.68 -14.40 -15.18
CA ARG A 6 3.30 -14.37 -15.62
C ARG A 6 2.36 -14.19 -14.43
N ARG A 7 2.50 -15.09 -13.47
CA ARG A 7 1.67 -15.04 -12.27
C ARG A 7 0.20 -15.18 -12.64
N LYS A 8 -0.59 -15.58 -11.65
CA LYS A 8 -2.02 -15.76 -11.86
C LYS A 8 -2.78 -15.12 -10.70
N PHE A 9 -4.10 -15.09 -10.84
CA PHE A 9 -4.95 -14.52 -9.81
C PHE A 9 -5.75 -15.60 -9.09
N PHE A 10 -5.81 -15.46 -7.77
CA PHE A 10 -6.53 -16.42 -6.95
C PHE A 10 -7.68 -15.74 -6.20
N TYR A 11 -8.57 -16.57 -5.66
CA TYR A 11 -9.70 -16.06 -4.92
C TYR A 11 -10.50 -15.04 -5.74
N SER A 12 -11.56 -15.52 -6.36
CA SER A 12 -12.41 -14.68 -7.18
C SER A 12 -13.44 -13.97 -6.30
N ASP A 13 -13.43 -12.65 -6.39
CA ASP A 13 -14.36 -11.84 -5.61
C ASP A 13 -14.20 -10.37 -6.01
N GLN A 14 -12.96 -9.97 -6.18
CA GLN A 14 -12.66 -8.59 -6.56
C GLN A 14 -11.84 -8.56 -7.85
N ASN A 15 -12.13 -9.52 -8.72
CA ASN A 15 -11.44 -9.62 -9.99
C ASN A 15 -12.24 -8.86 -11.05
N VAL A 16 -13.51 -8.66 -10.76
CA VAL A 16 -14.39 -7.96 -11.68
C VAL A 16 -14.00 -6.48 -11.72
N ASP A 17 -13.11 -6.11 -10.82
CA ASP A 17 -12.65 -4.74 -10.73
C ASP A 17 -11.16 -4.68 -11.09
N SER A 18 -10.43 -5.69 -10.63
CA SER A 18 -9.01 -5.77 -10.89
C SER A 18 -8.74 -5.58 -12.39
N ARG A 19 -9.60 -6.18 -13.19
CA ARG A 19 -9.47 -6.08 -14.64
C ARG A 19 -9.22 -4.63 -15.04
N ASP A 20 -10.21 -3.78 -14.76
CA ASP A 20 -10.12 -2.37 -15.09
C ASP A 20 -9.26 -1.66 -14.04
N PRO A 21 -8.17 -1.01 -14.53
CA PRO A 21 -7.27 -0.29 -13.65
C PRO A 21 -7.90 1.03 -13.17
N VAL A 22 -8.84 1.51 -13.97
CA VAL A 22 -9.53 2.75 -13.64
C VAL A 22 -10.21 2.61 -12.28
N GLN A 23 -11.07 1.63 -12.19
CA GLN A 23 -11.80 1.37 -10.95
C GLN A 23 -10.83 0.98 -9.84
N LEU A 24 -9.68 0.47 -10.26
CA LEU A 24 -8.66 0.05 -9.31
C LEU A 24 -7.89 1.28 -8.82
N ASN A 25 -7.74 2.23 -9.72
CA ASN A 25 -7.02 3.46 -9.40
C ASN A 25 -7.90 4.33 -8.48
N LEU A 26 -9.18 4.34 -8.79
CA LEU A 26 -10.13 5.11 -8.00
C LEU A 26 -10.16 4.57 -6.57
N LEU A 27 -10.02 3.26 -6.47
CA LEU A 27 -10.03 2.60 -5.17
C LEU A 27 -8.75 2.97 -4.40
N TYR A 28 -7.63 2.84 -5.08
CA TYR A 28 -6.34 3.15 -4.48
C TYR A 28 -6.36 4.56 -3.87
N VAL A 29 -6.84 5.50 -4.67
CA VAL A 29 -6.92 6.88 -4.22
C VAL A 29 -7.82 6.98 -3.00
N GLN A 30 -9.04 6.50 -3.16
CA GLN A 30 -10.02 6.53 -2.09
C GLN A 30 -9.42 5.88 -0.83
N ALA A 31 -8.85 4.70 -1.02
CA ALA A 31 -8.24 3.97 0.08
C ALA A 31 -7.17 4.84 0.73
N ARG A 32 -6.25 5.32 -0.10
CA ARG A 32 -5.17 6.16 0.38
C ARG A 32 -5.73 7.38 1.12
N ASP A 33 -6.72 7.99 0.50
CA ASP A 33 -7.36 9.17 1.09
C ASP A 33 -7.80 8.84 2.51
N ASP A 34 -8.57 7.77 2.63
CA ASP A 34 -9.06 7.35 3.94
C ASP A 34 -7.91 7.34 4.94
N ILE A 35 -6.76 6.90 4.46
CA ILE A 35 -5.58 6.82 5.30
C ILE A 35 -5.10 8.25 5.62
N LEU A 36 -4.95 9.04 4.57
CA LEU A 36 -4.51 10.42 4.73
C LEU A 36 -5.50 11.16 5.61
N ASN A 37 -6.76 10.73 5.54
CA ASN A 37 -7.80 11.35 6.33
C ASN A 37 -7.58 11.05 7.81
N GLY A 38 -7.02 9.87 8.06
CA GLY A 38 -6.75 9.45 9.42
C GLY A 38 -8.05 9.18 10.18
N SER A 39 -8.94 8.46 9.53
CA SER A 39 -10.22 8.12 10.12
C SER A 39 -10.21 6.68 10.63
N HIS A 40 -9.73 5.79 9.77
CA HIS A 40 -9.66 4.38 10.11
C HIS A 40 -8.32 4.10 10.81
N PRO A 41 -8.41 3.32 11.93
CA PRO A 41 -7.23 2.98 12.69
C PRO A 41 -6.41 1.90 11.97
N VAL A 42 -5.66 2.34 10.97
CA VAL A 42 -4.84 1.42 10.19
C VAL A 42 -3.61 1.03 11.02
N SER A 43 -3.34 -0.26 11.03
CA SER A 43 -2.20 -0.78 11.78
C SER A 43 -0.90 -0.13 11.27
N PHE A 44 -0.04 0.19 12.22
CA PHE A 44 1.24 0.80 11.88
C PHE A 44 1.92 0.08 10.73
N ASP A 45 2.23 -1.19 10.96
CA ASP A 45 2.89 -2.00 9.95
C ASP A 45 2.14 -1.86 8.63
N LYS A 46 0.85 -2.20 8.67
CA LYS A 46 0.02 -2.11 7.48
C LYS A 46 0.22 -0.74 6.82
N ALA A 47 -0.13 0.29 7.57
CA ALA A 47 0.00 1.65 7.07
C ALA A 47 1.36 1.81 6.38
N CYS A 48 2.40 1.43 7.10
CA CYS A 48 3.75 1.52 6.56
C CYS A 48 3.83 0.69 5.28
N GLU A 49 3.13 -0.43 5.31
CA GLU A 49 3.09 -1.33 4.16
C GLU A 49 2.82 -0.54 2.88
N PHE A 50 1.69 0.15 2.88
CA PHE A 50 1.30 0.95 1.73
C PHE A 50 2.44 1.87 1.29
N ALA A 51 2.97 2.61 2.25
CA ALA A 51 4.07 3.52 1.97
C ALA A 51 5.06 2.86 1.02
N GLY A 52 5.38 1.60 1.33
CA GLY A 52 6.32 0.85 0.52
C GLY A 52 5.82 0.74 -0.92
N TYR A 53 4.55 0.39 -1.04
CA TYR A 53 3.95 0.24 -2.36
C TYR A 53 3.62 1.61 -2.97
N GLN A 54 3.64 2.62 -2.12
CA GLN A 54 3.35 3.98 -2.56
C GLN A 54 4.51 4.51 -3.41
N CYS A 55 5.68 4.55 -2.80
CA CYS A 55 6.87 5.04 -3.49
C CYS A 55 7.06 4.21 -4.76
N GLN A 56 6.90 2.91 -4.60
CA GLN A 56 7.05 1.99 -5.73
C GLN A 56 6.07 2.36 -6.85
N ILE A 57 4.79 2.35 -6.49
CA ILE A 57 3.76 2.69 -7.46
C ILE A 57 4.01 4.08 -8.02
N GLN A 58 4.59 4.93 -7.18
CA GLN A 58 4.90 6.29 -7.58
C GLN A 58 5.93 6.29 -8.72
N PHE A 59 7.12 5.84 -8.39
CA PHE A 59 8.20 5.79 -9.37
C PHE A 59 8.35 4.38 -9.93
N GLY A 60 8.60 3.44 -9.02
CA GLY A 60 8.78 2.05 -9.41
C GLY A 60 9.89 1.39 -8.59
N PRO A 61 10.01 0.05 -8.77
CA PRO A 61 11.03 -0.71 -8.05
C PRO A 61 12.41 -0.47 -8.64
N HIS A 62 12.43 0.30 -9.73
CA HIS A 62 13.69 0.61 -10.39
C HIS A 62 14.40 1.74 -9.64
N ASN A 63 14.59 1.51 -8.35
CA ASN A 63 15.25 2.50 -7.51
C ASN A 63 15.44 1.93 -6.10
N GLU A 64 16.49 2.39 -5.44
CA GLU A 64 16.78 1.94 -4.09
C GLU A 64 18.13 2.50 -3.62
N GLN A 65 19.03 2.64 -4.58
CA GLN A 65 20.35 3.18 -4.28
C GLN A 65 20.35 4.70 -4.35
N LYS A 66 19.50 5.21 -5.23
CA LYS A 66 19.38 6.65 -5.41
C LYS A 66 18.28 7.19 -4.49
N HIS A 67 17.12 6.56 -4.59
CA HIS A 67 15.98 6.95 -3.78
C HIS A 67 16.22 6.53 -2.32
N LYS A 68 15.94 7.46 -1.42
CA LYS A 68 16.12 7.20 0.00
C LYS A 68 14.80 7.48 0.73
N PRO A 69 14.64 6.81 1.90
CA PRO A 69 13.44 6.98 2.70
C PRO A 69 13.45 8.32 3.44
N GLY A 70 13.61 9.38 2.66
CA GLY A 70 13.64 10.72 3.22
C GLY A 70 12.92 11.72 2.30
N PHE A 71 13.23 11.61 1.02
CA PHE A 71 12.62 12.49 0.03
C PHE A 71 11.10 12.34 0.01
N LEU A 72 10.65 11.20 0.50
CA LEU A 72 9.23 10.91 0.55
C LEU A 72 8.54 11.92 1.46
N GLU A 73 7.34 12.33 1.05
CA GLU A 73 6.58 13.29 1.81
C GLU A 73 5.71 12.57 2.85
N LEU A 74 6.37 12.12 3.92
CA LEU A 74 5.67 11.41 4.97
C LEU A 74 4.44 12.22 5.39
N LYS A 75 4.49 13.51 5.11
CA LYS A 75 3.39 14.40 5.45
C LYS A 75 2.20 14.10 4.52
N ASP A 76 2.54 13.87 3.26
CA ASP A 76 1.52 13.58 2.26
C ASP A 76 1.64 12.13 1.82
N PHE A 77 1.95 11.27 2.80
CA PHE A 77 2.10 9.85 2.52
C PHE A 77 1.43 9.01 3.61
N LEU A 78 1.67 9.42 4.85
CA LEU A 78 1.09 8.70 5.99
C LEU A 78 0.22 9.67 6.79
N PRO A 79 -0.63 9.07 7.67
CA PRO A 79 -1.52 9.87 8.50
C PRO A 79 -0.75 10.53 9.64
N LYS A 80 -1.31 11.65 10.11
CA LYS A 80 -0.69 12.39 11.19
C LYS A 80 -0.33 11.42 12.33
N GLU A 81 -1.08 10.34 12.40
CA GLU A 81 -0.87 9.34 13.43
C GLU A 81 0.54 8.74 13.29
N TYR A 82 1.05 8.80 12.07
CA TYR A 82 2.37 8.27 11.79
C TYR A 82 3.39 9.40 11.59
N ILE A 83 2.94 10.43 10.90
CA ILE A 83 3.79 11.58 10.63
C ILE A 83 4.64 11.88 11.86
N LYS A 84 3.98 11.89 13.00
CA LYS A 84 4.66 12.16 14.27
C LYS A 84 5.77 11.13 14.47
N GLN A 85 5.37 9.88 14.57
CA GLN A 85 6.33 8.80 14.76
C GLN A 85 7.41 8.84 13.68
N LYS A 86 6.96 8.96 12.44
CA LYS A 86 7.87 9.01 11.32
C LYS A 86 8.60 7.67 11.18
N GLY A 87 7.86 6.68 10.72
CA GLY A 87 8.43 5.35 10.55
C GLY A 87 9.23 5.27 9.24
N GLU A 88 10.53 5.48 9.38
CA GLU A 88 11.41 5.43 8.22
C GLU A 88 11.99 4.02 8.06
N ARG A 89 12.63 3.55 9.12
CA ARG A 89 13.23 2.23 9.11
C ARG A 89 12.16 1.16 8.85
N LYS A 90 10.92 1.52 9.17
CA LYS A 90 9.81 0.61 8.98
C LYS A 90 9.39 0.62 7.51
N ILE A 91 9.14 1.82 7.00
CA ILE A 91 8.74 1.98 5.62
C ILE A 91 9.64 1.13 4.73
N PHE A 92 10.92 1.49 4.70
CA PHE A 92 11.89 0.78 3.90
C PHE A 92 11.63 -0.72 3.95
N MET A 93 11.40 -1.23 5.15
CA MET A 93 11.15 -2.64 5.35
C MET A 93 10.08 -3.14 4.37
N ALA A 94 9.01 -2.36 4.27
CA ALA A 94 7.92 -2.71 3.38
C ALA A 94 8.45 -2.84 1.95
N HIS A 95 9.20 -1.83 1.54
CA HIS A 95 9.78 -1.82 0.20
C HIS A 95 10.53 -3.13 -0.04
N LYS A 96 11.20 -3.59 1.00
CA LYS A 96 11.96 -4.83 0.92
C LYS A 96 11.02 -5.98 0.56
N ASN A 97 9.81 -5.90 1.11
CA ASN A 97 8.82 -6.93 0.86
C ASN A 97 8.30 -6.80 -0.58
N CYS A 98 7.98 -5.57 -0.95
CA CYS A 98 7.47 -5.30 -2.28
C CYS A 98 8.47 -5.87 -3.29
N GLY A 99 9.71 -5.42 -3.18
CA GLY A 99 10.76 -5.88 -4.08
C GLY A 99 10.62 -5.24 -5.45
N ASN A 100 10.47 -6.08 -6.46
CA ASN A 100 10.34 -5.62 -7.83
C ASN A 100 8.94 -5.97 -8.34
N MET A 101 7.95 -5.69 -7.51
CA MET A 101 6.57 -5.98 -7.87
C MET A 101 6.06 -5.01 -8.94
N SER A 102 5.04 -5.44 -9.65
CA SER A 102 4.46 -4.63 -10.71
C SER A 102 3.55 -3.56 -10.09
N GLU A 103 3.68 -2.35 -10.62
CA GLU A 103 2.88 -1.24 -10.13
C GLU A 103 1.41 -1.65 -10.02
N ILE A 104 0.96 -2.39 -11.01
CA ILE A 104 -0.42 -2.87 -11.03
C ILE A 104 -0.63 -3.87 -9.90
N GLU A 105 0.26 -4.86 -9.85
CA GLU A 105 0.18 -5.88 -8.83
C GLU A 105 0.30 -5.26 -7.44
N ALA A 106 0.93 -4.09 -7.39
CA ALA A 106 1.12 -3.39 -6.14
C ALA A 106 -0.18 -2.63 -5.79
N LYS A 107 -0.76 -2.01 -6.80
CA LYS A 107 -1.99 -1.27 -6.62
C LYS A 107 -3.10 -2.23 -6.20
N VAL A 108 -3.11 -3.39 -6.83
CA VAL A 108 -4.12 -4.40 -6.54
C VAL A 108 -4.08 -4.72 -5.04
N ARG A 109 -2.89 -5.11 -4.58
CA ARG A 109 -2.71 -5.45 -3.18
C ARG A 109 -3.13 -4.28 -2.29
N TYR A 110 -2.65 -3.10 -2.65
CA TYR A 110 -2.95 -1.90 -1.89
C TYR A 110 -4.45 -1.82 -1.57
N VAL A 111 -5.26 -1.93 -2.62
CA VAL A 111 -6.70 -1.89 -2.45
C VAL A 111 -7.14 -2.99 -1.49
N LYS A 112 -6.84 -4.22 -1.87
CA LYS A 112 -7.19 -5.36 -1.05
C LYS A 112 -6.79 -5.10 0.40
N LEU A 113 -5.50 -4.81 0.58
CA LEU A 113 -4.98 -4.52 1.91
C LEU A 113 -5.89 -3.51 2.61
N ALA A 114 -6.11 -2.39 1.93
CA ALA A 114 -6.96 -1.35 2.48
C ALA A 114 -8.34 -1.93 2.81
N ARG A 115 -8.80 -2.80 1.92
CA ARG A 115 -10.10 -3.42 2.10
C ARG A 115 -10.02 -4.50 3.19
N SER A 116 -8.81 -4.70 3.69
CA SER A 116 -8.58 -5.68 4.73
C SER A 116 -8.62 -5.01 6.11
N LEU A 117 -8.08 -3.81 6.16
CA LEU A 117 -8.05 -3.06 7.41
C LEU A 117 -9.49 -2.76 7.86
N LYS A 118 -10.25 -2.17 6.94
CA LYS A 118 -11.63 -1.84 7.22
C LYS A 118 -12.40 -3.11 7.58
N THR A 119 -12.39 -3.43 8.86
CA THR A 119 -13.08 -4.62 9.34
C THR A 119 -14.03 -4.26 10.48
N TYR A 120 -15.30 -4.59 10.28
CA TYR A 120 -16.31 -4.31 11.28
C TYR A 120 -15.91 -4.87 12.65
N GLY A 121 -15.73 -3.97 13.60
CA GLY A 121 -15.34 -4.37 14.94
C GLY A 121 -13.96 -5.02 14.94
N GLU A 1 38.24 -14.16 -7.20
CA GLU A 1 36.88 -14.53 -7.57
C GLU A 1 35.88 -13.67 -6.79
N THR A 2 34.63 -13.75 -7.23
CA THR A 2 33.57 -12.99 -6.60
C THR A 2 32.89 -13.83 -5.51
N LEU A 3 31.97 -13.19 -4.79
CA LEU A 3 31.26 -13.87 -3.73
C LEU A 3 29.87 -13.24 -3.58
N LEU A 4 29.06 -13.87 -2.74
CA LEU A 4 27.71 -13.39 -2.50
C LEU A 4 26.87 -13.56 -3.78
N LEU A 5 25.59 -13.78 -3.57
CA LEU A 5 24.68 -13.96 -4.70
C LEU A 5 23.25 -14.16 -4.16
N ARG A 6 22.31 -13.58 -4.88
CA ARG A 6 20.90 -13.68 -4.50
C ARG A 6 20.03 -13.89 -5.73
N ARG A 7 18.90 -14.55 -5.51
CA ARG A 7 17.97 -14.82 -6.60
C ARG A 7 16.82 -15.68 -6.10
N LYS A 8 15.65 -15.45 -6.69
CA LYS A 8 14.45 -16.19 -6.32
C LYS A 8 13.33 -15.87 -7.30
N PHE A 9 12.32 -16.74 -7.30
CA PHE A 9 11.19 -16.56 -8.19
C PHE A 9 9.90 -16.34 -7.39
N PHE A 10 9.03 -15.49 -7.93
CA PHE A 10 7.77 -15.18 -7.28
C PHE A 10 6.60 -15.67 -8.13
N TYR A 11 5.44 -15.74 -7.49
CA TYR A 11 4.24 -16.18 -8.17
C TYR A 11 2.99 -15.93 -7.31
N SER A 12 2.00 -15.29 -7.93
CA SER A 12 0.77 -14.98 -7.23
C SER A 12 -0.39 -14.95 -8.23
N ASP A 13 -1.60 -15.02 -7.68
CA ASP A 13 -2.80 -15.01 -8.50
C ASP A 13 -3.78 -13.97 -7.95
N GLN A 14 -3.94 -12.90 -8.72
CA GLN A 14 -4.84 -11.83 -8.34
C GLN A 14 -5.24 -11.00 -9.55
N ASN A 15 -5.30 -11.66 -10.70
CA ASN A 15 -5.65 -10.99 -11.94
C ASN A 15 -7.17 -10.91 -12.04
N VAL A 16 -7.84 -11.80 -11.34
CA VAL A 16 -9.30 -11.83 -11.33
C VAL A 16 -9.83 -10.54 -10.74
N ASP A 17 -8.94 -9.80 -10.10
CA ASP A 17 -9.30 -8.54 -9.48
C ASP A 17 -8.62 -7.39 -10.22
N SER A 18 -7.48 -7.70 -10.81
CA SER A 18 -6.74 -6.70 -11.55
C SER A 18 -7.36 -6.51 -12.94
N ARG A 19 -8.41 -7.28 -13.19
CA ARG A 19 -9.10 -7.20 -14.47
C ARG A 19 -9.38 -5.73 -14.82
N ASP A 20 -9.92 -5.02 -13.85
CA ASP A 20 -10.25 -3.61 -14.05
C ASP A 20 -9.37 -2.76 -13.14
N PRO A 21 -8.33 -2.15 -13.75
CA PRO A 21 -7.41 -1.31 -13.00
C PRO A 21 -8.05 0.05 -12.68
N VAL A 22 -9.03 0.41 -13.49
CA VAL A 22 -9.74 1.67 -13.29
C VAL A 22 -10.36 1.69 -11.89
N GLN A 23 -11.21 0.71 -11.64
CA GLN A 23 -11.88 0.61 -10.35
C GLN A 23 -10.85 0.50 -9.24
N LEU A 24 -9.67 0.02 -9.60
CA LEU A 24 -8.59 -0.14 -8.64
C LEU A 24 -7.95 1.22 -8.35
N ASN A 25 -7.82 2.01 -9.41
CA ASN A 25 -7.24 3.33 -9.28
C ASN A 25 -8.17 4.23 -8.46
N LEU A 26 -9.47 4.01 -8.67
CA LEU A 26 -10.47 4.79 -7.96
C LEU A 26 -10.35 4.52 -6.46
N LEU A 27 -10.12 3.26 -6.13
CA LEU A 27 -9.97 2.87 -4.73
C LEU A 27 -8.62 3.34 -4.21
N TYR A 28 -7.60 3.21 -5.06
CA TYR A 28 -6.26 3.61 -4.69
C TYR A 28 -6.24 5.05 -4.20
N VAL A 29 -7.13 5.86 -4.77
CA VAL A 29 -7.22 7.25 -4.40
C VAL A 29 -7.95 7.38 -3.05
N GLN A 30 -9.01 6.60 -2.93
CA GLN A 30 -9.80 6.60 -1.71
C GLN A 30 -8.99 6.01 -0.55
N ALA A 31 -8.43 4.84 -0.80
CA ALA A 31 -7.62 4.17 0.20
C ALA A 31 -6.58 5.14 0.77
N ARG A 32 -6.02 5.94 -0.14
CA ARG A 32 -5.02 6.91 0.26
C ARG A 32 -5.65 8.01 1.12
N ASP A 33 -6.62 8.70 0.53
CA ASP A 33 -7.31 9.77 1.22
C ASP A 33 -7.64 9.31 2.64
N ASP A 34 -8.26 8.15 2.74
CA ASP A 34 -8.63 7.60 4.03
C ASP A 34 -7.40 7.55 4.93
N ILE A 35 -6.30 7.09 4.35
CA ILE A 35 -5.05 6.99 5.09
C ILE A 35 -4.62 8.38 5.55
N LEU A 36 -4.96 9.38 4.73
CA LEU A 36 -4.61 10.75 5.05
C LEU A 36 -5.59 11.29 6.08
N ASN A 37 -6.84 10.89 5.93
CA ASN A 37 -7.88 11.34 6.85
C ASN A 37 -7.56 10.83 8.26
N GLY A 38 -6.92 9.67 8.31
CA GLY A 38 -6.54 9.08 9.58
C GLY A 38 -7.77 8.58 10.33
N SER A 39 -8.75 8.10 9.57
CA SER A 39 -9.97 7.60 10.15
C SER A 39 -9.84 6.11 10.47
N HIS A 40 -9.30 5.38 9.50
CA HIS A 40 -9.11 3.94 9.66
C HIS A 40 -7.81 3.69 10.43
N PRO A 41 -7.97 3.08 11.64
CA PRO A 41 -6.83 2.77 12.48
C PRO A 41 -6.07 1.57 11.94
N VAL A 42 -5.32 1.81 10.88
CA VAL A 42 -4.53 0.76 10.25
C VAL A 42 -3.17 0.68 10.95
N SER A 43 -2.90 -0.50 11.50
CA SER A 43 -1.64 -0.72 12.20
C SER A 43 -0.50 -0.02 11.45
N PHE A 44 0.35 0.64 12.23
CA PHE A 44 1.48 1.35 11.66
C PHE A 44 2.10 0.56 10.50
N ASP A 45 2.50 -0.67 10.81
CA ASP A 45 3.11 -1.52 9.80
C ASP A 45 2.29 -1.44 8.51
N LYS A 46 1.00 -1.68 8.65
CA LYS A 46 0.11 -1.64 7.50
C LYS A 46 0.26 -0.30 6.78
N ALA A 47 -0.16 0.75 7.46
CA ALA A 47 -0.07 2.10 6.90
C ALA A 47 1.27 2.26 6.19
N CYS A 48 2.33 1.92 6.92
CA CYS A 48 3.67 2.02 6.38
C CYS A 48 3.75 1.14 5.11
N GLU A 49 3.21 -0.05 5.23
CA GLU A 49 3.20 -0.98 4.12
C GLU A 49 2.92 -0.24 2.81
N PHE A 50 1.88 0.57 2.84
CA PHE A 50 1.49 1.33 1.67
C PHE A 50 2.62 2.28 1.23
N ALA A 51 3.07 3.10 2.18
CA ALA A 51 4.13 4.04 1.92
C ALA A 51 5.19 3.37 1.04
N GLY A 52 5.57 2.17 1.44
CA GLY A 52 6.58 1.42 0.71
C GLY A 52 6.18 1.23 -0.75
N TYR A 53 4.95 0.73 -0.92
CA TYR A 53 4.43 0.51 -2.26
C TYR A 53 4.30 1.81 -3.04
N GLN A 54 3.95 2.86 -2.30
CA GLN A 54 3.79 4.18 -2.91
C GLN A 54 5.02 4.52 -3.77
N CYS A 55 6.17 4.49 -3.12
CA CYS A 55 7.41 4.80 -3.81
C CYS A 55 7.53 3.88 -5.02
N GLN A 56 7.18 2.62 -4.81
CA GLN A 56 7.24 1.64 -5.88
C GLN A 56 6.32 2.06 -7.04
N ILE A 57 5.04 2.13 -6.73
CA ILE A 57 4.05 2.51 -7.74
C ILE A 57 4.43 3.88 -8.32
N GLN A 58 5.08 4.68 -7.48
CA GLN A 58 5.49 6.01 -7.89
C GLN A 58 6.50 5.92 -9.03
N PHE A 59 7.67 5.38 -8.70
CA PHE A 59 8.73 5.23 -9.68
C PHE A 59 8.88 3.77 -10.11
N GLY A 60 9.02 2.91 -9.11
CA GLY A 60 9.17 1.49 -9.36
C GLY A 60 10.38 0.92 -8.60
N PRO A 61 10.56 -0.42 -8.73
CA PRO A 61 11.66 -1.09 -8.06
C PRO A 61 12.99 -0.81 -8.78
N HIS A 62 12.90 -0.01 -9.84
CA HIS A 62 14.07 0.34 -10.60
C HIS A 62 14.84 1.46 -9.89
N ASN A 63 15.16 1.21 -8.63
CA ASN A 63 15.88 2.18 -7.82
C ASN A 63 16.20 1.58 -6.46
N GLU A 64 16.97 2.32 -5.68
CA GLU A 64 17.34 1.87 -4.35
C GLU A 64 18.24 2.91 -3.67
N GLN A 65 19.40 3.12 -4.27
CA GLN A 65 20.35 4.07 -3.74
C GLN A 65 19.77 5.49 -3.81
N LYS A 66 19.00 5.73 -4.85
CA LYS A 66 18.39 7.03 -5.05
C LYS A 66 17.09 7.11 -4.22
N HIS A 67 16.40 5.97 -4.17
CA HIS A 67 15.15 5.90 -3.43
C HIS A 67 15.45 5.91 -1.93
N LYS A 68 14.80 6.83 -1.24
CA LYS A 68 14.98 6.97 0.20
C LYS A 68 13.61 7.11 0.87
N PRO A 69 13.54 6.60 2.12
CA PRO A 69 12.30 6.66 2.88
C PRO A 69 12.05 8.08 3.41
N GLY A 70 13.09 8.90 3.34
CA GLY A 70 13.00 10.27 3.79
C GLY A 70 12.50 11.20 2.68
N PHE A 71 12.93 10.86 1.46
CA PHE A 71 12.53 11.65 0.30
C PHE A 71 11.01 11.80 0.23
N LEU A 72 10.34 10.66 0.25
CA LEU A 72 8.88 10.65 0.19
C LEU A 72 8.32 11.66 1.18
N GLU A 73 7.11 12.12 0.89
CA GLU A 73 6.46 13.09 1.75
C GLU A 73 5.69 12.38 2.87
N LEU A 74 6.44 11.86 3.82
CA LEU A 74 5.84 11.15 4.95
C LEU A 74 4.76 12.02 5.58
N LYS A 75 4.88 13.33 5.33
CA LYS A 75 3.92 14.27 5.87
C LYS A 75 2.66 14.26 5.00
N ASP A 76 2.87 14.04 3.71
CA ASP A 76 1.77 14.00 2.77
C ASP A 76 1.54 12.56 2.30
N PHE A 77 1.90 11.63 3.19
CA PHE A 77 1.75 10.22 2.88
C PHE A 77 0.96 9.50 3.98
N LEU A 78 1.27 9.86 5.22
CA LEU A 78 0.60 9.25 6.35
C LEU A 78 -0.17 10.34 7.11
N PRO A 79 -1.09 9.87 8.00
CA PRO A 79 -1.90 10.79 8.79
C PRO A 79 -1.07 11.42 9.91
N LYS A 80 -1.49 12.61 10.32
CA LYS A 80 -0.80 13.33 11.37
C LYS A 80 -0.56 12.38 12.55
N GLU A 81 -1.61 11.65 12.90
CA GLU A 81 -1.52 10.70 14.00
C GLU A 81 -0.30 9.79 13.83
N TYR A 82 0.13 9.67 12.58
CA TYR A 82 1.29 8.84 12.28
C TYR A 82 2.51 9.70 11.96
N ILE A 83 2.26 10.82 11.31
CA ILE A 83 3.33 11.73 10.94
C ILE A 83 4.35 11.80 12.08
N LYS A 84 3.86 12.12 13.26
CA LYS A 84 4.70 12.22 14.44
C LYS A 84 5.38 10.88 14.67
N GLN A 85 4.60 9.82 14.55
CA GLN A 85 5.12 8.47 14.76
C GLN A 85 5.48 7.83 13.41
N LYS A 86 6.39 8.49 12.71
CA LYS A 86 6.83 8.00 11.42
C LYS A 86 7.86 6.88 11.62
N GLY A 87 7.82 5.92 10.72
CA GLY A 87 8.74 4.79 10.79
C GLY A 87 9.97 5.04 9.92
N GLU A 88 9.71 5.36 8.66
CA GLU A 88 10.79 5.62 7.71
C GLU A 88 11.60 4.35 7.47
N ARG A 89 12.39 3.99 8.47
CA ARG A 89 13.22 2.79 8.37
C ARG A 89 12.35 1.56 8.11
N LYS A 90 11.13 1.62 8.61
CA LYS A 90 10.18 0.53 8.44
C LYS A 90 9.68 0.52 6.99
N ILE A 91 9.32 1.70 6.53
CA ILE A 91 8.81 1.84 5.17
C ILE A 91 9.62 0.95 4.23
N PHE A 92 10.93 1.04 4.36
CA PHE A 92 11.83 0.24 3.53
C PHE A 92 11.44 -1.23 3.57
N MET A 93 11.37 -1.76 4.79
CA MET A 93 11.01 -3.16 4.97
C MET A 93 9.87 -3.56 4.03
N ALA A 94 8.83 -2.75 4.04
CA ALA A 94 7.68 -3.01 3.19
C ALA A 94 8.14 -3.19 1.75
N HIS A 95 9.05 -2.33 1.34
CA HIS A 95 9.59 -2.39 -0.02
C HIS A 95 10.20 -3.77 -0.27
N LYS A 96 11.01 -4.20 0.70
CA LYS A 96 11.67 -5.49 0.60
C LYS A 96 10.61 -6.57 0.29
N ASN A 97 9.42 -6.36 0.82
CA ASN A 97 8.33 -7.30 0.62
C ASN A 97 7.77 -7.12 -0.78
N CYS A 98 7.61 -5.86 -1.17
CA CYS A 98 7.08 -5.54 -2.49
C CYS A 98 7.98 -6.20 -3.54
N GLY A 99 9.26 -5.86 -3.47
CA GLY A 99 10.22 -6.42 -4.40
C GLY A 99 10.16 -5.69 -5.75
N ASN A 100 10.19 -6.49 -6.81
CA ASN A 100 10.13 -5.94 -8.16
C ASN A 100 8.72 -6.12 -8.71
N MET A 101 7.74 -5.77 -7.89
CA MET A 101 6.36 -5.89 -8.29
C MET A 101 5.98 -4.81 -9.30
N SER A 102 4.97 -5.13 -10.11
CA SER A 102 4.51 -4.18 -11.12
C SER A 102 3.73 -3.04 -10.47
N GLU A 103 3.84 -1.88 -11.10
CA GLU A 103 3.16 -0.69 -10.58
C GLU A 103 1.69 -1.01 -10.29
N ILE A 104 1.12 -1.86 -11.14
CA ILE A 104 -0.27 -2.25 -10.99
C ILE A 104 -0.39 -3.24 -9.83
N GLU A 105 0.33 -4.34 -9.95
CA GLU A 105 0.32 -5.37 -8.93
C GLU A 105 0.56 -4.75 -7.55
N ALA A 106 1.22 -3.59 -7.56
CA ALA A 106 1.51 -2.89 -6.32
C ALA A 106 0.28 -2.11 -5.87
N LYS A 107 -0.44 -1.59 -6.86
CA LYS A 107 -1.64 -0.82 -6.57
C LYS A 107 -2.76 -1.76 -6.15
N VAL A 108 -2.84 -2.89 -6.83
CA VAL A 108 -3.85 -3.89 -6.53
C VAL A 108 -3.78 -4.26 -5.04
N ARG A 109 -2.60 -4.70 -4.63
CA ARG A 109 -2.37 -5.08 -3.25
C ARG A 109 -2.77 -3.93 -2.31
N TYR A 110 -2.37 -2.74 -2.69
CA TYR A 110 -2.67 -1.56 -1.90
C TYR A 110 -4.16 -1.53 -1.51
N VAL A 111 -5.01 -1.62 -2.51
CA VAL A 111 -6.45 -1.61 -2.28
C VAL A 111 -6.84 -2.88 -1.53
N LYS A 112 -6.53 -4.01 -2.15
CA LYS A 112 -6.86 -5.30 -1.57
C LYS A 112 -6.50 -5.28 -0.07
N LEU A 113 -5.38 -4.64 0.22
CA LEU A 113 -4.91 -4.54 1.59
C LEU A 113 -5.86 -3.64 2.38
N ALA A 114 -5.94 -2.38 1.93
CA ALA A 114 -6.81 -1.42 2.59
C ALA A 114 -8.17 -2.06 2.89
N ARG A 115 -8.81 -2.53 1.83
CA ARG A 115 -10.10 -3.18 1.99
C ARG A 115 -10.03 -4.30 3.02
N SER A 116 -8.82 -4.85 3.16
CA SER A 116 -8.60 -5.94 4.11
C SER A 116 -8.69 -5.40 5.53
N LEU A 117 -7.98 -4.31 5.77
CA LEU A 117 -7.96 -3.69 7.09
C LEU A 117 -9.40 -3.50 7.57
N LYS A 118 -10.26 -3.11 6.64
CA LYS A 118 -11.66 -2.89 6.96
C LYS A 118 -12.32 -4.22 7.32
N THR A 119 -13.26 -4.16 8.24
CA THR A 119 -13.95 -5.35 8.69
C THR A 119 -15.46 -5.23 8.38
N TYR A 120 -16.05 -4.17 8.91
CA TYR A 120 -17.47 -3.93 8.70
C TYR A 120 -17.69 -2.87 7.62
N GLY A 121 -18.93 -2.81 7.14
CA GLY A 121 -19.28 -1.84 6.11
C GLY A 121 -20.71 -2.05 5.64
N GLU A 1 26.56 -31.15 -17.58
CA GLU A 1 27.12 -30.40 -16.47
C GLU A 1 27.03 -28.90 -16.73
N THR A 2 25.82 -28.46 -17.06
CA THR A 2 25.59 -27.05 -17.34
C THR A 2 24.09 -26.76 -17.41
N LEU A 3 23.78 -25.50 -17.61
CA LEU A 3 22.39 -25.08 -17.70
C LEU A 3 21.68 -25.37 -16.37
N LEU A 4 21.18 -24.31 -15.76
CA LEU A 4 20.49 -24.44 -14.49
C LEU A 4 19.78 -23.12 -14.16
N LEU A 5 18.46 -23.22 -14.02
CA LEU A 5 17.66 -22.05 -13.71
C LEU A 5 16.23 -22.48 -13.39
N ARG A 6 15.38 -21.50 -13.15
CA ARG A 6 14.00 -21.77 -12.83
C ARG A 6 13.07 -21.05 -13.82
N ARG A 7 11.78 -21.26 -13.65
CA ARG A 7 10.79 -20.65 -14.52
C ARG A 7 9.39 -20.82 -13.93
N LYS A 8 8.41 -20.26 -14.64
CA LYS A 8 7.03 -20.34 -14.20
C LYS A 8 6.87 -19.52 -12.92
N PHE A 9 6.02 -18.52 -13.01
CA PHE A 9 5.76 -17.65 -11.87
C PHE A 9 4.71 -16.59 -12.21
N PHE A 10 3.70 -16.50 -11.37
CA PHE A 10 2.63 -15.53 -11.56
C PHE A 10 1.59 -15.62 -10.45
N TYR A 11 0.72 -14.63 -10.41
CA TYR A 11 -0.32 -14.58 -9.41
C TYR A 11 -1.26 -13.38 -9.64
N SER A 12 -2.33 -13.36 -8.86
CA SER A 12 -3.30 -12.27 -8.96
C SER A 12 -4.45 -12.52 -7.98
N ASP A 13 -5.34 -11.53 -7.92
CA ASP A 13 -6.49 -11.62 -7.03
C ASP A 13 -7.57 -10.65 -7.50
N GLN A 14 -8.81 -11.08 -7.36
CA GLN A 14 -9.94 -10.26 -7.77
C GLN A 14 -9.65 -9.58 -9.11
N ASN A 15 -9.72 -10.38 -10.17
CA ASN A 15 -9.47 -9.87 -11.50
C ASN A 15 -10.49 -8.78 -11.84
N VAL A 16 -11.61 -8.82 -11.12
CA VAL A 16 -12.67 -7.86 -11.32
C VAL A 16 -12.15 -6.47 -10.96
N ASP A 17 -11.00 -6.45 -10.31
CA ASP A 17 -10.39 -5.19 -9.89
C ASP A 17 -9.12 -4.96 -10.70
N SER A 18 -8.51 -6.06 -11.14
CA SER A 18 -7.29 -5.98 -11.92
C SER A 18 -7.62 -5.57 -13.36
N ARG A 19 -8.49 -6.35 -13.98
CA ARG A 19 -8.88 -6.07 -15.35
C ARG A 19 -9.21 -4.59 -15.52
N ASP A 20 -9.66 -3.98 -14.44
CA ASP A 20 -10.01 -2.58 -14.45
C ASP A 20 -9.06 -1.80 -13.52
N PRO A 21 -8.01 -1.20 -14.14
CA PRO A 21 -7.03 -0.43 -13.39
C PRO A 21 -7.61 0.91 -12.96
N VAL A 22 -8.49 1.45 -13.80
CA VAL A 22 -9.11 2.73 -13.52
C VAL A 22 -9.84 2.66 -12.18
N GLN A 23 -10.74 1.68 -12.09
CA GLN A 23 -11.52 1.50 -10.88
C GLN A 23 -10.59 1.17 -9.71
N LEU A 24 -9.41 0.67 -10.04
CA LEU A 24 -8.43 0.32 -9.03
C LEU A 24 -7.72 1.59 -8.55
N ASN A 25 -7.46 2.47 -9.50
CA ASN A 25 -6.79 3.73 -9.19
C ASN A 25 -7.72 4.61 -8.36
N LEU A 26 -9.00 4.55 -8.71
CA LEU A 26 -10.00 5.35 -8.01
C LEU A 26 -10.09 4.87 -6.56
N LEU A 27 -9.94 3.57 -6.39
CA LEU A 27 -10.00 2.98 -5.05
C LEU A 27 -8.67 3.22 -4.34
N TYR A 28 -7.59 2.91 -5.04
CA TYR A 28 -6.26 3.08 -4.49
C TYR A 28 -6.08 4.47 -3.91
N VAL A 29 -6.57 5.46 -4.65
CA VAL A 29 -6.48 6.84 -4.22
C VAL A 29 -7.34 7.05 -2.97
N GLN A 30 -8.59 6.62 -3.08
CA GLN A 30 -9.52 6.76 -1.97
C GLN A 30 -8.97 6.06 -0.72
N ALA A 31 -8.40 4.88 -0.95
CA ALA A 31 -7.83 4.11 0.15
C ALA A 31 -6.79 4.96 0.87
N ARG A 32 -5.92 5.59 0.10
CA ARG A 32 -4.87 6.43 0.64
C ARG A 32 -5.49 7.64 1.36
N ASP A 33 -6.28 8.38 0.60
CA ASP A 33 -6.94 9.57 1.14
C ASP A 33 -7.50 9.24 2.53
N ASP A 34 -8.33 8.21 2.57
CA ASP A 34 -8.94 7.79 3.82
C ASP A 34 -7.88 7.76 4.91
N ILE A 35 -6.78 7.10 4.60
CA ILE A 35 -5.68 6.99 5.55
C ILE A 35 -5.19 8.38 5.92
N LEU A 36 -5.03 9.21 4.89
CA LEU A 36 -4.56 10.57 5.09
C LEU A 36 -5.55 11.32 5.97
N ASN A 37 -6.82 11.16 5.65
CA ASN A 37 -7.88 11.81 6.40
C ASN A 37 -7.78 11.41 7.88
N GLY A 38 -7.36 10.16 8.09
CA GLY A 38 -7.21 9.64 9.44
C GLY A 38 -8.57 9.25 10.03
N SER A 39 -9.30 8.46 9.25
CA SER A 39 -10.62 8.01 9.67
C SER A 39 -10.57 6.52 10.01
N HIS A 40 -9.95 5.77 9.11
CA HIS A 40 -9.84 4.33 9.30
C HIS A 40 -8.63 4.03 10.19
N PRO A 41 -8.95 3.47 11.40
CA PRO A 41 -7.91 3.14 12.36
C PRO A 41 -7.16 1.87 11.94
N VAL A 42 -6.30 2.03 10.94
CA VAL A 42 -5.53 0.91 10.44
C VAL A 42 -4.37 0.62 11.40
N SER A 43 -3.76 -0.54 11.22
CA SER A 43 -2.65 -0.94 12.05
C SER A 43 -1.35 -0.34 11.52
N PHE A 44 -0.64 0.34 12.41
CA PHE A 44 0.61 0.98 12.04
C PHE A 44 1.41 0.09 11.08
N ASP A 45 1.73 -1.10 11.55
CA ASP A 45 2.49 -2.04 10.74
C ASP A 45 1.89 -2.08 9.32
N LYS A 46 0.57 -2.13 9.28
CA LYS A 46 -0.13 -2.17 8.01
C LYS A 46 0.03 -0.83 7.29
N ALA A 47 -0.47 0.21 7.94
CA ALA A 47 -0.40 1.55 7.38
C ALA A 47 0.98 1.74 6.73
N CYS A 48 2.02 1.57 7.54
CA CYS A 48 3.38 1.72 7.06
C CYS A 48 3.53 0.89 5.79
N GLU A 49 3.02 -0.32 5.85
CA GLU A 49 3.10 -1.23 4.71
C GLU A 49 2.77 -0.47 3.41
N PHE A 50 1.61 0.15 3.41
CA PHE A 50 1.17 0.91 2.25
C PHE A 50 2.26 1.87 1.77
N ALA A 51 2.69 2.73 2.69
CA ALA A 51 3.72 3.70 2.37
C ALA A 51 4.81 3.03 1.54
N GLY A 52 5.24 1.87 2.00
CA GLY A 52 6.27 1.12 1.30
C GLY A 52 5.85 0.84 -0.15
N TYR A 53 4.61 0.41 -0.31
CA TYR A 53 4.09 0.10 -1.62
C TYR A 53 3.93 1.37 -2.46
N GLN A 54 3.47 2.42 -1.79
CA GLN A 54 3.27 3.70 -2.46
C GLN A 54 4.53 4.11 -3.23
N CYS A 55 5.64 4.13 -2.51
CA CYS A 55 6.92 4.49 -3.11
C CYS A 55 7.19 3.53 -4.28
N GLN A 56 6.91 2.26 -4.03
CA GLN A 56 7.11 1.24 -5.04
C GLN A 56 6.31 1.56 -6.30
N ILE A 57 5.00 1.66 -6.12
CA ILE A 57 4.11 1.97 -7.23
C ILE A 57 4.51 3.31 -7.84
N GLN A 58 4.96 4.21 -6.96
CA GLN A 58 5.37 5.54 -7.39
C GLN A 58 6.55 5.44 -8.36
N PHE A 59 7.70 5.07 -7.82
CA PHE A 59 8.90 4.94 -8.63
C PHE A 59 8.92 3.60 -9.37
N GLY A 60 9.05 2.53 -8.61
CA GLY A 60 9.08 1.20 -9.19
C GLY A 60 10.36 0.47 -8.80
N PRO A 61 10.71 -0.56 -9.64
CA PRO A 61 11.90 -1.34 -9.40
C PRO A 61 13.16 -0.56 -9.80
N HIS A 62 12.94 0.66 -10.26
CA HIS A 62 14.03 1.51 -10.68
C HIS A 62 15.15 1.45 -9.65
N ASN A 63 16.31 1.97 -10.05
CA ASN A 63 17.47 1.97 -9.17
C ASN A 63 17.17 2.84 -7.94
N GLU A 64 17.36 2.24 -6.77
CA GLU A 64 17.11 2.94 -5.53
C GLU A 64 18.45 3.31 -4.85
N GLN A 65 19.40 3.69 -5.68
CA GLN A 65 20.72 4.06 -5.19
C GLN A 65 20.78 5.56 -4.93
N LYS A 66 20.28 6.32 -5.89
CA LYS A 66 20.28 7.77 -5.78
C LYS A 66 19.14 8.20 -4.86
N HIS A 67 17.94 7.72 -5.18
CA HIS A 67 16.77 8.04 -4.40
C HIS A 67 16.73 7.18 -3.14
N LYS A 68 16.13 7.74 -2.09
CA LYS A 68 16.03 7.02 -0.83
C LYS A 68 14.60 7.18 -0.28
N PRO A 69 14.21 6.21 0.58
CA PRO A 69 12.89 6.23 1.17
C PRO A 69 12.80 7.29 2.27
N GLY A 70 13.12 8.51 1.89
CA GLY A 70 13.09 9.63 2.83
C GLY A 70 12.42 10.85 2.21
N PHE A 71 12.80 11.12 0.98
CA PHE A 71 12.24 12.26 0.26
C PHE A 71 10.71 12.21 0.26
N LEU A 72 10.19 10.99 0.38
CA LEU A 72 8.74 10.80 0.38
C LEU A 72 8.12 11.72 1.43
N GLU A 73 6.92 12.19 1.11
CA GLU A 73 6.20 13.08 2.01
C GLU A 73 5.38 12.27 3.02
N LEU A 74 6.08 11.68 3.97
CA LEU A 74 5.44 10.87 4.99
C LEU A 74 4.26 11.66 5.59
N LYS A 75 4.42 12.98 5.61
CA LYS A 75 3.39 13.85 6.14
C LYS A 75 2.20 13.86 5.19
N ASP A 76 2.51 13.79 3.91
CA ASP A 76 1.47 13.79 2.88
C ASP A 76 1.26 12.37 2.38
N PHE A 77 1.62 11.41 3.23
CA PHE A 77 1.47 10.01 2.88
C PHE A 77 0.82 9.22 4.04
N LEU A 78 1.31 9.51 5.23
CA LEU A 78 0.79 8.84 6.42
C LEU A 78 -0.07 9.82 7.22
N PRO A 79 -0.89 9.25 8.14
CA PRO A 79 -1.77 10.05 8.97
C PRO A 79 -0.99 10.76 10.07
N LYS A 80 -1.59 11.80 10.61
CA LYS A 80 -0.97 12.56 11.68
C LYS A 80 -0.38 11.61 12.71
N GLU A 81 -1.21 10.68 13.16
CA GLU A 81 -0.79 9.70 14.14
C GLU A 81 0.61 9.18 13.80
N TYR A 82 0.93 9.22 12.52
CA TYR A 82 2.23 8.75 12.06
C TYR A 82 3.17 9.93 11.81
N ILE A 83 2.62 10.98 11.21
CA ILE A 83 3.39 12.17 10.90
C ILE A 83 4.34 12.47 12.07
N LYS A 84 3.86 12.18 13.27
CA LYS A 84 4.65 12.40 14.47
C LYS A 84 5.77 11.36 14.55
N GLN A 85 5.36 10.10 14.58
CA GLN A 85 6.30 9.00 14.65
C GLN A 85 7.27 9.07 13.47
N LYS A 86 6.70 9.05 12.27
CA LYS A 86 7.50 9.11 11.06
C LYS A 86 8.28 7.80 10.91
N GLY A 87 7.59 6.79 10.38
CA GLY A 87 8.20 5.49 10.18
C GLY A 87 9.50 5.61 9.40
N GLU A 88 9.38 5.46 8.08
CA GLU A 88 10.54 5.56 7.21
C GLU A 88 11.30 4.23 7.21
N ARG A 89 12.01 4.00 8.30
CA ARG A 89 12.79 2.77 8.44
C ARG A 89 11.91 1.55 8.17
N LYS A 90 10.72 1.57 8.77
CA LYS A 90 9.79 0.48 8.60
C LYS A 90 9.42 0.35 7.12
N ILE A 91 8.98 1.46 6.55
CA ILE A 91 8.59 1.49 5.15
C ILE A 91 9.60 0.68 4.33
N PHE A 92 10.84 1.11 4.39
CA PHE A 92 11.91 0.44 3.66
C PHE A 92 11.71 -1.08 3.67
N MET A 93 11.71 -1.63 4.87
CA MET A 93 11.53 -3.06 5.04
C MET A 93 10.44 -3.58 4.10
N ALA A 94 9.33 -2.86 4.07
CA ALA A 94 8.21 -3.24 3.23
C ALA A 94 8.67 -3.26 1.77
N HIS A 95 9.33 -2.19 1.37
CA HIS A 95 9.82 -2.06 0.01
C HIS A 95 10.66 -3.29 -0.35
N LYS A 96 11.56 -3.64 0.57
CA LYS A 96 12.43 -4.78 0.37
C LYS A 96 11.58 -6.01 0.05
N ASN A 97 10.48 -6.14 0.78
CA ASN A 97 9.58 -7.26 0.60
C ASN A 97 8.97 -7.19 -0.81
N CYS A 98 8.42 -6.02 -1.12
CA CYS A 98 7.81 -5.81 -2.42
C CYS A 98 8.83 -6.18 -3.50
N GLY A 99 9.99 -5.54 -3.43
CA GLY A 99 11.05 -5.79 -4.39
C GLY A 99 10.75 -5.10 -5.72
N ASN A 100 10.72 -5.90 -6.77
CA ASN A 100 10.46 -5.38 -8.11
C ASN A 100 9.08 -5.85 -8.58
N MET A 101 8.11 -5.73 -7.68
CA MET A 101 6.75 -6.13 -7.97
C MET A 101 6.11 -5.17 -8.97
N SER A 102 5.12 -5.69 -9.68
CA SER A 102 4.41 -4.89 -10.67
C SER A 102 3.73 -3.71 -9.98
N GLU A 103 3.80 -2.56 -10.66
CA GLU A 103 3.20 -1.34 -10.13
C GLU A 103 1.69 -1.54 -9.93
N ILE A 104 1.09 -2.25 -10.87
CA ILE A 104 -0.34 -2.52 -10.80
C ILE A 104 -0.62 -3.52 -9.68
N GLU A 105 -0.03 -4.69 -9.82
CA GLU A 105 -0.20 -5.73 -8.82
C GLU A 105 0.04 -5.18 -7.42
N ALA A 106 0.83 -4.11 -7.37
CA ALA A 106 1.15 -3.49 -6.09
C ALA A 106 -0.02 -2.61 -5.65
N LYS A 107 -0.67 -1.99 -6.64
CA LYS A 107 -1.81 -1.14 -6.37
C LYS A 107 -3.04 -2.00 -6.05
N VAL A 108 -3.13 -3.11 -6.78
CA VAL A 108 -4.25 -4.03 -6.59
C VAL A 108 -4.34 -4.41 -5.11
N ARG A 109 -3.25 -4.97 -4.61
CA ARG A 109 -3.18 -5.39 -3.22
C ARG A 109 -3.44 -4.20 -2.30
N TYR A 110 -3.00 -3.03 -2.75
CA TYR A 110 -3.18 -1.82 -1.97
C TYR A 110 -4.64 -1.61 -1.59
N VAL A 111 -5.51 -1.93 -2.54
CA VAL A 111 -6.95 -1.79 -2.31
C VAL A 111 -7.42 -2.91 -1.38
N LYS A 112 -7.21 -4.14 -1.83
CA LYS A 112 -7.61 -5.29 -1.05
C LYS A 112 -7.18 -5.09 0.41
N LEU A 113 -5.89 -4.86 0.58
CA LEU A 113 -5.34 -4.65 1.91
C LEU A 113 -6.20 -3.64 2.66
N ALA A 114 -6.41 -2.50 2.02
CA ALA A 114 -7.22 -1.44 2.61
C ALA A 114 -8.54 -2.02 3.09
N ARG A 115 -9.31 -2.54 2.14
CA ARG A 115 -10.59 -3.12 2.46
C ARG A 115 -10.42 -4.30 3.42
N SER A 116 -9.18 -4.74 3.56
CA SER A 116 -8.87 -5.85 4.43
C SER A 116 -8.87 -5.38 5.90
N LEU A 117 -8.25 -4.23 6.11
CA LEU A 117 -8.16 -3.67 7.45
C LEU A 117 -9.57 -3.35 7.95
N LYS A 118 -10.15 -2.30 7.37
CA LYS A 118 -11.49 -1.88 7.75
C LYS A 118 -12.49 -2.42 6.72
N THR A 119 -13.32 -3.34 7.18
CA THR A 119 -14.32 -3.94 6.31
C THR A 119 -15.69 -3.30 6.56
N TYR A 120 -16.67 -3.75 5.78
CA TYR A 120 -18.02 -3.23 5.91
C TYR A 120 -18.82 -4.04 6.94
N GLY A 121 -19.24 -3.34 7.99
CA GLY A 121 -20.01 -3.96 9.04
C GLY A 121 -19.52 -3.52 10.42
N GLU A 1 -51.21 -10.66 6.73
CA GLU A 1 -50.17 -11.66 6.88
C GLU A 1 -49.32 -11.72 5.62
N THR A 2 -48.01 -11.86 5.82
CA THR A 2 -47.08 -11.94 4.71
C THR A 2 -45.79 -12.61 5.15
N LEU A 3 -45.13 -13.24 4.18
CA LEU A 3 -43.87 -13.93 4.46
C LEU A 3 -42.90 -13.68 3.31
N LEU A 4 -41.68 -14.14 3.50
CA LEU A 4 -40.64 -13.98 2.49
C LEU A 4 -39.44 -14.83 2.85
N LEU A 5 -38.42 -14.77 2.00
CA LEU A 5 -37.21 -15.54 2.22
C LEU A 5 -36.01 -14.58 2.33
N ARG A 6 -34.87 -15.15 2.67
CA ARG A 6 -33.65 -14.36 2.81
C ARG A 6 -32.45 -15.16 2.31
N ARG A 7 -31.76 -14.59 1.33
CA ARG A 7 -30.59 -15.23 0.75
C ARG A 7 -29.34 -14.44 1.09
N LYS A 8 -28.33 -15.16 1.56
CA LYS A 8 -27.07 -14.53 1.92
C LYS A 8 -25.94 -15.14 1.09
N PHE A 9 -25.01 -14.28 0.69
CA PHE A 9 -23.88 -14.73 -0.12
C PHE A 9 -22.94 -13.56 -0.42
N PHE A 10 -21.75 -13.63 0.17
CA PHE A 10 -20.76 -12.59 -0.03
C PHE A 10 -19.77 -12.98 -1.14
N TYR A 11 -19.88 -12.27 -2.25
CA TYR A 11 -19.01 -12.53 -3.39
C TYR A 11 -19.30 -11.56 -4.53
N SER A 12 -18.58 -10.46 -4.53
CA SER A 12 -18.74 -9.45 -5.56
C SER A 12 -18.22 -9.96 -6.89
N ASP A 13 -16.89 -10.04 -6.99
CA ASP A 13 -16.26 -10.53 -8.20
C ASP A 13 -14.73 -10.54 -8.00
N GLN A 14 -14.23 -9.42 -7.51
CA GLN A 14 -12.80 -9.28 -7.26
C GLN A 14 -12.05 -9.16 -8.60
N ASN A 15 -12.20 -10.18 -9.42
CA ASN A 15 -11.54 -10.21 -10.72
C ASN A 15 -12.01 -9.00 -11.53
N VAL A 16 -13.22 -8.56 -11.24
CA VAL A 16 -13.79 -7.42 -11.94
C VAL A 16 -13.26 -6.13 -11.32
N ASP A 17 -12.36 -6.29 -10.36
CA ASP A 17 -11.77 -5.15 -9.68
C ASP A 17 -10.28 -5.09 -10.01
N SER A 18 -9.61 -6.22 -9.77
CA SER A 18 -8.18 -6.30 -10.03
C SER A 18 -7.91 -6.04 -11.51
N ARG A 19 -8.61 -6.79 -12.35
CA ARG A 19 -8.44 -6.64 -13.79
C ARG A 19 -8.52 -5.17 -14.19
N ASP A 20 -9.67 -4.56 -13.88
CA ASP A 20 -9.89 -3.17 -14.20
C ASP A 20 -8.96 -2.31 -13.34
N PRO A 21 -8.00 -1.62 -14.03
CA PRO A 21 -7.06 -0.77 -13.34
C PRO A 21 -7.71 0.54 -12.90
N VAL A 22 -8.78 0.89 -13.61
CA VAL A 22 -9.51 2.11 -13.32
C VAL A 22 -10.09 2.02 -11.90
N GLN A 23 -10.95 1.04 -11.71
CA GLN A 23 -11.58 0.84 -10.41
C GLN A 23 -10.50 0.63 -9.33
N LEU A 24 -9.33 0.23 -9.79
CA LEU A 24 -8.22 -0.01 -8.88
C LEU A 24 -7.56 1.32 -8.51
N ASN A 25 -7.48 2.20 -9.51
CA ASN A 25 -6.89 3.51 -9.31
C ASN A 25 -7.83 4.37 -8.47
N LEU A 26 -9.12 4.19 -8.72
CA LEU A 26 -10.12 4.94 -7.99
C LEU A 26 -10.11 4.52 -6.51
N LEU A 27 -9.80 3.26 -6.30
CA LEU A 27 -9.75 2.72 -4.95
C LEU A 27 -8.40 3.05 -4.32
N TYR A 28 -7.35 2.87 -5.12
CA TYR A 28 -6.00 3.15 -4.66
C TYR A 28 -5.90 4.56 -4.10
N VAL A 29 -6.61 5.48 -4.75
CA VAL A 29 -6.59 6.86 -4.33
C VAL A 29 -7.39 7.00 -3.03
N GLN A 30 -8.59 6.47 -3.06
CA GLN A 30 -9.46 6.52 -1.89
C GLN A 30 -8.75 5.93 -0.66
N ALA A 31 -8.16 4.77 -0.87
CA ALA A 31 -7.44 4.09 0.20
C ALA A 31 -6.38 5.03 0.76
N ARG A 32 -5.50 5.46 -0.12
CA ARG A 32 -4.42 6.37 0.28
C ARG A 32 -4.99 7.60 0.97
N ASP A 33 -6.04 8.14 0.38
CA ASP A 33 -6.69 9.32 0.94
C ASP A 33 -7.26 8.98 2.31
N ASP A 34 -8.11 7.97 2.35
CA ASP A 34 -8.72 7.54 3.59
C ASP A 34 -7.64 7.38 4.66
N ILE A 35 -6.44 7.06 4.20
CA ILE A 35 -5.32 6.87 5.10
C ILE A 35 -4.84 8.23 5.61
N LEU A 36 -4.52 9.10 4.66
CA LEU A 36 -4.06 10.43 4.99
C LEU A 36 -5.14 11.17 5.77
N ASN A 37 -6.39 10.81 5.48
CA ASN A 37 -7.52 11.42 6.14
C ASN A 37 -7.46 11.10 7.64
N GLY A 38 -7.14 9.85 7.93
CA GLY A 38 -7.04 9.41 9.32
C GLY A 38 -8.43 9.03 9.86
N SER A 39 -9.24 8.48 8.98
CA SER A 39 -10.59 8.07 9.36
C SER A 39 -10.58 6.63 9.86
N HIS A 40 -10.01 5.76 9.04
CA HIS A 40 -9.93 4.35 9.40
C HIS A 40 -8.71 4.11 10.29
N PRO A 41 -8.99 3.63 11.53
CA PRO A 41 -7.93 3.35 12.49
C PRO A 41 -7.17 2.07 12.11
N VAL A 42 -6.35 2.20 11.09
CA VAL A 42 -5.57 1.06 10.62
C VAL A 42 -4.27 0.97 11.43
N SER A 43 -3.67 -0.21 11.39
CA SER A 43 -2.43 -0.44 12.12
C SER A 43 -1.25 0.20 11.38
N PHE A 44 -0.50 1.01 12.10
CA PHE A 44 0.65 1.69 11.53
C PHE A 44 1.39 0.77 10.54
N ASP A 45 1.75 -0.40 11.04
CA ASP A 45 2.46 -1.37 10.23
C ASP A 45 1.77 -1.48 8.87
N LYS A 46 0.45 -1.58 8.90
CA LYS A 46 -0.33 -1.69 7.68
C LYS A 46 -0.26 -0.37 6.91
N ALA A 47 -0.70 0.69 7.57
CA ALA A 47 -0.68 2.01 6.96
C ALA A 47 0.64 2.20 6.21
N CYS A 48 1.72 1.88 6.87
CA CYS A 48 3.04 2.00 6.28
C CYS A 48 3.08 1.13 5.01
N GLU A 49 2.60 -0.10 5.17
CA GLU A 49 2.57 -1.03 4.06
C GLU A 49 2.22 -0.31 2.76
N PHE A 50 1.17 0.49 2.84
CA PHE A 50 0.71 1.24 1.68
C PHE A 50 1.75 2.28 1.26
N ALA A 51 2.06 3.16 2.20
CA ALA A 51 3.04 4.21 1.94
C ALA A 51 4.19 3.64 1.11
N GLY A 52 4.75 2.55 1.61
CA GLY A 52 5.86 1.90 0.94
C GLY A 52 5.52 1.64 -0.54
N TYR A 53 4.36 1.04 -0.76
CA TYR A 53 3.92 0.74 -2.11
C TYR A 53 3.60 2.03 -2.87
N GLN A 54 3.04 2.98 -2.16
CA GLN A 54 2.69 4.26 -2.77
C GLN A 54 3.86 4.82 -3.56
N CYS A 55 5.03 4.78 -2.93
CA CYS A 55 6.24 5.28 -3.57
C CYS A 55 6.59 4.35 -4.73
N GLN A 56 6.33 3.07 -4.53
CA GLN A 56 6.60 2.07 -5.55
C GLN A 56 5.71 2.29 -6.76
N ILE A 57 4.41 2.32 -6.50
CA ILE A 57 3.44 2.53 -7.56
C ILE A 57 3.63 3.93 -8.17
N GLN A 58 4.08 4.84 -7.32
CA GLN A 58 4.31 6.21 -7.76
C GLN A 58 5.26 6.23 -8.95
N PHE A 59 6.48 5.79 -8.71
CA PHE A 59 7.49 5.75 -9.76
C PHE A 59 7.64 4.35 -10.32
N GLY A 60 8.03 3.43 -9.44
CA GLY A 60 8.21 2.04 -9.85
C GLY A 60 9.55 1.50 -9.34
N PRO A 61 9.80 0.20 -9.66
CA PRO A 61 11.04 -0.44 -9.25
C PRO A 61 12.21 0.04 -10.09
N HIS A 62 11.92 0.94 -11.01
CA HIS A 62 12.94 1.48 -11.90
C HIS A 62 13.74 2.56 -11.15
N ASN A 63 14.26 2.18 -10.00
CA ASN A 63 15.04 3.09 -9.19
C ASN A 63 15.60 2.35 -7.97
N GLU A 64 16.57 2.97 -7.33
CA GLU A 64 17.20 2.38 -6.16
C GLU A 64 18.47 3.14 -5.79
N GLN A 65 19.22 3.50 -6.81
CA GLN A 65 20.46 4.23 -6.61
C GLN A 65 20.17 5.66 -6.16
N LYS A 66 19.08 6.20 -6.70
CA LYS A 66 18.68 7.56 -6.36
C LYS A 66 17.48 7.50 -5.40
N HIS A 67 16.44 6.83 -5.85
CA HIS A 67 15.23 6.70 -5.05
C HIS A 67 15.50 5.77 -3.87
N LYS A 68 15.54 6.36 -2.69
CA LYS A 68 15.80 5.60 -1.48
C LYS A 68 14.68 5.88 -0.46
N PRO A 69 14.49 4.90 0.46
CA PRO A 69 13.46 5.02 1.48
C PRO A 69 13.88 6.02 2.57
N GLY A 70 14.20 7.22 2.13
CA GLY A 70 14.63 8.27 3.05
C GLY A 70 14.30 9.66 2.49
N PHE A 71 14.59 9.83 1.22
CA PHE A 71 14.33 11.10 0.56
C PHE A 71 12.82 11.29 0.33
N LEU A 72 12.08 10.21 0.50
CA LEU A 72 10.65 10.24 0.32
C LEU A 72 10.01 11.08 1.43
N GLU A 73 8.89 11.71 1.10
CA GLU A 73 8.19 12.54 2.06
C GLU A 73 7.05 11.74 2.71
N LEU A 74 7.44 10.73 3.46
CA LEU A 74 6.46 9.88 4.14
C LEU A 74 5.49 10.77 4.91
N LYS A 75 5.95 11.96 5.23
CA LYS A 75 5.12 12.91 5.97
C LYS A 75 3.86 13.23 5.16
N ASP A 76 3.98 13.06 3.84
CA ASP A 76 2.87 13.32 2.95
C ASP A 76 2.31 11.99 2.43
N PHE A 77 2.48 10.95 3.24
CA PHE A 77 2.01 9.63 2.88
C PHE A 77 1.09 9.07 3.97
N LEU A 78 1.54 9.19 5.20
CA LEU A 78 0.77 8.70 6.33
C LEU A 78 0.19 9.89 7.10
N PRO A 79 -0.82 9.57 7.96
CA PRO A 79 -1.47 10.59 8.76
C PRO A 79 -0.59 11.04 9.92
N LYS A 80 -0.26 12.31 9.91
CA LYS A 80 0.58 12.88 10.96
C LYS A 80 0.12 12.35 12.32
N GLU A 81 -1.18 12.13 12.42
CA GLU A 81 -1.76 11.63 13.65
C GLU A 81 -0.98 10.41 14.15
N TYR A 82 -0.34 9.74 13.21
CA TYR A 82 0.44 8.55 13.54
C TYR A 82 1.93 8.79 13.31
N ILE A 83 2.23 9.37 12.16
CA ILE A 83 3.62 9.66 11.81
C ILE A 83 4.35 10.17 13.05
N LYS A 84 3.59 10.82 13.92
CA LYS A 84 4.16 11.36 15.15
C LYS A 84 4.54 10.21 16.08
N GLN A 85 5.40 9.34 15.58
CA GLN A 85 5.84 8.20 16.36
C GLN A 85 6.97 7.46 15.62
N LYS A 86 6.81 7.36 14.31
CA LYS A 86 7.79 6.69 13.48
C LYS A 86 7.91 7.42 12.15
N GLY A 87 8.11 6.64 11.09
CA GLY A 87 8.24 7.18 9.76
C GLY A 87 9.58 6.79 9.13
N GLU A 88 9.51 6.42 7.86
CA GLU A 88 10.71 6.02 7.14
C GLU A 88 11.28 4.73 7.72
N ARG A 89 11.83 4.85 8.91
CA ARG A 89 12.42 3.71 9.60
C ARG A 89 11.48 2.50 9.50
N LYS A 90 10.20 2.79 9.34
CA LYS A 90 9.20 1.75 9.23
C LYS A 90 9.04 1.35 7.76
N ILE A 91 8.64 2.31 6.95
CA ILE A 91 8.45 2.08 5.53
C ILE A 91 9.56 1.17 5.02
N PHE A 92 10.78 1.52 5.41
CA PHE A 92 11.95 0.75 5.00
C PHE A 92 11.63 -0.75 4.95
N MET A 93 11.29 -1.28 6.12
CA MET A 93 10.96 -2.70 6.23
C MET A 93 9.87 -3.08 5.23
N ALA A 94 8.88 -2.20 5.12
CA ALA A 94 7.77 -2.44 4.21
C ALA A 94 8.30 -2.49 2.78
N HIS A 95 9.33 -1.72 2.53
CA HIS A 95 9.92 -1.67 1.20
C HIS A 95 10.60 -3.01 0.89
N LYS A 96 11.38 -3.47 1.86
CA LYS A 96 12.09 -4.74 1.70
C LYS A 96 11.11 -5.80 1.20
N ASN A 97 9.91 -5.76 1.75
CA ASN A 97 8.87 -6.71 1.36
C ASN A 97 8.44 -6.43 -0.08
N CYS A 98 8.28 -5.15 -0.37
CA CYS A 98 7.86 -4.74 -1.70
C CYS A 98 8.92 -5.21 -2.71
N GLY A 99 10.16 -4.84 -2.43
CA GLY A 99 11.26 -5.23 -3.29
C GLY A 99 11.19 -4.51 -4.64
N ASN A 100 10.64 -5.20 -5.62
CA ASN A 100 10.50 -4.64 -6.95
C ASN A 100 9.21 -5.16 -7.59
N MET A 101 8.12 -4.97 -6.86
CA MET A 101 6.83 -5.42 -7.35
C MET A 101 6.32 -4.52 -8.49
N SER A 102 5.45 -5.09 -9.31
CA SER A 102 4.89 -4.35 -10.42
C SER A 102 3.96 -3.25 -9.92
N GLU A 103 3.97 -2.13 -10.63
CA GLU A 103 3.14 -1.00 -10.26
C GLU A 103 1.68 -1.44 -10.11
N ILE A 104 1.29 -2.37 -10.97
CA ILE A 104 -0.08 -2.88 -10.95
C ILE A 104 -0.23 -3.83 -9.76
N GLU A 105 0.58 -4.88 -9.76
CA GLU A 105 0.53 -5.86 -8.69
C GLU A 105 0.63 -5.17 -7.32
N ALA A 106 1.23 -3.98 -7.34
CA ALA A 106 1.39 -3.21 -6.12
C ALA A 106 0.09 -2.46 -5.82
N LYS A 107 -0.54 -1.98 -6.89
CA LYS A 107 -1.78 -1.23 -6.75
C LYS A 107 -2.89 -2.19 -6.30
N VAL A 108 -2.86 -3.39 -6.86
CA VAL A 108 -3.86 -4.39 -6.53
C VAL A 108 -3.82 -4.65 -5.02
N ARG A 109 -2.65 -5.05 -4.54
CA ARG A 109 -2.47 -5.34 -3.13
C ARG A 109 -2.90 -4.14 -2.29
N TYR A 110 -2.48 -2.96 -2.74
CA TYR A 110 -2.82 -1.74 -2.04
C TYR A 110 -4.32 -1.67 -1.72
N VAL A 111 -5.11 -2.20 -2.65
CA VAL A 111 -6.55 -2.21 -2.48
C VAL A 111 -6.96 -3.46 -1.68
N LYS A 112 -6.73 -4.62 -2.30
CA LYS A 112 -7.06 -5.88 -1.67
C LYS A 112 -6.62 -5.84 -0.20
N LEU A 113 -5.54 -5.10 0.04
CA LEU A 113 -5.02 -4.98 1.40
C LEU A 113 -5.99 -4.16 2.24
N ALA A 114 -6.11 -2.89 1.90
CA ALA A 114 -6.99 -1.99 2.62
C ALA A 114 -8.40 -2.59 2.65
N ARG A 115 -8.74 -3.28 1.57
CA ARG A 115 -10.05 -3.91 1.48
C ARG A 115 -10.12 -5.14 2.39
N SER A 116 -8.94 -5.61 2.78
CA SER A 116 -8.87 -6.77 3.65
C SER A 116 -8.72 -6.32 5.11
N LEU A 117 -8.46 -5.04 5.27
CA LEU A 117 -8.28 -4.47 6.60
C LEU A 117 -9.63 -4.53 7.34
N LYS A 118 -10.53 -3.65 6.96
CA LYS A 118 -11.84 -3.60 7.58
C LYS A 118 -12.47 -4.99 7.53
N THR A 119 -13.01 -5.40 8.68
CA THR A 119 -13.64 -6.70 8.78
C THR A 119 -15.12 -6.54 9.16
N TYR A 120 -15.87 -5.97 8.24
CA TYR A 120 -17.29 -5.76 8.46
C TYR A 120 -18.10 -7.01 8.08
N GLY A 121 -18.56 -7.70 9.11
CA GLY A 121 -19.34 -8.90 8.90
C GLY A 121 -18.53 -10.15 9.25
N GLU A 1 -1.65 -50.02 -15.09
CA GLU A 1 -2.52 -50.46 -16.18
C GLU A 1 -2.98 -49.26 -17.00
N THR A 2 -3.74 -48.39 -16.34
CA THR A 2 -4.26 -47.20 -16.99
C THR A 2 -4.96 -46.29 -15.97
N LEU A 3 -5.12 -45.04 -16.37
CA LEU A 3 -5.77 -44.07 -15.49
C LEU A 3 -4.75 -43.52 -14.51
N LEU A 4 -4.42 -42.24 -14.69
CA LEU A 4 -3.46 -41.59 -13.81
C LEU A 4 -3.38 -40.11 -14.18
N LEU A 5 -4.39 -39.36 -13.78
CA LEU A 5 -4.44 -37.94 -14.06
C LEU A 5 -5.65 -37.33 -13.36
N ARG A 6 -5.55 -36.04 -13.09
CA ARG A 6 -6.62 -35.32 -12.43
C ARG A 6 -6.28 -33.83 -12.29
N ARG A 7 -7.29 -33.00 -12.44
CA ARG A 7 -7.10 -31.56 -12.34
C ARG A 7 -8.41 -30.83 -12.68
N LYS A 8 -8.60 -29.71 -12.01
CA LYS A 8 -9.79 -28.91 -12.24
C LYS A 8 -9.65 -27.56 -11.53
N PHE A 9 -10.33 -26.56 -12.07
CA PHE A 9 -10.27 -25.22 -11.50
C PHE A 9 -11.18 -24.27 -12.27
N PHE A 10 -11.55 -23.19 -11.60
CA PHE A 10 -12.42 -22.19 -12.20
C PHE A 10 -12.68 -21.03 -11.24
N TYR A 11 -13.11 -19.91 -11.81
CA TYR A 11 -13.39 -18.73 -11.02
C TYR A 11 -14.01 -17.63 -11.88
N SER A 12 -14.55 -16.63 -11.21
CA SER A 12 -15.18 -15.51 -11.90
C SER A 12 -15.57 -14.42 -10.89
N ASP A 13 -14.57 -13.66 -10.47
CA ASP A 13 -14.79 -12.59 -9.52
C ASP A 13 -13.44 -12.00 -9.09
N GLN A 14 -13.51 -10.80 -8.53
CA GLN A 14 -12.31 -10.12 -8.08
C GLN A 14 -11.46 -9.69 -9.28
N ASN A 15 -10.99 -10.68 -10.02
CA ASN A 15 -10.17 -10.42 -11.18
C ASN A 15 -10.93 -9.50 -12.14
N VAL A 16 -12.25 -9.53 -12.02
CA VAL A 16 -13.10 -8.71 -12.86
C VAL A 16 -12.91 -7.24 -12.49
N ASP A 17 -12.19 -7.03 -11.40
CA ASP A 17 -11.92 -5.68 -10.92
C ASP A 17 -10.43 -5.38 -11.05
N SER A 18 -9.64 -6.43 -10.88
CA SER A 18 -8.19 -6.30 -10.97
C SER A 18 -7.80 -5.84 -12.38
N ARG A 19 -8.70 -6.05 -13.32
CA ARG A 19 -8.46 -5.67 -14.70
C ARG A 19 -8.64 -4.16 -14.86
N ASP A 20 -9.86 -3.71 -14.62
CA ASP A 20 -10.18 -2.30 -14.73
C ASP A 20 -9.28 -1.50 -13.79
N PRO A 21 -8.33 -0.72 -14.41
CA PRO A 21 -7.41 0.08 -13.63
C PRO A 21 -8.11 1.32 -13.07
N VAL A 22 -9.16 1.73 -13.75
CA VAL A 22 -9.93 2.90 -13.33
C VAL A 22 -10.53 2.63 -11.94
N GLN A 23 -11.40 1.64 -11.90
CA GLN A 23 -12.05 1.27 -10.65
C GLN A 23 -11.00 0.99 -9.57
N LEU A 24 -9.80 0.69 -10.02
CA LEU A 24 -8.71 0.40 -9.11
C LEU A 24 -8.12 1.70 -8.59
N ASN A 25 -8.02 2.67 -9.48
CA ASN A 25 -7.49 3.98 -9.13
C ASN A 25 -8.48 4.70 -8.22
N LEU A 26 -9.76 4.50 -8.51
CA LEU A 26 -10.81 5.12 -7.73
C LEU A 26 -10.79 4.55 -6.31
N LEU A 27 -10.45 3.27 -6.22
CA LEU A 27 -10.40 2.60 -4.93
C LEU A 27 -9.07 2.94 -4.24
N TYR A 28 -8.00 2.86 -5.02
CA TYR A 28 -6.68 3.16 -4.51
C TYR A 28 -6.63 4.55 -3.89
N VAL A 29 -7.22 5.50 -4.59
CA VAL A 29 -7.26 6.87 -4.12
C VAL A 29 -8.08 6.95 -2.82
N GLN A 30 -9.29 6.41 -2.90
CA GLN A 30 -10.18 6.42 -1.75
C GLN A 30 -9.47 5.81 -0.53
N ALA A 31 -8.81 4.68 -0.78
CA ALA A 31 -8.10 4.00 0.29
C ALA A 31 -6.94 4.88 0.78
N ARG A 32 -6.24 5.45 -0.19
CA ARG A 32 -5.11 6.31 0.12
C ARG A 32 -5.59 7.56 0.87
N ASP A 33 -6.74 8.07 0.45
CA ASP A 33 -7.31 9.24 1.06
C ASP A 33 -7.71 8.92 2.50
N ASP A 34 -8.51 7.87 2.64
CA ASP A 34 -8.97 7.45 3.96
C ASP A 34 -7.76 7.34 4.90
N ILE A 35 -6.62 6.99 4.32
CA ILE A 35 -5.40 6.84 5.09
C ILE A 35 -4.93 8.23 5.56
N LEU A 36 -4.87 9.15 4.60
CA LEU A 36 -4.44 10.50 4.90
C LEU A 36 -5.49 11.18 5.78
N ASN A 37 -6.75 10.81 5.55
CA ASN A 37 -7.84 11.37 6.31
C ASN A 37 -7.65 11.05 7.80
N GLY A 38 -7.16 9.84 8.04
CA GLY A 38 -6.93 9.39 9.41
C GLY A 38 -8.22 8.93 10.07
N SER A 39 -9.06 8.27 9.26
CA SER A 39 -10.33 7.78 9.77
C SER A 39 -10.17 6.34 10.26
N HIS A 40 -9.61 5.51 9.39
CA HIS A 40 -9.40 4.12 9.72
C HIS A 40 -8.01 3.94 10.34
N PRO A 41 -8.00 3.47 11.62
CA PRO A 41 -6.75 3.24 12.32
C PRO A 41 -6.05 1.98 11.82
N VAL A 42 -5.34 2.15 10.71
CA VAL A 42 -4.62 1.04 10.11
C VAL A 42 -3.29 0.84 10.86
N SER A 43 -3.14 -0.35 11.42
CA SER A 43 -1.93 -0.68 12.16
C SER A 43 -0.70 -0.22 11.37
N PHE A 44 0.20 0.44 12.09
CA PHE A 44 1.42 0.93 11.47
C PHE A 44 1.95 -0.06 10.43
N ASP A 45 2.26 -1.25 10.91
CA ASP A 45 2.78 -2.30 10.03
C ASP A 45 1.99 -2.29 8.73
N LYS A 46 0.67 -2.24 8.87
CA LYS A 46 -0.21 -2.23 7.71
C LYS A 46 -0.10 -0.88 7.00
N ALA A 47 -0.50 0.16 7.72
CA ALA A 47 -0.46 1.50 7.16
C ALA A 47 0.83 1.68 6.37
N CYS A 48 1.95 1.45 7.05
CA CYS A 48 3.25 1.58 6.42
C CYS A 48 3.25 0.74 5.13
N GLU A 49 2.73 -0.47 5.26
CA GLU A 49 2.66 -1.37 4.12
C GLU A 49 2.26 -0.61 2.87
N PHE A 50 1.18 0.14 2.99
CA PHE A 50 0.67 0.93 1.88
C PHE A 50 1.73 1.88 1.35
N ALA A 51 2.34 2.62 2.28
CA ALA A 51 3.37 3.58 1.92
C ALA A 51 4.42 2.88 1.04
N GLY A 52 5.05 1.87 1.62
CA GLY A 52 6.07 1.12 0.90
C GLY A 52 5.65 0.87 -0.55
N TYR A 53 4.38 0.50 -0.71
CA TYR A 53 3.83 0.23 -2.03
C TYR A 53 3.64 1.52 -2.82
N GLN A 54 3.19 2.55 -2.11
CA GLN A 54 2.96 3.85 -2.74
C GLN A 54 4.27 4.39 -3.33
N CYS A 55 5.32 4.31 -2.54
CA CYS A 55 6.62 4.78 -2.99
C CYS A 55 7.01 4.02 -4.25
N GLN A 56 6.78 2.71 -4.21
CA GLN A 56 7.09 1.87 -5.35
C GLN A 56 6.24 2.26 -6.56
N ILE A 57 4.94 2.14 -6.39
CA ILE A 57 4.01 2.47 -7.46
C ILE A 57 4.30 3.90 -7.95
N GLN A 58 4.75 4.73 -7.03
CA GLN A 58 5.08 6.10 -7.35
C GLN A 58 6.16 6.16 -8.44
N PHE A 59 7.36 5.76 -8.04
CA PHE A 59 8.48 5.76 -8.96
C PHE A 59 8.89 4.32 -9.33
N GLY A 60 9.03 3.51 -8.29
CA GLY A 60 9.43 2.12 -8.49
C GLY A 60 10.70 1.79 -7.71
N PRO A 61 11.06 0.48 -7.72
CA PRO A 61 12.24 0.03 -7.03
C PRO A 61 13.52 0.41 -7.78
N HIS A 62 13.30 1.09 -8.91
CA HIS A 62 14.41 1.53 -9.74
C HIS A 62 15.05 2.78 -9.14
N ASN A 63 15.51 2.64 -7.90
CA ASN A 63 16.14 3.75 -7.21
C ASN A 63 16.67 3.27 -5.86
N GLU A 64 17.94 3.57 -5.61
CA GLU A 64 18.57 3.18 -4.36
C GLU A 64 20.00 3.71 -4.31
N GLN A 65 20.66 3.69 -5.47
CA GLN A 65 22.03 4.16 -5.56
C GLN A 65 22.08 5.68 -5.34
N LYS A 66 21.13 6.37 -5.96
CA LYS A 66 21.04 7.81 -5.85
C LYS A 66 19.91 8.18 -4.89
N HIS A 67 18.70 7.79 -5.26
CA HIS A 67 17.53 8.07 -4.45
C HIS A 67 17.40 7.01 -3.34
N LYS A 68 16.92 7.46 -2.20
CA LYS A 68 16.74 6.57 -1.07
C LYS A 68 15.29 6.66 -0.57
N PRO A 69 14.83 5.55 0.07
CA PRO A 69 13.48 5.50 0.59
C PRO A 69 13.35 6.32 1.87
N GLY A 70 13.67 7.60 1.75
CA GLY A 70 13.60 8.50 2.88
C GLY A 70 13.11 9.89 2.45
N PHE A 71 13.66 10.36 1.34
CA PHE A 71 13.29 11.67 0.81
C PHE A 71 11.78 11.75 0.57
N LEU A 72 11.16 10.57 0.54
CA LEU A 72 9.73 10.50 0.30
C LEU A 72 9.01 11.36 1.34
N GLU A 73 8.01 12.09 0.87
CA GLU A 73 7.24 12.95 1.75
C GLU A 73 6.14 12.16 2.45
N LEU A 74 6.58 11.30 3.37
CA LEU A 74 5.65 10.47 4.12
C LEU A 74 4.47 11.33 4.60
N LYS A 75 4.76 12.61 4.78
CA LYS A 75 3.74 13.54 5.24
C LYS A 75 2.51 13.43 4.33
N ASP A 76 2.75 12.97 3.12
CA ASP A 76 1.68 12.80 2.16
C ASP A 76 1.42 11.31 1.92
N PHE A 77 1.65 10.54 2.97
CA PHE A 77 1.46 9.10 2.89
C PHE A 77 0.66 8.59 4.10
N LEU A 78 1.18 8.88 5.27
CA LEU A 78 0.52 8.46 6.51
C LEU A 78 -0.19 9.66 7.13
N PRO A 79 -1.10 9.35 8.10
CA PRO A 79 -1.85 10.39 8.78
C PRO A 79 -0.97 11.11 9.80
N LYS A 80 -1.35 12.35 10.08
CA LYS A 80 -0.61 13.15 11.04
C LYS A 80 -0.30 12.32 12.29
N GLU A 81 -1.33 11.62 12.75
CA GLU A 81 -1.19 10.77 13.92
C GLU A 81 0.06 9.89 13.80
N TYR A 82 0.45 9.65 12.56
CA TYR A 82 1.62 8.84 12.29
C TYR A 82 2.81 9.70 11.86
N ILE A 83 2.50 10.72 11.08
CA ILE A 83 3.54 11.63 10.59
C ILE A 83 4.57 11.85 11.69
N LYS A 84 4.08 11.95 12.92
CA LYS A 84 4.94 12.16 14.06
C LYS A 84 5.99 11.04 14.12
N GLN A 85 5.51 9.82 14.15
CA GLN A 85 6.39 8.66 14.20
C GLN A 85 7.17 8.53 12.90
N LYS A 86 6.49 8.88 11.81
CA LYS A 86 7.12 8.81 10.50
C LYS A 86 7.26 7.35 10.09
N GLY A 87 6.57 6.99 9.01
CA GLY A 87 6.60 5.63 8.50
C GLY A 87 8.04 5.20 8.22
N GLU A 88 8.90 6.19 8.05
CA GLU A 88 10.30 5.92 7.76
C GLU A 88 10.81 4.75 8.62
N ARG A 89 11.92 4.17 8.19
CA ARG A 89 12.50 3.05 8.90
C ARG A 89 11.70 1.78 8.63
N LYS A 90 10.41 1.85 8.91
CA LYS A 90 9.53 0.71 8.72
C LYS A 90 9.27 0.54 7.22
N ILE A 91 9.00 1.65 6.56
CA ILE A 91 8.73 1.64 5.13
C ILE A 91 9.82 0.85 4.42
N PHE A 92 11.06 1.12 4.80
CA PHE A 92 12.20 0.43 4.22
C PHE A 92 11.95 -1.08 4.12
N MET A 93 11.78 -1.69 5.30
CA MET A 93 11.54 -3.11 5.36
C MET A 93 10.44 -3.53 4.38
N ALA A 94 9.36 -2.77 4.39
CA ALA A 94 8.23 -3.04 3.51
C ALA A 94 8.73 -3.05 2.06
N HIS A 95 9.78 -2.29 1.81
CA HIS A 95 10.35 -2.21 0.48
C HIS A 95 11.06 -3.52 0.15
N LYS A 96 11.74 -4.05 1.14
CA LYS A 96 12.47 -5.31 0.97
C LYS A 96 11.48 -6.42 0.60
N ASN A 97 10.29 -6.30 1.16
CA ASN A 97 9.25 -7.29 0.92
C ASN A 97 8.60 -7.02 -0.44
N CYS A 98 8.39 -5.73 -0.72
CA CYS A 98 7.79 -5.32 -1.97
C CYS A 98 8.64 -5.88 -3.11
N GLY A 99 9.93 -5.57 -3.06
CA GLY A 99 10.85 -6.03 -4.07
C GLY A 99 10.59 -5.33 -5.41
N ASN A 100 10.51 -6.14 -6.46
CA ASN A 100 10.27 -5.62 -7.80
C ASN A 100 8.86 -6.02 -8.25
N MET A 101 7.89 -5.77 -7.38
CA MET A 101 6.51 -6.09 -7.68
C MET A 101 5.92 -5.15 -8.72
N SER A 102 4.95 -5.65 -9.47
CA SER A 102 4.32 -4.87 -10.51
C SER A 102 3.62 -3.66 -9.88
N GLU A 103 3.75 -2.53 -10.56
CA GLU A 103 3.13 -1.29 -10.09
C GLU A 103 1.63 -1.50 -9.86
N ILE A 104 1.02 -2.25 -10.76
CA ILE A 104 -0.40 -2.54 -10.68
C ILE A 104 -0.64 -3.51 -9.53
N GLU A 105 0.07 -4.62 -9.58
CA GLU A 105 -0.06 -5.65 -8.55
C GLU A 105 0.04 -5.02 -7.16
N ALA A 106 0.70 -3.87 -7.11
CA ALA A 106 0.88 -3.16 -5.86
C ALA A 106 -0.38 -2.36 -5.53
N LYS A 107 -0.95 -1.78 -6.57
CA LYS A 107 -2.17 -1.00 -6.41
C LYS A 107 -3.32 -1.92 -6.05
N VAL A 108 -3.35 -3.08 -6.70
CA VAL A 108 -4.39 -4.06 -6.45
C VAL A 108 -4.43 -4.39 -4.96
N ARG A 109 -3.30 -4.88 -4.47
CA ARG A 109 -3.19 -5.25 -3.07
C ARG A 109 -3.58 -4.07 -2.18
N TYR A 110 -3.04 -2.91 -2.52
CA TYR A 110 -3.33 -1.70 -1.76
C TYR A 110 -4.82 -1.63 -1.39
N VAL A 111 -5.66 -1.81 -2.40
CA VAL A 111 -7.09 -1.77 -2.21
C VAL A 111 -7.51 -2.92 -1.28
N LYS A 112 -7.30 -4.13 -1.77
CA LYS A 112 -7.64 -5.31 -1.01
C LYS A 112 -7.21 -5.12 0.45
N LEU A 113 -5.94 -4.77 0.61
CA LEU A 113 -5.39 -4.56 1.94
C LEU A 113 -6.31 -3.61 2.72
N ALA A 114 -6.65 -2.51 2.08
CA ALA A 114 -7.51 -1.52 2.70
C ALA A 114 -8.85 -2.16 3.04
N ARG A 115 -9.31 -3.02 2.15
CA ARG A 115 -10.57 -3.72 2.34
C ARG A 115 -10.38 -4.92 3.26
N SER A 116 -9.12 -5.17 3.60
CA SER A 116 -8.78 -6.28 4.47
C SER A 116 -8.67 -5.81 5.91
N LEU A 117 -8.37 -4.54 6.07
CA LEU A 117 -8.23 -3.94 7.39
C LEU A 117 -9.62 -3.71 7.98
N LYS A 118 -10.50 -3.18 7.15
CA LYS A 118 -11.86 -2.89 7.58
C LYS A 118 -12.55 -4.21 7.97
N THR A 119 -13.61 -4.07 8.76
CA THR A 119 -14.36 -5.22 9.21
C THR A 119 -15.86 -5.00 9.01
N TYR A 120 -16.23 -4.78 7.75
CA TYR A 120 -17.62 -4.55 7.41
C TYR A 120 -18.52 -5.65 8.00
N GLY A 121 -18.15 -6.88 7.70
CA GLY A 121 -18.91 -8.02 8.19
C GLY A 121 -17.98 -9.17 8.59
N GLU A 1 6.46 -13.23 1.08
CA GLU A 1 7.12 -12.82 2.32
C GLU A 1 8.44 -13.57 2.49
N THR A 2 9.52 -12.81 2.54
CA THR A 2 10.84 -13.38 2.70
C THR A 2 11.13 -14.38 1.57
N LEU A 3 12.40 -14.76 1.47
CA LEU A 3 12.82 -15.70 0.44
C LEU A 3 12.62 -15.06 -0.93
N LEU A 4 13.52 -15.39 -1.84
CA LEU A 4 13.46 -14.87 -3.19
C LEU A 4 12.11 -15.25 -3.81
N LEU A 5 11.90 -16.55 -3.95
CA LEU A 5 10.67 -17.05 -4.53
C LEU A 5 10.38 -18.45 -3.96
N ARG A 6 9.18 -18.93 -4.26
CA ARG A 6 8.77 -20.25 -3.78
C ARG A 6 8.44 -21.16 -4.96
N ARG A 7 7.73 -20.58 -5.92
CA ARG A 7 7.32 -21.33 -7.11
C ARG A 7 6.39 -20.48 -7.98
N LYS A 8 5.19 -20.26 -7.46
CA LYS A 8 4.20 -19.47 -8.18
C LYS A 8 3.33 -18.73 -7.17
N PHE A 9 2.38 -17.97 -7.71
CA PHE A 9 1.47 -17.20 -6.87
C PHE A 9 0.32 -16.63 -7.70
N PHE A 10 -0.88 -16.79 -7.18
CA PHE A 10 -2.07 -16.29 -7.85
C PHE A 10 -3.32 -16.51 -7.00
N TYR A 11 -4.28 -15.61 -7.16
CA TYR A 11 -5.52 -15.69 -6.41
C TYR A 11 -6.68 -15.08 -7.21
N SER A 12 -7.87 -15.60 -6.96
CA SER A 12 -9.06 -15.11 -7.63
C SER A 12 -9.95 -14.36 -6.65
N ASP A 13 -10.19 -13.09 -6.97
CA ASP A 13 -11.02 -12.25 -6.12
C ASP A 13 -11.21 -10.89 -6.79
N GLN A 14 -12.44 -10.39 -6.72
CA GLN A 14 -12.77 -9.11 -7.31
C GLN A 14 -12.11 -8.97 -8.68
N ASN A 15 -12.36 -9.96 -9.53
CA ASN A 15 -11.80 -9.96 -10.88
C ASN A 15 -12.47 -8.87 -11.70
N VAL A 16 -13.70 -8.55 -11.34
CA VAL A 16 -14.45 -7.53 -12.03
C VAL A 16 -13.84 -6.16 -11.73
N ASP A 17 -12.90 -6.16 -10.81
CA ASP A 17 -12.22 -4.92 -10.43
C ASP A 17 -10.75 -5.01 -10.83
N SER A 18 -10.22 -6.22 -10.77
CA SER A 18 -8.83 -6.45 -11.13
C SER A 18 -8.57 -5.99 -12.57
N ARG A 19 -9.47 -6.41 -13.45
CA ARG A 19 -9.36 -6.06 -14.85
C ARG A 19 -9.35 -4.54 -15.01
N ASP A 20 -10.53 -3.95 -14.87
CA ASP A 20 -10.67 -2.51 -14.99
C ASP A 20 -9.75 -1.82 -13.98
N PRO A 21 -8.69 -1.17 -14.53
CA PRO A 21 -7.73 -0.48 -13.69
C PRO A 21 -8.32 0.84 -13.17
N VAL A 22 -9.28 1.35 -13.91
CA VAL A 22 -9.93 2.60 -13.54
C VAL A 22 -10.56 2.46 -12.15
N GLN A 23 -11.37 1.42 -12.01
CA GLN A 23 -12.03 1.15 -10.74
C GLN A 23 -11.00 0.80 -9.67
N LEU A 24 -9.86 0.32 -10.13
CA LEU A 24 -8.79 -0.06 -9.23
C LEU A 24 -8.02 1.20 -8.78
N ASN A 25 -7.90 2.13 -9.72
CA ASN A 25 -7.20 3.37 -9.44
C ASN A 25 -8.06 4.24 -8.51
N LEU A 26 -9.37 4.17 -8.73
CA LEU A 26 -10.30 4.94 -7.92
C LEU A 26 -10.24 4.44 -6.47
N LEU A 27 -10.10 3.13 -6.34
CA LEU A 27 -10.03 2.51 -5.02
C LEU A 27 -8.69 2.86 -4.37
N TYR A 28 -7.65 2.83 -5.19
CA TYR A 28 -6.31 3.13 -4.71
C TYR A 28 -6.25 4.54 -4.11
N VAL A 29 -6.91 5.46 -4.80
CA VAL A 29 -6.94 6.85 -4.35
C VAL A 29 -7.75 6.94 -3.05
N GLN A 30 -8.92 6.33 -3.08
CA GLN A 30 -9.80 6.35 -1.92
C GLN A 30 -9.06 5.80 -0.70
N ALA A 31 -8.34 4.71 -0.92
CA ALA A 31 -7.59 4.08 0.17
C ALA A 31 -6.56 5.08 0.70
N ARG A 32 -5.77 5.63 -0.22
CA ARG A 32 -4.74 6.59 0.15
C ARG A 32 -5.38 7.77 0.89
N ASP A 33 -6.50 8.22 0.37
CA ASP A 33 -7.21 9.34 0.97
C ASP A 33 -7.61 8.98 2.39
N ASP A 34 -8.12 7.77 2.54
CA ASP A 34 -8.55 7.29 3.84
C ASP A 34 -7.35 7.24 4.79
N ILE A 35 -6.19 6.95 4.21
CA ILE A 35 -4.96 6.88 4.98
C ILE A 35 -4.57 8.28 5.44
N LEU A 36 -4.80 9.24 4.56
CA LEU A 36 -4.47 10.63 4.87
C LEU A 36 -5.60 11.24 5.70
N ASN A 37 -6.76 10.62 5.60
CA ASN A 37 -7.93 11.10 6.33
C ASN A 37 -7.70 10.91 7.83
N GLY A 38 -7.03 9.82 8.16
CA GLY A 38 -6.73 9.52 9.56
C GLY A 38 -7.99 9.02 10.29
N SER A 39 -8.92 8.50 9.50
CA SER A 39 -10.16 7.99 10.06
C SER A 39 -10.01 6.50 10.41
N HIS A 40 -9.20 5.82 9.61
CA HIS A 40 -8.96 4.40 9.83
C HIS A 40 -7.60 4.20 10.47
N PRO A 41 -7.63 3.85 11.79
CA PRO A 41 -6.40 3.63 12.54
C PRO A 41 -5.76 2.29 12.16
N VAL A 42 -5.08 2.29 11.03
CA VAL A 42 -4.42 1.09 10.54
C VAL A 42 -3.07 0.94 11.24
N SER A 43 -2.76 -0.30 11.60
CA SER A 43 -1.51 -0.59 12.27
C SER A 43 -0.35 0.14 11.57
N PHE A 44 0.80 0.10 12.22
CA PHE A 44 1.98 0.75 11.67
C PHE A 44 2.54 -0.04 10.49
N ASP A 45 3.06 -1.22 10.80
CA ASP A 45 3.63 -2.08 9.77
C ASP A 45 2.68 -2.12 8.57
N LYS A 46 1.40 -1.93 8.85
CA LYS A 46 0.40 -1.95 7.80
C LYS A 46 0.51 -0.67 6.98
N ALA A 47 0.03 0.43 7.55
CA ALA A 47 0.08 1.71 6.89
C ALA A 47 1.44 1.88 6.21
N CYS A 48 2.48 1.41 6.90
CA CYS A 48 3.83 1.50 6.39
C CYS A 48 3.90 0.74 5.07
N GLU A 49 3.38 -0.48 5.11
CA GLU A 49 3.38 -1.32 3.92
C GLU A 49 2.95 -0.51 2.69
N PHE A 50 1.79 0.11 2.81
CA PHE A 50 1.26 0.91 1.72
C PHE A 50 2.32 1.86 1.16
N ALA A 51 2.86 2.68 2.05
CA ALA A 51 3.90 3.63 1.66
C ALA A 51 4.85 2.96 0.67
N GLY A 52 5.40 1.83 1.10
CA GLY A 52 6.32 1.08 0.27
C GLY A 52 5.76 0.88 -1.14
N TYR A 53 4.47 0.58 -1.19
CA TYR A 53 3.81 0.37 -2.47
C TYR A 53 3.48 1.71 -3.14
N GLN A 54 2.74 2.53 -2.42
CA GLN A 54 2.35 3.83 -2.94
C GLN A 54 3.55 4.52 -3.58
N CYS A 55 4.68 4.41 -2.90
CA CYS A 55 5.91 5.03 -3.38
C CYS A 55 6.40 4.24 -4.60
N GLN A 56 6.17 2.93 -4.54
CA GLN A 56 6.58 2.07 -5.63
C GLN A 56 5.74 2.33 -6.87
N ILE A 57 4.43 2.22 -6.70
CA ILE A 57 3.51 2.45 -7.79
C ILE A 57 3.79 3.82 -8.42
N GLN A 58 4.25 4.73 -7.59
CA GLN A 58 4.57 6.07 -8.05
C GLN A 58 5.63 6.02 -9.15
N PHE A 59 6.83 5.65 -8.74
CA PHE A 59 7.95 5.55 -9.67
C PHE A 59 8.19 4.10 -10.09
N GLY A 60 8.42 3.26 -9.09
CA GLY A 60 8.66 1.85 -9.34
C GLY A 60 9.74 1.31 -8.39
N PRO A 61 9.91 -0.04 -8.44
CA PRO A 61 10.90 -0.69 -7.60
C PRO A 61 12.32 -0.46 -8.13
N HIS A 62 12.38 0.26 -9.25
CA HIS A 62 13.66 0.56 -9.87
C HIS A 62 14.33 1.71 -9.13
N ASN A 63 14.47 1.55 -7.82
CA ASN A 63 15.09 2.57 -7.00
C ASN A 63 15.20 2.06 -5.57
N GLU A 64 16.29 2.45 -4.92
CA GLU A 64 16.53 2.04 -3.54
C GLU A 64 17.82 2.67 -3.02
N GLN A 65 18.85 2.59 -3.83
CA GLN A 65 20.15 3.15 -3.47
C GLN A 65 20.10 4.68 -3.54
N LYS A 66 19.32 5.18 -4.48
CA LYS A 66 19.17 6.60 -4.67
C LYS A 66 18.01 7.11 -3.81
N HIS A 67 16.85 6.52 -4.04
CA HIS A 67 15.65 6.91 -3.31
C HIS A 67 15.84 6.58 -1.82
N LYS A 68 15.45 7.52 -0.99
CA LYS A 68 15.57 7.34 0.45
C LYS A 68 14.19 7.46 1.09
N PRO A 69 14.05 6.82 2.28
CA PRO A 69 12.78 6.85 3.00
C PRO A 69 12.55 8.21 3.66
N GLY A 70 13.58 9.05 3.58
CA GLY A 70 13.50 10.38 4.16
C GLY A 70 13.04 11.40 3.12
N PHE A 71 13.64 11.32 1.95
CA PHE A 71 13.32 12.23 0.87
C PHE A 71 11.83 12.17 0.54
N LEU A 72 11.30 10.96 0.56
CA LEU A 72 9.88 10.75 0.27
C LEU A 72 9.05 11.74 1.08
N GLU A 73 7.85 11.99 0.59
CA GLU A 73 6.94 12.91 1.24
C GLU A 73 5.99 12.16 2.17
N LEU A 74 6.55 11.65 3.26
CA LEU A 74 5.77 10.91 4.23
C LEU A 74 4.70 11.83 4.83
N LYS A 75 5.00 13.12 4.80
CA LYS A 75 4.08 14.11 5.34
C LYS A 75 2.78 14.10 4.52
N ASP A 76 2.93 13.84 3.24
CA ASP A 76 1.79 13.79 2.34
C ASP A 76 1.60 12.35 1.84
N PHE A 77 1.80 11.41 2.76
CA PHE A 77 1.66 10.01 2.43
C PHE A 77 1.15 9.21 3.63
N LEU A 78 1.74 9.50 4.78
CA LEU A 78 1.34 8.83 6.00
C LEU A 78 0.35 9.71 6.77
N PRO A 79 -0.38 9.05 7.72
CA PRO A 79 -1.35 9.75 8.52
C PRO A 79 -0.68 10.61 9.60
N LYS A 80 -1.04 11.88 9.60
CA LYS A 80 -0.48 12.81 10.56
C LYS A 80 -0.52 12.18 11.97
N GLU A 81 -1.46 11.27 12.13
CA GLU A 81 -1.62 10.59 13.41
C GLU A 81 -0.39 9.75 13.72
N TYR A 82 0.18 9.18 12.67
CA TYR A 82 1.37 8.35 12.82
C TYR A 82 2.64 9.16 12.57
N ILE A 83 2.55 10.04 11.58
CA ILE A 83 3.69 10.89 11.23
C ILE A 83 4.27 11.50 12.50
N LYS A 84 3.39 11.75 13.47
CA LYS A 84 3.81 12.33 14.72
C LYS A 84 4.96 11.50 15.31
N GLN A 85 4.99 10.24 14.93
CA GLN A 85 6.02 9.34 15.40
C GLN A 85 7.18 9.27 14.40
N LYS A 86 6.82 8.94 13.17
CA LYS A 86 7.80 8.84 12.10
C LYS A 86 8.46 7.45 12.14
N GLY A 87 8.54 6.83 10.98
CA GLY A 87 9.13 5.51 10.87
C GLY A 87 9.65 5.25 9.45
N GLU A 88 10.78 5.88 9.17
CA GLU A 88 11.40 5.74 7.86
C GLU A 88 11.94 4.32 7.67
N ARG A 89 12.93 3.99 8.49
CA ARG A 89 13.54 2.67 8.43
C ARG A 89 12.46 1.60 8.23
N LYS A 90 11.34 1.80 8.90
CA LYS A 90 10.23 0.86 8.80
C LYS A 90 9.76 0.80 7.34
N ILE A 91 9.45 1.97 6.80
CA ILE A 91 8.98 2.06 5.43
C ILE A 91 9.89 1.20 4.53
N PHE A 92 11.14 1.61 4.45
CA PHE A 92 12.11 0.89 3.64
C PHE A 92 11.88 -0.62 3.72
N MET A 93 11.59 -1.07 4.93
CA MET A 93 11.36 -2.49 5.17
C MET A 93 10.25 -3.01 4.25
N ALA A 94 9.13 -2.29 4.23
CA ALA A 94 8.00 -2.68 3.42
C ALA A 94 8.45 -2.85 1.97
N HIS A 95 9.42 -2.03 1.59
CA HIS A 95 9.96 -2.08 0.24
C HIS A 95 10.68 -3.42 0.03
N LYS A 96 11.41 -3.82 1.05
CA LYS A 96 12.15 -5.08 0.98
C LYS A 96 11.18 -6.22 0.68
N ASN A 97 9.95 -6.06 1.15
CA ASN A 97 8.92 -7.06 0.94
C ASN A 97 8.32 -6.88 -0.45
N CYS A 98 8.20 -5.61 -0.85
CA CYS A 98 7.65 -5.29 -2.15
C CYS A 98 8.51 -5.94 -3.23
N GLY A 99 9.79 -5.59 -3.20
CA GLY A 99 10.73 -6.13 -4.17
C GLY A 99 10.62 -5.41 -5.51
N ASN A 100 10.38 -6.19 -6.56
CA ASN A 100 10.24 -5.64 -7.89
C ASN A 100 8.86 -5.97 -8.44
N MET A 101 7.85 -5.65 -7.64
CA MET A 101 6.48 -5.91 -8.04
C MET A 101 6.02 -4.94 -9.12
N SER A 102 4.97 -5.34 -9.83
CA SER A 102 4.43 -4.52 -10.90
C SER A 102 3.61 -3.38 -10.32
N GLU A 103 3.70 -2.22 -10.98
CA GLU A 103 2.97 -1.05 -10.54
C GLU A 103 1.49 -1.38 -10.35
N ILE A 104 1.00 -2.24 -11.23
CA ILE A 104 -0.40 -2.65 -11.18
C ILE A 104 -0.59 -3.64 -10.03
N GLU A 105 0.19 -4.71 -10.08
CA GLU A 105 0.11 -5.73 -9.05
C GLU A 105 0.24 -5.10 -7.65
N ALA A 106 0.85 -3.93 -7.63
CA ALA A 106 1.05 -3.21 -6.38
C ALA A 106 -0.24 -2.48 -6.02
N LYS A 107 -0.92 -1.99 -7.06
CA LYS A 107 -2.16 -1.26 -6.86
C LYS A 107 -3.27 -2.24 -6.50
N VAL A 108 -3.27 -3.38 -7.18
CA VAL A 108 -4.26 -4.40 -6.94
C VAL A 108 -4.25 -4.79 -5.45
N ARG A 109 -3.06 -5.09 -4.96
CA ARG A 109 -2.90 -5.47 -3.57
C ARG A 109 -3.30 -4.31 -2.66
N TYR A 110 -2.77 -3.15 -2.96
CA TYR A 110 -3.06 -1.95 -2.18
C TYR A 110 -4.55 -1.90 -1.81
N VAL A 111 -5.38 -2.18 -2.81
CA VAL A 111 -6.81 -2.16 -2.60
C VAL A 111 -7.21 -3.32 -1.68
N LYS A 112 -6.97 -4.52 -2.17
CA LYS A 112 -7.30 -5.72 -1.40
C LYS A 112 -6.81 -5.53 0.04
N LEU A 113 -5.73 -4.78 0.19
CA LEU A 113 -5.16 -4.52 1.49
C LEU A 113 -6.09 -3.57 2.27
N ALA A 114 -6.28 -2.39 1.70
CA ALA A 114 -7.13 -1.39 2.33
C ALA A 114 -8.44 -2.03 2.76
N ARG A 115 -9.11 -2.64 1.80
CA ARG A 115 -10.38 -3.30 2.07
C ARG A 115 -10.19 -4.36 3.15
N SER A 116 -8.97 -4.86 3.26
CA SER A 116 -8.66 -5.88 4.24
C SER A 116 -8.07 -5.23 5.50
N LEU A 117 -8.09 -3.90 5.50
CA LEU A 117 -7.57 -3.15 6.63
C LEU A 117 -8.74 -2.62 7.46
N LYS A 118 -9.81 -2.28 6.78
CA LYS A 118 -10.99 -1.76 7.44
C LYS A 118 -12.01 -2.89 7.62
N THR A 119 -12.59 -2.94 8.81
CA THR A 119 -13.57 -3.96 9.12
C THR A 119 -14.93 -3.31 9.42
N TYR A 120 -14.87 -2.18 10.11
CA TYR A 120 -16.08 -1.47 10.47
C TYR A 120 -16.68 -0.75 9.26
N GLY A 121 -17.91 -1.09 8.95
CA GLY A 121 -18.60 -0.50 7.81
C GLY A 121 -20.01 -0.05 8.21
N GLU A 1 -4.90 -24.50 2.88
CA GLU A 1 -5.89 -24.16 3.89
C GLU A 1 -5.31 -24.36 5.29
N THR A 2 -5.43 -23.32 6.11
CA THR A 2 -4.94 -23.36 7.47
C THR A 2 -3.58 -24.07 7.51
N LEU A 3 -2.63 -23.51 6.79
CA LEU A 3 -1.29 -24.07 6.74
C LEU A 3 -0.36 -23.11 6.00
N LEU A 4 0.74 -22.78 6.66
CA LEU A 4 1.71 -21.86 6.08
C LEU A 4 1.98 -22.28 4.63
N LEU A 5 2.56 -23.46 4.48
CA LEU A 5 2.86 -23.98 3.15
C LEU A 5 3.74 -22.98 2.41
N ARG A 6 5.05 -23.21 2.48
CA ARG A 6 6.01 -22.34 1.82
C ARG A 6 6.78 -23.11 0.75
N ARG A 7 6.63 -22.64 -0.48
CA ARG A 7 7.30 -23.27 -1.60
C ARG A 7 6.95 -22.56 -2.91
N LYS A 8 7.24 -21.27 -2.94
CA LYS A 8 6.96 -20.46 -4.11
C LYS A 8 5.46 -20.48 -4.39
N PHE A 9 5.01 -19.48 -5.14
CA PHE A 9 3.61 -19.37 -5.49
C PHE A 9 3.33 -19.97 -6.86
N PHE A 10 2.05 -20.10 -7.17
CA PHE A 10 1.63 -20.66 -8.45
C PHE A 10 0.94 -19.60 -9.31
N TYR A 11 1.05 -19.80 -10.62
CA TYR A 11 0.44 -18.86 -11.56
C TYR A 11 -0.92 -18.38 -11.05
N SER A 12 -0.91 -17.19 -10.48
CA SER A 12 -2.14 -16.60 -9.96
C SER A 12 -2.51 -15.35 -10.76
N ASP A 13 -3.65 -15.44 -11.43
CA ASP A 13 -4.13 -14.33 -12.24
C ASP A 13 -5.37 -13.71 -11.57
N GLN A 14 -5.25 -12.44 -11.25
CA GLN A 14 -6.35 -11.72 -10.61
C GLN A 14 -6.83 -10.57 -11.50
N ASN A 15 -7.13 -10.91 -12.74
CA ASN A 15 -7.59 -9.92 -13.70
C ASN A 15 -9.11 -9.99 -13.81
N VAL A 16 -9.64 -11.16 -13.51
CA VAL A 16 -11.08 -11.38 -13.57
C VAL A 16 -11.75 -10.55 -12.47
N ASP A 17 -10.93 -10.00 -11.60
CA ASP A 17 -11.44 -9.19 -10.50
C ASP A 17 -10.98 -7.74 -10.70
N SER A 18 -9.69 -7.58 -10.88
CA SER A 18 -9.12 -6.25 -11.09
C SER A 18 -9.01 -5.95 -12.58
N ARG A 19 -9.94 -6.51 -13.34
CA ARG A 19 -9.97 -6.32 -14.78
C ARG A 19 -9.78 -4.83 -15.10
N ASP A 20 -10.72 -4.02 -14.63
CA ASP A 20 -10.67 -2.60 -14.87
C ASP A 20 -9.75 -1.94 -13.84
N PRO A 21 -8.62 -1.38 -14.36
CA PRO A 21 -7.65 -0.73 -13.49
C PRO A 21 -8.16 0.63 -13.04
N VAL A 22 -9.00 1.23 -13.88
CA VAL A 22 -9.55 2.54 -13.58
C VAL A 22 -10.25 2.49 -12.22
N GLN A 23 -11.18 1.54 -12.10
CA GLN A 23 -11.93 1.38 -10.87
C GLN A 23 -10.98 0.99 -9.73
N LEU A 24 -9.85 0.42 -10.11
CA LEU A 24 -8.86 0.01 -9.13
C LEU A 24 -8.08 1.24 -8.65
N ASN A 25 -7.81 2.14 -9.58
CA ASN A 25 -7.08 3.35 -9.28
C ASN A 25 -7.94 4.26 -8.40
N LEU A 26 -9.23 4.29 -8.72
CA LEU A 26 -10.17 5.10 -7.98
C LEU A 26 -10.23 4.62 -6.53
N LEU A 27 -10.13 3.30 -6.37
CA LEU A 27 -10.17 2.71 -5.05
C LEU A 27 -8.85 2.98 -4.34
N TYR A 28 -7.76 2.71 -5.03
CA TYR A 28 -6.43 2.93 -4.48
C TYR A 28 -6.31 4.33 -3.89
N VAL A 29 -6.80 5.31 -4.64
CA VAL A 29 -6.76 6.69 -4.20
C VAL A 29 -7.62 6.85 -2.94
N GLN A 30 -8.87 6.42 -3.07
CA GLN A 30 -9.81 6.52 -1.95
C GLN A 30 -9.25 5.79 -0.73
N ALA A 31 -8.68 4.62 -0.99
CA ALA A 31 -8.12 3.81 0.08
C ALA A 31 -7.07 4.63 0.84
N ARG A 32 -6.11 5.14 0.07
CA ARG A 32 -5.05 5.95 0.65
C ARG A 32 -5.63 7.16 1.37
N ASP A 33 -6.54 7.83 0.68
CA ASP A 33 -7.18 9.01 1.24
C ASP A 33 -7.70 8.69 2.64
N ASP A 34 -8.38 7.56 2.74
CA ASP A 34 -8.92 7.13 4.02
C ASP A 34 -7.81 7.09 5.06
N ILE A 35 -6.65 6.61 4.62
CA ILE A 35 -5.51 6.51 5.50
C ILE A 35 -5.06 7.91 5.92
N LEU A 36 -4.99 8.79 4.94
CA LEU A 36 -4.58 10.16 5.18
C LEU A 36 -5.64 10.85 6.05
N ASN A 37 -6.90 10.54 5.76
CA ASN A 37 -8.00 11.12 6.50
C ASN A 37 -7.83 10.80 7.99
N GLY A 38 -7.32 9.60 8.25
CA GLY A 38 -7.11 9.16 9.62
C GLY A 38 -8.43 8.76 10.27
N SER A 39 -9.17 7.90 9.58
CA SER A 39 -10.44 7.43 10.08
C SER A 39 -10.33 5.97 10.52
N HIS A 40 -9.86 5.14 9.60
CA HIS A 40 -9.69 3.73 9.89
C HIS A 40 -8.46 3.52 10.76
N PRO A 41 -8.71 3.05 12.02
CA PRO A 41 -7.64 2.80 12.96
C PRO A 41 -6.88 1.53 12.60
N VAL A 42 -6.13 1.61 11.50
CA VAL A 42 -5.35 0.47 11.05
C VAL A 42 -4.00 0.47 11.75
N SER A 43 -3.45 -0.73 11.90
CA SER A 43 -2.16 -0.88 12.56
C SER A 43 -1.12 0.01 11.89
N PHE A 44 0.02 0.14 12.55
CA PHE A 44 1.10 0.96 12.04
C PHE A 44 1.81 0.27 10.86
N ASP A 45 2.13 -0.99 11.08
CA ASP A 45 2.81 -1.77 10.05
C ASP A 45 2.01 -1.69 8.76
N LYS A 46 0.71 -1.91 8.89
CA LYS A 46 -0.18 -1.88 7.73
C LYS A 46 0.04 -0.56 6.97
N ALA A 47 -0.38 0.53 7.59
CA ALA A 47 -0.24 1.84 6.99
C ALA A 47 1.17 1.97 6.40
N CYS A 48 2.12 1.37 7.09
CA CYS A 48 3.51 1.42 6.65
C CYS A 48 3.60 0.76 5.28
N GLU A 49 2.96 -0.40 5.17
CA GLU A 49 2.95 -1.13 3.91
C GLU A 49 2.58 -0.20 2.75
N PHE A 50 1.38 0.35 2.84
CA PHE A 50 0.89 1.24 1.80
C PHE A 50 2.00 2.18 1.32
N ALA A 51 2.50 2.99 2.23
CA ALA A 51 3.56 3.93 1.92
C ALA A 51 4.58 3.24 1.01
N GLY A 52 5.23 2.24 1.56
CA GLY A 52 6.24 1.49 0.82
C GLY A 52 5.78 1.24 -0.62
N TYR A 53 4.57 0.70 -0.73
CA TYR A 53 4.00 0.41 -2.04
C TYR A 53 3.83 1.70 -2.86
N GLN A 54 3.34 2.73 -2.19
CA GLN A 54 3.13 4.01 -2.85
C GLN A 54 4.37 4.41 -3.64
N CYS A 55 5.48 4.52 -2.93
CA CYS A 55 6.73 4.90 -3.55
C CYS A 55 6.97 3.98 -4.76
N GLN A 56 6.66 2.70 -4.56
CA GLN A 56 6.84 1.73 -5.62
C GLN A 56 6.00 2.12 -6.84
N ILE A 57 4.69 2.10 -6.66
CA ILE A 57 3.78 2.45 -7.73
C ILE A 57 4.13 3.85 -8.27
N GLN A 58 4.64 4.67 -7.37
CA GLN A 58 5.02 6.03 -7.73
C GLN A 58 6.04 6.00 -8.86
N PHE A 59 7.23 5.51 -8.53
CA PHE A 59 8.30 5.43 -9.50
C PHE A 59 8.51 3.99 -9.98
N GLY A 60 8.70 3.10 -9.02
CA GLY A 60 8.90 1.70 -9.33
C GLY A 60 10.09 1.13 -8.56
N PRO A 61 10.81 0.19 -9.23
CA PRO A 61 11.97 -0.43 -8.62
C PRO A 61 13.17 0.52 -8.61
N HIS A 62 12.95 1.70 -9.17
CA HIS A 62 14.00 2.70 -9.24
C HIS A 62 14.09 3.43 -7.90
N ASN A 63 14.26 2.63 -6.85
CA ASN A 63 14.36 3.18 -5.50
C ASN A 63 15.05 2.17 -4.59
N GLU A 64 15.14 2.53 -3.32
CA GLU A 64 15.78 1.65 -2.34
C GLU A 64 17.30 1.69 -2.50
N GLN A 65 17.76 1.32 -3.68
CA GLN A 65 19.18 1.31 -3.97
C GLN A 65 19.61 2.66 -4.57
N LYS A 66 18.61 3.44 -4.96
CA LYS A 66 18.87 4.74 -5.55
C LYS A 66 18.31 5.83 -4.62
N HIS A 67 17.01 5.75 -4.38
CA HIS A 67 16.35 6.71 -3.52
C HIS A 67 16.36 6.21 -2.07
N LYS A 68 16.18 7.15 -1.16
CA LYS A 68 16.17 6.82 0.25
C LYS A 68 14.81 7.17 0.85
N PRO A 69 14.48 6.50 1.99
CA PRO A 69 13.22 6.73 2.67
C PRO A 69 13.23 8.07 3.40
N GLY A 70 14.42 8.64 3.50
CA GLY A 70 14.56 9.92 4.19
C GLY A 70 14.04 11.07 3.32
N PHE A 71 13.84 10.77 2.05
CA PHE A 71 13.35 11.75 1.11
C PHE A 71 11.82 11.72 1.03
N LEU A 72 11.27 10.59 1.45
CA LEU A 72 9.83 10.41 1.43
C LEU A 72 9.16 11.60 2.15
N GLU A 73 7.90 11.80 1.84
CA GLU A 73 7.14 12.89 2.44
C GLU A 73 5.97 12.33 3.24
N LEU A 74 6.29 11.72 4.37
CA LEU A 74 5.28 11.14 5.24
C LEU A 74 4.17 12.17 5.48
N LYS A 75 4.54 13.44 5.31
CA LYS A 75 3.59 14.52 5.50
C LYS A 75 2.44 14.36 4.52
N ASP A 76 2.79 14.06 3.28
CA ASP A 76 1.80 13.87 2.24
C ASP A 76 1.76 12.40 1.82
N PHE A 77 1.91 11.53 2.82
CA PHE A 77 1.89 10.10 2.57
C PHE A 77 1.13 9.36 3.65
N LEU A 78 1.39 9.75 4.89
CA LEU A 78 0.74 9.13 6.03
C LEU A 78 0.01 10.20 6.83
N PRO A 79 -0.83 9.73 7.80
CA PRO A 79 -1.59 10.64 8.64
C PRO A 79 -0.69 11.28 9.70
N LYS A 80 -1.11 12.48 10.13
CA LYS A 80 -0.35 13.21 11.14
C LYS A 80 -0.01 12.27 12.30
N GLU A 81 -0.87 11.28 12.48
CA GLU A 81 -0.69 10.31 13.55
C GLU A 81 0.68 9.63 13.41
N TYR A 82 1.16 9.57 12.17
CA TYR A 82 2.45 8.95 11.91
C TYR A 82 3.51 10.01 11.62
N ILE A 83 3.09 11.07 10.94
CA ILE A 83 3.98 12.15 10.59
C ILE A 83 4.95 12.41 11.76
N LYS A 84 4.37 12.64 12.92
CA LYS A 84 5.16 12.89 14.11
C LYS A 84 6.21 11.79 14.27
N GLN A 85 5.73 10.55 14.18
CA GLN A 85 6.61 9.40 14.31
C GLN A 85 7.67 9.42 13.20
N LYS A 86 7.18 9.45 11.97
CA LYS A 86 8.07 9.47 10.81
C LYS A 86 8.77 8.11 10.69
N GLY A 87 8.06 7.18 10.08
CA GLY A 87 8.60 5.84 9.90
C GLY A 87 9.84 5.87 9.01
N GLU A 88 9.60 5.75 7.71
CA GLU A 88 10.68 5.77 6.74
C GLU A 88 11.54 4.51 6.89
N ARG A 89 12.25 4.45 8.01
CA ARG A 89 13.10 3.31 8.30
C ARG A 89 12.31 2.00 8.18
N LYS A 90 11.02 2.11 8.43
CA LYS A 90 10.14 0.95 8.35
C LYS A 90 9.64 0.79 6.91
N ILE A 91 9.18 1.91 6.36
CA ILE A 91 8.66 1.90 5.01
C ILE A 91 9.63 1.13 4.10
N PHE A 92 10.90 1.49 4.21
CA PHE A 92 11.93 0.84 3.40
C PHE A 92 11.76 -0.69 3.43
N MET A 93 11.75 -1.22 4.64
CA MET A 93 11.59 -2.66 4.80
C MET A 93 10.50 -3.21 3.89
N ALA A 94 9.35 -2.54 3.93
CA ALA A 94 8.23 -2.96 3.11
C ALA A 94 8.66 -3.02 1.64
N HIS A 95 9.32 -1.95 1.21
CA HIS A 95 9.80 -1.88 -0.16
C HIS A 95 10.69 -3.09 -0.47
N LYS A 96 11.64 -3.32 0.43
CA LYS A 96 12.55 -4.44 0.26
C LYS A 96 11.76 -5.71 -0.03
N ASN A 97 10.53 -5.74 0.49
CA ASN A 97 9.66 -6.89 0.30
C ASN A 97 9.05 -6.82 -1.10
N CYS A 98 8.48 -5.67 -1.40
CA CYS A 98 7.85 -5.46 -2.71
C CYS A 98 8.84 -5.90 -3.79
N GLY A 99 10.00 -5.26 -3.77
CA GLY A 99 11.04 -5.57 -4.74
C GLY A 99 10.76 -4.89 -6.08
N ASN A 100 10.84 -5.68 -7.15
CA ASN A 100 10.60 -5.17 -8.48
C ASN A 100 9.24 -5.68 -8.97
N MET A 101 8.26 -5.59 -8.10
CA MET A 101 6.91 -6.03 -8.43
C MET A 101 6.24 -5.07 -9.40
N SER A 102 5.25 -5.59 -10.12
CA SER A 102 4.53 -4.79 -11.09
C SER A 102 3.84 -3.62 -10.38
N GLU A 103 3.76 -2.50 -11.10
CA GLU A 103 3.13 -1.31 -10.55
C GLU A 103 1.65 -1.57 -10.28
N ILE A 104 1.06 -2.39 -11.14
CA ILE A 104 -0.35 -2.72 -11.01
C ILE A 104 -0.53 -3.71 -9.85
N GLU A 105 0.18 -4.82 -9.95
CA GLU A 105 0.11 -5.85 -8.92
C GLU A 105 0.30 -5.23 -7.54
N ALA A 106 0.97 -4.09 -7.52
CA ALA A 106 1.22 -3.38 -6.27
C ALA A 106 -0.03 -2.64 -5.85
N LYS A 107 -0.66 -1.99 -6.83
CA LYS A 107 -1.86 -1.22 -6.58
C LYS A 107 -2.98 -2.19 -6.16
N VAL A 108 -3.04 -3.32 -6.84
CA VAL A 108 -4.05 -4.32 -6.54
C VAL A 108 -4.03 -4.64 -5.05
N ARG A 109 -2.87 -5.09 -4.59
CA ARG A 109 -2.70 -5.44 -3.18
C ARG A 109 -3.10 -4.25 -2.30
N TYR A 110 -2.85 -3.06 -2.81
CA TYR A 110 -3.17 -1.85 -2.09
C TYR A 110 -4.66 -1.80 -1.74
N VAL A 111 -5.48 -1.93 -2.76
CA VAL A 111 -6.92 -1.90 -2.58
C VAL A 111 -7.35 -3.11 -1.74
N LYS A 112 -6.73 -4.25 -2.05
CA LYS A 112 -7.04 -5.47 -1.34
C LYS A 112 -6.63 -5.32 0.13
N LEU A 113 -5.59 -4.54 0.35
CA LEU A 113 -5.10 -4.31 1.69
C LEU A 113 -6.08 -3.39 2.43
N ALA A 114 -6.40 -2.28 1.80
CA ALA A 114 -7.33 -1.33 2.38
C ALA A 114 -8.67 -2.00 2.64
N ARG A 115 -9.18 -2.64 1.60
CA ARG A 115 -10.46 -3.34 1.70
C ARG A 115 -10.33 -4.54 2.64
N SER A 116 -9.09 -4.89 2.95
CA SER A 116 -8.83 -6.01 3.83
C SER A 116 -8.88 -5.55 5.30
N LEU A 117 -8.44 -4.32 5.51
CA LEU A 117 -8.44 -3.76 6.85
C LEU A 117 -9.87 -3.42 7.26
N LYS A 118 -10.65 -2.95 6.29
CA LYS A 118 -12.02 -2.60 6.53
C LYS A 118 -12.91 -3.83 6.33
N THR A 119 -13.70 -4.12 7.35
CA THR A 119 -14.60 -5.26 7.30
C THR A 119 -15.85 -4.93 6.48
N TYR A 120 -15.90 -5.50 5.28
CA TYR A 120 -17.03 -5.28 4.40
C TYR A 120 -17.89 -6.54 4.27
N GLY A 121 -19.18 -6.31 4.14
CA GLY A 121 -20.13 -7.41 4.01
C GLY A 121 -21.55 -6.96 4.31
N GLU A 1 -1.67 -17.18 27.53
CA GLU A 1 -1.22 -18.35 26.80
C GLU A 1 -2.29 -18.79 25.80
N THR A 2 -2.54 -17.94 24.82
CA THR A 2 -3.53 -18.22 23.80
C THR A 2 -2.95 -17.99 22.41
N LEU A 3 -3.17 -18.95 21.53
CA LEU A 3 -2.68 -18.86 20.17
C LEU A 3 -3.87 -18.94 19.19
N LEU A 4 -3.62 -18.47 17.98
CA LEU A 4 -4.65 -18.48 16.96
C LEU A 4 -4.00 -18.76 15.59
N LEU A 5 -4.74 -19.48 14.76
CA LEU A 5 -4.25 -19.82 13.44
C LEU A 5 -4.75 -18.79 12.43
N ARG A 6 -6.07 -18.64 12.40
CA ARG A 6 -6.69 -17.69 11.49
C ARG A 6 -5.78 -17.44 10.28
N ARG A 7 -5.96 -18.25 9.26
CA ARG A 7 -5.18 -18.13 8.05
C ARG A 7 -6.08 -17.80 6.86
N LYS A 8 -5.59 -16.92 6.00
CA LYS A 8 -6.34 -16.52 4.83
C LYS A 8 -5.47 -16.76 3.58
N PHE A 9 -5.46 -18.01 3.14
CA PHE A 9 -4.70 -18.38 1.97
C PHE A 9 -5.41 -17.95 0.69
N PHE A 10 -4.61 -17.61 -0.32
CA PHE A 10 -5.15 -17.18 -1.59
C PHE A 10 -6.12 -16.01 -1.41
N TYR A 11 -6.54 -15.45 -2.53
CA TYR A 11 -7.46 -14.33 -2.52
C TYR A 11 -8.06 -14.09 -3.90
N SER A 12 -9.28 -14.58 -4.08
CA SER A 12 -9.98 -14.43 -5.33
C SER A 12 -11.24 -13.58 -5.15
N ASP A 13 -11.06 -12.27 -5.26
CA ASP A 13 -12.17 -11.34 -5.10
C ASP A 13 -11.90 -10.09 -5.92
N GLN A 14 -12.97 -9.35 -6.19
CA GLN A 14 -12.86 -8.13 -6.98
C GLN A 14 -11.93 -8.34 -8.17
N ASN A 15 -12.32 -9.26 -9.03
CA ASN A 15 -11.52 -9.57 -10.21
C ASN A 15 -12.03 -8.73 -11.39
N VAL A 16 -13.34 -8.51 -11.40
CA VAL A 16 -13.96 -7.74 -12.46
C VAL A 16 -13.55 -6.27 -12.32
N ASP A 17 -12.88 -5.98 -11.21
CA ASP A 17 -12.43 -4.62 -10.93
C ASP A 17 -10.89 -4.59 -10.97
N SER A 18 -10.30 -5.68 -10.50
CA SER A 18 -8.85 -5.78 -10.48
C SER A 18 -8.27 -5.42 -11.84
N ARG A 19 -8.87 -6.00 -12.87
CA ARG A 19 -8.42 -5.75 -14.24
C ARG A 19 -8.42 -4.25 -14.52
N ASP A 20 -9.58 -3.64 -14.33
CA ASP A 20 -9.72 -2.20 -14.58
C ASP A 20 -8.81 -1.44 -13.60
N PRO A 21 -7.76 -0.79 -14.19
CA PRO A 21 -6.83 -0.03 -13.40
C PRO A 21 -7.44 1.30 -12.95
N VAL A 22 -8.34 1.81 -13.76
CA VAL A 22 -9.01 3.07 -13.46
C VAL A 22 -9.71 2.94 -12.10
N GLN A 23 -10.60 1.97 -12.01
CA GLN A 23 -11.34 1.74 -10.79
C GLN A 23 -10.38 1.39 -9.65
N LEU A 24 -9.22 0.89 -10.03
CA LEU A 24 -8.21 0.50 -9.06
C LEU A 24 -7.46 1.75 -8.58
N ASN A 25 -7.31 2.70 -9.50
CA ASN A 25 -6.62 3.93 -9.20
C ASN A 25 -7.53 4.81 -8.33
N LEU A 26 -8.81 4.79 -8.65
CA LEU A 26 -9.78 5.58 -7.91
C LEU A 26 -9.87 5.06 -6.48
N LEU A 27 -9.70 3.75 -6.35
CA LEU A 27 -9.76 3.11 -5.05
C LEU A 27 -8.44 3.34 -4.31
N TYR A 28 -7.36 3.25 -5.06
CA TYR A 28 -6.03 3.45 -4.49
C TYR A 28 -5.92 4.82 -3.83
N VAL A 29 -6.59 5.80 -4.43
CA VAL A 29 -6.57 7.15 -3.91
C VAL A 29 -7.46 7.22 -2.66
N GLN A 30 -8.65 6.67 -2.80
CA GLN A 30 -9.60 6.67 -1.69
C GLN A 30 -9.00 5.96 -0.48
N ALA A 31 -8.30 4.88 -0.76
CA ALA A 31 -7.66 4.11 0.30
C ALA A 31 -6.71 5.01 1.10
N ARG A 32 -5.92 5.76 0.36
CA ARG A 32 -4.96 6.67 0.97
C ARG A 32 -5.70 7.79 1.70
N ASP A 33 -6.55 8.49 0.96
CA ASP A 33 -7.31 9.59 1.53
C ASP A 33 -7.89 9.16 2.87
N ASP A 34 -8.56 8.01 2.86
CA ASP A 34 -9.16 7.48 4.07
C ASP A 34 -8.12 7.49 5.20
N ILE A 35 -6.92 7.01 4.85
CA ILE A 35 -5.84 6.95 5.82
C ILE A 35 -5.49 8.37 6.27
N LEU A 36 -5.38 9.25 5.29
CA LEU A 36 -5.04 10.64 5.57
C LEU A 36 -6.11 11.25 6.48
N ASN A 37 -7.36 10.91 6.19
CA ASN A 37 -8.47 11.41 6.97
C ASN A 37 -8.35 10.89 8.41
N GLY A 38 -7.87 9.67 8.52
CA GLY A 38 -7.70 9.04 9.82
C GLY A 38 -9.00 8.41 10.29
N SER A 39 -9.61 7.64 9.39
CA SER A 39 -10.86 6.96 9.71
C SER A 39 -10.59 5.50 10.07
N HIS A 40 -9.68 4.89 9.32
CA HIS A 40 -9.32 3.51 9.54
C HIS A 40 -7.95 3.44 10.23
N PRO A 41 -7.99 3.13 11.56
CA PRO A 41 -6.76 3.02 12.33
C PRO A 41 -6.03 1.72 12.02
N VAL A 42 -5.35 1.72 10.88
CA VAL A 42 -4.60 0.55 10.45
C VAL A 42 -3.29 0.47 11.25
N SER A 43 -2.79 -0.75 11.38
CA SER A 43 -1.56 -0.98 12.10
C SER A 43 -0.39 -0.30 11.38
N PHE A 44 0.44 0.38 12.17
CA PHE A 44 1.59 1.07 11.61
C PHE A 44 2.25 0.24 10.51
N ASP A 45 2.39 -1.05 10.79
CA ASP A 45 3.00 -1.96 9.84
C ASP A 45 2.25 -1.87 8.50
N LYS A 46 1.00 -2.31 8.54
CA LYS A 46 0.17 -2.29 7.35
C LYS A 46 0.30 -0.93 6.66
N ALA A 47 -0.12 0.11 7.37
CA ALA A 47 -0.05 1.45 6.84
C ALA A 47 1.30 1.66 6.14
N CYS A 48 2.34 1.19 6.80
CA CYS A 48 3.69 1.31 6.26
C CYS A 48 3.71 0.66 4.88
N GLU A 49 3.13 -0.54 4.82
CA GLU A 49 3.07 -1.28 3.56
C GLU A 49 2.63 -0.36 2.43
N PHE A 50 1.43 0.18 2.58
CA PHE A 50 0.89 1.08 1.56
C PHE A 50 1.96 2.03 1.05
N ALA A 51 2.59 2.72 1.99
CA ALA A 51 3.63 3.68 1.64
C ALA A 51 4.64 3.01 0.72
N GLY A 52 5.39 2.06 1.28
CA GLY A 52 6.39 1.35 0.52
C GLY A 52 5.90 1.06 -0.90
N TYR A 53 4.68 0.58 -0.99
CA TYR A 53 4.09 0.26 -2.28
C TYR A 53 3.80 1.54 -3.07
N GLN A 54 3.26 2.52 -2.39
CA GLN A 54 2.94 3.79 -3.01
C GLN A 54 4.11 4.27 -3.87
N CYS A 55 5.18 4.65 -3.18
CA CYS A 55 6.37 5.13 -3.88
C CYS A 55 6.76 4.11 -4.94
N GLN A 56 7.02 2.89 -4.48
CA GLN A 56 7.40 1.81 -5.37
C GLN A 56 6.54 1.84 -6.65
N ILE A 57 5.28 2.20 -6.44
CA ILE A 57 4.34 2.27 -7.55
C ILE A 57 4.52 3.60 -8.28
N GLN A 58 4.32 4.68 -7.55
CA GLN A 58 4.46 6.01 -8.11
C GLN A 58 5.75 6.11 -8.92
N PHE A 59 6.85 5.70 -8.29
CA PHE A 59 8.15 5.75 -8.93
C PHE A 59 8.38 4.48 -9.75
N GLY A 60 8.60 3.38 -9.04
CA GLY A 60 8.84 2.11 -9.69
C GLY A 60 9.88 1.29 -8.92
N PRO A 61 9.93 -0.03 -9.24
CA PRO A 61 10.87 -0.93 -8.60
C PRO A 61 12.29 -0.70 -9.13
N HIS A 62 12.39 0.17 -10.11
CA HIS A 62 13.68 0.47 -10.72
C HIS A 62 14.44 1.46 -9.82
N ASN A 63 14.57 1.09 -8.56
CA ASN A 63 15.27 1.93 -7.60
C ASN A 63 15.33 1.20 -6.25
N GLU A 64 16.35 1.55 -5.48
CA GLU A 64 16.54 0.95 -4.17
C GLU A 64 17.75 1.56 -3.48
N GLN A 65 18.81 1.76 -4.26
CA GLN A 65 20.04 2.33 -3.72
C GLN A 65 20.02 3.85 -3.87
N LYS A 66 19.32 4.31 -4.91
CA LYS A 66 19.22 5.73 -5.17
C LYS A 66 18.10 6.32 -4.29
N HIS A 67 16.97 5.63 -4.31
CA HIS A 67 15.82 6.09 -3.52
C HIS A 67 16.05 5.75 -2.05
N LYS A 68 15.72 6.71 -1.20
CA LYS A 68 15.87 6.52 0.24
C LYS A 68 14.58 6.94 0.95
N PRO A 69 14.37 6.35 2.16
CA PRO A 69 13.19 6.65 2.94
C PRO A 69 13.30 8.03 3.60
N GLY A 70 12.75 9.02 2.91
CA GLY A 70 12.78 10.38 3.42
C GLY A 70 12.24 11.36 2.38
N PHE A 71 12.81 11.30 1.18
CA PHE A 71 12.39 12.16 0.10
C PHE A 71 10.87 12.14 -0.07
N LEU A 72 10.28 11.05 0.39
CA LEU A 72 8.84 10.89 0.30
C LEU A 72 8.15 11.85 1.27
N GLU A 73 6.89 12.13 0.97
CA GLU A 73 6.11 13.03 1.80
C GLU A 73 5.26 12.24 2.80
N LEU A 74 5.93 11.73 3.82
CA LEU A 74 5.25 10.96 4.85
C LEU A 74 4.05 11.75 5.37
N LYS A 75 4.12 13.06 5.19
CA LYS A 75 3.06 13.94 5.63
C LYS A 75 1.85 13.77 4.72
N ASP A 76 2.14 13.63 3.43
CA ASP A 76 1.10 13.46 2.43
C ASP A 76 1.00 11.98 2.05
N PHE A 77 1.42 11.13 2.97
CA PHE A 77 1.39 9.70 2.73
C PHE A 77 0.76 8.96 3.91
N LEU A 78 1.16 9.37 5.10
CA LEU A 78 0.65 8.76 6.32
C LEU A 78 -0.14 9.80 7.11
N PRO A 79 -0.98 9.29 8.06
CA PRO A 79 -1.80 10.16 8.88
C PRO A 79 -0.95 10.86 9.95
N LYS A 80 -1.52 11.91 10.51
CA LYS A 80 -0.83 12.67 11.55
C LYS A 80 -0.18 11.70 12.54
N GLU A 81 -1.00 10.78 13.04
CA GLU A 81 -0.52 9.79 13.99
C GLU A 81 0.88 9.33 13.61
N TYR A 82 1.15 9.36 12.31
CA TYR A 82 2.45 8.93 11.80
C TYR A 82 3.35 10.15 11.54
N ILE A 83 2.77 11.15 10.91
CA ILE A 83 3.50 12.36 10.59
C ILE A 83 4.42 12.72 11.77
N LYS A 84 3.91 12.45 12.96
CA LYS A 84 4.67 12.74 14.17
C LYS A 84 5.87 11.79 14.26
N GLN A 85 5.56 10.51 14.30
CA GLN A 85 6.59 9.49 14.38
C GLN A 85 7.50 9.56 13.16
N LYS A 86 6.90 9.36 11.99
CA LYS A 86 7.65 9.40 10.75
C LYS A 86 8.46 8.11 10.60
N GLY A 87 7.72 7.01 10.43
CA GLY A 87 8.36 5.71 10.27
C GLY A 87 8.95 5.55 8.87
N GLU A 88 10.19 5.99 8.74
CA GLU A 88 10.88 5.90 7.46
C GLU A 88 11.62 4.56 7.35
N ARG A 89 12.57 4.37 8.24
CA ARG A 89 13.36 3.14 8.25
C ARG A 89 12.44 1.93 8.07
N LYS A 90 11.23 2.05 8.60
CA LYS A 90 10.26 0.98 8.50
C LYS A 90 9.70 0.93 7.09
N ILE A 91 9.29 2.09 6.61
CA ILE A 91 8.73 2.19 5.26
C ILE A 91 9.62 1.42 4.29
N PHE A 92 10.91 1.64 4.43
CA PHE A 92 11.88 0.98 3.56
C PHE A 92 11.75 -0.54 3.66
N MET A 93 11.61 -1.01 4.90
CA MET A 93 11.48 -2.44 5.13
C MET A 93 10.41 -3.05 4.23
N ALA A 94 9.26 -2.40 4.19
CA ALA A 94 8.16 -2.87 3.38
C ALA A 94 8.63 -3.01 1.93
N HIS A 95 9.34 -1.99 1.46
CA HIS A 95 9.85 -1.99 0.10
C HIS A 95 10.69 -3.25 -0.12
N LYS A 96 11.62 -3.47 0.79
CA LYS A 96 12.50 -4.63 0.70
C LYS A 96 11.66 -5.87 0.43
N ASN A 97 10.46 -5.87 0.98
CA ASN A 97 9.55 -7.00 0.81
C ASN A 97 8.97 -6.96 -0.60
N CYS A 98 8.45 -5.80 -0.97
CA CYS A 98 7.86 -5.61 -2.28
C CYS A 98 8.85 -6.11 -3.33
N GLY A 99 10.06 -5.56 -3.27
CA GLY A 99 11.10 -5.94 -4.20
C GLY A 99 10.89 -5.28 -5.57
N ASN A 100 10.84 -6.11 -6.59
CA ASN A 100 10.64 -5.62 -7.94
C ASN A 100 9.26 -6.05 -8.44
N MET A 101 8.28 -5.90 -7.57
CA MET A 101 6.91 -6.27 -7.91
C MET A 101 6.30 -5.27 -8.89
N SER A 102 5.36 -5.76 -9.68
CA SER A 102 4.69 -4.93 -10.67
C SER A 102 3.86 -3.86 -9.97
N GLU A 103 3.95 -2.64 -10.49
CA GLU A 103 3.20 -1.53 -9.93
C GLU A 103 1.72 -1.89 -9.82
N ILE A 104 1.23 -2.55 -10.85
CA ILE A 104 -0.17 -2.96 -10.88
C ILE A 104 -0.45 -3.90 -9.71
N GLU A 105 0.24 -5.02 -9.71
CA GLU A 105 0.09 -6.02 -8.66
C GLU A 105 0.28 -5.37 -7.29
N ALA A 106 1.01 -4.27 -7.29
CA ALA A 106 1.28 -3.54 -6.05
C ALA A 106 0.05 -2.70 -5.69
N LYS A 107 -0.42 -1.95 -6.67
CA LYS A 107 -1.58 -1.10 -6.47
C LYS A 107 -2.76 -1.95 -6.01
N VAL A 108 -2.90 -3.11 -6.66
CA VAL A 108 -3.98 -4.02 -6.32
C VAL A 108 -3.95 -4.32 -4.82
N ARG A 109 -2.80 -4.78 -4.37
CA ARG A 109 -2.63 -5.10 -2.95
C ARG A 109 -3.14 -3.95 -2.09
N TYR A 110 -2.94 -2.74 -2.59
CA TYR A 110 -3.37 -1.55 -1.87
C TYR A 110 -4.88 -1.62 -1.55
N VAL A 111 -5.67 -1.65 -2.62
CA VAL A 111 -7.10 -1.72 -2.48
C VAL A 111 -7.48 -2.92 -1.61
N LYS A 112 -6.91 -4.06 -1.97
CA LYS A 112 -7.18 -5.29 -1.23
C LYS A 112 -6.86 -5.08 0.25
N LEU A 113 -5.63 -4.66 0.50
CA LEU A 113 -5.17 -4.42 1.86
C LEU A 113 -6.15 -3.44 2.54
N ALA A 114 -6.44 -2.37 1.82
CA ALA A 114 -7.35 -1.35 2.34
C ALA A 114 -8.69 -2.00 2.67
N ARG A 115 -9.23 -2.71 1.69
CA ARG A 115 -10.51 -3.38 1.88
C ARG A 115 -10.35 -4.58 2.81
N SER A 116 -9.11 -4.85 3.17
CA SER A 116 -8.82 -5.96 4.06
C SER A 116 -8.70 -5.46 5.50
N LEU A 117 -8.33 -4.19 5.62
CA LEU A 117 -8.17 -3.59 6.94
C LEU A 117 -9.55 -3.35 7.56
N LYS A 118 -10.41 -2.71 6.77
CA LYS A 118 -11.76 -2.42 7.22
C LYS A 118 -12.45 -3.72 7.65
N THR A 119 -13.50 -3.57 8.43
CA THR A 119 -14.24 -4.71 8.92
C THR A 119 -15.53 -4.90 8.10
N TYR A 120 -15.81 -6.16 7.79
CA TYR A 120 -17.00 -6.49 7.01
C TYR A 120 -18.23 -6.59 7.91
N GLY A 121 -19.17 -5.70 7.67
CA GLY A 121 -20.40 -5.67 8.46
C GLY A 121 -20.76 -4.24 8.87
N GLU A 1 -28.57 -11.28 -9.46
CA GLU A 1 -28.00 -11.08 -10.78
C GLU A 1 -27.66 -12.42 -11.42
N THR A 2 -26.88 -13.20 -10.67
CA THR A 2 -26.46 -14.51 -11.16
C THR A 2 -25.91 -15.35 -10.01
N LEU A 3 -26.58 -16.46 -9.75
CA LEU A 3 -26.18 -17.35 -8.68
C LEU A 3 -26.25 -18.79 -9.16
N LEU A 4 -25.56 -19.66 -8.45
CA LEU A 4 -25.54 -21.08 -8.80
C LEU A 4 -25.37 -21.92 -7.53
N LEU A 5 -25.62 -23.21 -7.68
CA LEU A 5 -25.51 -24.13 -6.56
C LEU A 5 -24.05 -24.55 -6.40
N ARG A 6 -23.27 -23.67 -5.79
CA ARG A 6 -21.86 -23.93 -5.57
C ARG A 6 -21.21 -22.77 -4.81
N ARG A 7 -20.36 -23.13 -3.87
CA ARG A 7 -19.66 -22.13 -3.07
C ARG A 7 -18.55 -22.79 -2.25
N LYS A 8 -17.65 -21.95 -1.75
CA LYS A 8 -16.54 -22.43 -0.95
C LYS A 8 -16.34 -21.51 0.26
N PHE A 9 -15.91 -20.30 -0.03
CA PHE A 9 -15.68 -19.31 1.02
C PHE A 9 -16.07 -17.91 0.54
N PHE A 10 -17.04 -17.33 1.23
CA PHE A 10 -17.51 -16.00 0.90
C PHE A 10 -17.87 -15.91 -0.59
N TYR A 11 -18.40 -14.75 -0.96
CA TYR A 11 -18.79 -14.52 -2.34
C TYR A 11 -17.59 -14.08 -3.19
N SER A 12 -17.83 -14.00 -4.49
CA SER A 12 -16.79 -13.60 -5.41
C SER A 12 -17.08 -12.21 -5.98
N ASP A 13 -16.35 -11.23 -5.48
CA ASP A 13 -16.52 -9.85 -5.93
C ASP A 13 -15.27 -9.05 -5.60
N GLN A 14 -14.38 -8.98 -6.60
CA GLN A 14 -13.14 -8.24 -6.44
C GLN A 14 -12.32 -8.31 -7.72
N ASN A 15 -12.16 -9.52 -8.22
CA ASN A 15 -11.39 -9.74 -9.44
C ASN A 15 -12.04 -8.94 -10.58
N VAL A 16 -13.32 -8.67 -10.42
CA VAL A 16 -14.05 -7.92 -11.42
C VAL A 16 -13.57 -6.47 -11.42
N ASP A 17 -12.78 -6.14 -10.41
CA ASP A 17 -12.25 -4.80 -10.29
C ASP A 17 -10.74 -4.81 -10.54
N SER A 18 -10.12 -5.93 -10.18
CA SER A 18 -8.69 -6.10 -10.36
C SER A 18 -8.33 -5.88 -11.83
N ARG A 19 -9.18 -6.41 -12.71
CA ARG A 19 -8.96 -6.28 -14.13
C ARG A 19 -8.88 -4.81 -14.53
N ASP A 20 -9.96 -4.10 -14.26
CA ASP A 20 -10.03 -2.68 -14.58
C ASP A 20 -9.11 -1.90 -13.63
N PRO A 21 -8.06 -1.28 -14.22
CA PRO A 21 -7.11 -0.50 -13.44
C PRO A 21 -7.71 0.84 -13.03
N VAL A 22 -8.71 1.27 -13.78
CA VAL A 22 -9.37 2.52 -13.50
C VAL A 22 -10.06 2.44 -12.14
N GLN A 23 -10.96 1.48 -12.03
CA GLN A 23 -11.69 1.28 -10.79
C GLN A 23 -10.72 0.93 -9.65
N LEU A 24 -9.58 0.39 -10.04
CA LEU A 24 -8.57 0.01 -9.07
C LEU A 24 -7.79 1.25 -8.62
N ASN A 25 -7.60 2.16 -9.57
CA ASN A 25 -6.88 3.39 -9.29
C ASN A 25 -7.76 4.30 -8.42
N LEU A 26 -9.05 4.27 -8.71
CA LEU A 26 -10.00 5.08 -7.96
C LEU A 26 -10.02 4.62 -6.50
N LEU A 27 -9.91 3.32 -6.32
CA LEU A 27 -9.92 2.74 -4.99
C LEU A 27 -8.63 3.14 -4.26
N TYR A 28 -7.51 2.82 -4.87
CA TYR A 28 -6.22 3.14 -4.29
C TYR A 28 -6.21 4.55 -3.71
N VAL A 29 -6.78 5.48 -4.48
CA VAL A 29 -6.85 6.87 -4.05
C VAL A 29 -7.75 6.97 -2.82
N GLN A 30 -8.98 6.52 -2.98
CA GLN A 30 -9.94 6.55 -1.90
C GLN A 30 -9.37 5.87 -0.65
N ALA A 31 -8.71 4.74 -0.89
CA ALA A 31 -8.11 3.98 0.19
C ALA A 31 -7.15 4.88 0.97
N ARG A 32 -6.15 5.39 0.27
CA ARG A 32 -5.18 6.27 0.88
C ARG A 32 -5.85 7.51 1.45
N ASP A 33 -6.74 8.08 0.65
CA ASP A 33 -7.47 9.27 1.06
C ASP A 33 -8.01 9.07 2.48
N ASP A 34 -8.64 7.92 2.68
CA ASP A 34 -9.20 7.60 3.97
C ASP A 34 -8.07 7.51 5.01
N ILE A 35 -6.92 7.08 4.54
CA ILE A 35 -5.76 6.94 5.41
C ILE A 35 -5.20 8.33 5.73
N LEU A 36 -5.28 9.21 4.74
CA LEU A 36 -4.79 10.57 4.91
C LEU A 36 -5.79 11.37 5.73
N ASN A 37 -7.06 11.00 5.58
CA ASN A 37 -8.13 11.67 6.31
C ASN A 37 -7.98 11.40 7.80
N GLY A 38 -7.45 10.22 8.10
CA GLY A 38 -7.25 9.82 9.49
C GLY A 38 -8.56 9.36 10.12
N SER A 39 -9.29 8.55 9.36
CA SER A 39 -10.56 8.03 9.84
C SER A 39 -10.43 6.55 10.18
N HIS A 40 -9.83 5.80 9.26
CA HIS A 40 -9.63 4.38 9.45
C HIS A 40 -8.27 4.14 10.13
N PRO A 41 -8.34 3.60 11.38
CA PRO A 41 -7.13 3.32 12.13
C PRO A 41 -6.42 2.07 11.59
N VAL A 42 -5.67 2.28 10.53
CA VAL A 42 -4.94 1.19 9.90
C VAL A 42 -3.69 0.89 10.73
N SER A 43 -3.50 -0.39 11.02
CA SER A 43 -2.35 -0.83 11.80
C SER A 43 -1.09 -0.10 11.33
N PHE A 44 -0.36 0.45 12.29
CA PHE A 44 0.85 1.17 11.99
C PHE A 44 1.68 0.44 10.93
N ASP A 45 2.16 -0.73 11.30
CA ASP A 45 2.96 -1.53 10.39
C ASP A 45 2.25 -1.63 9.04
N LYS A 46 0.94 -1.82 9.11
CA LYS A 46 0.14 -1.93 7.90
C LYS A 46 0.21 -0.62 7.13
N ALA A 47 -0.35 0.42 7.74
CA ALA A 47 -0.36 1.74 7.11
C ALA A 47 1.01 2.00 6.49
N CYS A 48 2.04 1.62 7.21
CA CYS A 48 3.41 1.80 6.74
C CYS A 48 3.58 1.02 5.44
N GLU A 49 3.14 -0.23 5.47
CA GLU A 49 3.24 -1.10 4.31
C GLU A 49 2.89 -0.32 3.04
N PHE A 50 1.76 0.41 3.12
CA PHE A 50 1.31 1.19 1.99
C PHE A 50 2.37 2.20 1.55
N ALA A 51 2.78 3.02 2.50
CA ALA A 51 3.79 4.03 2.24
C ALA A 51 4.87 3.45 1.33
N GLY A 52 5.43 2.33 1.77
CA GLY A 52 6.47 1.66 1.02
C GLY A 52 6.02 1.37 -0.41
N TYR A 53 4.81 0.81 -0.51
CA TYR A 53 4.25 0.47 -1.80
C TYR A 53 3.97 1.73 -2.62
N GLN A 54 3.53 2.77 -1.93
CA GLN A 54 3.22 4.03 -2.58
C GLN A 54 4.41 4.48 -3.43
N CYS A 55 5.57 4.55 -2.79
CA CYS A 55 6.78 4.97 -3.48
C CYS A 55 6.97 4.07 -4.70
N GLN A 56 6.74 2.78 -4.50
CA GLN A 56 6.89 1.82 -5.58
C GLN A 56 5.95 2.19 -6.74
N ILE A 57 4.66 2.14 -6.46
CA ILE A 57 3.67 2.46 -7.46
C ILE A 57 3.93 3.86 -8.01
N GLN A 58 4.50 4.70 -7.16
CA GLN A 58 4.81 6.06 -7.54
C GLN A 58 5.80 6.08 -8.71
N PHE A 59 7.02 5.67 -8.41
CA PHE A 59 8.06 5.63 -9.43
C PHE A 59 8.35 4.20 -9.86
N GLY A 60 8.56 3.34 -8.87
CA GLY A 60 8.84 1.94 -9.13
C GLY A 60 10.12 1.50 -8.41
N PRO A 61 10.38 0.17 -8.46
CA PRO A 61 11.57 -0.38 -7.82
C PRO A 61 12.82 -0.08 -8.63
N HIS A 62 12.62 0.64 -9.73
CA HIS A 62 13.73 1.01 -10.60
C HIS A 62 14.47 2.20 -10.01
N ASN A 63 14.89 2.03 -8.77
CA ASN A 63 15.62 3.09 -8.07
C ASN A 63 16.06 2.58 -6.70
N GLU A 64 17.26 2.98 -6.31
CA GLU A 64 17.81 2.58 -5.03
C GLU A 64 19.25 3.07 -4.89
N GLN A 65 19.95 3.09 -6.01
CA GLN A 65 21.33 3.54 -6.04
C GLN A 65 21.40 5.05 -5.82
N LYS A 66 20.33 5.73 -6.23
CA LYS A 66 20.27 7.17 -6.09
C LYS A 66 19.12 7.53 -5.14
N HIS A 67 17.92 7.14 -5.55
CA HIS A 67 16.74 7.41 -4.75
C HIS A 67 16.64 6.39 -3.61
N LYS A 68 16.23 6.89 -2.46
CA LYS A 68 16.10 6.05 -1.28
C LYS A 68 14.68 6.19 -0.72
N PRO A 69 14.25 5.13 0.02
CA PRO A 69 12.92 5.12 0.61
C PRO A 69 12.86 6.06 1.84
N GLY A 70 13.22 7.30 1.61
CA GLY A 70 13.22 8.29 2.67
C GLY A 70 12.69 9.63 2.17
N PHE A 71 13.27 10.09 1.07
CA PHE A 71 12.87 11.35 0.48
C PHE A 71 11.35 11.52 0.52
N LEU A 72 10.66 10.39 0.50
CA LEU A 72 9.21 10.40 0.54
C LEU A 72 8.73 11.47 1.53
N GLU A 73 7.50 11.90 1.33
CA GLU A 73 6.92 12.91 2.19
C GLU A 73 5.96 12.27 3.20
N LEU A 74 6.55 11.64 4.21
CA LEU A 74 5.78 10.98 5.24
C LEU A 74 4.70 11.94 5.75
N LYS A 75 4.96 13.23 5.58
CA LYS A 75 4.02 14.25 6.01
C LYS A 75 2.78 14.21 5.11
N ASP A 76 3.03 13.97 3.83
CA ASP A 76 1.95 13.91 2.87
C ASP A 76 1.79 12.47 2.37
N PHE A 77 1.98 11.53 3.28
CA PHE A 77 1.88 10.11 2.95
C PHE A 77 1.04 9.37 3.99
N LEU A 78 1.30 9.69 5.26
CA LEU A 78 0.58 9.06 6.35
C LEU A 78 -0.26 10.11 7.08
N PRO A 79 -1.13 9.62 7.99
CA PRO A 79 -2.00 10.51 8.76
C PRO A 79 -1.20 11.22 9.86
N LYS A 80 -1.42 12.53 9.95
CA LYS A 80 -0.74 13.34 10.95
C LYS A 80 -0.63 12.54 12.25
N GLU A 81 -1.63 11.69 12.47
CA GLU A 81 -1.66 10.87 13.67
C GLU A 81 -0.39 10.01 13.76
N TYR A 82 -0.12 9.31 12.68
CA TYR A 82 1.05 8.45 12.63
C TYR A 82 2.31 9.26 12.33
N ILE A 83 2.18 10.19 11.40
CA ILE A 83 3.30 11.04 11.01
C ILE A 83 4.10 11.40 12.26
N LYS A 84 3.40 11.88 13.27
CA LYS A 84 4.03 12.27 14.51
C LYS A 84 5.08 11.22 14.89
N GLN A 85 4.64 9.97 14.86
CA GLN A 85 5.52 8.87 15.20
C GLN A 85 6.63 8.73 14.16
N LYS A 86 6.22 8.72 12.90
CA LYS A 86 7.16 8.60 11.80
C LYS A 86 7.74 7.19 11.78
N GLY A 87 7.68 6.56 10.62
CA GLY A 87 8.20 5.21 10.47
C GLY A 87 8.92 5.05 9.13
N GLU A 88 10.19 5.45 9.13
CA GLU A 88 11.00 5.36 7.93
C GLU A 88 11.61 3.96 7.80
N ARG A 89 12.12 3.46 8.92
CA ARG A 89 12.73 2.15 8.95
C ARG A 89 11.69 1.07 8.60
N LYS A 90 10.44 1.36 8.96
CA LYS A 90 9.36 0.44 8.69
C LYS A 90 9.08 0.41 7.19
N ILE A 91 8.84 1.59 6.64
CA ILE A 91 8.55 1.71 5.22
C ILE A 91 9.62 0.96 4.43
N PHE A 92 10.86 1.10 4.87
CA PHE A 92 11.97 0.44 4.22
C PHE A 92 11.71 -1.06 4.07
N MET A 93 11.46 -1.70 5.20
CA MET A 93 11.19 -3.13 5.22
C MET A 93 10.20 -3.51 4.11
N ALA A 94 9.16 -2.69 3.99
CA ALA A 94 8.13 -2.92 2.98
C ALA A 94 8.79 -2.93 1.59
N HIS A 95 9.73 -2.02 1.41
CA HIS A 95 10.42 -1.92 0.14
C HIS A 95 11.16 -3.23 -0.15
N LYS A 96 11.52 -3.92 0.92
CA LYS A 96 12.22 -5.18 0.79
C LYS A 96 11.22 -6.29 0.45
N ASN A 97 10.00 -6.11 0.93
CA ASN A 97 8.95 -7.09 0.69
C ASN A 97 8.43 -6.91 -0.75
N CYS A 98 8.18 -5.65 -1.09
CA CYS A 98 7.68 -5.34 -2.42
C CYS A 98 8.65 -5.92 -3.45
N GLY A 99 9.91 -5.53 -3.33
CA GLY A 99 10.93 -5.99 -4.24
C GLY A 99 10.82 -5.30 -5.59
N ASN A 100 10.44 -6.07 -6.60
CA ASN A 100 10.30 -5.54 -7.94
C ASN A 100 8.90 -5.84 -8.47
N MET A 101 7.91 -5.56 -7.63
CA MET A 101 6.53 -5.80 -7.99
C MET A 101 6.05 -4.78 -9.04
N SER A 102 5.04 -5.20 -9.80
CA SER A 102 4.49 -4.33 -10.83
C SER A 102 3.64 -3.23 -10.18
N GLU A 103 3.69 -2.06 -10.79
CA GLU A 103 2.94 -0.92 -10.29
C GLU A 103 1.48 -1.31 -10.07
N ILE A 104 0.99 -2.17 -10.95
CA ILE A 104 -0.39 -2.63 -10.86
C ILE A 104 -0.50 -3.67 -9.74
N GLU A 105 0.30 -4.70 -9.85
CA GLU A 105 0.31 -5.76 -8.86
C GLU A 105 0.46 -5.18 -7.46
N ALA A 106 1.13 -4.04 -7.39
CA ALA A 106 1.34 -3.36 -6.13
C ALA A 106 0.07 -2.62 -5.73
N LYS A 107 -0.60 -2.06 -6.74
CA LYS A 107 -1.82 -1.32 -6.52
C LYS A 107 -2.91 -2.27 -6.03
N VAL A 108 -2.97 -3.43 -6.67
CA VAL A 108 -3.95 -4.43 -6.32
C VAL A 108 -3.86 -4.74 -4.83
N ARG A 109 -2.68 -5.18 -4.42
CA ARG A 109 -2.45 -5.51 -3.02
C ARG A 109 -2.77 -4.30 -2.13
N TYR A 110 -2.55 -3.13 -2.69
CA TYR A 110 -2.81 -1.89 -1.96
C TYR A 110 -4.29 -1.78 -1.59
N VAL A 111 -5.13 -1.99 -2.59
CA VAL A 111 -6.56 -1.92 -2.39
C VAL A 111 -7.00 -3.01 -1.41
N LYS A 112 -6.58 -4.23 -1.71
CA LYS A 112 -6.91 -5.37 -0.87
C LYS A 112 -6.53 -5.05 0.58
N LEU A 113 -5.26 -4.67 0.75
CA LEU A 113 -4.76 -4.34 2.08
C LEU A 113 -5.70 -3.33 2.75
N ALA A 114 -6.08 -2.34 1.97
CA ALA A 114 -6.98 -1.30 2.47
C ALA A 114 -8.32 -1.94 2.84
N ARG A 115 -8.72 -2.92 2.06
CA ARG A 115 -9.97 -3.61 2.30
C ARG A 115 -9.77 -4.74 3.31
N SER A 116 -8.52 -4.93 3.69
CA SER A 116 -8.18 -5.96 4.65
C SER A 116 -8.10 -5.37 6.06
N LEU A 117 -7.63 -4.13 6.13
CA LEU A 117 -7.51 -3.44 7.39
C LEU A 117 -8.90 -3.16 7.95
N LYS A 118 -9.70 -2.48 7.15
CA LYS A 118 -11.05 -2.13 7.55
C LYS A 118 -11.69 -3.33 8.24
N THR A 119 -12.45 -3.04 9.29
CA THR A 119 -13.13 -4.09 10.04
C THR A 119 -14.64 -3.98 9.87
N TYR A 120 -15.19 -4.93 9.13
CA TYR A 120 -16.62 -4.95 8.88
C TYR A 120 -17.40 -5.34 10.15
N GLY A 121 -18.59 -4.77 10.27
CA GLY A 121 -19.43 -5.06 11.42
C GLY A 121 -20.80 -4.39 11.27
N GLU A 1 -42.24 -10.83 -11.11
CA GLU A 1 -42.59 -12.22 -11.31
C GLU A 1 -41.34 -13.07 -11.57
N THR A 2 -40.62 -12.68 -12.61
CA THR A 2 -39.40 -13.38 -12.98
C THR A 2 -38.63 -13.80 -11.72
N LEU A 3 -37.94 -14.93 -11.83
CA LEU A 3 -37.16 -15.45 -10.73
C LEU A 3 -36.33 -14.32 -10.12
N LEU A 4 -36.58 -14.05 -8.85
CA LEU A 4 -35.86 -13.00 -8.15
C LEU A 4 -35.79 -13.35 -6.65
N LEU A 5 -35.08 -14.43 -6.37
CA LEU A 5 -34.92 -14.88 -5.00
C LEU A 5 -33.80 -14.07 -4.33
N ARG A 6 -34.17 -13.38 -3.27
CA ARG A 6 -33.20 -12.58 -2.53
C ARG A 6 -32.38 -13.46 -1.59
N ARG A 7 -31.40 -14.13 -2.17
CA ARG A 7 -30.53 -15.01 -1.40
C ARG A 7 -29.40 -15.55 -2.28
N LYS A 8 -28.96 -14.71 -3.21
CA LYS A 8 -27.89 -15.09 -4.12
C LYS A 8 -26.57 -14.57 -3.58
N PHE A 9 -26.59 -13.33 -3.12
CA PHE A 9 -25.39 -12.71 -2.58
C PHE A 9 -24.26 -12.73 -3.60
N PHE A 10 -23.50 -13.82 -3.58
CA PHE A 10 -22.39 -13.98 -4.49
C PHE A 10 -21.36 -12.86 -4.29
N TYR A 11 -20.15 -13.28 -3.94
CA TYR A 11 -19.08 -12.33 -3.72
C TYR A 11 -18.31 -12.04 -5.02
N SER A 12 -18.77 -11.02 -5.72
CA SER A 12 -18.15 -10.63 -6.97
C SER A 12 -17.57 -9.22 -6.85
N ASP A 13 -16.40 -9.15 -6.23
CA ASP A 13 -15.73 -7.86 -6.04
C ASP A 13 -14.32 -8.11 -5.52
N GLN A 14 -13.51 -8.73 -6.37
CA GLN A 14 -12.13 -9.02 -6.00
C GLN A 14 -11.25 -9.04 -7.26
N ASN A 15 -11.46 -10.06 -8.08
CA ASN A 15 -10.70 -10.21 -9.30
C ASN A 15 -11.43 -9.51 -10.45
N VAL A 16 -12.75 -9.44 -10.31
CA VAL A 16 -13.58 -8.79 -11.31
C VAL A 16 -13.37 -7.28 -11.26
N ASP A 17 -12.63 -6.85 -10.24
CA ASP A 17 -12.36 -5.44 -10.06
C ASP A 17 -10.87 -5.19 -10.28
N SER A 18 -10.07 -6.19 -9.94
CA SER A 18 -8.63 -6.09 -10.10
C SER A 18 -8.28 -5.77 -11.56
N ARG A 19 -8.96 -6.46 -12.46
CA ARG A 19 -8.73 -6.25 -13.88
C ARG A 19 -8.80 -4.76 -14.21
N ASP A 20 -9.96 -4.18 -13.93
CA ASP A 20 -10.17 -2.77 -14.20
C ASP A 20 -9.25 -1.94 -13.30
N PRO A 21 -8.28 -1.24 -13.95
CA PRO A 21 -7.33 -0.41 -13.22
C PRO A 21 -8.00 0.89 -12.75
N VAL A 22 -9.04 1.27 -13.47
CA VAL A 22 -9.77 2.49 -13.14
C VAL A 22 -10.38 2.34 -11.75
N GLN A 23 -11.22 1.33 -11.60
CA GLN A 23 -11.88 1.08 -10.33
C GLN A 23 -10.84 0.82 -9.24
N LEU A 24 -9.66 0.42 -9.67
CA LEU A 24 -8.58 0.14 -8.74
C LEU A 24 -7.91 1.46 -8.34
N ASN A 25 -7.83 2.36 -9.30
CA ASN A 25 -7.23 3.66 -9.06
C ASN A 25 -8.16 4.50 -8.19
N LEU A 26 -9.45 4.37 -8.46
CA LEU A 26 -10.45 5.11 -7.70
C LEU A 26 -10.44 4.64 -6.25
N LEU A 27 -10.17 3.35 -6.08
CA LEU A 27 -10.12 2.78 -4.74
C LEU A 27 -8.75 3.05 -4.12
N TYR A 28 -7.72 2.92 -4.95
CA TYR A 28 -6.36 3.15 -4.49
C TYR A 28 -6.21 4.56 -3.91
N VAL A 29 -6.94 5.49 -4.50
CA VAL A 29 -6.90 6.88 -4.07
C VAL A 29 -7.70 7.01 -2.77
N GLN A 30 -8.89 6.45 -2.79
CA GLN A 30 -9.77 6.50 -1.64
C GLN A 30 -9.10 5.85 -0.42
N ALA A 31 -8.44 4.72 -0.68
CA ALA A 31 -7.76 4.00 0.37
C ALA A 31 -6.73 4.91 1.03
N ARG A 32 -6.00 5.63 0.18
CA ARG A 32 -4.98 6.54 0.66
C ARG A 32 -5.63 7.71 1.41
N ASP A 33 -6.50 8.41 0.71
CA ASP A 33 -7.19 9.55 1.30
C ASP A 33 -7.69 9.17 2.70
N ASP A 34 -8.50 8.13 2.74
CA ASP A 34 -9.05 7.65 4.00
C ASP A 34 -7.95 7.65 5.06
N ILE A 35 -6.81 7.09 4.68
CA ILE A 35 -5.68 7.02 5.59
C ILE A 35 -5.22 8.44 5.93
N LEU A 36 -5.07 9.25 4.89
CA LEU A 36 -4.64 10.63 5.07
C LEU A 36 -5.68 11.38 5.90
N ASN A 37 -6.88 10.83 5.92
CA ASN A 37 -7.98 11.44 6.66
C ASN A 37 -7.88 11.03 8.14
N GLY A 38 -7.30 9.85 8.35
CA GLY A 38 -7.13 9.34 9.70
C GLY A 38 -8.49 8.96 10.31
N SER A 39 -9.31 8.33 9.49
CA SER A 39 -10.63 7.90 9.92
C SER A 39 -10.58 6.43 10.37
N HIS A 40 -10.02 5.60 9.50
CA HIS A 40 -9.92 4.18 9.78
C HIS A 40 -8.63 3.92 10.58
N PRO A 41 -8.77 3.06 11.63
CA PRO A 41 -7.64 2.73 12.47
C PRO A 41 -6.70 1.75 11.75
N VAL A 42 -5.93 2.29 10.83
CA VAL A 42 -4.98 1.48 10.08
C VAL A 42 -3.81 1.10 10.98
N SER A 43 -3.37 -0.14 10.82
CA SER A 43 -2.26 -0.64 11.62
C SER A 43 -0.94 -0.05 11.11
N PHE A 44 -0.16 0.46 12.04
CA PHE A 44 1.13 1.06 11.70
C PHE A 44 1.81 0.27 10.59
N ASP A 45 2.11 -0.98 10.89
CA ASP A 45 2.77 -1.84 9.93
C ASP A 45 2.03 -1.79 8.59
N LYS A 46 0.76 -2.17 8.64
CA LYS A 46 -0.07 -2.15 7.45
C LYS A 46 0.08 -0.81 6.74
N ALA A 47 -0.29 0.25 7.46
CA ALA A 47 -0.21 1.59 6.91
C ALA A 47 1.11 1.74 6.14
N CYS A 48 2.18 1.33 6.79
CA CYS A 48 3.50 1.41 6.18
C CYS A 48 3.49 0.58 4.89
N GLU A 49 2.93 -0.62 5.01
CA GLU A 49 2.85 -1.52 3.88
C GLU A 49 2.52 -0.74 2.60
N PHE A 50 1.55 0.15 2.72
CA PHE A 50 1.13 0.96 1.60
C PHE A 50 2.25 1.91 1.15
N ALA A 51 2.66 2.77 2.07
CA ALA A 51 3.72 3.72 1.79
C ALA A 51 4.81 3.04 0.96
N GLY A 52 5.26 1.90 1.48
CA GLY A 52 6.31 1.15 0.81
C GLY A 52 5.95 0.91 -0.66
N TYR A 53 4.71 0.50 -0.88
CA TYR A 53 4.23 0.24 -2.23
C TYR A 53 3.99 1.55 -2.99
N GLN A 54 3.31 2.46 -2.33
CA GLN A 54 3.01 3.75 -2.93
C GLN A 54 4.20 4.24 -3.76
N CYS A 55 5.37 4.19 -3.14
CA CYS A 55 6.60 4.62 -3.80
C CYS A 55 6.87 3.68 -4.97
N GLN A 56 6.92 2.38 -4.65
CA GLN A 56 7.18 1.38 -5.66
C GLN A 56 6.25 1.59 -6.87
N ILE A 57 5.07 2.11 -6.58
CA ILE A 57 4.09 2.37 -7.63
C ILE A 57 4.42 3.69 -8.30
N GLN A 58 4.41 4.75 -7.50
CA GLN A 58 4.70 6.08 -8.02
C GLN A 58 6.01 6.06 -8.80
N PHE A 59 7.08 5.67 -8.11
CA PHE A 59 8.39 5.60 -8.73
C PHE A 59 8.50 4.39 -9.65
N GLY A 60 8.38 3.22 -9.05
CA GLY A 60 8.47 1.98 -9.80
C GLY A 60 9.28 0.93 -9.04
N PRO A 61 9.62 -0.16 -9.76
CA PRO A 61 10.38 -1.25 -9.16
C PRO A 61 11.85 -0.85 -8.98
N HIS A 62 12.15 0.37 -9.40
CA HIS A 62 13.51 0.89 -9.29
C HIS A 62 14.11 0.48 -7.94
N ASN A 63 15.43 0.55 -7.86
CA ASN A 63 16.13 0.20 -6.65
C ASN A 63 15.74 1.16 -5.53
N GLU A 64 16.04 0.76 -4.31
CA GLU A 64 15.71 1.57 -3.15
C GLU A 64 16.94 1.74 -2.25
N GLN A 65 18.10 1.76 -2.90
CA GLN A 65 19.35 1.91 -2.18
C GLN A 65 19.79 3.38 -2.17
N LYS A 66 19.66 4.01 -3.32
CA LYS A 66 20.03 5.41 -3.46
C LYS A 66 18.89 6.29 -2.95
N HIS A 67 17.71 6.07 -3.53
CA HIS A 67 16.54 6.84 -3.13
C HIS A 67 16.21 6.55 -1.67
N LYS A 68 16.32 7.59 -0.85
CA LYS A 68 16.03 7.46 0.57
C LYS A 68 14.53 7.57 0.79
N PRO A 69 14.07 6.94 1.90
CA PRO A 69 12.65 6.96 2.25
C PRO A 69 12.23 8.32 2.80
N GLY A 70 13.23 9.20 2.94
CA GLY A 70 12.98 10.53 3.47
C GLY A 70 12.36 11.43 2.38
N PHE A 71 13.02 11.45 1.24
CA PHE A 71 12.55 12.26 0.12
C PHE A 71 11.03 12.22 0.01
N LEU A 72 10.50 11.00 0.07
CA LEU A 72 9.06 10.82 -0.02
C LEU A 72 8.36 11.75 0.97
N GLU A 73 7.16 12.17 0.59
CA GLU A 73 6.38 13.07 1.43
C GLU A 73 5.54 12.27 2.42
N LEU A 74 6.21 11.77 3.44
CA LEU A 74 5.53 10.98 4.47
C LEU A 74 4.36 11.79 5.02
N LYS A 75 4.48 13.10 4.92
CA LYS A 75 3.44 13.99 5.41
C LYS A 75 2.22 13.90 4.48
N ASP A 76 2.51 13.75 3.19
CA ASP A 76 1.45 13.65 2.20
C ASP A 76 1.31 12.19 1.76
N PHE A 77 1.69 11.30 2.66
CA PHE A 77 1.60 9.88 2.38
C PHE A 77 1.09 9.10 3.60
N LEU A 78 1.63 9.45 4.75
CA LEU A 78 1.24 8.80 5.99
C LEU A 78 0.37 9.76 6.81
N PRO A 79 -0.43 9.17 7.73
CA PRO A 79 -1.30 9.95 8.58
C PRO A 79 -0.51 10.65 9.68
N LYS A 80 -1.01 11.80 10.09
CA LYS A 80 -0.37 12.57 11.13
C LYS A 80 0.03 11.64 12.28
N GLU A 81 -0.88 10.76 12.63
CA GLU A 81 -0.64 9.80 13.70
C GLU A 81 0.73 9.15 13.53
N TYR A 82 1.16 9.05 12.28
CA TYR A 82 2.44 8.45 11.97
C TYR A 82 3.52 9.52 11.83
N ILE A 83 3.21 10.55 11.05
CA ILE A 83 4.15 11.63 10.83
C ILE A 83 4.83 11.99 12.15
N LYS A 84 4.03 12.04 13.20
CA LYS A 84 4.54 12.37 14.52
C LYS A 84 5.64 11.37 14.89
N GLN A 85 5.31 10.10 14.72
CA GLN A 85 6.26 9.03 15.04
C GLN A 85 7.45 9.08 14.07
N LYS A 86 7.13 9.14 12.78
CA LYS A 86 8.17 9.19 11.76
C LYS A 86 8.72 7.79 11.53
N GLY A 87 7.98 7.00 10.79
CA GLY A 87 8.38 5.64 10.48
C GLY A 87 8.84 5.52 9.03
N GLU A 88 10.06 5.97 8.78
CA GLU A 88 10.62 5.91 7.45
C GLU A 88 11.37 4.60 7.24
N ARG A 89 12.33 4.36 8.13
CA ARG A 89 13.13 3.14 8.06
C ARG A 89 12.22 1.92 7.89
N LYS A 90 11.01 2.05 8.40
CA LYS A 90 10.04 0.97 8.30
C LYS A 90 9.56 0.84 6.85
N ILE A 91 9.23 1.98 6.26
CA ILE A 91 8.76 1.99 4.89
C ILE A 91 9.76 1.24 4.01
N PHE A 92 10.98 1.76 3.96
CA PHE A 92 12.02 1.15 3.17
C PHE A 92 11.93 -0.38 3.21
N MET A 93 12.06 -0.91 4.42
CA MET A 93 11.99 -2.35 4.61
C MET A 93 10.91 -2.97 3.72
N ALA A 94 9.74 -2.35 3.75
CA ALA A 94 8.62 -2.83 2.95
C ALA A 94 9.04 -2.88 1.48
N HIS A 95 9.57 -1.77 1.01
CA HIS A 95 10.02 -1.69 -0.38
C HIS A 95 10.96 -2.85 -0.69
N LYS A 96 11.90 -3.06 0.21
CA LYS A 96 12.87 -4.13 0.03
C LYS A 96 12.13 -5.44 -0.26
N ASN A 97 10.95 -5.56 0.34
CA ASN A 97 10.13 -6.75 0.16
C ASN A 97 9.49 -6.71 -1.23
N CYS A 98 8.86 -5.58 -1.52
CA CYS A 98 8.20 -5.40 -2.81
C CYS A 98 9.18 -5.79 -3.91
N GLY A 99 10.34 -5.14 -3.89
CA GLY A 99 11.38 -5.40 -4.88
C GLY A 99 10.98 -4.83 -6.24
N ASN A 100 11.16 -5.65 -7.26
CA ASN A 100 10.84 -5.24 -8.62
C ASN A 100 9.41 -5.68 -8.95
N MET A 101 8.51 -5.37 -8.04
CA MET A 101 7.10 -5.73 -8.23
C MET A 101 6.45 -4.84 -9.29
N SER A 102 5.29 -5.29 -9.74
CA SER A 102 4.54 -4.55 -10.75
C SER A 102 3.79 -3.38 -10.11
N GLU A 103 3.80 -2.26 -10.80
CA GLU A 103 3.13 -1.07 -10.31
C GLU A 103 1.66 -1.37 -10.05
N ILE A 104 1.08 -2.16 -10.94
CA ILE A 104 -0.32 -2.54 -10.81
C ILE A 104 -0.48 -3.50 -9.63
N GLU A 105 0.19 -4.64 -9.73
CA GLU A 105 0.13 -5.64 -8.69
C GLU A 105 0.32 -4.99 -7.31
N ALA A 106 1.01 -3.86 -7.32
CA ALA A 106 1.27 -3.14 -6.10
C ALA A 106 0.03 -2.35 -5.69
N LYS A 107 -0.60 -1.75 -6.69
CA LYS A 107 -1.81 -0.97 -6.47
C LYS A 107 -2.94 -1.90 -6.03
N VAL A 108 -2.97 -3.07 -6.65
CA VAL A 108 -3.98 -4.06 -6.34
C VAL A 108 -3.98 -4.34 -4.84
N ARG A 109 -2.87 -4.86 -4.37
CA ARG A 109 -2.72 -5.17 -2.96
C ARG A 109 -3.07 -3.96 -2.11
N TYR A 110 -2.83 -2.78 -2.66
CA TYR A 110 -3.12 -1.54 -1.97
C TYR A 110 -4.60 -1.45 -1.62
N VAL A 111 -5.43 -1.73 -2.63
CA VAL A 111 -6.88 -1.68 -2.45
C VAL A 111 -7.33 -2.90 -1.64
N LYS A 112 -6.88 -4.06 -2.08
CA LYS A 112 -7.23 -5.30 -1.41
C LYS A 112 -6.83 -5.21 0.06
N LEU A 113 -5.62 -4.74 0.29
CA LEU A 113 -5.11 -4.60 1.64
C LEU A 113 -6.05 -3.72 2.45
N ALA A 114 -6.21 -2.48 1.98
CA ALA A 114 -7.07 -1.54 2.65
C ALA A 114 -8.47 -2.14 2.79
N ARG A 115 -8.90 -2.81 1.73
CA ARG A 115 -10.21 -3.44 1.71
C ARG A 115 -10.21 -4.67 2.63
N SER A 116 -9.04 -4.99 3.15
CA SER A 116 -8.90 -6.12 4.04
C SER A 116 -9.00 -5.68 5.50
N LEU A 117 -8.26 -4.62 5.81
CA LEU A 117 -8.24 -4.08 7.16
C LEU A 117 -9.68 -3.86 7.62
N LYS A 118 -10.41 -3.08 6.84
CA LYS A 118 -11.80 -2.78 7.17
C LYS A 118 -12.51 -4.07 7.59
N THR A 119 -12.79 -4.90 6.59
CA THR A 119 -13.47 -6.17 6.84
C THR A 119 -12.52 -7.33 6.58
N TYR A 120 -12.25 -8.09 7.63
CA TYR A 120 -11.37 -9.23 7.53
C TYR A 120 -12.16 -10.53 7.35
N GLY A 121 -11.52 -11.50 6.72
CA GLY A 121 -12.16 -12.78 6.49
C GLY A 121 -12.56 -13.45 7.81
N GLU A 1 6.29 -5.00 19.58
CA GLU A 1 6.73 -5.40 20.91
C GLU A 1 7.10 -6.88 20.92
N THR A 2 6.19 -7.69 20.41
CA THR A 2 6.42 -9.12 20.35
C THR A 2 6.83 -9.56 18.94
N LEU A 3 6.03 -9.14 17.98
CA LEU A 3 6.29 -9.46 16.58
C LEU A 3 6.73 -10.92 16.49
N LEU A 4 5.74 -11.80 16.48
CA LEU A 4 6.01 -13.23 16.39
C LEU A 4 5.29 -13.81 15.15
N LEU A 5 5.87 -14.87 14.62
CA LEU A 5 5.30 -15.52 13.45
C LEU A 5 5.37 -14.56 12.26
N ARG A 6 4.39 -13.67 12.19
CA ARG A 6 4.33 -12.70 11.11
C ARG A 6 3.84 -13.37 9.82
N ARG A 7 3.45 -12.54 8.87
CA ARG A 7 2.96 -13.03 7.60
C ARG A 7 1.69 -13.87 7.80
N LYS A 8 0.70 -13.59 6.97
CA LYS A 8 -0.55 -14.31 7.05
C LYS A 8 -1.40 -14.00 5.81
N PHE A 9 -1.99 -15.05 5.25
CA PHE A 9 -2.82 -14.90 4.06
C PHE A 9 -2.02 -14.26 2.92
N PHE A 10 -1.63 -15.10 1.97
CA PHE A 10 -0.88 -14.63 0.82
C PHE A 10 -1.01 -15.60 -0.36
N TYR A 11 -2.25 -15.75 -0.81
CA TYR A 11 -2.53 -16.64 -1.93
C TYR A 11 -4.02 -16.63 -2.28
N SER A 12 -4.31 -16.09 -3.46
CA SER A 12 -5.68 -16.00 -3.93
C SER A 12 -5.72 -15.37 -5.32
N ASP A 13 -6.89 -15.45 -5.93
CA ASP A 13 -7.08 -14.88 -7.26
C ASP A 13 -8.33 -14.01 -7.26
N GLN A 14 -8.27 -12.94 -8.05
CA GLN A 14 -9.39 -12.02 -8.15
C GLN A 14 -9.09 -10.94 -9.18
N ASN A 15 -8.50 -11.36 -10.29
CA ASN A 15 -8.16 -10.43 -11.36
C ASN A 15 -9.31 -10.35 -12.36
N VAL A 16 -10.14 -11.38 -12.34
CA VAL A 16 -11.28 -11.45 -13.23
C VAL A 16 -12.33 -10.44 -12.78
N ASP A 17 -12.08 -9.83 -11.62
CA ASP A 17 -12.99 -8.86 -11.06
C ASP A 17 -12.32 -7.48 -11.06
N SER A 18 -11.04 -7.48 -10.73
CA SER A 18 -10.27 -6.25 -10.68
C SER A 18 -9.59 -6.01 -12.03
N ARG A 19 -10.05 -6.75 -13.03
CA ARG A 19 -9.49 -6.62 -14.37
C ARG A 19 -9.52 -5.16 -14.82
N ASP A 20 -10.37 -4.39 -14.17
CA ASP A 20 -10.50 -2.98 -14.49
C ASP A 20 -9.56 -2.16 -13.60
N PRO A 21 -8.52 -1.56 -14.25
CA PRO A 21 -7.55 -0.76 -13.53
C PRO A 21 -8.15 0.60 -13.15
N VAL A 22 -9.14 1.01 -13.91
CA VAL A 22 -9.80 2.29 -13.66
C VAL A 22 -10.39 2.27 -12.24
N GLN A 23 -11.24 1.31 -12.00
CA GLN A 23 -11.88 1.17 -10.69
C GLN A 23 -10.83 0.88 -9.62
N LEU A 24 -9.69 0.38 -10.07
CA LEU A 24 -8.61 0.05 -9.17
C LEU A 24 -7.85 1.33 -8.79
N ASN A 25 -7.77 2.24 -9.75
CA ASN A 25 -7.08 3.50 -9.54
C ASN A 25 -7.95 4.40 -8.65
N LEU A 26 -9.25 4.32 -8.87
CA LEU A 26 -10.19 5.11 -8.10
C LEU A 26 -10.18 4.63 -6.64
N LEU A 27 -9.98 3.34 -6.48
CA LEU A 27 -9.94 2.74 -5.15
C LEU A 27 -8.61 3.10 -4.48
N TYR A 28 -7.55 3.04 -5.27
CA TYR A 28 -6.23 3.35 -4.77
C TYR A 28 -6.19 4.74 -4.14
N VAL A 29 -6.86 5.68 -4.78
CA VAL A 29 -6.91 7.05 -4.29
C VAL A 29 -7.73 7.08 -3.00
N GLN A 30 -8.91 6.48 -3.07
CA GLN A 30 -9.79 6.45 -1.92
C GLN A 30 -9.10 5.76 -0.74
N ALA A 31 -8.43 4.66 -1.05
CA ALA A 31 -7.72 3.90 -0.03
C ALA A 31 -6.66 4.80 0.62
N ARG A 32 -5.82 5.36 -0.22
CA ARG A 32 -4.76 6.25 0.26
C ARG A 32 -5.36 7.43 1.03
N ASP A 33 -6.38 8.02 0.45
CA ASP A 33 -7.05 9.15 1.07
C ASP A 33 -7.47 8.78 2.48
N ASP A 34 -8.08 7.61 2.60
CA ASP A 34 -8.54 7.13 3.88
C ASP A 34 -7.33 6.91 4.80
N ILE A 35 -6.20 6.61 4.18
CA ILE A 35 -4.98 6.40 4.93
C ILE A 35 -4.44 7.73 5.43
N LEU A 36 -4.62 8.75 4.60
CA LEU A 36 -4.15 10.09 4.94
C LEU A 36 -5.18 10.76 5.84
N ASN A 37 -6.43 10.33 5.69
CA ASN A 37 -7.50 10.88 6.49
C ASN A 37 -7.26 10.57 7.97
N GLY A 38 -6.77 9.36 8.21
CA GLY A 38 -6.48 8.92 9.56
C GLY A 38 -7.78 8.56 10.30
N SER A 39 -8.73 8.04 9.55
CA SER A 39 -10.01 7.66 10.12
C SER A 39 -10.01 6.17 10.46
N HIS A 40 -9.40 5.39 9.57
CA HIS A 40 -9.32 3.95 9.76
C HIS A 40 -8.06 3.61 10.54
N PRO A 41 -8.27 2.97 11.73
CA PRO A 41 -7.16 2.58 12.58
C PRO A 41 -6.43 1.36 12.01
N VAL A 42 -5.64 1.62 10.98
CA VAL A 42 -4.89 0.56 10.33
C VAL A 42 -3.57 0.35 11.09
N SER A 43 -3.20 -0.92 11.22
CA SER A 43 -1.98 -1.26 11.92
C SER A 43 -0.80 -0.53 11.29
N PHE A 44 0.01 0.07 12.15
CA PHE A 44 1.18 0.80 11.69
C PHE A 44 1.92 0.03 10.61
N ASP A 45 2.33 -1.18 10.96
CA ASP A 45 3.05 -2.03 10.02
C ASP A 45 2.36 -1.98 8.65
N LYS A 46 1.03 -2.05 8.70
CA LYS A 46 0.24 -2.02 7.47
C LYS A 46 0.37 -0.63 6.84
N ALA A 47 0.01 0.38 7.62
CA ALA A 47 0.07 1.74 7.14
C ALA A 47 1.38 1.96 6.38
N CYS A 48 2.47 1.61 7.05
CA CYS A 48 3.79 1.77 6.45
C CYS A 48 3.81 0.98 5.14
N GLU A 49 3.18 -0.18 5.17
CA GLU A 49 3.12 -1.02 3.99
C GLU A 49 2.76 -0.19 2.76
N PHE A 50 1.61 0.45 2.84
CA PHE A 50 1.13 1.27 1.74
C PHE A 50 2.22 2.24 1.27
N ALA A 51 2.73 3.02 2.21
CA ALA A 51 3.78 3.99 1.91
C ALA A 51 4.79 3.35 0.95
N GLY A 52 5.44 2.30 1.43
CA GLY A 52 6.43 1.60 0.64
C GLY A 52 5.89 1.33 -0.78
N TYR A 53 4.72 0.73 -0.82
CA TYR A 53 4.08 0.40 -2.09
C TYR A 53 3.87 1.65 -2.93
N GLN A 54 3.23 2.64 -2.31
CA GLN A 54 2.95 3.89 -2.99
C GLN A 54 4.18 4.36 -3.77
N CYS A 55 5.31 4.33 -3.09
CA CYS A 55 6.56 4.74 -3.70
C CYS A 55 6.82 3.87 -4.93
N GLN A 56 6.54 2.59 -4.77
CA GLN A 56 6.73 1.63 -5.85
C GLN A 56 5.81 1.98 -7.03
N ILE A 57 4.52 1.94 -6.75
CA ILE A 57 3.52 2.24 -7.77
C ILE A 57 3.79 3.63 -8.34
N GLN A 58 4.35 4.49 -7.50
CA GLN A 58 4.67 5.84 -7.91
C GLN A 58 5.69 5.82 -9.05
N PHE A 59 6.91 5.43 -8.70
CA PHE A 59 7.98 5.37 -9.68
C PHE A 59 8.28 3.93 -10.07
N GLY A 60 8.46 3.09 -9.06
CA GLY A 60 8.75 1.69 -9.29
C GLY A 60 9.87 1.21 -8.36
N PRO A 61 10.63 0.20 -8.86
CA PRO A 61 11.73 -0.36 -8.10
C PRO A 61 12.93 0.59 -8.09
N HIS A 62 12.76 1.72 -8.75
CA HIS A 62 13.81 2.72 -8.82
C HIS A 62 13.86 3.52 -7.53
N ASN A 63 14.04 2.80 -6.43
CA ASN A 63 14.11 3.42 -5.12
C ASN A 63 14.84 2.48 -4.15
N GLU A 64 14.88 2.90 -2.89
CA GLU A 64 15.54 2.12 -1.86
C GLU A 64 17.05 2.14 -2.07
N GLN A 65 17.50 1.39 -3.07
CA GLN A 65 18.91 1.32 -3.38
C GLN A 65 19.37 2.60 -4.07
N LYS A 66 18.40 3.39 -4.51
CA LYS A 66 18.69 4.64 -5.19
C LYS A 66 18.16 5.81 -4.34
N HIS A 67 16.87 5.71 -4.01
CA HIS A 67 16.24 6.75 -3.21
C HIS A 67 16.24 6.34 -1.74
N LYS A 68 16.25 7.34 -0.87
CA LYS A 68 16.25 7.09 0.55
C LYS A 68 14.87 7.41 1.13
N PRO A 69 14.57 6.77 2.29
CA PRO A 69 13.28 6.98 2.94
C PRO A 69 13.25 8.34 3.65
N GLY A 70 13.46 9.39 2.86
CA GLY A 70 13.46 10.73 3.39
C GLY A 70 12.88 11.73 2.38
N PHE A 71 13.33 11.59 1.14
CA PHE A 71 12.85 12.46 0.07
C PHE A 71 11.33 12.36 -0.07
N LEU A 72 10.80 11.22 0.33
CA LEU A 72 9.36 10.99 0.25
C LEU A 72 8.65 11.94 1.20
N GLU A 73 7.44 12.32 0.82
CA GLU A 73 6.64 13.22 1.63
C GLU A 73 5.77 12.42 2.61
N LEU A 74 6.43 11.91 3.64
CA LEU A 74 5.73 11.13 4.66
C LEU A 74 4.54 11.93 5.18
N LYS A 75 4.69 13.25 5.13
CA LYS A 75 3.63 14.13 5.60
C LYS A 75 2.43 14.02 4.65
N ASP A 76 2.73 13.83 3.38
CA ASP A 76 1.69 13.72 2.37
C ASP A 76 1.58 12.26 1.93
N PHE A 77 1.89 11.36 2.86
CA PHE A 77 1.83 9.94 2.58
C PHE A 77 1.16 9.18 3.73
N LEU A 78 1.55 9.54 4.94
CA LEU A 78 1.00 8.91 6.13
C LEU A 78 0.20 9.94 6.92
N PRO A 79 -0.65 9.41 7.85
CA PRO A 79 -1.47 10.27 8.69
C PRO A 79 -0.65 10.95 9.77
N LYS A 80 -1.20 12.04 10.30
CA LYS A 80 -0.52 12.79 11.34
C LYS A 80 0.03 11.82 12.39
N GLU A 81 -0.86 10.99 12.91
CA GLU A 81 -0.47 10.02 13.92
C GLU A 81 0.90 9.42 13.58
N TYR A 82 1.18 9.36 12.29
CA TYR A 82 2.45 8.83 11.83
C TYR A 82 3.46 9.94 11.55
N ILE A 83 2.97 11.00 10.92
CA ILE A 83 3.81 12.13 10.60
C ILE A 83 4.76 12.41 11.77
N LYS A 84 4.18 12.58 12.94
CA LYS A 84 4.95 12.85 14.14
C LYS A 84 5.94 11.70 14.37
N GLN A 85 5.42 10.49 14.21
CA GLN A 85 6.24 9.31 14.40
C GLN A 85 7.39 9.29 13.39
N LYS A 86 7.03 9.21 12.12
CA LYS A 86 8.03 9.20 11.06
C LYS A 86 8.79 7.87 11.11
N GLY A 87 8.12 6.82 10.66
CA GLY A 87 8.73 5.49 10.66
C GLY A 87 10.00 5.49 9.82
N GLU A 88 9.81 5.61 8.51
CA GLU A 88 10.94 5.62 7.59
C GLU A 88 11.65 4.26 7.61
N ARG A 89 12.45 4.07 8.65
CA ARG A 89 13.19 2.83 8.81
C ARG A 89 12.28 1.63 8.57
N LYS A 90 11.01 1.82 8.89
CA LYS A 90 10.03 0.76 8.72
C LYS A 90 9.61 0.70 7.24
N ILE A 91 9.26 1.86 6.71
CA ILE A 91 8.84 1.95 5.32
C ILE A 91 9.75 1.07 4.47
N PHE A 92 11.03 1.42 4.45
CA PHE A 92 12.00 0.67 3.68
C PHE A 92 11.69 -0.83 3.71
N MET A 93 11.66 -1.37 4.92
CA MET A 93 11.37 -2.78 5.09
C MET A 93 10.25 -3.24 4.17
N ALA A 94 9.17 -2.49 4.19
CA ALA A 94 8.02 -2.79 3.35
C ALA A 94 8.47 -2.92 1.89
N HIS A 95 9.26 -1.94 1.47
CA HIS A 95 9.77 -1.93 0.11
C HIS A 95 10.53 -3.23 -0.17
N LYS A 96 11.36 -3.61 0.81
CA LYS A 96 12.15 -4.83 0.67
C LYS A 96 11.22 -6.00 0.34
N ASN A 97 10.01 -5.93 0.88
CA ASN A 97 9.03 -6.98 0.65
C ASN A 97 8.39 -6.78 -0.73
N CYS A 98 8.09 -5.53 -1.03
CA CYS A 98 7.47 -5.19 -2.30
C CYS A 98 8.34 -5.76 -3.43
N GLY A 99 9.59 -5.33 -3.44
CA GLY A 99 10.52 -5.80 -4.45
C GLY A 99 10.32 -5.06 -5.77
N ASN A 100 10.32 -5.83 -6.85
CA ASN A 100 10.14 -5.26 -8.17
C ASN A 100 8.78 -5.68 -8.72
N MET A 101 7.76 -5.46 -7.90
CA MET A 101 6.40 -5.82 -8.28
C MET A 101 5.86 -4.82 -9.31
N SER A 102 4.91 -5.31 -10.10
CA SER A 102 4.30 -4.49 -11.13
C SER A 102 3.48 -3.36 -10.49
N GLU A 103 3.52 -2.21 -11.12
CA GLU A 103 2.79 -1.05 -10.63
C GLU A 103 1.32 -1.42 -10.39
N ILE A 104 0.80 -2.25 -11.28
CA ILE A 104 -0.58 -2.68 -11.18
C ILE A 104 -0.72 -3.66 -10.01
N GLU A 105 0.00 -4.76 -10.11
CA GLU A 105 -0.04 -5.78 -9.06
C GLU A 105 0.20 -5.15 -7.70
N ALA A 106 0.89 -4.01 -7.72
CA ALA A 106 1.20 -3.30 -6.49
C ALA A 106 -0.01 -2.45 -6.09
N LYS A 107 -0.75 -2.00 -7.10
CA LYS A 107 -1.92 -1.18 -6.87
C LYS A 107 -3.07 -2.07 -6.40
N VAL A 108 -3.16 -3.25 -7.01
CA VAL A 108 -4.20 -4.19 -6.67
C VAL A 108 -4.13 -4.51 -5.17
N ARG A 109 -2.99 -5.05 -4.76
CA ARG A 109 -2.77 -5.40 -3.37
C ARG A 109 -3.10 -4.21 -2.47
N TYR A 110 -2.70 -3.04 -2.92
CA TYR A 110 -2.94 -1.81 -2.17
C TYR A 110 -4.42 -1.69 -1.80
N VAL A 111 -5.26 -1.92 -2.78
CA VAL A 111 -6.70 -1.83 -2.58
C VAL A 111 -7.16 -2.99 -1.69
N LYS A 112 -6.90 -4.19 -2.16
CA LYS A 112 -7.26 -5.39 -1.42
C LYS A 112 -6.74 -5.27 0.01
N LEU A 113 -5.66 -4.52 0.15
CA LEU A 113 -5.06 -4.33 1.46
C LEU A 113 -5.95 -3.40 2.30
N ALA A 114 -6.16 -2.20 1.77
CA ALA A 114 -6.99 -1.23 2.46
C ALA A 114 -8.28 -1.90 2.94
N ARG A 115 -8.98 -2.51 1.99
CA ARG A 115 -10.23 -3.19 2.31
C ARG A 115 -9.98 -4.32 3.30
N SER A 116 -8.74 -4.78 3.34
CA SER A 116 -8.36 -5.85 4.25
C SER A 116 -8.07 -5.28 5.63
N LEU A 117 -7.58 -4.05 5.64
CA LEU A 117 -7.26 -3.38 6.89
C LEU A 117 -8.55 -3.06 7.64
N LYS A 118 -9.40 -2.28 6.99
CA LYS A 118 -10.67 -1.90 7.57
C LYS A 118 -11.30 -3.11 8.27
N THR A 119 -12.28 -2.83 9.12
CA THR A 119 -12.96 -3.88 9.86
C THR A 119 -14.38 -4.05 9.33
N TYR A 120 -15.10 -2.93 9.30
CA TYR A 120 -16.47 -2.95 8.82
C TYR A 120 -16.55 -2.61 7.33
N GLY A 121 -17.70 -2.90 6.75
CA GLY A 121 -17.91 -2.63 5.33
C GLY A 121 -17.78 -3.90 4.51
N GLU A 1 19.80 3.71 5.37
CA GLU A 1 21.25 3.73 5.46
C GLU A 1 21.79 2.32 5.61
N THR A 2 21.53 1.51 4.59
CA THR A 2 21.99 0.12 4.60
C THR A 2 22.47 -0.29 3.20
N LEU A 3 23.45 -1.18 3.19
CA LEU A 3 23.99 -1.66 1.93
C LEU A 3 23.00 -2.64 1.28
N LEU A 4 22.86 -2.51 -0.03
CA LEU A 4 21.95 -3.37 -0.77
C LEU A 4 22.31 -4.83 -0.51
N LEU A 5 21.28 -5.62 -0.24
CA LEU A 5 21.47 -7.03 0.03
C LEU A 5 20.10 -7.70 0.23
N ARG A 6 19.41 -7.89 -0.88
CA ARG A 6 18.10 -8.51 -0.84
C ARG A 6 17.69 -8.98 -2.24
N ARG A 7 16.88 -10.03 -2.26
CA ARG A 7 16.41 -10.58 -3.53
C ARG A 7 15.36 -11.67 -3.28
N LYS A 8 14.27 -11.57 -4.02
CA LYS A 8 13.19 -12.53 -3.89
C LYS A 8 12.10 -12.22 -4.92
N PHE A 9 12.00 -13.11 -5.91
CA PHE A 9 11.02 -12.94 -6.96
C PHE A 9 9.79 -13.81 -6.70
N PHE A 10 8.70 -13.14 -6.35
CA PHE A 10 7.45 -13.84 -6.08
C PHE A 10 6.30 -13.27 -6.92
N TYR A 11 6.05 -13.94 -8.04
CA TYR A 11 4.99 -13.51 -8.93
C TYR A 11 3.63 -14.07 -8.48
N SER A 12 2.67 -13.16 -8.35
CA SER A 12 1.34 -13.54 -7.92
C SER A 12 0.38 -13.51 -9.12
N ASP A 13 -0.89 -13.78 -8.84
CA ASP A 13 -1.89 -13.78 -9.87
C ASP A 13 -3.26 -13.43 -9.25
N GLN A 14 -3.92 -12.47 -9.87
CA GLN A 14 -5.23 -12.04 -9.39
C GLN A 14 -5.81 -10.99 -10.33
N ASN A 15 -5.75 -11.28 -11.61
CA ASN A 15 -6.27 -10.39 -12.62
C ASN A 15 -7.80 -10.38 -12.56
N VAL A 16 -8.33 -11.45 -11.98
CA VAL A 16 -9.78 -11.59 -11.85
C VAL A 16 -10.34 -10.39 -11.07
N ASP A 17 -9.43 -9.70 -10.39
CA ASP A 17 -9.83 -8.55 -9.60
C ASP A 17 -9.22 -7.28 -10.22
N SER A 18 -8.11 -7.48 -10.93
CA SER A 18 -7.43 -6.38 -11.57
C SER A 18 -8.01 -6.15 -12.97
N ARG A 19 -9.02 -6.95 -13.29
CA ARG A 19 -9.67 -6.84 -14.58
C ARG A 19 -9.97 -5.37 -14.90
N ASP A 20 -10.37 -4.64 -13.87
CA ASP A 20 -10.70 -3.24 -14.02
C ASP A 20 -9.73 -2.40 -13.19
N PRO A 21 -8.71 -1.82 -13.89
CA PRO A 21 -7.71 -1.00 -13.23
C PRO A 21 -8.28 0.37 -12.87
N VAL A 22 -9.27 0.78 -13.65
CA VAL A 22 -9.91 2.07 -13.42
C VAL A 22 -10.56 2.07 -12.04
N GLN A 23 -11.30 1.01 -11.76
CA GLN A 23 -11.98 0.88 -10.49
C GLN A 23 -10.97 0.59 -9.38
N LEU A 24 -9.82 0.07 -9.78
CA LEU A 24 -8.77 -0.24 -8.83
C LEU A 24 -8.01 1.04 -8.48
N ASN A 25 -7.86 1.90 -9.47
CA ASN A 25 -7.16 3.16 -9.26
C ASN A 25 -8.03 4.10 -8.42
N LEU A 26 -9.33 4.02 -8.66
CA LEU A 26 -10.27 4.86 -7.93
C LEU A 26 -10.26 4.45 -6.45
N LEU A 27 -10.10 3.16 -6.22
CA LEU A 27 -10.07 2.63 -4.87
C LEU A 27 -8.72 2.97 -4.22
N TYR A 28 -7.67 2.81 -5.00
CA TYR A 28 -6.33 3.10 -4.52
C TYR A 28 -6.24 4.52 -3.97
N VAL A 29 -6.67 5.47 -4.79
CA VAL A 29 -6.64 6.87 -4.39
C VAL A 29 -7.44 7.05 -3.10
N GLN A 30 -8.67 6.54 -3.14
CA GLN A 30 -9.55 6.63 -1.98
C GLN A 30 -8.87 6.03 -0.75
N ALA A 31 -8.44 4.78 -0.91
CA ALA A 31 -7.77 4.08 0.18
C ALA A 31 -6.66 4.97 0.75
N ARG A 32 -5.80 5.43 -0.15
CA ARG A 32 -4.69 6.29 0.25
C ARG A 32 -5.21 7.56 0.92
N ASP A 33 -6.31 8.07 0.36
CA ASP A 33 -6.91 9.28 0.89
C ASP A 33 -7.45 9.01 2.30
N ASP A 34 -8.27 7.97 2.38
CA ASP A 34 -8.86 7.60 3.66
C ASP A 34 -7.76 7.51 4.72
N ILE A 35 -6.57 7.18 4.26
CA ILE A 35 -5.42 7.07 5.15
C ILE A 35 -4.98 8.46 5.58
N LEU A 36 -4.69 9.28 4.59
CA LEU A 36 -4.24 10.65 4.84
C LEU A 36 -5.35 11.41 5.59
N ASN A 37 -6.59 11.02 5.29
CA ASN A 37 -7.73 11.65 5.93
C ASN A 37 -7.68 11.40 7.43
N GLY A 38 -7.24 10.20 7.79
CA GLY A 38 -7.14 9.82 9.18
C GLY A 38 -8.50 9.38 9.73
N SER A 39 -9.21 8.61 8.93
CA SER A 39 -10.52 8.12 9.31
C SER A 39 -10.42 6.65 9.76
N HIS A 40 -9.80 5.85 8.91
CA HIS A 40 -9.65 4.44 9.20
C HIS A 40 -8.31 4.21 9.92
N PRO A 41 -8.41 3.81 11.22
CA PRO A 41 -7.23 3.56 12.02
C PRO A 41 -6.57 2.23 11.62
N VAL A 42 -5.82 2.29 10.53
CA VAL A 42 -5.13 1.11 10.04
C VAL A 42 -3.88 0.85 10.89
N SER A 43 -3.52 -0.42 11.00
CA SER A 43 -2.36 -0.81 11.78
C SER A 43 -1.10 -0.12 11.21
N PHE A 44 -0.35 0.50 12.11
CA PHE A 44 0.86 1.18 11.72
C PHE A 44 1.66 0.35 10.72
N ASP A 45 2.12 -0.80 11.19
CA ASP A 45 2.91 -1.70 10.34
C ASP A 45 2.26 -1.77 8.96
N LYS A 46 0.94 -1.88 8.97
CA LYS A 46 0.20 -1.97 7.72
C LYS A 46 0.32 -0.64 6.97
N ALA A 47 -0.13 0.42 7.62
CA ALA A 47 -0.09 1.75 7.03
C ALA A 47 1.26 1.93 6.32
N CYS A 48 2.33 1.68 7.06
CA CYS A 48 3.67 1.81 6.50
C CYS A 48 3.75 0.98 5.22
N GLU A 49 3.20 -0.23 5.30
CA GLU A 49 3.20 -1.13 4.16
C GLU A 49 2.81 -0.37 2.88
N PHE A 50 1.65 0.27 2.95
CA PHE A 50 1.15 1.03 1.82
C PHE A 50 2.23 1.96 1.27
N ALA A 51 2.80 2.75 2.17
CA ALA A 51 3.85 3.69 1.80
C ALA A 51 4.83 3.00 0.85
N GLY A 52 5.41 1.90 1.33
CA GLY A 52 6.36 1.15 0.54
C GLY A 52 5.83 0.91 -0.88
N TYR A 53 4.56 0.57 -0.95
CA TYR A 53 3.92 0.30 -2.23
C TYR A 53 3.63 1.61 -2.97
N GLN A 54 3.35 2.65 -2.19
CA GLN A 54 3.06 3.95 -2.77
C GLN A 54 4.27 4.48 -3.54
N CYS A 55 5.40 4.53 -2.85
CA CYS A 55 6.63 5.01 -3.46
C CYS A 55 6.95 4.12 -4.67
N GLN A 56 6.63 2.84 -4.52
CA GLN A 56 6.87 1.88 -5.58
C GLN A 56 6.03 2.22 -6.81
N ILE A 57 4.72 2.18 -6.61
CA ILE A 57 3.79 2.49 -7.70
C ILE A 57 4.04 3.91 -8.18
N GLN A 58 4.44 4.77 -7.25
CA GLN A 58 4.72 6.16 -7.58
C GLN A 58 5.69 6.25 -8.75
N PHE A 59 6.85 5.65 -8.56
CA PHE A 59 7.88 5.66 -9.59
C PHE A 59 8.28 4.23 -9.97
N GLY A 60 8.62 3.46 -8.95
CA GLY A 60 9.02 2.08 -9.16
C GLY A 60 10.35 1.78 -8.44
N PRO A 61 10.88 0.56 -8.70
CA PRO A 61 12.13 0.14 -8.10
C PRO A 61 13.32 0.83 -8.76
N HIS A 62 13.00 1.68 -9.73
CA HIS A 62 14.03 2.41 -10.45
C HIS A 62 14.50 3.60 -9.61
N ASN A 63 15.02 3.28 -8.44
CA ASN A 63 15.52 4.31 -7.54
C ASN A 63 16.20 3.64 -6.34
N GLU A 64 17.36 4.18 -5.98
CA GLU A 64 18.10 3.66 -4.86
C GLU A 64 19.48 4.34 -4.76
N GLN A 65 20.00 4.68 -5.93
CA GLN A 65 21.31 5.34 -6.00
C GLN A 65 21.18 6.79 -5.54
N LYS A 66 19.98 7.33 -5.69
CA LYS A 66 19.73 8.71 -5.29
C LYS A 66 18.54 8.74 -4.32
N HIS A 67 17.44 8.14 -4.77
CA HIS A 67 16.24 8.10 -3.96
C HIS A 67 16.42 7.07 -2.83
N LYS A 68 16.37 7.57 -1.61
CA LYS A 68 16.54 6.72 -0.45
C LYS A 68 15.27 6.82 0.42
N PRO A 69 15.04 5.74 1.22
CA PRO A 69 13.89 5.69 2.10
C PRO A 69 14.09 6.60 3.32
N GLY A 70 13.95 7.90 3.08
CA GLY A 70 14.12 8.87 4.14
C GLY A 70 13.76 10.27 3.66
N PHE A 71 14.30 10.63 2.51
CA PHE A 71 14.04 11.93 1.93
C PHE A 71 12.57 12.07 1.51
N LEU A 72 11.91 10.93 1.40
CA LEU A 72 10.51 10.90 1.01
C LEU A 72 9.69 11.71 2.03
N GLU A 73 8.57 12.23 1.56
CA GLU A 73 7.69 13.01 2.41
C GLU A 73 6.53 12.17 2.90
N LEU A 74 6.81 11.33 3.89
CA LEU A 74 5.80 10.46 4.46
C LEU A 74 4.58 11.29 4.85
N LYS A 75 4.82 12.59 5.04
CA LYS A 75 3.75 13.49 5.42
C LYS A 75 2.59 13.34 4.44
N ASP A 76 2.92 12.90 3.24
CA ASP A 76 1.91 12.71 2.21
C ASP A 76 1.72 11.20 1.98
N PHE A 77 1.92 10.45 3.03
CA PHE A 77 1.77 9.00 2.96
C PHE A 77 0.91 8.47 4.11
N LEU A 78 1.19 9.00 5.29
CA LEU A 78 0.45 8.60 6.48
C LEU A 78 -0.22 9.82 7.10
N PRO A 79 -1.14 9.54 8.07
CA PRO A 79 -1.86 10.61 8.74
C PRO A 79 -0.97 11.32 9.76
N LYS A 80 -1.24 12.59 9.96
CA LYS A 80 -0.47 13.39 10.89
C LYS A 80 -0.30 12.62 12.20
N GLU A 81 -1.39 12.00 12.63
CA GLU A 81 -1.38 11.23 13.86
C GLU A 81 -0.22 10.25 13.86
N TYR A 82 0.23 9.91 12.66
CA TYR A 82 1.35 8.99 12.51
C TYR A 82 2.62 9.73 12.09
N ILE A 83 2.43 10.74 11.26
CA ILE A 83 3.55 11.53 10.77
C ILE A 83 4.56 11.73 11.91
N LYS A 84 4.06 12.32 12.99
CA LYS A 84 4.90 12.57 14.15
C LYS A 84 5.82 11.37 14.39
N GLN A 85 5.21 10.19 14.34
CA GLN A 85 5.96 8.95 14.55
C GLN A 85 6.46 8.42 13.21
N LYS A 86 7.28 9.22 12.56
CA LYS A 86 7.84 8.83 11.27
C LYS A 86 8.38 7.40 11.37
N GLY A 87 7.94 6.58 10.43
CA GLY A 87 8.37 5.19 10.39
C GLY A 87 9.69 5.04 9.64
N GLU A 88 9.59 5.08 8.32
CA GLU A 88 10.77 4.96 7.47
C GLU A 88 11.37 3.56 7.61
N ARG A 89 12.07 3.36 8.72
CA ARG A 89 12.71 2.08 8.99
C ARG A 89 11.74 0.94 8.70
N LYS A 90 10.46 1.23 8.85
CA LYS A 90 9.43 0.24 8.61
C LYS A 90 9.16 0.15 7.11
N ILE A 91 8.92 1.31 6.51
CA ILE A 91 8.66 1.37 5.08
C ILE A 91 9.58 0.40 4.35
N PHE A 92 10.86 0.52 4.66
CA PHE A 92 11.86 -0.34 4.03
C PHE A 92 11.36 -1.79 3.96
N MET A 93 11.09 -2.36 5.12
CA MET A 93 10.61 -3.73 5.20
C MET A 93 9.53 -3.99 4.15
N ALA A 94 8.62 -3.03 4.02
CA ALA A 94 7.54 -3.15 3.06
C ALA A 94 8.13 -3.30 1.66
N HIS A 95 9.21 -2.58 1.41
CA HIS A 95 9.87 -2.62 0.12
C HIS A 95 10.42 -4.03 -0.13
N LYS A 96 10.82 -4.67 0.95
CA LYS A 96 11.35 -6.02 0.87
C LYS A 96 10.28 -6.96 0.33
N ASN A 97 9.08 -6.81 0.88
CA ASN A 97 7.95 -7.63 0.46
C ASN A 97 7.64 -7.36 -1.01
N CYS A 98 7.56 -6.08 -1.34
CA CYS A 98 7.27 -5.68 -2.71
C CYS A 98 8.30 -6.33 -3.63
N GLY A 99 9.57 -6.09 -3.31
CA GLY A 99 10.65 -6.64 -4.10
C GLY A 99 10.50 -6.28 -5.58
N ASN A 100 10.24 -5.00 -5.82
CA ASN A 100 10.08 -4.50 -7.17
C ASN A 100 8.83 -5.14 -7.79
N MET A 101 7.74 -5.09 -7.02
CA MET A 101 6.48 -5.67 -7.48
C MET A 101 5.86 -4.79 -8.58
N SER A 102 5.05 -5.43 -9.41
CA SER A 102 4.39 -4.73 -10.49
C SER A 102 3.49 -3.63 -9.92
N GLU A 103 3.57 -2.47 -10.54
CA GLU A 103 2.76 -1.33 -10.11
C GLU A 103 1.31 -1.76 -9.92
N ILE A 104 0.79 -2.45 -10.92
CA ILE A 104 -0.58 -2.93 -10.88
C ILE A 104 -0.74 -3.91 -9.71
N GLU A 105 0.10 -4.94 -9.73
CA GLU A 105 0.07 -5.95 -8.69
C GLU A 105 0.21 -5.30 -7.31
N ALA A 106 0.85 -4.14 -7.30
CA ALA A 106 1.05 -3.41 -6.06
C ALA A 106 -0.22 -2.63 -5.72
N LYS A 107 -0.80 -2.02 -6.74
CA LYS A 107 -2.01 -1.25 -6.56
C LYS A 107 -3.15 -2.18 -6.11
N VAL A 108 -3.18 -3.36 -6.73
CA VAL A 108 -4.20 -4.34 -6.41
C VAL A 108 -4.16 -4.64 -4.91
N ARG A 109 -3.04 -5.22 -4.49
CA ARG A 109 -2.87 -5.57 -3.09
C ARG A 109 -3.23 -4.39 -2.19
N TYR A 110 -2.79 -3.21 -2.63
CA TYR A 110 -3.06 -1.99 -1.88
C TYR A 110 -4.53 -1.91 -1.48
N VAL A 111 -5.39 -2.00 -2.49
CA VAL A 111 -6.82 -1.94 -2.25
C VAL A 111 -7.23 -3.06 -1.30
N LYS A 112 -6.96 -4.29 -1.73
CA LYS A 112 -7.29 -5.46 -0.94
C LYS A 112 -6.86 -5.22 0.51
N LEU A 113 -5.61 -4.79 0.66
CA LEU A 113 -5.07 -4.52 1.99
C LEU A 113 -5.96 -3.49 2.69
N ALA A 114 -6.21 -2.40 2.00
CA ALA A 114 -7.04 -1.33 2.56
C ALA A 114 -8.43 -1.88 2.86
N ARG A 115 -8.83 -2.86 2.06
CA ARG A 115 -10.14 -3.48 2.23
C ARG A 115 -10.05 -4.61 3.25
N SER A 116 -8.83 -4.91 3.67
CA SER A 116 -8.60 -5.96 4.64
C SER A 116 -8.53 -5.38 6.04
N LEU A 117 -8.19 -4.10 6.11
CA LEU A 117 -8.08 -3.42 7.39
C LEU A 117 -9.49 -3.14 7.92
N LYS A 118 -10.24 -2.34 7.16
CA LYS A 118 -11.58 -1.99 7.55
C LYS A 118 -12.31 -3.23 8.09
N THR A 119 -12.67 -3.16 9.36
CA THR A 119 -13.36 -4.26 10.00
C THR A 119 -14.85 -3.95 10.13
N TYR A 120 -15.66 -4.93 9.74
CA TYR A 120 -17.11 -4.77 9.82
C TYR A 120 -17.69 -5.61 10.94
N GLY A 121 -18.96 -5.36 11.24
CA GLY A 121 -19.65 -6.09 12.29
C GLY A 121 -20.91 -6.77 11.76
N GLU A 1 -13.49 -24.13 -18.13
CA GLU A 1 -14.63 -24.94 -18.52
C GLU A 1 -15.89 -24.08 -18.63
N THR A 2 -15.99 -23.14 -17.70
CA THR A 2 -17.13 -22.23 -17.69
C THR A 2 -18.44 -23.04 -17.59
N LEU A 3 -18.80 -23.38 -16.36
CA LEU A 3 -20.01 -24.13 -16.11
C LEU A 3 -20.73 -23.56 -14.89
N LEU A 4 -21.92 -24.09 -14.64
CA LEU A 4 -22.71 -23.65 -13.51
C LEU A 4 -21.81 -23.49 -12.28
N LEU A 5 -21.11 -24.55 -11.96
CA LEU A 5 -20.20 -24.55 -10.82
C LEU A 5 -20.90 -23.87 -9.64
N ARG A 6 -21.96 -24.53 -9.17
CA ARG A 6 -22.71 -24.01 -8.04
C ARG A 6 -22.39 -24.80 -6.77
N ARG A 7 -21.36 -24.34 -6.06
CA ARG A 7 -20.95 -24.99 -4.84
C ARG A 7 -20.06 -24.04 -4.02
N LYS A 8 -19.07 -23.48 -4.69
CA LYS A 8 -18.15 -22.55 -4.04
C LYS A 8 -18.62 -21.12 -4.27
N PHE A 9 -17.78 -20.18 -3.89
CA PHE A 9 -18.09 -18.76 -4.05
C PHE A 9 -17.61 -18.25 -5.41
N PHE A 10 -17.90 -16.99 -5.66
CA PHE A 10 -17.51 -16.36 -6.91
C PHE A 10 -17.49 -14.84 -6.79
N TYR A 11 -18.58 -14.30 -6.28
CA TYR A 11 -18.69 -12.86 -6.11
C TYR A 11 -17.37 -12.26 -5.64
N SER A 12 -16.76 -12.93 -4.67
CA SER A 12 -15.48 -12.48 -4.13
C SER A 12 -14.35 -12.87 -5.08
N ASP A 13 -13.88 -11.89 -5.83
CA ASP A 13 -12.80 -12.12 -6.77
C ASP A 13 -12.17 -10.78 -7.16
N GLN A 14 -13.04 -9.82 -7.44
CA GLN A 14 -12.59 -8.49 -7.83
C GLN A 14 -11.66 -8.57 -9.04
N ASN A 15 -11.93 -9.55 -9.89
CA ASN A 15 -11.14 -9.75 -11.09
C ASN A 15 -11.67 -8.85 -12.21
N VAL A 16 -12.98 -8.67 -12.21
CA VAL A 16 -13.62 -7.84 -13.21
C VAL A 16 -13.28 -6.37 -12.95
N ASP A 17 -12.63 -6.14 -11.82
CA ASP A 17 -12.23 -4.80 -11.43
C ASP A 17 -10.71 -4.70 -11.45
N SER A 18 -10.06 -5.82 -11.14
CA SER A 18 -8.61 -5.87 -11.12
C SER A 18 -8.05 -5.47 -12.48
N ARG A 19 -8.78 -5.84 -13.53
CA ARG A 19 -8.36 -5.53 -14.88
C ARG A 19 -8.30 -4.00 -15.07
N ASP A 20 -9.44 -3.36 -14.87
CA ASP A 20 -9.53 -1.93 -15.02
C ASP A 20 -8.73 -1.25 -13.92
N PRO A 21 -7.64 -0.55 -14.35
CA PRO A 21 -6.78 0.14 -13.41
C PRO A 21 -7.44 1.43 -12.90
N VAL A 22 -8.38 1.93 -13.68
CA VAL A 22 -9.10 3.14 -13.32
C VAL A 22 -9.81 2.92 -11.98
N GLN A 23 -10.67 1.92 -11.96
CA GLN A 23 -11.42 1.60 -10.75
C GLN A 23 -10.46 1.20 -9.62
N LEU A 24 -9.29 0.74 -10.03
CA LEU A 24 -8.27 0.32 -9.07
C LEU A 24 -7.55 1.55 -8.53
N ASN A 25 -7.42 2.54 -9.40
CA ASN A 25 -6.75 3.78 -9.02
C ASN A 25 -7.66 4.60 -8.11
N LEU A 26 -8.95 4.54 -8.43
CA LEU A 26 -9.95 5.27 -7.65
C LEU A 26 -10.00 4.71 -6.24
N LEU A 27 -9.82 3.39 -6.15
CA LEU A 27 -9.84 2.71 -4.87
C LEU A 27 -8.53 2.97 -4.13
N TYR A 28 -7.44 2.80 -4.86
CA TYR A 28 -6.12 3.01 -4.29
C TYR A 28 -6.02 4.38 -3.62
N VAL A 29 -6.52 5.38 -4.34
CA VAL A 29 -6.50 6.75 -3.84
C VAL A 29 -7.36 6.84 -2.58
N GLN A 30 -8.60 6.38 -2.72
CA GLN A 30 -9.53 6.41 -1.61
C GLN A 30 -8.94 5.68 -0.40
N ALA A 31 -8.38 4.52 -0.67
CA ALA A 31 -7.77 3.71 0.38
C ALA A 31 -6.75 4.56 1.14
N ARG A 32 -5.80 5.11 0.39
CA ARG A 32 -4.77 5.94 0.97
C ARG A 32 -5.38 7.18 1.60
N ASP A 33 -6.37 7.73 0.92
CA ASP A 33 -7.05 8.92 1.41
C ASP A 33 -7.64 8.64 2.79
N ASP A 34 -8.49 7.63 2.85
CA ASP A 34 -9.12 7.25 4.10
C ASP A 34 -8.08 7.30 5.22
N ILE A 35 -6.91 6.76 4.93
CA ILE A 35 -5.83 6.75 5.91
C ILE A 35 -5.43 8.18 6.24
N LEU A 36 -5.15 8.95 5.20
CA LEU A 36 -4.76 10.33 5.37
C LEU A 36 -5.83 11.07 6.15
N ASN A 37 -7.08 10.71 5.87
CA ASN A 37 -8.21 11.34 6.54
C ASN A 37 -8.22 10.92 8.01
N GLY A 38 -7.71 9.72 8.26
CA GLY A 38 -7.65 9.19 9.61
C GLY A 38 -9.03 8.77 10.09
N SER A 39 -9.65 7.88 9.33
CA SER A 39 -10.98 7.39 9.67
C SER A 39 -10.89 5.95 10.17
N HIS A 40 -10.21 5.12 9.39
CA HIS A 40 -10.04 3.72 9.74
C HIS A 40 -8.69 3.52 10.44
N PRO A 41 -8.75 2.85 11.62
CA PRO A 41 -7.55 2.60 12.39
C PRO A 41 -6.72 1.47 11.76
N VAL A 42 -6.00 1.84 10.71
CA VAL A 42 -5.17 0.87 10.02
C VAL A 42 -3.90 0.62 10.83
N SER A 43 -3.54 -0.65 10.94
CA SER A 43 -2.35 -1.04 11.68
C SER A 43 -1.14 -0.29 11.13
N PHE A 44 -0.34 0.23 12.06
CA PHE A 44 0.86 0.97 11.68
C PHE A 44 1.62 0.25 10.57
N ASP A 45 2.07 -0.96 10.88
CA ASP A 45 2.81 -1.75 9.92
C ASP A 45 2.08 -1.72 8.57
N LYS A 46 0.78 -1.95 8.64
CA LYS A 46 -0.04 -1.95 7.44
C LYS A 46 0.10 -0.61 6.73
N ALA A 47 -0.40 0.44 7.38
CA ALA A 47 -0.34 1.77 6.82
C ALA A 47 1.04 1.99 6.19
N CYS A 48 2.06 1.53 6.89
CA CYS A 48 3.42 1.67 6.42
C CYS A 48 3.54 0.95 5.07
N GLU A 49 3.04 -0.28 5.05
CA GLU A 49 3.08 -1.07 3.83
C GLU A 49 2.72 -0.21 2.62
N PHE A 50 1.56 0.43 2.71
CA PHE A 50 1.09 1.28 1.64
C PHE A 50 2.18 2.25 1.19
N ALA A 51 2.59 3.10 2.11
CA ALA A 51 3.63 4.08 1.82
C ALA A 51 4.71 3.43 0.95
N GLY A 52 5.35 2.41 1.52
CA GLY A 52 6.40 1.71 0.80
C GLY A 52 5.99 1.43 -0.64
N TYR A 53 4.79 0.89 -0.80
CA TYR A 53 4.28 0.58 -2.12
C TYR A 53 4.01 1.86 -2.92
N GLN A 54 3.50 2.86 -2.23
CA GLN A 54 3.20 4.13 -2.85
C GLN A 54 4.39 4.61 -3.68
N CYS A 55 5.54 4.64 -3.03
CA CYS A 55 6.76 5.07 -3.70
C CYS A 55 6.98 4.18 -4.92
N GLN A 56 6.90 2.88 -4.69
CA GLN A 56 7.09 1.91 -5.76
C GLN A 56 6.12 2.20 -6.91
N ILE A 57 4.84 2.21 -6.56
CA ILE A 57 3.80 2.47 -7.55
C ILE A 57 4.01 3.85 -8.16
N GLN A 58 4.56 4.75 -7.34
CA GLN A 58 4.81 6.11 -7.78
C GLN A 58 5.81 6.11 -8.94
N PHE A 59 7.00 5.58 -8.66
CA PHE A 59 8.05 5.52 -9.67
C PHE A 59 8.21 4.09 -10.20
N GLY A 60 8.55 3.20 -9.29
CA GLY A 60 8.74 1.80 -9.64
C GLY A 60 9.82 1.16 -8.78
N PRO A 61 10.39 0.04 -9.29
CA PRO A 61 11.43 -0.67 -8.58
C PRO A 61 12.77 0.07 -8.67
N HIS A 62 12.73 1.21 -9.35
CA HIS A 62 13.92 2.02 -9.51
C HIS A 62 14.15 2.85 -8.24
N ASN A 63 14.21 2.14 -7.12
CA ASN A 63 14.43 2.79 -5.84
C ASN A 63 15.67 2.19 -5.18
N GLU A 64 16.00 2.74 -4.01
CA GLU A 64 17.15 2.26 -3.27
C GLU A 64 18.45 2.71 -3.95
N GLN A 65 18.58 2.29 -5.20
CA GLN A 65 19.77 2.62 -5.98
C GLN A 65 19.65 4.05 -6.52
N LYS A 66 18.42 4.53 -6.57
CA LYS A 66 18.16 5.87 -7.07
C LYS A 66 17.71 6.76 -5.91
N HIS A 67 16.55 6.44 -5.36
CA HIS A 67 16.01 7.19 -4.25
C HIS A 67 15.90 6.29 -3.01
N LYS A 68 16.00 6.92 -1.86
CA LYS A 68 15.93 6.20 -0.59
C LYS A 68 14.57 6.45 0.05
N PRO A 69 14.14 5.48 0.91
CA PRO A 69 12.88 5.60 1.61
C PRO A 69 12.96 6.62 2.74
N GLY A 70 13.18 7.87 2.35
CA GLY A 70 13.29 8.94 3.33
C GLY A 70 12.87 10.28 2.71
N PHE A 71 13.37 10.52 1.51
CA PHE A 71 13.06 11.75 0.80
C PHE A 71 11.55 11.90 0.60
N LEU A 72 10.86 10.78 0.68
CA LEU A 72 9.41 10.78 0.52
C LEU A 72 8.79 11.82 1.45
N GLU A 73 7.66 12.35 1.03
CA GLU A 73 6.95 13.35 1.80
C GLU A 73 6.01 12.68 2.80
N LEU A 74 6.60 12.14 3.85
CA LEU A 74 5.83 11.46 4.89
C LEU A 74 4.65 12.36 5.30
N LYS A 75 4.85 13.65 5.11
CA LYS A 75 3.82 14.62 5.45
C LYS A 75 2.61 14.43 4.54
N ASP A 76 2.90 14.15 3.28
CA ASP A 76 1.85 13.93 2.30
C ASP A 76 1.84 12.46 1.87
N PHE A 77 2.08 11.59 2.84
CA PHE A 77 2.11 10.16 2.57
C PHE A 77 1.39 9.39 3.68
N LEU A 78 1.68 9.77 4.91
CA LEU A 78 1.07 9.11 6.05
C LEU A 78 0.28 10.15 6.86
N PRO A 79 -0.60 9.63 7.76
CA PRO A 79 -1.41 10.49 8.60
C PRO A 79 -0.58 11.11 9.72
N LYS A 80 -1.05 12.26 10.21
CA LYS A 80 -0.36 12.95 11.28
C LYS A 80 0.10 11.93 12.33
N GLU A 81 -0.84 11.15 12.82
CA GLU A 81 -0.55 10.14 13.81
C GLU A 81 0.80 9.49 13.52
N TYR A 82 1.12 9.41 12.24
CA TYR A 82 2.38 8.82 11.82
C TYR A 82 3.45 9.89 11.59
N ILE A 83 3.02 10.98 11.00
CA ILE A 83 3.93 12.09 10.73
C ILE A 83 4.81 12.34 11.95
N LYS A 84 4.15 12.50 13.09
CA LYS A 84 4.86 12.74 14.33
C LYS A 84 5.88 11.62 14.57
N GLN A 85 5.47 10.42 14.19
CA GLN A 85 6.33 9.26 14.35
C GLN A 85 7.46 9.29 13.33
N LYS A 86 7.08 9.42 12.06
CA LYS A 86 8.04 9.47 10.98
C LYS A 86 8.68 8.09 10.81
N GLY A 87 7.85 7.13 10.44
CA GLY A 87 8.31 5.77 10.25
C GLY A 87 9.68 5.75 9.55
N GLU A 88 9.62 5.76 8.22
CA GLU A 88 10.85 5.75 7.43
C GLU A 88 11.55 4.40 7.57
N ARG A 89 12.09 4.16 8.76
CA ARG A 89 12.79 2.93 9.04
C ARG A 89 11.88 1.73 8.77
N LYS A 90 10.66 1.84 9.24
CA LYS A 90 9.68 0.77 9.07
C LYS A 90 9.36 0.63 7.58
N ILE A 91 9.02 1.75 6.97
CA ILE A 91 8.68 1.77 5.56
C ILE A 91 9.69 0.91 4.79
N PHE A 92 10.96 1.23 4.98
CA PHE A 92 12.02 0.50 4.31
C PHE A 92 11.69 -1.00 4.25
N MET A 93 11.46 -1.58 5.41
CA MET A 93 11.13 -3.00 5.50
C MET A 93 10.05 -3.37 4.48
N ALA A 94 8.97 -2.60 4.51
CA ALA A 94 7.85 -2.84 3.60
C ALA A 94 8.39 -2.91 2.17
N HIS A 95 9.38 -2.08 1.89
CA HIS A 95 9.98 -2.04 0.57
C HIS A 95 10.69 -3.36 0.28
N LYS A 96 11.38 -3.86 1.31
CA LYS A 96 12.11 -5.11 1.18
C LYS A 96 11.12 -6.23 0.79
N ASN A 97 9.91 -6.10 1.29
CA ASN A 97 8.87 -7.09 0.99
C ASN A 97 8.33 -6.84 -0.42
N CYS A 98 8.12 -5.57 -0.72
CA CYS A 98 7.60 -5.20 -2.03
C CYS A 98 8.52 -5.79 -3.10
N GLY A 99 9.79 -5.43 -3.00
CA GLY A 99 10.78 -5.91 -3.95
C GLY A 99 10.63 -5.21 -5.31
N ASN A 100 10.46 -6.02 -6.34
CA ASN A 100 10.31 -5.49 -7.68
C ASN A 100 8.93 -5.88 -8.22
N MET A 101 7.91 -5.60 -7.42
CA MET A 101 6.55 -5.92 -7.81
C MET A 101 6.06 -4.96 -8.90
N SER A 102 5.10 -5.45 -9.68
CA SER A 102 4.54 -4.65 -10.75
C SER A 102 3.61 -3.58 -10.17
N GLU A 103 3.77 -2.37 -10.67
CA GLU A 103 2.96 -1.25 -10.22
C GLU A 103 1.50 -1.68 -10.05
N ILE A 104 1.00 -2.36 -11.08
CA ILE A 104 -0.37 -2.83 -11.06
C ILE A 104 -0.54 -3.81 -9.90
N GLU A 105 0.21 -4.89 -9.95
CA GLU A 105 0.13 -5.91 -8.91
C GLU A 105 0.28 -5.26 -7.53
N ALA A 106 0.92 -4.10 -7.52
CA ALA A 106 1.14 -3.38 -6.28
C ALA A 106 -0.14 -2.62 -5.92
N LYS A 107 -0.71 -1.96 -6.92
CA LYS A 107 -1.93 -1.19 -6.71
C LYS A 107 -3.05 -2.13 -6.26
N VAL A 108 -3.08 -3.30 -6.87
CA VAL A 108 -4.09 -4.30 -6.54
C VAL A 108 -4.02 -4.60 -5.04
N ARG A 109 -2.85 -5.04 -4.60
CA ARG A 109 -2.64 -5.36 -3.20
C ARG A 109 -3.01 -4.17 -2.32
N TYR A 110 -2.65 -2.99 -2.80
CA TYR A 110 -2.92 -1.76 -2.07
C TYR A 110 -4.40 -1.69 -1.67
N VAL A 111 -5.25 -2.11 -2.60
CA VAL A 111 -6.69 -2.08 -2.36
C VAL A 111 -7.06 -3.31 -1.52
N LYS A 112 -6.84 -4.47 -2.08
CA LYS A 112 -7.15 -5.72 -1.40
C LYS A 112 -6.62 -5.65 0.04
N LEU A 113 -5.53 -4.91 0.20
CA LEU A 113 -4.93 -4.76 1.51
C LEU A 113 -5.90 -4.03 2.44
N ALA A 114 -6.08 -2.75 2.15
CA ALA A 114 -6.97 -1.93 2.95
C ALA A 114 -8.35 -2.59 3.02
N ARG A 115 -8.72 -3.21 1.92
CA ARG A 115 -10.00 -3.88 1.82
C ARG A 115 -10.02 -5.10 2.76
N SER A 116 -8.83 -5.52 3.17
CA SER A 116 -8.70 -6.66 4.05
C SER A 116 -8.57 -6.19 5.50
N LEU A 117 -8.25 -4.91 5.65
CA LEU A 117 -8.09 -4.32 6.96
C LEU A 117 -9.43 -4.39 7.71
N LYS A 118 -10.47 -3.93 7.03
CA LYS A 118 -11.81 -3.95 7.62
C LYS A 118 -12.34 -5.38 7.63
N THR A 119 -12.23 -6.01 8.78
CA THR A 119 -12.70 -7.38 8.94
C THR A 119 -14.16 -7.39 9.39
N TYR A 120 -14.73 -8.59 9.43
CA TYR A 120 -16.11 -8.75 9.84
C TYR A 120 -16.20 -9.11 11.32
N GLY A 121 -15.44 -10.12 11.70
CA GLY A 121 -15.43 -10.58 13.07
C GLY A 121 -14.89 -9.49 14.01
N GLU A 1 9.60 -26.56 26.47
CA GLU A 1 8.40 -26.58 25.64
C GLU A 1 8.52 -25.57 24.50
N THR A 2 8.23 -26.05 23.30
CA THR A 2 8.30 -25.20 22.12
C THR A 2 7.27 -25.64 21.08
N LEU A 3 6.72 -24.65 20.39
CA LEU A 3 5.73 -24.92 19.37
C LEU A 3 5.40 -23.62 18.63
N LEU A 4 4.88 -23.79 17.41
CA LEU A 4 4.53 -22.64 16.59
C LEU A 4 3.23 -22.94 15.84
N LEU A 5 2.77 -21.95 15.08
CA LEU A 5 1.56 -22.10 14.31
C LEU A 5 1.54 -21.07 13.18
N ARG A 6 0.65 -21.28 12.23
CA ARG A 6 0.52 -20.38 11.10
C ARG A 6 -0.86 -20.51 10.46
N ARG A 7 -1.25 -19.47 9.74
CA ARG A 7 -2.54 -19.47 9.07
C ARG A 7 -2.58 -18.38 8.00
N LYS A 8 -3.23 -18.71 6.89
CA LYS A 8 -3.34 -17.77 5.78
C LYS A 8 -4.80 -17.34 5.64
N PHE A 9 -5.02 -16.38 4.76
CA PHE A 9 -6.36 -15.86 4.51
C PHE A 9 -6.58 -15.60 3.02
N PHE A 10 -7.83 -15.32 2.69
CA PHE A 10 -8.20 -15.06 1.31
C PHE A 10 -8.81 -13.67 1.17
N TYR A 11 -8.90 -13.21 -0.07
CA TYR A 11 -9.46 -11.90 -0.36
C TYR A 11 -10.87 -12.04 -0.97
N SER A 12 -11.56 -10.91 -1.02
CA SER A 12 -12.91 -10.89 -1.57
C SER A 12 -12.84 -10.77 -3.10
N ASP A 13 -13.96 -11.10 -3.73
CA ASP A 13 -14.04 -11.04 -5.17
C ASP A 13 -13.78 -9.60 -5.64
N GLN A 14 -12.56 -9.38 -6.09
CA GLN A 14 -12.17 -8.05 -6.56
C GLN A 14 -11.32 -8.17 -7.83
N ASN A 15 -11.74 -9.09 -8.70
CA ASN A 15 -11.03 -9.31 -9.94
C ASN A 15 -11.66 -8.45 -11.04
N VAL A 16 -12.94 -8.17 -10.87
CA VAL A 16 -13.66 -7.36 -11.84
C VAL A 16 -13.19 -5.91 -11.73
N ASP A 17 -12.37 -5.66 -10.73
CA ASP A 17 -11.83 -4.33 -10.51
C ASP A 17 -10.32 -4.33 -10.75
N SER A 18 -9.71 -5.47 -10.43
CA SER A 18 -8.27 -5.61 -10.62
C SER A 18 -7.90 -5.27 -12.05
N ARG A 19 -8.67 -5.80 -12.99
CA ARG A 19 -8.42 -5.56 -14.40
C ARG A 19 -8.37 -4.06 -14.68
N ASP A 20 -9.45 -3.39 -14.33
CA ASP A 20 -9.55 -1.95 -14.54
C ASP A 20 -8.67 -1.24 -13.52
N PRO A 21 -7.60 -0.57 -14.05
CA PRO A 21 -6.68 0.16 -13.19
C PRO A 21 -7.30 1.47 -12.70
N VAL A 22 -8.27 1.95 -13.47
CA VAL A 22 -8.95 3.19 -13.11
C VAL A 22 -9.63 3.03 -11.75
N GLN A 23 -10.51 2.04 -11.68
CA GLN A 23 -11.23 1.77 -10.44
C GLN A 23 -10.25 1.42 -9.33
N LEU A 24 -9.08 0.96 -9.74
CA LEU A 24 -8.04 0.59 -8.78
C LEU A 24 -7.32 1.84 -8.29
N ASN A 25 -7.18 2.79 -9.20
CA ASN A 25 -6.51 4.04 -8.89
C ASN A 25 -7.44 4.91 -8.05
N LEU A 26 -8.73 4.76 -8.29
CA LEU A 26 -9.73 5.52 -7.57
C LEU A 26 -9.79 5.03 -6.12
N LEU A 27 -9.60 3.73 -5.97
CA LEU A 27 -9.62 3.13 -4.65
C LEU A 27 -8.32 3.42 -3.92
N TYR A 28 -7.23 3.39 -4.69
CA TYR A 28 -5.92 3.66 -4.13
C TYR A 28 -5.86 5.05 -3.49
N VAL A 29 -6.52 5.99 -4.14
CA VAL A 29 -6.56 7.36 -3.65
C VAL A 29 -7.44 7.43 -2.41
N GLN A 30 -8.67 6.93 -2.57
CA GLN A 30 -9.62 6.92 -1.47
C GLN A 30 -9.03 6.19 -0.26
N ALA A 31 -8.43 5.05 -0.53
CA ALA A 31 -7.82 4.25 0.52
C ALA A 31 -6.91 5.14 1.37
N ARG A 32 -6.01 5.84 0.70
CA ARG A 32 -5.09 6.73 1.39
C ARG A 32 -5.86 7.86 2.08
N ASP A 33 -6.62 8.58 1.28
CA ASP A 33 -7.40 9.69 1.79
C ASP A 33 -8.03 9.28 3.13
N ASP A 34 -8.87 8.26 3.06
CA ASP A 34 -9.53 7.76 4.25
C ASP A 34 -8.56 7.77 5.43
N ILE A 35 -7.38 7.20 5.19
CA ILE A 35 -6.35 7.14 6.21
C ILE A 35 -5.91 8.56 6.57
N LEU A 36 -5.64 9.34 5.53
CA LEU A 36 -5.21 10.71 5.73
C LEU A 36 -6.26 11.46 6.55
N ASN A 37 -7.51 11.08 6.34
CA ASN A 37 -8.62 11.71 7.06
C ASN A 37 -8.52 11.35 8.54
N GLY A 38 -8.16 10.10 8.79
CA GLY A 38 -8.04 9.62 10.16
C GLY A 38 -9.36 9.07 10.67
N SER A 39 -10.01 8.29 9.82
CA SER A 39 -11.28 7.69 10.16
C SER A 39 -11.08 6.22 10.53
N HIS A 40 -10.31 5.54 9.70
CA HIS A 40 -10.03 4.13 9.92
C HIS A 40 -8.72 3.98 10.71
N PRO A 41 -8.87 3.49 11.97
CA PRO A 41 -7.71 3.29 12.83
C PRO A 41 -6.92 2.06 12.40
N VAL A 42 -6.16 2.23 11.33
CA VAL A 42 -5.34 1.15 10.81
C VAL A 42 -4.08 1.01 11.66
N SER A 43 -3.47 -0.16 11.57
CA SER A 43 -2.25 -0.43 12.33
C SER A 43 -1.07 0.32 11.71
N PHE A 44 0.01 0.38 12.47
CA PHE A 44 1.22 1.06 12.00
C PHE A 44 1.90 0.26 10.89
N ASP A 45 2.02 -1.03 11.11
CA ASP A 45 2.65 -1.91 10.14
C ASP A 45 2.00 -1.69 8.78
N LYS A 46 0.71 -1.98 8.71
CA LYS A 46 -0.03 -1.82 7.47
C LYS A 46 0.27 -0.45 6.87
N ALA A 47 0.02 0.58 7.67
CA ALA A 47 0.26 1.94 7.23
C ALA A 47 1.67 2.04 6.64
N CYS A 48 2.64 1.58 7.42
CA CYS A 48 4.02 1.61 6.98
C CYS A 48 4.15 0.77 5.70
N GLU A 49 3.29 -0.24 5.61
CA GLU A 49 3.29 -1.12 4.46
C GLU A 49 2.86 -0.34 3.20
N PHE A 50 1.70 0.27 3.30
CA PHE A 50 1.17 1.05 2.18
C PHE A 50 2.22 2.02 1.64
N ALA A 51 2.71 2.87 2.54
CA ALA A 51 3.72 3.85 2.16
C ALA A 51 4.77 3.18 1.28
N GLY A 52 5.24 2.03 1.74
CA GLY A 52 6.24 1.29 1.00
C GLY A 52 5.80 1.03 -0.43
N TYR A 53 4.68 0.33 -0.56
CA TYR A 53 4.14 0.02 -1.87
C TYR A 53 3.96 1.28 -2.72
N GLN A 54 3.39 2.29 -2.10
CA GLN A 54 3.16 3.56 -2.78
C GLN A 54 4.41 3.96 -3.57
N CYS A 55 5.53 3.96 -2.87
CA CYS A 55 6.80 4.32 -3.49
C CYS A 55 7.07 3.35 -4.64
N GLN A 56 7.21 2.08 -4.29
CA GLN A 56 7.46 1.05 -5.28
C GLN A 56 6.58 1.28 -6.51
N ILE A 57 5.43 1.87 -6.27
CA ILE A 57 4.49 2.15 -7.35
C ILE A 57 4.86 3.48 -8.00
N GLN A 58 4.87 4.52 -7.18
CA GLN A 58 5.20 5.85 -7.66
C GLN A 58 6.55 5.84 -8.38
N PHE A 59 7.56 5.38 -7.67
CA PHE A 59 8.90 5.32 -8.23
C PHE A 59 9.03 4.14 -9.20
N GLY A 60 8.67 2.97 -8.72
CA GLY A 60 8.73 1.76 -9.53
C GLY A 60 9.58 0.69 -8.85
N PRO A 61 9.83 -0.41 -9.61
CA PRO A 61 10.62 -1.52 -9.08
C PRO A 61 12.10 -1.16 -9.04
N HIS A 62 12.40 0.07 -9.46
CA HIS A 62 13.77 0.54 -9.47
C HIS A 62 14.45 0.17 -8.15
N ASN A 63 15.77 0.32 -8.14
CA ASN A 63 16.55 0.02 -6.96
C ASN A 63 16.18 0.99 -5.83
N GLU A 64 16.50 0.59 -4.61
CA GLU A 64 16.22 1.42 -3.45
C GLU A 64 17.50 1.79 -2.72
N GLN A 65 18.48 2.23 -3.50
CA GLN A 65 19.77 2.61 -2.95
C GLN A 65 19.93 4.13 -2.98
N LYS A 66 19.76 4.69 -4.18
CA LYS A 66 19.88 6.12 -4.36
C LYS A 66 18.61 6.80 -3.84
N HIS A 67 17.48 6.37 -4.35
CA HIS A 67 16.20 6.93 -3.94
C HIS A 67 15.97 6.65 -2.45
N LYS A 68 15.75 7.73 -1.70
CA LYS A 68 15.52 7.61 -0.28
C LYS A 68 14.02 7.70 0.00
N PRO A 69 13.62 7.10 1.15
CA PRO A 69 12.22 7.11 1.54
C PRO A 69 11.80 8.48 2.07
N GLY A 70 12.80 9.34 2.26
CA GLY A 70 12.55 10.67 2.76
C GLY A 70 11.87 11.54 1.70
N PHE A 71 12.38 11.43 0.48
CA PHE A 71 11.83 12.19 -0.63
C PHE A 71 10.30 12.11 -0.66
N LEU A 72 9.80 10.95 -0.28
CA LEU A 72 8.37 10.72 -0.25
C LEU A 72 7.71 11.78 0.63
N GLU A 73 6.56 12.26 0.17
CA GLU A 73 5.82 13.26 0.90
C GLU A 73 5.05 12.63 2.06
N LEU A 74 5.80 12.22 3.08
CA LEU A 74 5.21 11.60 4.24
C LEU A 74 3.97 12.38 4.66
N LYS A 75 4.16 13.68 4.87
CA LYS A 75 3.07 14.55 5.28
C LYS A 75 1.86 14.27 4.39
N ASP A 76 2.14 13.94 3.14
CA ASP A 76 1.07 13.65 2.19
C ASP A 76 1.10 12.16 1.84
N PHE A 77 1.38 11.35 2.86
CA PHE A 77 1.45 9.92 2.67
C PHE A 77 0.87 9.18 3.89
N LEU A 78 1.27 9.65 5.07
CA LEU A 78 0.81 9.05 6.31
C LEU A 78 -0.06 10.06 7.07
N PRO A 79 -0.81 9.53 8.07
CA PRO A 79 -1.68 10.38 8.87
C PRO A 79 -0.87 11.21 9.86
N LYS A 80 -1.14 12.51 9.85
CA LYS A 80 -0.44 13.42 10.74
C LYS A 80 -0.24 12.74 12.10
N GLU A 81 -1.22 11.92 12.47
CA GLU A 81 -1.16 11.22 13.74
C GLU A 81 0.09 10.34 13.80
N TYR A 82 0.22 9.48 12.81
CA TYR A 82 1.36 8.58 12.75
C TYR A 82 2.61 9.32 12.25
N ILE A 83 2.37 10.30 11.39
CA ILE A 83 3.47 11.09 10.84
C ILE A 83 4.43 11.47 11.96
N LYS A 84 3.85 11.85 13.09
CA LYS A 84 4.65 12.23 14.25
C LYS A 84 5.73 11.19 14.50
N GLN A 85 5.35 9.93 14.29
CA GLN A 85 6.27 8.83 14.49
C GLN A 85 7.37 8.85 13.43
N LYS A 86 6.95 8.68 12.19
CA LYS A 86 7.88 8.68 11.07
C LYS A 86 8.65 7.36 11.06
N GLY A 87 8.19 6.46 10.20
CA GLY A 87 8.82 5.15 10.07
C GLY A 87 9.41 4.96 8.67
N GLU A 88 10.47 5.70 8.40
CA GLU A 88 11.14 5.62 7.11
C GLU A 88 11.68 4.22 6.89
N ARG A 89 12.67 3.85 7.69
CA ARG A 89 13.28 2.54 7.58
C ARG A 89 12.21 1.48 7.30
N LYS A 90 11.17 1.51 8.11
CA LYS A 90 10.08 0.56 7.96
C LYS A 90 9.62 0.55 6.50
N ILE A 91 9.17 1.70 6.05
CA ILE A 91 8.71 1.83 4.67
C ILE A 91 9.65 1.08 3.74
N PHE A 92 10.88 1.57 3.68
CA PHE A 92 11.89 0.95 2.83
C PHE A 92 11.80 -0.57 2.89
N MET A 93 11.77 -1.08 4.11
CA MET A 93 11.68 -2.51 4.33
C MET A 93 10.65 -3.15 3.39
N ALA A 94 9.43 -2.65 3.47
CA ALA A 94 8.36 -3.16 2.63
C ALA A 94 8.84 -3.23 1.18
N HIS A 95 9.41 -2.13 0.73
CA HIS A 95 9.91 -2.05 -0.63
C HIS A 95 10.84 -3.23 -0.90
N LYS A 96 11.70 -3.50 0.06
CA LYS A 96 12.65 -4.60 -0.06
C LYS A 96 11.87 -5.90 -0.31
N ASN A 97 10.70 -5.98 0.28
CA ASN A 97 9.85 -7.15 0.13
C ASN A 97 9.20 -7.13 -1.26
N CYS A 98 8.68 -5.98 -1.62
CA CYS A 98 8.03 -5.82 -2.91
C CYS A 98 9.01 -6.27 -3.99
N GLY A 99 10.18 -5.65 -3.99
CA GLY A 99 11.21 -5.97 -4.97
C GLY A 99 10.88 -5.35 -6.33
N ASN A 100 11.14 -6.13 -7.37
CA ASN A 100 10.88 -5.67 -8.72
C ASN A 100 9.47 -6.10 -9.14
N MET A 101 8.54 -5.99 -8.21
CA MET A 101 7.16 -6.35 -8.47
C MET A 101 6.48 -5.34 -9.39
N SER A 102 5.47 -5.81 -10.09
CA SER A 102 4.73 -4.96 -11.00
C SER A 102 4.13 -3.77 -10.25
N GLU A 103 4.14 -2.63 -10.89
CA GLU A 103 3.60 -1.42 -10.29
C GLU A 103 2.10 -1.58 -10.04
N ILE A 104 1.45 -2.24 -10.98
CA ILE A 104 0.01 -2.47 -10.87
C ILE A 104 -0.26 -3.51 -9.78
N GLU A 105 0.33 -4.68 -9.95
CA GLU A 105 0.17 -5.75 -8.99
C GLU A 105 0.33 -5.21 -7.56
N ALA A 106 1.09 -4.14 -7.45
CA ALA A 106 1.33 -3.51 -6.16
C ALA A 106 0.10 -2.73 -5.73
N LYS A 107 -0.42 -1.95 -6.67
CA LYS A 107 -1.60 -1.13 -6.41
C LYS A 107 -2.78 -2.05 -6.11
N VAL A 108 -2.84 -3.15 -6.85
CA VAL A 108 -3.92 -4.11 -6.68
C VAL A 108 -3.99 -4.53 -5.21
N ARG A 109 -2.96 -5.24 -4.78
CA ARG A 109 -2.90 -5.70 -3.41
C ARG A 109 -3.13 -4.54 -2.44
N TYR A 110 -2.76 -3.36 -2.89
CA TYR A 110 -2.92 -2.16 -2.09
C TYR A 110 -4.39 -1.94 -1.72
N VAL A 111 -5.26 -2.23 -2.69
CA VAL A 111 -6.68 -2.07 -2.48
C VAL A 111 -7.22 -3.27 -1.69
N LYS A 112 -6.96 -4.45 -2.22
CA LYS A 112 -7.40 -5.68 -1.58
C LYS A 112 -6.89 -5.71 -0.13
N LEU A 113 -5.67 -5.21 0.04
CA LEU A 113 -5.06 -5.17 1.36
C LEU A 113 -5.90 -4.29 2.28
N ALA A 114 -5.89 -3.00 1.99
CA ALA A 114 -6.65 -2.04 2.77
C ALA A 114 -8.10 -2.50 2.88
N ARG A 115 -8.55 -3.15 1.81
CA ARG A 115 -9.92 -3.65 1.77
C ARG A 115 -10.09 -4.84 2.72
N SER A 116 -8.95 -5.38 3.14
CA SER A 116 -8.95 -6.52 4.03
C SER A 116 -8.78 -6.04 5.48
N LEU A 117 -8.30 -4.81 5.61
CA LEU A 117 -8.09 -4.23 6.93
C LEU A 117 -9.41 -4.19 7.67
N LYS A 118 -10.32 -3.38 7.15
CA LYS A 118 -11.64 -3.23 7.76
C LYS A 118 -12.64 -4.14 7.04
N THR A 119 -12.95 -5.26 7.67
CA THR A 119 -13.88 -6.21 7.10
C THR A 119 -15.32 -5.81 7.43
N TYR A 120 -16.25 -6.58 6.90
CA TYR A 120 -17.66 -6.32 7.13
C TYR A 120 -18.22 -7.22 8.24
N GLY A 121 -18.56 -6.58 9.36
CA GLY A 121 -19.10 -7.31 10.48
C GLY A 121 -18.49 -6.82 11.80
N GLU A 1 -35.78 -7.01 3.73
CA GLU A 1 -36.63 -6.49 4.80
C GLU A 1 -35.80 -5.69 5.80
N THR A 2 -34.90 -4.88 5.27
CA THR A 2 -34.04 -4.06 6.11
C THR A 2 -34.08 -2.61 5.65
N LEU A 3 -35.21 -1.96 5.91
CA LEU A 3 -35.39 -0.57 5.52
C LEU A 3 -35.12 -0.42 4.03
N LEU A 4 -36.11 -0.80 3.24
CA LEU A 4 -36.00 -0.70 1.80
C LEU A 4 -34.80 -1.55 1.34
N LEU A 5 -34.66 -1.64 0.02
CA LEU A 5 -33.57 -2.40 -0.57
C LEU A 5 -32.73 -1.50 -1.46
N ARG A 6 -33.39 -0.91 -2.45
CA ARG A 6 -32.73 -0.02 -3.37
C ARG A 6 -31.32 -0.53 -3.69
N ARG A 7 -31.28 -1.58 -4.49
CA ARG A 7 -30.01 -2.17 -4.88
C ARG A 7 -29.30 -2.75 -3.64
N LYS A 8 -28.94 -4.02 -3.75
CA LYS A 8 -28.26 -4.70 -2.67
C LYS A 8 -26.76 -4.81 -2.99
N PHE A 9 -26.48 -5.59 -4.03
CA PHE A 9 -25.11 -5.80 -4.45
C PHE A 9 -24.89 -5.26 -5.87
N PHE A 10 -23.80 -4.52 -6.02
CA PHE A 10 -23.46 -3.94 -7.32
C PHE A 10 -22.25 -4.64 -7.93
N TYR A 11 -22.05 -4.39 -9.22
CA TYR A 11 -20.93 -4.97 -9.93
C TYR A 11 -19.61 -4.71 -9.20
N SER A 12 -19.27 -5.65 -8.33
CA SER A 12 -18.03 -5.54 -7.55
C SER A 12 -17.78 -6.84 -6.77
N ASP A 13 -16.64 -7.45 -7.08
CA ASP A 13 -16.28 -8.69 -6.42
C ASP A 13 -14.80 -8.63 -6.02
N GLN A 14 -13.95 -8.60 -7.04
CA GLN A 14 -12.51 -8.55 -6.81
C GLN A 14 -11.76 -8.59 -8.14
N ASN A 15 -12.19 -9.51 -9.00
CA ASN A 15 -11.57 -9.66 -10.31
C ASN A 15 -12.33 -8.81 -11.33
N VAL A 16 -13.60 -8.57 -11.02
CA VAL A 16 -14.44 -7.78 -11.91
C VAL A 16 -13.99 -6.31 -11.84
N ASP A 17 -13.08 -6.04 -10.92
CA ASP A 17 -12.56 -4.70 -10.73
C ASP A 17 -11.08 -4.67 -11.11
N SER A 18 -10.41 -5.78 -10.80
CA SER A 18 -8.99 -5.89 -11.09
C SER A 18 -8.74 -5.59 -12.58
N ARG A 19 -9.62 -6.13 -13.40
CA ARG A 19 -9.50 -5.93 -14.85
C ARG A 19 -9.29 -4.45 -15.16
N ASP A 20 -10.29 -3.66 -14.79
CA ASP A 20 -10.23 -2.22 -15.03
C ASP A 20 -9.38 -1.56 -13.94
N PRO A 21 -8.27 -0.93 -14.39
CA PRO A 21 -7.37 -0.25 -13.47
C PRO A 21 -7.96 1.06 -12.98
N VAL A 22 -8.86 1.62 -13.79
CA VAL A 22 -9.51 2.87 -13.46
C VAL A 22 -10.19 2.73 -12.09
N GLN A 23 -10.99 1.69 -11.96
CA GLN A 23 -11.70 1.43 -10.72
C GLN A 23 -10.71 1.03 -9.62
N LEU A 24 -9.56 0.54 -10.05
CA LEU A 24 -8.53 0.12 -9.11
C LEU A 24 -7.76 1.34 -8.62
N ASN A 25 -7.63 2.32 -9.51
CA ASN A 25 -6.93 3.54 -9.19
C ASN A 25 -7.80 4.40 -8.26
N LEU A 26 -9.08 4.40 -8.56
CA LEU A 26 -10.04 5.16 -7.76
C LEU A 26 -10.07 4.62 -6.34
N LEU A 27 -9.92 3.30 -6.24
CA LEU A 27 -9.94 2.64 -4.95
C LEU A 27 -8.64 2.95 -4.20
N TYR A 28 -7.54 2.75 -4.91
CA TYR A 28 -6.23 3.01 -4.33
C TYR A 28 -6.14 4.43 -3.77
N VAL A 29 -6.62 5.38 -4.56
CA VAL A 29 -6.60 6.77 -4.16
C VAL A 29 -7.47 6.94 -2.92
N GLN A 30 -8.71 6.48 -3.03
CA GLN A 30 -9.65 6.59 -1.93
C GLN A 30 -9.06 5.93 -0.67
N ALA A 31 -8.48 4.76 -0.86
CA ALA A 31 -7.88 4.03 0.24
C ALA A 31 -6.79 4.88 0.87
N ARG A 32 -5.83 5.27 0.03
CA ARG A 32 -4.72 6.08 0.49
C ARG A 32 -5.23 7.36 1.15
N ASP A 33 -6.21 7.97 0.50
CA ASP A 33 -6.80 9.20 1.01
C ASP A 33 -7.43 8.93 2.38
N ASP A 34 -8.19 7.85 2.44
CA ASP A 34 -8.85 7.47 3.69
C ASP A 34 -7.83 7.44 4.81
N ILE A 35 -6.63 7.00 4.47
CA ILE A 35 -5.55 6.92 5.44
C ILE A 35 -5.13 8.33 5.85
N LEU A 36 -4.88 9.16 4.84
CA LEU A 36 -4.47 10.53 5.08
C LEU A 36 -5.60 11.27 5.81
N ASN A 37 -6.82 10.87 5.51
CA ASN A 37 -7.98 11.48 6.12
C ASN A 37 -7.97 11.20 7.62
N GLY A 38 -7.56 9.99 7.96
CA GLY A 38 -7.50 9.57 9.35
C GLY A 38 -8.86 9.06 9.83
N SER A 39 -9.54 8.37 8.93
CA SER A 39 -10.85 7.82 9.24
C SER A 39 -10.70 6.38 9.74
N HIS A 40 -9.93 5.61 9.01
CA HIS A 40 -9.69 4.22 9.35
C HIS A 40 -8.36 4.08 10.09
N PRO A 41 -8.46 3.79 11.42
CA PRO A 41 -7.28 3.64 12.25
C PRO A 41 -6.58 2.31 11.96
N VAL A 42 -5.74 2.31 10.93
CA VAL A 42 -5.02 1.12 10.55
C VAL A 42 -3.81 0.94 11.47
N SER A 43 -3.08 -0.13 11.25
CA SER A 43 -1.90 -0.42 12.04
C SER A 43 -0.72 0.39 11.53
N PHE A 44 0.38 0.33 12.26
CA PHE A 44 1.59 1.04 11.89
C PHE A 44 2.30 0.36 10.74
N ASP A 45 2.69 -0.88 10.97
CA ASP A 45 3.38 -1.66 9.95
C ASP A 45 2.59 -1.61 8.65
N LYS A 46 1.36 -2.12 8.72
CA LYS A 46 0.50 -2.14 7.55
C LYS A 46 0.56 -0.78 6.86
N ALA A 47 0.08 0.23 7.57
CA ALA A 47 0.07 1.58 7.03
C ALA A 47 1.39 1.85 6.32
N CYS A 48 2.48 1.52 7.00
CA CYS A 48 3.80 1.72 6.44
C CYS A 48 3.89 0.95 5.12
N GLU A 49 3.41 -0.27 5.16
CA GLU A 49 3.42 -1.13 3.98
C GLU A 49 3.01 -0.32 2.74
N PHE A 50 1.86 0.33 2.85
CA PHE A 50 1.35 1.14 1.76
C PHE A 50 2.40 2.15 1.28
N ALA A 51 2.84 2.97 2.20
CA ALA A 51 3.84 3.98 1.89
C ALA A 51 4.92 3.37 1.00
N GLY A 52 5.62 2.39 1.56
CA GLY A 52 6.68 1.71 0.83
C GLY A 52 6.25 1.42 -0.62
N TYR A 53 5.10 0.78 -0.74
CA TYR A 53 4.57 0.43 -2.04
C TYR A 53 4.25 1.69 -2.86
N GLN A 54 3.64 2.66 -2.19
CA GLN A 54 3.28 3.90 -2.83
C GLN A 54 4.45 4.43 -3.65
N CYS A 55 5.60 4.52 -3.00
CA CYS A 55 6.80 5.00 -3.67
C CYS A 55 7.08 4.11 -4.88
N GLN A 56 6.98 2.82 -4.65
CA GLN A 56 7.21 1.85 -5.70
C GLN A 56 6.27 2.11 -6.88
N ILE A 57 4.98 2.07 -6.59
CA ILE A 57 3.98 2.31 -7.61
C ILE A 57 4.15 3.71 -8.18
N GLN A 58 4.56 4.62 -7.31
CA GLN A 58 4.77 6.00 -7.71
C GLN A 58 5.77 6.08 -8.86
N PHE A 59 7.00 5.65 -8.57
CA PHE A 59 8.04 5.65 -9.58
C PHE A 59 8.32 4.24 -10.10
N GLY A 60 8.68 3.37 -9.17
CA GLY A 60 8.98 1.99 -9.51
C GLY A 60 10.01 1.39 -8.56
N PRO A 61 10.03 0.03 -8.50
CA PRO A 61 10.97 -0.67 -7.63
C PRO A 61 12.38 -0.64 -8.22
N HIS A 62 12.49 0.00 -9.37
CA HIS A 62 13.78 0.12 -10.04
C HIS A 62 14.60 1.23 -9.39
N ASN A 63 14.76 1.12 -8.08
CA ASN A 63 15.51 2.10 -7.32
C ASN A 63 15.59 1.67 -5.86
N GLU A 64 16.62 2.18 -5.18
CA GLU A 64 16.83 1.85 -3.79
C GLU A 64 18.02 2.63 -3.22
N GLN A 65 19.15 2.46 -3.88
CA GLN A 65 20.37 3.13 -3.47
C GLN A 65 20.22 4.64 -3.63
N LYS A 66 19.50 5.03 -4.68
CA LYS A 66 19.28 6.44 -4.95
C LYS A 66 18.05 6.91 -4.16
N HIS A 67 16.94 6.23 -4.39
CA HIS A 67 15.70 6.57 -3.71
C HIS A 67 15.88 6.40 -2.20
N LYS A 68 15.21 7.27 -1.46
CA LYS A 68 15.28 7.23 -0.01
C LYS A 68 13.87 7.40 0.57
N PRO A 69 13.69 6.85 1.80
CA PRO A 69 12.41 6.95 2.48
C PRO A 69 12.17 8.35 3.03
N GLY A 70 13.17 9.19 2.85
CA GLY A 70 13.09 10.57 3.32
C GLY A 70 12.42 11.47 2.28
N PHE A 71 13.01 11.50 1.10
CA PHE A 71 12.49 12.30 0.01
C PHE A 71 10.96 12.27 -0.01
N LEU A 72 10.43 11.06 0.10
CA LEU A 72 8.99 10.87 0.09
C LEU A 72 8.33 11.94 0.98
N GLU A 73 7.08 12.21 0.69
CA GLU A 73 6.33 13.20 1.45
C GLU A 73 5.53 12.52 2.57
N LEU A 74 6.26 12.05 3.57
CA LEU A 74 5.63 11.38 4.70
C LEU A 74 4.44 12.22 5.19
N LYS A 75 4.67 13.52 5.25
CA LYS A 75 3.63 14.44 5.70
C LYS A 75 2.39 14.25 4.84
N ASP A 76 2.63 13.93 3.57
CA ASP A 76 1.53 13.73 2.63
C ASP A 76 1.49 12.26 2.23
N PHE A 77 1.73 11.39 3.21
CA PHE A 77 1.73 9.96 2.96
C PHE A 77 1.09 9.21 4.14
N LEU A 78 1.59 9.50 5.32
CA LEU A 78 1.08 8.86 6.52
C LEU A 78 0.19 9.85 7.28
N PRO A 79 -0.62 9.29 8.22
CA PRO A 79 -1.52 10.11 9.02
C PRO A 79 -0.75 10.88 10.09
N LYS A 80 -1.06 12.17 10.17
CA LYS A 80 -0.41 13.03 11.14
C LYS A 80 -0.45 12.36 12.52
N GLU A 81 -1.46 11.52 12.70
CA GLU A 81 -1.63 10.81 13.96
C GLU A 81 -0.47 9.84 14.18
N TYR A 82 0.05 9.32 13.08
CA TYR A 82 1.16 8.38 13.14
C TYR A 82 2.47 9.06 12.75
N ILE A 83 2.35 10.06 11.89
CA ILE A 83 3.52 10.80 11.44
C ILE A 83 4.33 11.26 12.64
N LYS A 84 3.61 11.69 13.67
CA LYS A 84 4.25 12.16 14.89
C LYS A 84 5.34 11.16 15.31
N GLN A 85 5.12 9.91 14.92
CA GLN A 85 6.06 8.86 15.26
C GLN A 85 7.12 8.72 14.15
N LYS A 86 6.63 8.55 12.93
CA LYS A 86 7.51 8.41 11.78
C LYS A 86 8.18 7.03 11.84
N GLY A 87 8.35 6.45 10.66
CA GLY A 87 8.98 5.14 10.55
C GLY A 87 9.55 4.91 9.15
N GLU A 88 10.52 5.75 8.81
CA GLU A 88 11.15 5.65 7.49
C GLU A 88 11.71 4.24 7.28
N ARG A 89 12.59 3.84 8.19
CA ARG A 89 13.21 2.53 8.10
C ARG A 89 12.14 1.46 7.81
N LYS A 90 11.06 1.53 8.59
CA LYS A 90 9.97 0.59 8.43
C LYS A 90 9.53 0.56 6.95
N ILE A 91 9.16 1.73 6.46
CA ILE A 91 8.72 1.86 5.08
C ILE A 91 9.63 1.01 4.19
N PHE A 92 10.87 1.44 4.09
CA PHE A 92 11.84 0.74 3.28
C PHE A 92 11.63 -0.77 3.35
N MET A 93 11.60 -1.28 4.57
CA MET A 93 11.41 -2.70 4.79
C MET A 93 10.30 -3.25 3.88
N ALA A 94 9.20 -2.50 3.83
CA ALA A 94 8.07 -2.90 3.00
C ALA A 94 8.53 -3.02 1.55
N HIS A 95 9.34 -2.08 1.14
CA HIS A 95 9.86 -2.06 -0.22
C HIS A 95 10.62 -3.37 -0.49
N LYS A 96 11.38 -3.78 0.51
CA LYS A 96 12.17 -5.00 0.40
C LYS A 96 11.24 -6.18 0.14
N ASN A 97 10.05 -6.08 0.72
CA ASN A 97 9.05 -7.13 0.57
C ASN A 97 8.38 -7.00 -0.81
N CYS A 98 8.06 -5.76 -1.16
CA CYS A 98 7.42 -5.49 -2.42
C CYS A 98 8.29 -6.07 -3.55
N GLY A 99 9.54 -5.64 -3.56
CA GLY A 99 10.48 -6.11 -4.57
C GLY A 99 10.20 -5.47 -5.92
N ASN A 100 10.54 -6.20 -6.98
CA ASN A 100 10.34 -5.72 -8.33
C ASN A 100 8.93 -6.12 -8.80
N MET A 101 7.97 -5.92 -7.92
CA MET A 101 6.59 -6.25 -8.24
C MET A 101 6.00 -5.28 -9.25
N SER A 102 5.03 -5.77 -10.00
CA SER A 102 4.37 -4.95 -11.02
C SER A 102 3.51 -3.87 -10.34
N GLU A 103 3.67 -2.66 -10.84
CA GLU A 103 2.91 -1.53 -10.29
C GLU A 103 1.45 -1.93 -10.10
N ILE A 104 0.89 -2.52 -11.14
CA ILE A 104 -0.51 -2.93 -11.11
C ILE A 104 -0.70 -3.94 -9.97
N GLU A 105 0.11 -4.99 -10.01
CA GLU A 105 0.04 -6.03 -8.99
C GLU A 105 0.19 -5.41 -7.60
N ALA A 106 0.81 -4.25 -7.56
CA ALA A 106 1.01 -3.54 -6.30
C ALA A 106 -0.25 -2.77 -5.94
N LYS A 107 -0.80 -2.10 -6.94
CA LYS A 107 -2.01 -1.31 -6.73
C LYS A 107 -3.14 -2.24 -6.28
N VAL A 108 -3.19 -3.41 -6.89
CA VAL A 108 -4.21 -4.39 -6.55
C VAL A 108 -4.11 -4.72 -5.05
N ARG A 109 -2.95 -5.21 -4.67
CA ARG A 109 -2.71 -5.57 -3.28
C ARG A 109 -3.03 -4.39 -2.37
N TYR A 110 -2.57 -3.22 -2.78
CA TYR A 110 -2.80 -2.01 -2.02
C TYR A 110 -4.26 -1.90 -1.58
N VAL A 111 -5.14 -2.06 -2.56
CA VAL A 111 -6.57 -1.97 -2.30
C VAL A 111 -6.98 -3.10 -1.35
N LYS A 112 -6.71 -4.32 -1.78
CA LYS A 112 -7.03 -5.48 -0.99
C LYS A 112 -6.45 -5.33 0.42
N LEU A 113 -5.38 -4.55 0.49
CA LEU A 113 -4.71 -4.31 1.75
C LEU A 113 -5.52 -3.29 2.57
N ALA A 114 -5.80 -2.17 1.94
CA ALA A 114 -6.57 -1.12 2.59
C ALA A 114 -7.88 -1.70 3.12
N ARG A 115 -8.55 -2.43 2.26
CA ARG A 115 -9.81 -3.05 2.63
C ARG A 115 -9.59 -4.13 3.69
N SER A 116 -8.37 -4.64 3.72
CA SER A 116 -8.00 -5.66 4.67
C SER A 116 -8.01 -5.08 6.09
N LEU A 117 -7.32 -3.96 6.24
CA LEU A 117 -7.24 -3.29 7.53
C LEU A 117 -8.64 -3.09 8.09
N LYS A 118 -9.35 -2.15 7.49
CA LYS A 118 -10.71 -1.85 7.93
C LYS A 118 -11.45 -3.15 8.22
N THR A 119 -12.28 -3.10 9.25
CA THR A 119 -13.05 -4.28 9.65
C THR A 119 -14.53 -4.07 9.34
N TYR A 120 -15.09 -5.02 8.60
CA TYR A 120 -16.49 -4.96 8.23
C TYR A 120 -17.32 -5.93 9.07
N GLY A 121 -18.58 -5.55 9.29
CA GLY A 121 -19.49 -6.38 10.06
C GLY A 121 -20.86 -6.46 9.40
N GLU A 1 19.15 -46.89 -17.19
CA GLU A 1 19.58 -46.28 -18.43
C GLU A 1 19.26 -44.78 -18.43
N THR A 2 17.96 -44.50 -18.35
CA THR A 2 17.50 -43.11 -18.34
C THR A 2 16.02 -43.05 -17.95
N LEU A 3 15.40 -41.95 -18.34
CA LEU A 3 13.98 -41.75 -18.04
C LEU A 3 13.79 -41.66 -16.53
N LEU A 4 13.03 -40.67 -16.12
CA LEU A 4 12.76 -40.46 -14.71
C LEU A 4 11.45 -39.67 -14.55
N LEU A 5 10.76 -39.95 -13.45
CA LEU A 5 9.51 -39.27 -13.17
C LEU A 5 9.77 -37.78 -12.93
N ARG A 6 8.82 -36.97 -13.36
CA ARG A 6 8.94 -35.53 -13.20
C ARG A 6 7.56 -34.87 -13.34
N ARG A 7 7.51 -33.62 -12.91
CA ARG A 7 6.26 -32.86 -12.98
C ARG A 7 6.47 -31.46 -12.39
N LYS A 8 5.53 -30.58 -12.72
CA LYS A 8 5.59 -29.21 -12.24
C LYS A 8 4.34 -28.47 -12.70
N PHE A 9 3.30 -28.54 -11.89
CA PHE A 9 2.06 -27.88 -12.19
C PHE A 9 1.92 -26.57 -11.42
N PHE A 10 0.98 -25.73 -11.87
CA PHE A 10 0.75 -24.46 -11.23
C PHE A 10 -0.51 -23.79 -11.77
N TYR A 11 -1.06 -22.89 -10.97
CA TYR A 11 -2.27 -22.18 -11.36
C TYR A 11 -2.70 -21.20 -10.28
N SER A 12 -3.47 -20.20 -10.69
CA SER A 12 -3.95 -19.19 -9.78
C SER A 12 -4.79 -18.15 -10.53
N ASP A 13 -5.46 -17.31 -9.75
CA ASP A 13 -6.30 -16.27 -10.33
C ASP A 13 -5.85 -14.91 -9.81
N GLN A 14 -6.16 -13.88 -10.59
CA GLN A 14 -5.79 -12.52 -10.21
C GLN A 14 -6.63 -11.51 -11.00
N ASN A 15 -6.43 -11.51 -12.31
CA ASN A 15 -7.16 -10.60 -13.17
C ASN A 15 -8.65 -10.68 -12.85
N VAL A 16 -9.08 -11.87 -12.44
CA VAL A 16 -10.47 -12.08 -12.10
C VAL A 16 -10.95 -10.95 -11.20
N ASP A 17 -10.00 -10.36 -10.49
CA ASP A 17 -10.31 -9.25 -9.59
C ASP A 17 -9.66 -7.97 -10.10
N SER A 18 -8.47 -8.14 -10.67
CA SER A 18 -7.73 -7.01 -11.21
C SER A 18 -8.02 -6.86 -12.70
N ARG A 19 -9.27 -7.14 -13.06
CA ARG A 19 -9.69 -7.04 -14.45
C ARG A 19 -9.73 -5.57 -14.88
N ASP A 20 -10.40 -4.76 -14.08
CA ASP A 20 -10.53 -3.35 -14.36
C ASP A 20 -9.57 -2.56 -13.46
N PRO A 21 -8.52 -1.99 -14.10
CA PRO A 21 -7.52 -1.22 -13.36
C PRO A 21 -8.08 0.15 -12.97
N VAL A 22 -9.00 0.64 -13.79
CA VAL A 22 -9.62 1.93 -13.55
C VAL A 22 -10.26 1.93 -12.17
N GLN A 23 -11.17 0.97 -11.97
CA GLN A 23 -11.88 0.85 -10.71
C GLN A 23 -10.88 0.57 -9.57
N LEU A 24 -9.73 0.04 -9.96
CA LEU A 24 -8.69 -0.27 -8.99
C LEU A 24 -7.93 1.00 -8.63
N ASN A 25 -7.76 1.85 -9.63
CA ASN A 25 -7.05 3.11 -9.43
C ASN A 25 -7.93 4.06 -8.61
N LEU A 26 -9.22 4.03 -8.90
CA LEU A 26 -10.17 4.88 -8.20
C LEU A 26 -10.21 4.47 -6.73
N LEU A 27 -10.05 3.17 -6.49
CA LEU A 27 -10.07 2.64 -5.15
C LEU A 27 -8.76 3.00 -4.44
N TYR A 28 -7.67 2.88 -5.19
CA TYR A 28 -6.35 3.18 -4.65
C TYR A 28 -6.32 4.59 -4.06
N VAL A 29 -6.76 5.55 -4.87
CA VAL A 29 -6.79 6.93 -4.44
C VAL A 29 -7.63 7.06 -3.16
N GLN A 30 -8.82 6.47 -3.22
CA GLN A 30 -9.72 6.50 -2.09
C GLN A 30 -9.08 5.81 -0.88
N ALA A 31 -8.55 4.63 -1.13
CA ALA A 31 -7.90 3.86 -0.07
C ALA A 31 -6.80 4.71 0.57
N ARG A 32 -5.91 5.20 -0.28
CA ARG A 32 -4.80 6.02 0.19
C ARG A 32 -5.33 7.26 0.92
N ASP A 33 -6.42 7.79 0.39
CA ASP A 33 -7.03 8.97 0.98
C ASP A 33 -7.41 8.67 2.43
N ASP A 34 -8.23 7.65 2.61
CA ASP A 34 -8.68 7.26 3.93
C ASP A 34 -7.47 7.23 4.88
N ILE A 35 -6.35 6.77 4.34
CA ILE A 35 -5.13 6.69 5.11
C ILE A 35 -4.64 8.10 5.46
N LEU A 36 -4.53 8.92 4.43
CA LEU A 36 -4.08 10.30 4.61
C LEU A 36 -5.06 11.03 5.52
N ASN A 37 -6.33 10.62 5.43
CA ASN A 37 -7.37 11.22 6.24
C ASN A 37 -7.13 10.88 7.71
N GLY A 38 -6.55 9.71 7.93
CA GLY A 38 -6.27 9.25 9.29
C GLY A 38 -7.56 8.99 10.07
N SER A 39 -8.58 8.57 9.33
CA SER A 39 -9.87 8.29 9.94
C SER A 39 -9.90 6.85 10.45
N HIS A 40 -9.37 5.95 9.63
CA HIS A 40 -9.32 4.54 9.99
C HIS A 40 -8.01 4.24 10.72
N PRO A 41 -8.14 3.59 11.90
CA PRO A 41 -6.98 3.24 12.69
C PRO A 41 -6.24 2.04 12.09
N VAL A 42 -5.41 2.33 11.10
CA VAL A 42 -4.65 1.30 10.42
C VAL A 42 -3.37 1.01 11.22
N SER A 43 -3.08 -0.26 11.39
CA SER A 43 -1.90 -0.67 12.12
C SER A 43 -0.65 -0.02 11.52
N PHE A 44 0.16 0.55 12.39
CA PHE A 44 1.38 1.21 11.96
C PHE A 44 2.03 0.44 10.80
N ASP A 45 2.55 -0.74 11.13
CA ASP A 45 3.20 -1.57 10.14
C ASP A 45 2.38 -1.55 8.85
N LYS A 46 1.09 -1.82 8.99
CA LYS A 46 0.20 -1.84 7.84
C LYS A 46 0.33 -0.51 7.09
N ALA A 47 -0.13 0.54 7.74
CA ALA A 47 -0.07 1.87 7.15
C ALA A 47 1.28 2.06 6.46
N CYS A 48 2.30 1.47 7.06
CA CYS A 48 3.64 1.57 6.52
C CYS A 48 3.66 0.88 5.15
N GLU A 49 3.16 -0.35 5.13
CA GLU A 49 3.11 -1.12 3.90
C GLU A 49 2.69 -0.22 2.73
N PHE A 50 1.61 0.50 2.95
CA PHE A 50 1.09 1.40 1.92
C PHE A 50 2.18 2.34 1.42
N ALA A 51 2.70 3.14 2.35
CA ALA A 51 3.75 4.09 2.02
C ALA A 51 4.76 3.42 1.09
N GLY A 52 5.39 2.38 1.61
CA GLY A 52 6.39 1.65 0.86
C GLY A 52 5.91 1.40 -0.58
N TYR A 53 4.66 0.96 -0.68
CA TYR A 53 4.07 0.68 -1.99
C TYR A 53 3.82 1.97 -2.76
N GLN A 54 3.29 2.96 -2.05
CA GLN A 54 3.00 4.25 -2.66
C GLN A 54 4.19 4.73 -3.49
N CYS A 55 5.33 4.80 -2.84
CA CYS A 55 6.55 5.24 -3.51
C CYS A 55 6.80 4.32 -4.70
N GLN A 56 6.64 3.03 -4.46
CA GLN A 56 6.83 2.04 -5.50
C GLN A 56 5.92 2.33 -6.70
N ILE A 57 4.63 2.34 -6.42
CA ILE A 57 3.64 2.61 -7.45
C ILE A 57 3.87 4.01 -8.03
N GLN A 58 4.41 4.88 -7.19
CA GLN A 58 4.69 6.24 -7.61
C GLN A 58 5.69 6.25 -8.76
N PHE A 59 6.90 5.80 -8.47
CA PHE A 59 7.95 5.76 -9.47
C PHE A 59 8.19 4.31 -9.94
N GLY A 60 8.44 3.45 -8.98
CA GLY A 60 8.70 2.05 -9.28
C GLY A 60 9.78 1.47 -8.36
N PRO A 61 9.89 0.12 -8.39
CA PRO A 61 10.88 -0.56 -7.57
C PRO A 61 12.29 -0.40 -8.16
N HIS A 62 12.35 0.34 -9.26
CA HIS A 62 13.62 0.58 -9.93
C HIS A 62 14.38 1.68 -9.20
N ASN A 63 14.57 1.47 -7.89
CA ASN A 63 15.27 2.44 -7.08
C ASN A 63 15.42 1.89 -5.66
N GLU A 64 16.39 2.44 -4.94
CA GLU A 64 16.65 2.01 -3.57
C GLU A 64 17.86 2.74 -3.01
N GLN A 65 18.89 2.84 -3.83
CA GLN A 65 20.11 3.51 -3.42
C GLN A 65 19.95 5.03 -3.52
N LYS A 66 19.20 5.44 -4.54
CA LYS A 66 18.95 6.86 -4.77
C LYS A 66 17.74 7.29 -3.95
N HIS A 67 16.66 6.53 -4.10
CA HIS A 67 15.43 6.83 -3.39
C HIS A 67 15.60 6.48 -1.91
N LYS A 68 15.19 7.42 -1.06
CA LYS A 68 15.29 7.24 0.37
C LYS A 68 13.90 7.44 1.01
N PRO A 69 13.72 6.80 2.19
CA PRO A 69 12.46 6.90 2.91
C PRO A 69 12.33 8.27 3.58
N GLY A 70 13.43 9.01 3.57
CA GLY A 70 13.44 10.34 4.17
C GLY A 70 12.83 11.38 3.22
N PHE A 71 13.48 11.52 2.07
CA PHE A 71 13.03 12.47 1.07
C PHE A 71 11.51 12.42 0.92
N LEU A 72 10.97 11.22 1.04
CA LEU A 72 9.54 11.01 0.91
C LEU A 72 8.81 12.02 1.80
N GLU A 73 7.58 12.33 1.40
CA GLU A 73 6.77 13.27 2.15
C GLU A 73 5.85 12.53 3.11
N LEU A 74 6.43 12.05 4.19
CA LEU A 74 5.67 11.32 5.20
C LEU A 74 4.44 12.14 5.61
N LYS A 75 4.56 13.44 5.38
CA LYS A 75 3.46 14.35 5.72
C LYS A 75 2.33 14.17 4.71
N ASP A 76 2.72 13.93 3.46
CA ASP A 76 1.75 13.75 2.40
C ASP A 76 1.75 12.28 1.97
N PHE A 77 2.03 11.41 2.93
CA PHE A 77 2.07 9.98 2.66
C PHE A 77 1.39 9.20 3.79
N LEU A 78 1.70 9.59 5.02
CA LEU A 78 1.13 8.94 6.18
C LEU A 78 0.23 9.92 6.93
N PRO A 79 -0.64 9.36 7.79
CA PRO A 79 -1.57 10.17 8.57
C PRO A 79 -0.84 10.88 9.72
N LYS A 80 -1.49 11.90 10.25
CA LYS A 80 -0.92 12.66 11.35
C LYS A 80 -0.42 11.70 12.42
N GLU A 81 -1.13 10.60 12.56
CA GLU A 81 -0.77 9.59 13.55
C GLU A 81 0.67 9.14 13.34
N TYR A 82 1.14 9.29 12.11
CA TYR A 82 2.50 8.89 11.76
C TYR A 82 3.39 10.12 11.59
N ILE A 83 2.83 11.14 10.96
CA ILE A 83 3.55 12.37 10.73
C ILE A 83 4.40 12.70 11.96
N LYS A 84 3.82 12.44 13.12
CA LYS A 84 4.50 12.70 14.38
C LYS A 84 5.19 11.42 14.85
N GLN A 85 5.98 10.84 13.96
CA GLN A 85 6.71 9.62 14.27
C GLN A 85 7.52 9.16 13.06
N LYS A 86 6.79 8.80 12.01
CA LYS A 86 7.44 8.34 10.79
C LYS A 86 8.15 7.02 11.06
N GLY A 87 8.19 6.18 10.04
CA GLY A 87 8.83 4.88 10.15
C GLY A 87 9.61 4.54 8.88
N GLU A 88 10.62 5.36 8.60
CA GLU A 88 11.44 5.16 7.42
C GLU A 88 11.85 3.69 7.30
N ARG A 89 12.72 3.28 8.21
CA ARG A 89 13.19 1.90 8.22
C ARG A 89 12.04 0.94 7.92
N LYS A 90 10.99 1.05 8.73
CA LYS A 90 9.82 0.20 8.56
C LYS A 90 9.41 0.19 7.09
N ILE A 91 9.08 1.37 6.59
CA ILE A 91 8.67 1.51 5.20
C ILE A 91 9.58 0.65 4.32
N PHE A 92 10.86 0.97 4.37
CA PHE A 92 11.85 0.23 3.58
C PHE A 92 11.54 -1.27 3.58
N MET A 93 11.29 -1.79 4.77
CA MET A 93 10.98 -3.20 4.91
C MET A 93 9.87 -3.63 3.95
N ALA A 94 8.80 -2.87 3.97
CA ALA A 94 7.66 -3.15 3.10
C ALA A 94 8.15 -3.24 1.64
N HIS A 95 9.02 -2.30 1.29
CA HIS A 95 9.56 -2.25 -0.06
C HIS A 95 10.28 -3.57 -0.36
N LYS A 96 10.96 -4.08 0.66
CA LYS A 96 11.70 -5.33 0.51
C LYS A 96 10.71 -6.45 0.14
N ASN A 97 9.49 -6.31 0.63
CA ASN A 97 8.47 -7.30 0.36
C ASN A 97 8.02 -7.17 -1.09
N CYS A 98 7.61 -5.97 -1.46
CA CYS A 98 7.17 -5.70 -2.81
C CYS A 98 8.24 -6.18 -3.78
N GLY A 99 9.47 -5.74 -3.51
CA GLY A 99 10.60 -6.11 -4.34
C GLY A 99 10.55 -5.37 -5.69
N ASN A 100 10.36 -6.14 -6.75
CA ASN A 100 10.30 -5.56 -8.08
C ASN A 100 8.92 -5.83 -8.68
N MET A 101 7.89 -5.60 -7.86
CA MET A 101 6.53 -5.81 -8.30
C MET A 101 6.09 -4.72 -9.27
N SER A 102 5.12 -5.07 -10.12
CA SER A 102 4.61 -4.13 -11.09
C SER A 102 3.78 -3.05 -10.40
N GLU A 103 3.83 -1.85 -10.96
CA GLU A 103 3.11 -0.72 -10.41
C GLU A 103 1.64 -1.11 -10.18
N ILE A 104 1.13 -1.94 -11.08
CA ILE A 104 -0.25 -2.38 -10.98
C ILE A 104 -0.37 -3.38 -9.83
N GLU A 105 0.37 -4.48 -9.96
CA GLU A 105 0.35 -5.52 -8.94
C GLU A 105 0.53 -4.90 -7.55
N ALA A 106 1.16 -3.74 -7.54
CA ALA A 106 1.41 -3.03 -6.28
C ALA A 106 0.13 -2.33 -5.84
N LYS A 107 -0.60 -1.82 -6.83
CA LYS A 107 -1.84 -1.12 -6.55
C LYS A 107 -2.93 -2.14 -6.21
N VAL A 108 -2.88 -3.26 -6.90
CA VAL A 108 -3.86 -4.32 -6.68
C VAL A 108 -3.88 -4.68 -5.19
N ARG A 109 -2.74 -5.18 -4.73
CA ARG A 109 -2.62 -5.56 -3.32
C ARG A 109 -2.96 -4.39 -2.41
N TYR A 110 -2.69 -3.19 -2.91
CA TYR A 110 -2.96 -1.98 -2.16
C TYR A 110 -4.44 -1.90 -1.78
N VAL A 111 -5.29 -2.13 -2.77
CA VAL A 111 -6.73 -2.08 -2.57
C VAL A 111 -7.13 -3.22 -1.63
N LYS A 112 -6.69 -4.42 -1.99
CA LYS A 112 -7.01 -5.60 -1.19
C LYS A 112 -6.53 -5.38 0.25
N LEU A 113 -5.45 -4.62 0.38
CA LEU A 113 -4.90 -4.33 1.68
C LEU A 113 -5.83 -3.38 2.43
N ALA A 114 -6.11 -2.25 1.79
CA ALA A 114 -6.98 -1.25 2.37
C ALA A 114 -8.33 -1.90 2.72
N ARG A 115 -8.93 -2.52 1.71
CA ARG A 115 -10.21 -3.18 1.89
C ARG A 115 -10.09 -4.31 2.90
N SER A 116 -8.84 -4.70 3.17
CA SER A 116 -8.58 -5.77 4.11
C SER A 116 -8.39 -5.20 5.52
N LEU A 117 -8.04 -3.93 5.56
CA LEU A 117 -7.82 -3.25 6.82
C LEU A 117 -9.17 -2.82 7.41
N LYS A 118 -9.99 -2.23 6.55
CA LYS A 118 -11.31 -1.77 6.97
C LYS A 118 -12.13 -2.97 7.43
N THR A 119 -12.59 -3.75 6.44
CA THR A 119 -13.39 -4.93 6.73
C THR A 119 -12.58 -6.20 6.49
N TYR A 120 -12.73 -7.15 7.39
CA TYR A 120 -12.02 -8.41 7.29
C TYR A 120 -12.94 -9.51 6.78
N GLY A 121 -13.99 -9.11 6.07
CA GLY A 121 -14.95 -10.05 5.54
C GLY A 121 -14.26 -11.09 4.65
N GLU A 1 20.77 -6.00 15.90
CA GLU A 1 20.76 -7.00 14.84
C GLU A 1 19.36 -7.14 14.25
N THR A 2 19.28 -7.82 13.12
CA THR A 2 18.02 -8.03 12.45
C THR A 2 17.73 -9.53 12.30
N LEU A 3 16.46 -9.84 12.10
CA LEU A 3 16.04 -11.22 11.95
C LEU A 3 15.05 -11.32 10.78
N LEU A 4 14.63 -12.55 10.51
CA LEU A 4 13.69 -12.79 9.43
C LEU A 4 12.45 -13.49 10.00
N LEU A 5 11.38 -13.44 9.22
CA LEU A 5 10.12 -14.07 9.62
C LEU A 5 9.38 -14.55 8.38
N ARG A 6 8.70 -15.68 8.54
CA ARG A 6 7.94 -16.26 7.45
C ARG A 6 6.87 -15.28 6.96
N ARG A 7 6.35 -15.56 5.78
CA ARG A 7 5.31 -14.72 5.21
C ARG A 7 4.01 -15.49 5.06
N LYS A 8 2.93 -14.75 4.83
CA LYS A 8 1.63 -15.36 4.68
C LYS A 8 0.93 -14.73 3.47
N PHE A 9 -0.34 -15.08 3.31
CA PHE A 9 -1.13 -14.57 2.19
C PHE A 9 -2.62 -14.78 2.44
N PHE A 10 -3.43 -14.06 1.66
CA PHE A 10 -4.87 -14.17 1.79
C PHE A 10 -5.55 -13.95 0.44
N TYR A 11 -6.80 -14.38 0.37
CA TYR A 11 -7.57 -14.24 -0.86
C TYR A 11 -8.61 -13.13 -0.73
N SER A 12 -9.38 -12.95 -1.79
CA SER A 12 -10.40 -11.93 -1.82
C SER A 12 -11.23 -12.03 -3.10
N ASP A 13 -12.41 -11.43 -3.07
CA ASP A 13 -13.29 -11.44 -4.22
C ASP A 13 -13.29 -10.06 -4.88
N GLN A 14 -12.57 -9.96 -5.97
CA GLN A 14 -12.48 -8.70 -6.70
C GLN A 14 -11.66 -8.89 -7.98
N ASN A 15 -12.11 -9.82 -8.81
CA ASN A 15 -11.43 -10.10 -10.06
C ASN A 15 -12.10 -9.30 -11.19
N VAL A 16 -13.40 -9.12 -11.05
CA VAL A 16 -14.16 -8.38 -12.04
C VAL A 16 -13.80 -6.91 -11.97
N ASP A 17 -13.00 -6.57 -10.95
CA ASP A 17 -12.57 -5.20 -10.76
C ASP A 17 -11.06 -5.11 -10.97
N SER A 18 -10.38 -6.18 -10.58
CA SER A 18 -8.93 -6.23 -10.71
C SER A 18 -8.53 -5.94 -12.16
N ARG A 19 -9.33 -6.44 -13.08
CA ARG A 19 -9.08 -6.24 -14.50
C ARG A 19 -9.10 -4.75 -14.82
N ASP A 20 -10.13 -4.08 -14.33
CA ASP A 20 -10.28 -2.65 -14.57
C ASP A 20 -9.33 -1.89 -13.65
N PRO A 21 -8.34 -1.21 -14.29
CA PRO A 21 -7.36 -0.43 -13.54
C PRO A 21 -7.97 0.87 -13.03
N VAL A 22 -9.00 1.32 -13.73
CA VAL A 22 -9.68 2.56 -13.36
C VAL A 22 -10.31 2.38 -11.97
N GLN A 23 -11.24 1.44 -11.89
CA GLN A 23 -11.91 1.17 -10.63
C GLN A 23 -10.89 0.80 -9.55
N LEU A 24 -9.74 0.34 -9.99
CA LEU A 24 -8.69 -0.06 -9.08
C LEU A 24 -7.94 1.19 -8.61
N ASN A 25 -7.76 2.13 -9.54
CA ASN A 25 -7.07 3.37 -9.22
C ASN A 25 -7.95 4.23 -8.30
N LEU A 26 -9.25 4.15 -8.55
CA LEU A 26 -10.20 4.91 -7.76
C LEU A 26 -10.18 4.40 -6.32
N LEU A 27 -10.03 3.09 -6.18
CA LEU A 27 -10.00 2.47 -4.87
C LEU A 27 -8.64 2.77 -4.22
N TYR A 28 -7.60 2.70 -5.03
CA TYR A 28 -6.25 2.95 -4.55
C TYR A 28 -6.14 4.35 -3.94
N VAL A 29 -6.91 5.27 -4.51
CA VAL A 29 -6.90 6.64 -4.04
C VAL A 29 -7.75 6.74 -2.77
N GLN A 30 -8.96 6.24 -2.86
CA GLN A 30 -9.87 6.26 -1.72
C GLN A 30 -9.21 5.62 -0.50
N ALA A 31 -8.53 4.51 -0.75
CA ALA A 31 -7.86 3.79 0.32
C ALA A 31 -6.79 4.70 0.94
N ARG A 32 -6.02 5.33 0.07
CA ARG A 32 -4.96 6.22 0.50
C ARG A 32 -5.55 7.40 1.27
N ASP A 33 -6.54 8.02 0.66
CA ASP A 33 -7.20 9.17 1.27
C ASP A 33 -7.63 8.80 2.69
N ASP A 34 -8.44 7.75 2.77
CA ASP A 34 -8.93 7.29 4.06
C ASP A 34 -7.80 7.34 5.09
N ILE A 35 -6.64 6.86 4.66
CA ILE A 35 -5.47 6.84 5.54
C ILE A 35 -5.08 8.29 5.88
N LEU A 36 -4.88 9.08 4.82
CA LEU A 36 -4.51 10.46 5.00
C LEU A 36 -5.57 11.18 5.84
N ASN A 37 -6.76 10.61 5.83
CA ASN A 37 -7.87 11.17 6.59
C ASN A 37 -7.70 10.83 8.07
N GLY A 38 -7.15 9.64 8.31
CA GLY A 38 -6.93 9.19 9.67
C GLY A 38 -8.23 8.70 10.31
N SER A 39 -9.11 8.18 9.46
CA SER A 39 -10.39 7.68 9.93
C SER A 39 -10.26 6.23 10.37
N HIS A 40 -9.54 5.46 9.58
CA HIS A 40 -9.32 4.05 9.88
C HIS A 40 -7.96 3.88 10.55
N PRO A 41 -8.01 3.51 11.86
CA PRO A 41 -6.79 3.30 12.62
C PRO A 41 -6.12 1.99 12.24
N VAL A 42 -5.45 2.01 11.09
CA VAL A 42 -4.76 0.82 10.61
C VAL A 42 -3.37 0.75 11.24
N SER A 43 -3.03 -0.45 11.68
CA SER A 43 -1.74 -0.68 12.31
C SER A 43 -0.65 0.11 11.56
N PHE A 44 0.45 0.35 12.27
CA PHE A 44 1.56 1.08 11.70
C PHE A 44 2.13 0.35 10.47
N ASP A 45 2.58 -0.86 10.71
CA ASP A 45 3.14 -1.67 9.65
C ASP A 45 2.25 -1.58 8.41
N LYS A 46 0.98 -1.89 8.63
CA LYS A 46 0.00 -1.85 7.56
C LYS A 46 0.06 -0.49 6.86
N ALA A 47 -0.33 0.54 7.59
CA ALA A 47 -0.32 1.89 7.07
C ALA A 47 0.97 2.12 6.28
N CYS A 48 2.08 1.71 6.89
CA CYS A 48 3.38 1.86 6.27
C CYS A 48 3.38 1.06 4.97
N GLU A 49 2.86 -0.16 5.06
CA GLU A 49 2.80 -1.03 3.90
C GLU A 49 2.42 -0.23 2.66
N PHE A 50 1.38 0.58 2.80
CA PHE A 50 0.90 1.40 1.70
C PHE A 50 1.97 2.40 1.26
N ALA A 51 2.51 3.11 2.23
CA ALA A 51 3.54 4.09 1.95
C ALA A 51 4.59 3.49 1.02
N GLY A 52 5.10 2.34 1.41
CA GLY A 52 6.10 1.64 0.61
C GLY A 52 5.61 1.45 -0.82
N TYR A 53 4.47 0.78 -0.95
CA TYR A 53 3.89 0.51 -2.25
C TYR A 53 3.63 1.82 -3.00
N GLN A 54 3.04 2.77 -2.29
CA GLN A 54 2.73 4.07 -2.88
C GLN A 54 3.94 4.60 -3.65
N CYS A 55 4.98 4.92 -2.90
CA CYS A 55 6.21 5.43 -3.50
C CYS A 55 6.56 4.56 -4.71
N GLN A 56 6.59 3.25 -4.46
CA GLN A 56 6.91 2.31 -5.53
C GLN A 56 6.04 2.57 -6.75
N ILE A 57 4.74 2.49 -6.54
CA ILE A 57 3.79 2.71 -7.62
C ILE A 57 4.01 4.11 -8.20
N GLN A 58 4.35 5.04 -7.32
CA GLN A 58 4.58 6.41 -7.73
C GLN A 58 5.71 6.47 -8.77
N PHE A 59 6.92 6.16 -8.31
CA PHE A 59 8.08 6.18 -9.17
C PHE A 59 8.34 4.79 -9.76
N GLY A 60 8.61 3.84 -8.88
CA GLY A 60 8.88 2.48 -9.30
C GLY A 60 9.85 1.78 -8.34
N PRO A 61 9.81 0.43 -8.36
CA PRO A 61 10.68 -0.36 -7.50
C PRO A 61 12.10 -0.37 -8.03
N HIS A 62 12.30 0.33 -9.14
CA HIS A 62 13.62 0.42 -9.76
C HIS A 62 14.48 1.42 -8.98
N ASN A 63 14.59 1.19 -7.69
CA ASN A 63 15.38 2.07 -6.84
C ASN A 63 15.41 1.51 -5.42
N GLU A 64 16.43 1.91 -4.68
CA GLU A 64 16.60 1.44 -3.31
C GLU A 64 18.00 1.77 -2.81
N GLN A 65 18.98 1.49 -3.66
CA GLN A 65 20.37 1.75 -3.32
C GLN A 65 20.68 3.24 -3.42
N LYS A 66 19.90 3.93 -4.24
CA LYS A 66 20.09 5.35 -4.43
C LYS A 66 18.90 6.09 -3.81
N HIS A 67 17.77 5.40 -3.73
CA HIS A 67 16.58 5.99 -3.16
C HIS A 67 16.56 5.74 -1.65
N LYS A 68 16.27 6.81 -0.92
CA LYS A 68 16.21 6.73 0.53
C LYS A 68 14.78 6.97 1.00
N PRO A 69 14.46 6.43 2.20
CA PRO A 69 13.13 6.58 2.76
C PRO A 69 12.94 8.00 3.32
N GLY A 70 14.02 8.75 3.35
CA GLY A 70 13.99 10.11 3.84
C GLY A 70 13.38 11.06 2.80
N PHE A 71 13.83 10.91 1.58
CA PHE A 71 13.34 11.74 0.48
C PHE A 71 11.80 11.77 0.48
N LEU A 72 11.21 10.59 0.42
CA LEU A 72 9.76 10.47 0.41
C LEU A 72 9.17 11.47 1.40
N GLU A 73 7.89 11.75 1.21
CA GLU A 73 7.19 12.68 2.08
C GLU A 73 6.20 11.95 2.98
N LEU A 74 6.75 11.26 3.97
CA LEU A 74 5.93 10.51 4.91
C LEU A 74 4.82 11.41 5.45
N LYS A 75 5.11 12.70 5.44
CA LYS A 75 4.15 13.68 5.93
C LYS A 75 3.01 13.82 4.92
N ASP A 76 3.36 13.66 3.65
CA ASP A 76 2.39 13.77 2.59
C ASP A 76 1.99 12.37 2.11
N PHE A 77 2.18 11.40 3.01
CA PHE A 77 1.85 10.02 2.71
C PHE A 77 1.09 9.37 3.86
N LEU A 78 1.58 9.63 5.07
CA LEU A 78 0.98 9.08 6.26
C LEU A 78 0.15 10.17 6.96
N PRO A 79 -0.77 9.70 7.85
CA PRO A 79 -1.62 10.63 8.58
C PRO A 79 -0.84 11.32 9.70
N LYS A 80 -1.19 12.58 9.93
CA LYS A 80 -0.53 13.36 10.96
C LYS A 80 -0.45 12.52 12.25
N GLU A 81 -1.53 11.83 12.54
CA GLU A 81 -1.59 10.99 13.72
C GLU A 81 -0.37 10.07 13.79
N TYR A 82 0.20 9.81 12.63
CA TYR A 82 1.37 8.96 12.53
C TYR A 82 2.64 9.79 12.28
N ILE A 83 2.47 10.81 11.45
CA ILE A 83 3.59 11.68 11.12
C ILE A 83 4.46 11.89 12.35
N LYS A 84 3.80 12.19 13.47
CA LYS A 84 4.50 12.40 14.71
C LYS A 84 5.57 11.32 14.90
N GLN A 85 5.09 10.10 15.10
CA GLN A 85 5.99 8.97 15.28
C GLN A 85 7.12 9.01 14.26
N LYS A 86 6.74 9.21 13.01
CA LYS A 86 7.71 9.28 11.94
C LYS A 86 8.27 7.88 11.67
N GLY A 87 7.97 7.36 10.49
CA GLY A 87 8.44 6.05 10.10
C GLY A 87 9.65 6.14 9.18
N GLU A 88 9.38 6.20 7.89
CA GLU A 88 10.44 6.30 6.90
C GLU A 88 11.23 4.99 6.85
N ARG A 89 12.05 4.78 7.87
CA ARG A 89 12.87 3.58 7.94
C ARG A 89 12.01 2.35 7.70
N LYS A 90 10.75 2.44 8.10
CA LYS A 90 9.82 1.34 7.93
C LYS A 90 9.49 1.19 6.45
N ILE A 91 9.06 2.30 5.85
CA ILE A 91 8.71 2.30 4.44
C ILE A 91 9.72 1.46 3.66
N PHE A 92 10.96 1.88 3.71
CA PHE A 92 12.03 1.18 3.02
C PHE A 92 11.81 -0.34 3.08
N MET A 93 11.74 -0.85 4.29
CA MET A 93 11.54 -2.28 4.50
C MET A 93 10.48 -2.81 3.54
N ALA A 94 9.33 -2.15 3.53
CA ALA A 94 8.24 -2.54 2.66
C ALA A 94 8.76 -2.71 1.23
N HIS A 95 9.60 -1.77 0.84
CA HIS A 95 10.18 -1.79 -0.49
C HIS A 95 10.96 -3.08 -0.69
N LYS A 96 11.59 -3.54 0.38
CA LYS A 96 12.38 -4.75 0.34
C LYS A 96 11.44 -5.96 0.18
N ASN A 97 10.21 -5.77 0.63
CA ASN A 97 9.21 -6.82 0.55
C ASN A 97 8.60 -6.82 -0.86
N CYS A 98 8.29 -5.63 -1.34
CA CYS A 98 7.71 -5.49 -2.67
C CYS A 98 8.67 -6.11 -3.68
N GLY A 99 9.90 -5.64 -3.66
CA GLY A 99 10.91 -6.14 -4.56
C GLY A 99 10.87 -5.39 -5.90
N ASN A 100 10.38 -6.09 -6.92
CA ASN A 100 10.28 -5.50 -8.24
C ASN A 100 8.90 -5.82 -8.83
N MET A 101 7.89 -5.65 -7.99
CA MET A 101 6.52 -5.91 -8.41
C MET A 101 6.02 -4.83 -9.37
N SER A 102 4.99 -5.18 -10.13
CA SER A 102 4.42 -4.26 -11.09
C SER A 102 3.47 -3.29 -10.38
N GLU A 103 3.46 -2.06 -10.86
CA GLU A 103 2.60 -1.03 -10.28
C GLU A 103 1.17 -1.54 -10.17
N ILE A 104 0.77 -2.33 -11.16
CA ILE A 104 -0.57 -2.89 -11.19
C ILE A 104 -0.71 -3.90 -10.03
N GLU A 105 0.15 -4.90 -10.06
CA GLU A 105 0.13 -5.94 -9.03
C GLU A 105 0.28 -5.30 -7.64
N ALA A 106 0.99 -4.19 -7.61
CA ALA A 106 1.20 -3.47 -6.37
C ALA A 106 -0.08 -2.74 -5.97
N LYS A 107 -0.73 -2.17 -6.97
CA LYS A 107 -1.96 -1.42 -6.75
C LYS A 107 -3.06 -2.40 -6.33
N VAL A 108 -3.05 -3.56 -6.97
CA VAL A 108 -4.04 -4.60 -6.67
C VAL A 108 -4.05 -4.86 -5.17
N ARG A 109 -2.93 -5.36 -4.67
CA ARG A 109 -2.81 -5.67 -3.25
C ARG A 109 -3.14 -4.43 -2.42
N TYR A 110 -2.89 -3.26 -3.00
CA TYR A 110 -3.16 -2.01 -2.31
C TYR A 110 -4.66 -1.87 -2.02
N VAL A 111 -5.46 -2.44 -2.91
CA VAL A 111 -6.90 -2.38 -2.75
C VAL A 111 -7.37 -3.54 -1.88
N LYS A 112 -6.80 -4.71 -2.16
CA LYS A 112 -7.15 -5.91 -1.42
C LYS A 112 -6.68 -5.76 0.03
N LEU A 113 -5.59 -5.02 0.19
CA LEU A 113 -5.04 -4.79 1.51
C LEU A 113 -5.97 -3.88 2.31
N ALA A 114 -6.24 -2.72 1.75
CA ALA A 114 -7.11 -1.76 2.39
C ALA A 114 -8.43 -2.43 2.75
N ARG A 115 -9.06 -3.02 1.74
CA ARG A 115 -10.33 -3.70 1.93
C ARG A 115 -10.15 -4.89 2.88
N SER A 116 -8.89 -5.26 3.07
CA SER A 116 -8.57 -6.38 3.94
C SER A 116 -8.35 -5.88 5.38
N LEU A 117 -8.08 -4.59 5.48
CA LEU A 117 -7.86 -3.98 6.78
C LEU A 117 -9.20 -3.64 7.43
N LYS A 118 -9.94 -2.78 6.76
CA LYS A 118 -11.25 -2.37 7.26
C LYS A 118 -12.17 -3.60 7.32
N THR A 119 -12.90 -3.69 8.42
CA THR A 119 -13.82 -4.79 8.62
C THR A 119 -15.27 -4.32 8.51
N TYR A 120 -16.11 -5.18 7.97
CA TYR A 120 -17.51 -4.87 7.80
C TYR A 120 -18.26 -4.96 9.13
N GLY A 121 -18.77 -3.82 9.57
CA GLY A 121 -19.50 -3.76 10.82
C GLY A 121 -19.08 -2.55 11.66
N GLU A 1 9.79 -24.89 23.66
CA GLU A 1 9.73 -23.94 22.57
C GLU A 1 9.52 -24.68 21.23
N THR A 2 8.42 -24.34 20.57
CA THR A 2 8.10 -24.97 19.30
C THR A 2 6.99 -24.19 18.60
N LEU A 3 7.32 -23.68 17.42
CA LEU A 3 6.36 -22.93 16.64
C LEU A 3 6.94 -22.64 15.26
N LEU A 4 6.23 -23.13 14.24
CA LEU A 4 6.66 -22.94 12.87
C LEU A 4 5.63 -23.57 11.93
N LEU A 5 4.80 -22.71 11.35
CA LEU A 5 3.77 -23.16 10.43
C LEU A 5 3.44 -22.04 9.45
N ARG A 6 3.68 -22.32 8.18
CA ARG A 6 3.41 -21.34 7.13
C ARG A 6 2.68 -22.02 5.97
N ARG A 7 1.80 -21.24 5.34
CA ARG A 7 1.03 -21.73 4.21
C ARG A 7 0.60 -20.58 3.32
N LYS A 8 0.18 -20.93 2.11
CA LYS A 8 -0.27 -19.93 1.15
C LYS A 8 -1.75 -20.17 0.83
N PHE A 9 -2.37 -19.14 0.27
CA PHE A 9 -3.77 -19.22 -0.09
C PHE A 9 -4.25 -17.91 -0.73
N PHE A 10 -5.04 -18.06 -1.78
CA PHE A 10 -5.57 -16.91 -2.50
C PHE A 10 -6.97 -17.19 -3.02
N TYR A 11 -7.82 -16.18 -2.92
CA TYR A 11 -9.19 -16.31 -3.38
C TYR A 11 -9.91 -14.95 -3.35
N SER A 12 -10.52 -14.61 -4.48
CA SER A 12 -11.24 -13.36 -4.60
C SER A 12 -12.08 -13.35 -5.88
N ASP A 13 -13.07 -12.49 -5.88
CA ASP A 13 -13.96 -12.37 -7.03
C ASP A 13 -14.08 -10.89 -7.43
N GLN A 14 -12.95 -10.22 -7.44
CA GLN A 14 -12.92 -8.81 -7.80
C GLN A 14 -12.02 -8.59 -9.01
N ASN A 15 -12.23 -9.42 -10.03
CA ASN A 15 -11.45 -9.33 -11.25
C ASN A 15 -12.13 -8.36 -12.21
N VAL A 16 -13.42 -8.15 -11.98
CA VAL A 16 -14.20 -7.24 -12.82
C VAL A 16 -13.72 -5.81 -12.58
N ASP A 17 -12.87 -5.66 -11.56
CA ASP A 17 -12.34 -4.36 -11.22
C ASP A 17 -10.83 -4.33 -11.48
N SER A 18 -10.20 -5.46 -11.17
CA SER A 18 -8.77 -5.58 -11.35
C SER A 18 -8.39 -5.19 -12.78
N ARG A 19 -9.29 -5.53 -13.70
CA ARG A 19 -9.07 -5.22 -15.11
C ARG A 19 -8.95 -3.70 -15.32
N ASP A 20 -10.03 -3.01 -14.96
CA ASP A 20 -10.06 -1.57 -15.09
C ASP A 20 -9.10 -0.94 -14.08
N PRO A 21 -8.03 -0.30 -14.63
CA PRO A 21 -7.04 0.34 -13.79
C PRO A 21 -7.57 1.65 -13.22
N VAL A 22 -8.53 2.23 -13.92
CA VAL A 22 -9.13 3.49 -13.49
C VAL A 22 -9.84 3.27 -12.16
N GLN A 23 -10.83 2.40 -12.19
CA GLN A 23 -11.60 2.09 -10.99
C GLN A 23 -10.68 1.58 -9.89
N LEU A 24 -9.54 1.05 -10.31
CA LEU A 24 -8.57 0.51 -9.37
C LEU A 24 -7.75 1.67 -8.78
N ASN A 25 -7.49 2.65 -9.63
CA ASN A 25 -6.71 3.81 -9.20
C ASN A 25 -7.57 4.66 -8.26
N LEU A 26 -8.86 4.69 -8.54
CA LEU A 26 -9.79 5.46 -7.74
C LEU A 26 -9.84 4.87 -6.33
N LEU A 27 -9.83 3.54 -6.27
CA LEU A 27 -9.87 2.85 -4.99
C LEU A 27 -8.54 3.04 -4.28
N TYR A 28 -7.47 2.85 -5.03
CA TYR A 28 -6.12 2.99 -4.48
C TYR A 28 -5.93 4.38 -3.86
N VAL A 29 -6.64 5.35 -4.42
CA VAL A 29 -6.55 6.71 -3.93
C VAL A 29 -7.43 6.86 -2.69
N GLN A 30 -8.68 6.45 -2.84
CA GLN A 30 -9.64 6.53 -1.73
C GLN A 30 -9.09 5.80 -0.51
N ALA A 31 -8.49 4.65 -0.77
CA ALA A 31 -7.92 3.85 0.30
C ALA A 31 -6.88 4.67 1.05
N ARG A 32 -5.84 5.04 0.33
CA ARG A 32 -4.77 5.83 0.92
C ARG A 32 -5.33 7.08 1.60
N ASP A 33 -6.31 7.68 0.95
CA ASP A 33 -6.95 8.87 1.47
C ASP A 33 -7.58 8.54 2.83
N ASP A 34 -8.34 7.47 2.85
CA ASP A 34 -9.01 7.04 4.07
C ASP A 34 -8.01 7.07 5.23
N ILE A 35 -6.79 6.62 4.93
CA ILE A 35 -5.74 6.58 5.93
C ILE A 35 -5.39 8.01 6.34
N LEU A 36 -5.07 8.82 5.33
CA LEU A 36 -4.70 10.20 5.58
C LEU A 36 -5.85 10.90 6.32
N ASN A 37 -7.07 10.53 5.94
CA ASN A 37 -8.25 11.11 6.56
C ASN A 37 -8.29 10.72 8.04
N GLY A 38 -7.67 9.59 8.34
CA GLY A 38 -7.63 9.11 9.71
C GLY A 38 -9.01 8.61 10.15
N SER A 39 -9.70 7.98 9.22
CA SER A 39 -11.03 7.45 9.50
C SER A 39 -10.91 6.06 10.12
N HIS A 40 -10.03 5.26 9.56
CA HIS A 40 -9.81 3.91 10.04
C HIS A 40 -8.46 3.84 10.75
N PRO A 41 -8.49 3.27 12.00
CA PRO A 41 -7.28 3.13 12.79
C PRO A 41 -6.41 1.99 12.26
N VAL A 42 -5.70 2.29 11.17
CA VAL A 42 -4.83 1.29 10.56
C VAL A 42 -3.54 1.19 11.38
N SER A 43 -3.22 -0.05 11.76
CA SER A 43 -2.03 -0.30 12.54
C SER A 43 -0.81 0.35 11.86
N PHE A 44 0.25 0.48 12.64
CA PHE A 44 1.48 1.06 12.12
C PHE A 44 2.05 0.24 10.97
N ASP A 45 2.28 -1.03 11.25
CA ASP A 45 2.83 -1.94 10.26
C ASP A 45 2.04 -1.79 8.97
N LYS A 46 0.72 -1.93 9.10
CA LYS A 46 -0.17 -1.82 7.94
C LYS A 46 0.08 -0.48 7.24
N ALA A 47 -0.23 0.59 7.96
CA ALA A 47 -0.05 1.93 7.43
C ALA A 47 1.32 2.02 6.75
N CYS A 48 2.33 1.52 7.45
CA CYS A 48 3.68 1.55 6.93
C CYS A 48 3.69 0.85 5.58
N GLU A 49 2.94 -0.25 5.51
CA GLU A 49 2.86 -1.03 4.29
C GLU A 49 2.51 -0.12 3.11
N PHE A 50 1.33 0.49 3.18
CA PHE A 50 0.88 1.38 2.14
C PHE A 50 2.02 2.23 1.60
N ALA A 51 2.60 3.03 2.50
CA ALA A 51 3.70 3.90 2.14
C ALA A 51 4.68 3.12 1.26
N GLY A 52 5.24 2.07 1.83
CA GLY A 52 6.20 1.24 1.11
C GLY A 52 5.70 0.94 -0.31
N TYR A 53 4.47 0.46 -0.38
CA TYR A 53 3.87 0.14 -1.67
C TYR A 53 3.75 1.38 -2.55
N GLN A 54 3.18 2.42 -1.96
CA GLN A 54 2.99 3.68 -2.68
C GLN A 54 4.22 3.97 -3.55
N CYS A 55 5.33 4.23 -2.87
CA CYS A 55 6.56 4.53 -3.57
C CYS A 55 6.78 3.48 -4.65
N GLN A 56 6.81 2.23 -4.22
CA GLN A 56 7.01 1.13 -5.15
C GLN A 56 6.21 1.36 -6.43
N ILE A 57 5.03 1.93 -6.27
CA ILE A 57 4.17 2.21 -7.40
C ILE A 57 4.57 3.57 -8.01
N GLN A 58 4.61 4.57 -7.15
CA GLN A 58 4.97 5.91 -7.60
C GLN A 58 6.29 5.87 -8.37
N PHE A 59 7.33 5.44 -7.69
CA PHE A 59 8.65 5.36 -8.29
C PHE A 59 8.74 4.15 -9.23
N GLY A 60 8.43 2.99 -8.68
CA GLY A 60 8.48 1.75 -9.45
C GLY A 60 9.35 0.70 -8.77
N PRO A 61 9.64 -0.39 -9.52
CA PRO A 61 10.46 -1.47 -9.00
C PRO A 61 11.94 -1.06 -8.97
N HIS A 62 12.19 0.16 -9.39
CA HIS A 62 13.55 0.68 -9.41
C HIS A 62 14.25 0.34 -8.10
N ASN A 63 15.56 0.51 -8.10
CA ASN A 63 16.36 0.23 -6.92
C ASN A 63 16.07 1.28 -5.85
N GLU A 64 16.39 0.93 -4.62
CA GLU A 64 16.17 1.83 -3.50
C GLU A 64 17.48 2.14 -2.79
N GLN A 65 18.51 2.37 -3.60
CA GLN A 65 19.83 2.67 -3.07
C GLN A 65 20.09 4.19 -3.12
N LYS A 66 19.89 4.74 -4.30
CA LYS A 66 20.10 6.17 -4.49
C LYS A 66 18.90 6.93 -3.93
N HIS A 67 17.72 6.54 -4.38
CA HIS A 67 16.49 7.18 -3.94
C HIS A 67 16.28 6.90 -2.45
N LYS A 68 16.08 7.96 -1.69
CA LYS A 68 15.87 7.84 -0.26
C LYS A 68 14.37 7.93 0.03
N PRO A 69 13.97 7.31 1.18
CA PRO A 69 12.58 7.31 1.59
C PRO A 69 12.16 8.67 2.14
N GLY A 70 13.15 9.55 2.24
CA GLY A 70 12.90 10.89 2.75
C GLY A 70 12.23 11.77 1.69
N PHE A 71 12.62 11.55 0.45
CA PHE A 71 12.06 12.31 -0.66
C PHE A 71 10.54 12.22 -0.67
N LEU A 72 10.03 11.08 -0.24
CA LEU A 72 8.60 10.86 -0.19
C LEU A 72 7.95 11.95 0.68
N GLU A 73 6.75 12.33 0.29
CA GLU A 73 6.02 13.35 1.01
C GLU A 73 5.28 12.73 2.19
N LEU A 74 6.05 12.32 3.18
CA LEU A 74 5.47 11.70 4.37
C LEU A 74 4.25 12.52 4.82
N LYS A 75 4.47 13.82 4.98
CA LYS A 75 3.41 14.71 5.40
C LYS A 75 2.15 14.42 4.58
N ASP A 76 2.38 14.07 3.32
CA ASP A 76 1.27 13.77 2.42
C ASP A 76 1.30 12.28 2.08
N PHE A 77 1.59 11.47 3.09
CA PHE A 77 1.65 10.04 2.90
C PHE A 77 1.13 9.31 4.14
N LEU A 78 1.56 9.78 5.30
CA LEU A 78 1.15 9.19 6.56
C LEU A 78 0.22 10.15 7.29
N PRO A 79 -0.54 9.59 8.26
CA PRO A 79 -1.47 10.39 9.04
C PRO A 79 -0.73 11.24 10.08
N LYS A 80 -1.07 12.52 10.09
CA LYS A 80 -0.44 13.45 11.01
C LYS A 80 -0.25 12.76 12.36
N GLU A 81 -1.16 11.86 12.66
CA GLU A 81 -1.11 11.12 13.91
C GLU A 81 0.20 10.33 14.02
N TYR A 82 0.41 9.48 13.02
CA TYR A 82 1.62 8.67 12.98
C TYR A 82 2.82 9.50 12.54
N ILE A 83 2.55 10.47 11.68
CA ILE A 83 3.60 11.34 11.17
C ILE A 83 4.50 11.78 12.32
N LYS A 84 3.86 12.11 13.44
CA LYS A 84 4.59 12.54 14.61
C LYS A 84 5.71 11.55 14.92
N GLN A 85 5.38 10.27 14.77
CA GLN A 85 6.35 9.22 15.02
C GLN A 85 7.31 9.08 13.83
N LYS A 86 6.77 8.63 12.72
CA LYS A 86 7.56 8.45 11.52
C LYS A 86 8.29 7.11 11.59
N GLY A 87 8.32 6.43 10.45
CA GLY A 87 8.98 5.14 10.37
C GLY A 87 9.51 4.88 8.96
N GLU A 88 10.45 5.72 8.55
CA GLU A 88 11.05 5.60 7.23
C GLU A 88 11.67 4.21 7.06
N ARG A 89 12.69 3.95 7.87
CA ARG A 89 13.37 2.66 7.80
C ARG A 89 12.37 1.54 7.57
N LYS A 90 11.28 1.58 8.33
CA LYS A 90 10.24 0.57 8.21
C LYS A 90 9.73 0.54 6.78
N ILE A 91 9.28 1.71 6.31
CA ILE A 91 8.76 1.83 4.96
C ILE A 91 9.64 1.03 4.01
N PHE A 92 10.88 1.50 3.87
CA PHE A 92 11.83 0.84 2.99
C PHE A 92 11.68 -0.68 3.06
N MET A 93 11.84 -1.21 4.26
CA MET A 93 11.72 -2.64 4.48
C MET A 93 10.61 -3.23 3.61
N ALA A 94 9.47 -2.55 3.60
CA ALA A 94 8.33 -2.99 2.83
C ALA A 94 8.73 -3.09 1.36
N HIS A 95 9.32 -2.01 0.86
CA HIS A 95 9.75 -1.96 -0.53
C HIS A 95 10.63 -3.18 -0.84
N LYS A 96 11.61 -3.39 0.03
CA LYS A 96 12.52 -4.52 -0.14
C LYS A 96 11.72 -5.78 -0.46
N ASN A 97 10.73 -6.05 0.39
CA ASN A 97 9.88 -7.21 0.21
C ASN A 97 9.30 -7.20 -1.21
N CYS A 98 8.62 -6.11 -1.53
CA CYS A 98 8.01 -5.97 -2.83
C CYS A 98 9.07 -6.28 -3.89
N GLY A 99 10.17 -5.54 -3.82
CA GLY A 99 11.26 -5.73 -4.77
C GLY A 99 10.91 -5.15 -6.13
N ASN A 100 11.20 -5.92 -7.17
CA ASN A 100 10.91 -5.50 -8.52
C ASN A 100 9.53 -6.01 -8.94
N MET A 101 8.58 -5.88 -8.02
CA MET A 101 7.23 -6.31 -8.26
C MET A 101 6.51 -5.35 -9.23
N SER A 102 5.51 -5.89 -9.91
CA SER A 102 4.75 -5.09 -10.85
C SER A 102 4.07 -3.93 -10.14
N GLU A 103 4.06 -2.78 -10.81
CA GLU A 103 3.45 -1.59 -10.25
C GLU A 103 1.95 -1.81 -10.04
N ILE A 104 1.35 -2.50 -10.99
CA ILE A 104 -0.07 -2.78 -10.93
C ILE A 104 -0.34 -3.79 -9.81
N GLU A 105 0.31 -4.94 -9.92
CA GLU A 105 0.15 -5.99 -8.92
C GLU A 105 0.26 -5.41 -7.51
N ALA A 106 0.98 -4.29 -7.43
CA ALA A 106 1.16 -3.62 -6.15
C ALA A 106 -0.09 -2.82 -5.81
N LYS A 107 -0.64 -2.18 -6.83
CA LYS A 107 -1.84 -1.37 -6.65
C LYS A 107 -3.02 -2.29 -6.30
N VAL A 108 -3.08 -3.42 -6.99
CA VAL A 108 -4.14 -4.38 -6.77
C VAL A 108 -4.20 -4.73 -5.28
N ARG A 109 -3.12 -5.36 -4.81
CA ARG A 109 -3.03 -5.75 -3.42
C ARG A 109 -3.38 -4.57 -2.51
N TYR A 110 -2.95 -3.38 -2.94
CA TYR A 110 -3.20 -2.18 -2.18
C TYR A 110 -4.70 -2.01 -1.89
N VAL A 111 -5.49 -2.26 -2.92
CA VAL A 111 -6.93 -2.14 -2.80
C VAL A 111 -7.46 -3.26 -1.91
N LYS A 112 -6.83 -4.42 -2.04
CA LYS A 112 -7.22 -5.58 -1.25
C LYS A 112 -6.78 -5.39 0.20
N LEU A 113 -5.76 -4.56 0.37
CA LEU A 113 -5.24 -4.28 1.70
C LEU A 113 -6.18 -3.32 2.42
N ALA A 114 -6.36 -2.14 1.82
CA ALA A 114 -7.23 -1.14 2.39
C ALA A 114 -8.54 -1.79 2.83
N ARG A 115 -9.13 -2.52 1.91
CA ARG A 115 -10.39 -3.21 2.19
C ARG A 115 -10.19 -4.25 3.29
N SER A 116 -8.97 -4.76 3.37
CA SER A 116 -8.64 -5.76 4.38
C SER A 116 -8.57 -5.11 5.75
N LEU A 117 -8.21 -3.83 5.77
CA LEU A 117 -8.09 -3.09 7.01
C LEU A 117 -9.49 -2.81 7.56
N LYS A 118 -10.27 -2.07 6.78
CA LYS A 118 -11.62 -1.72 7.18
C LYS A 118 -12.42 -3.00 7.43
N THR A 119 -13.28 -2.94 8.43
CA THR A 119 -14.10 -4.09 8.79
C THR A 119 -15.58 -3.74 8.63
N TYR A 120 -15.95 -3.41 7.40
CA TYR A 120 -17.33 -3.06 7.10
C TYR A 120 -18.28 -4.18 7.54
N GLY A 121 -19.14 -3.84 8.49
CA GLY A 121 -20.10 -4.80 9.01
C GLY A 121 -19.90 -5.03 10.50
N GLU A 1 -29.09 -16.66 -7.45
CA GLU A 1 -30.25 -17.04 -8.22
C GLU A 1 -31.20 -17.88 -7.37
N THR A 2 -31.72 -17.25 -6.32
CA THR A 2 -32.64 -17.94 -5.42
C THR A 2 -33.26 -16.94 -4.44
N LEU A 3 -34.38 -17.34 -3.87
CA LEU A 3 -35.08 -16.51 -2.91
C LEU A 3 -34.07 -15.88 -1.96
N LEU A 4 -34.10 -14.56 -1.90
CA LEU A 4 -33.19 -13.82 -1.03
C LEU A 4 -33.42 -14.25 0.42
N LEU A 5 -32.32 -14.44 1.13
CA LEU A 5 -32.38 -14.84 2.53
C LEU A 5 -30.97 -15.09 3.05
N ARG A 6 -30.32 -16.07 2.44
CA ARG A 6 -28.97 -16.43 2.84
C ARG A 6 -28.41 -17.50 1.91
N ARG A 7 -27.09 -17.45 1.73
CA ARG A 7 -26.42 -18.41 0.87
C ARG A 7 -25.53 -19.34 1.70
N LYS A 8 -24.61 -18.72 2.41
CA LYS A 8 -23.69 -19.47 3.26
C LYS A 8 -22.73 -18.51 3.96
N PHE A 9 -22.02 -17.74 3.15
CA PHE A 9 -21.08 -16.77 3.68
C PHE A 9 -20.51 -15.89 2.56
N PHE A 10 -19.72 -14.92 2.97
CA PHE A 10 -19.11 -13.99 2.02
C PHE A 10 -17.82 -14.59 1.43
N TYR A 11 -17.66 -14.37 0.14
CA TYR A 11 -16.49 -14.87 -0.56
C TYR A 11 -15.74 -13.74 -1.27
N SER A 12 -16.50 -12.92 -1.97
CA SER A 12 -15.92 -11.79 -2.69
C SER A 12 -14.84 -12.29 -3.64
N ASP A 13 -14.41 -11.40 -4.52
CA ASP A 13 -13.38 -11.74 -5.49
C ASP A 13 -12.70 -10.44 -5.96
N GLN A 14 -13.52 -9.52 -6.43
CA GLN A 14 -13.00 -8.25 -6.91
C GLN A 14 -12.08 -8.46 -8.11
N ASN A 15 -12.52 -9.34 -9.00
CA ASN A 15 -11.75 -9.66 -10.19
C ASN A 15 -12.30 -8.85 -11.37
N VAL A 16 -13.61 -8.69 -11.37
CA VAL A 16 -14.28 -7.95 -12.43
C VAL A 16 -13.92 -6.47 -12.31
N ASP A 17 -13.24 -6.14 -11.22
CA ASP A 17 -12.83 -4.77 -10.97
C ASP A 17 -11.30 -4.67 -11.04
N SER A 18 -10.65 -5.75 -10.59
CA SER A 18 -9.20 -5.79 -10.59
C SER A 18 -8.67 -5.47 -11.99
N ARG A 19 -9.39 -5.95 -12.99
CA ARG A 19 -9.00 -5.71 -14.37
C ARG A 19 -8.93 -4.21 -14.65
N ASP A 20 -10.03 -3.54 -14.39
CA ASP A 20 -10.10 -2.09 -14.61
C ASP A 20 -9.12 -1.39 -13.66
N PRO A 21 -8.06 -0.80 -14.28
CA PRO A 21 -7.06 -0.09 -13.50
C PRO A 21 -7.58 1.26 -13.02
N VAL A 22 -8.57 1.77 -13.75
CA VAL A 22 -9.16 3.05 -13.40
C VAL A 22 -9.87 2.93 -12.05
N GLN A 23 -10.85 2.05 -12.01
CA GLN A 23 -11.62 1.83 -10.78
C GLN A 23 -10.67 1.46 -9.64
N LEU A 24 -9.51 0.93 -10.01
CA LEU A 24 -8.53 0.52 -9.03
C LEU A 24 -7.78 1.76 -8.53
N ASN A 25 -7.48 2.65 -9.46
CA ASN A 25 -6.78 3.88 -9.12
C ASN A 25 -7.69 4.77 -8.28
N LEU A 26 -8.96 4.77 -8.62
CA LEU A 26 -9.94 5.57 -7.90
C LEU A 26 -10.07 5.04 -6.47
N LEU A 27 -9.99 3.72 -6.35
CA LEU A 27 -10.10 3.09 -5.06
C LEU A 27 -8.79 3.27 -4.28
N TYR A 28 -7.69 3.12 -5.00
CA TYR A 28 -6.38 3.27 -4.41
C TYR A 28 -6.21 4.66 -3.80
N VAL A 29 -6.65 5.65 -4.55
CA VAL A 29 -6.54 7.03 -4.09
C VAL A 29 -7.44 7.22 -2.86
N GLN A 30 -8.68 6.77 -3.00
CA GLN A 30 -9.64 6.89 -1.91
C GLN A 30 -9.12 6.15 -0.67
N ALA A 31 -8.64 4.94 -0.89
CA ALA A 31 -8.11 4.14 0.19
C ALA A 31 -6.95 4.88 0.86
N ARG A 32 -6.08 5.42 0.03
CA ARG A 32 -4.92 6.16 0.52
C ARG A 32 -5.37 7.46 1.19
N ASP A 33 -6.28 8.15 0.52
CA ASP A 33 -6.80 9.41 1.04
C ASP A 33 -7.42 9.16 2.42
N ASP A 34 -8.15 8.06 2.52
CA ASP A 34 -8.79 7.70 3.76
C ASP A 34 -7.77 7.71 4.89
N ILE A 35 -6.63 7.07 4.62
CA ILE A 35 -5.56 6.99 5.60
C ILE A 35 -5.16 8.39 6.03
N LEU A 36 -5.08 9.29 5.05
CA LEU A 36 -4.71 10.67 5.32
C LEU A 36 -5.77 11.30 6.22
N ASN A 37 -7.02 10.95 5.94
CA ASN A 37 -8.13 11.49 6.73
C ASN A 37 -8.00 11.02 8.18
N GLY A 38 -7.38 9.87 8.35
CA GLY A 38 -7.18 9.31 9.67
C GLY A 38 -8.49 8.75 10.23
N SER A 39 -9.34 8.29 9.32
CA SER A 39 -10.61 7.72 9.71
C SER A 39 -10.46 6.22 9.97
N HIS A 40 -9.80 5.56 9.05
CA HIS A 40 -9.58 4.12 9.18
C HIS A 40 -8.34 3.86 10.04
N PRO A 41 -8.57 3.22 11.21
CA PRO A 41 -7.49 2.91 12.12
C PRO A 41 -6.65 1.73 11.60
N VAL A 42 -5.79 2.04 10.65
CA VAL A 42 -4.93 1.02 10.07
C VAL A 42 -3.72 0.80 10.97
N SER A 43 -3.39 -0.48 11.16
CA SER A 43 -2.26 -0.83 12.00
C SER A 43 -0.98 -0.21 11.45
N PHE A 44 -0.07 0.10 12.36
CA PHE A 44 1.19 0.71 11.97
C PHE A 44 1.82 -0.04 10.81
N ASP A 45 2.10 -1.31 11.02
CA ASP A 45 2.71 -2.14 10.00
C ASP A 45 1.92 -1.98 8.69
N LYS A 46 0.63 -2.26 8.79
CA LYS A 46 -0.25 -2.15 7.63
C LYS A 46 -0.04 -0.78 6.97
N ALA A 47 -0.38 0.26 7.72
CA ALA A 47 -0.24 1.61 7.23
C ALA A 47 1.07 1.74 6.46
N CYS A 48 2.15 1.36 7.13
CA CYS A 48 3.47 1.43 6.53
C CYS A 48 3.45 0.61 5.24
N GLU A 49 2.83 -0.57 5.33
CA GLU A 49 2.74 -1.45 4.18
C GLU A 49 2.44 -0.64 2.92
N PHE A 50 1.40 0.18 3.01
CA PHE A 50 0.99 1.00 1.88
C PHE A 50 2.14 1.91 1.43
N ALA A 51 2.65 2.69 2.36
CA ALA A 51 3.74 3.60 2.07
C ALA A 51 4.76 2.90 1.19
N GLY A 52 5.18 1.72 1.63
CA GLY A 52 6.15 0.94 0.89
C GLY A 52 5.68 0.69 -0.54
N TYR A 53 4.40 0.34 -0.65
CA TYR A 53 3.81 0.07 -1.95
C TYR A 53 3.65 1.36 -2.76
N GLN A 54 3.34 2.44 -2.05
CA GLN A 54 3.16 3.73 -2.68
C GLN A 54 4.39 4.09 -3.52
N CYS A 55 5.46 4.43 -2.83
CA CYS A 55 6.69 4.81 -3.50
C CYS A 55 6.97 3.77 -4.59
N GLN A 56 6.83 2.50 -4.21
CA GLN A 56 7.06 1.41 -5.14
C GLN A 56 6.26 1.63 -6.43
N ILE A 57 4.96 1.82 -6.25
CA ILE A 57 4.08 2.04 -7.39
C ILE A 57 4.43 3.37 -8.04
N GLN A 58 4.67 4.36 -7.20
CA GLN A 58 5.01 5.70 -7.68
C GLN A 58 6.25 5.64 -8.56
N PHE A 59 7.35 5.18 -7.97
CA PHE A 59 8.61 5.07 -8.68
C PHE A 59 8.68 3.74 -9.46
N GLY A 60 8.87 2.68 -8.70
CA GLY A 60 8.97 1.35 -9.30
C GLY A 60 10.11 0.54 -8.66
N PRO A 61 10.59 -0.47 -9.42
CA PRO A 61 11.67 -1.32 -8.95
C PRO A 61 13.01 -0.58 -9.01
N HIS A 62 12.95 0.66 -9.46
CA HIS A 62 14.15 1.47 -9.57
C HIS A 62 15.06 1.22 -8.36
N ASN A 63 16.34 1.48 -8.55
CA ASN A 63 17.32 1.29 -7.49
C ASN A 63 16.99 2.24 -6.33
N GLU A 64 16.80 1.64 -5.17
CA GLU A 64 16.48 2.42 -3.97
C GLU A 64 17.76 2.69 -3.17
N GLN A 65 18.82 3.04 -3.88
CA GLN A 65 20.08 3.33 -3.25
C GLN A 65 20.35 4.83 -3.24
N LYS A 66 20.04 5.47 -4.36
CA LYS A 66 20.24 6.90 -4.50
C LYS A 66 19.04 7.63 -3.88
N HIS A 67 17.86 7.24 -4.33
CA HIS A 67 16.64 7.86 -3.83
C HIS A 67 16.38 7.39 -2.40
N LYS A 68 16.19 8.36 -1.52
CA LYS A 68 15.94 8.06 -0.11
C LYS A 68 14.43 8.15 0.14
N PRO A 69 13.99 7.40 1.19
CA PRO A 69 12.58 7.39 1.55
C PRO A 69 12.19 8.68 2.28
N GLY A 70 13.21 9.47 2.59
CA GLY A 70 12.98 10.73 3.29
C GLY A 70 12.31 11.75 2.36
N PHE A 71 12.78 11.78 1.12
CA PHE A 71 12.24 12.70 0.13
C PHE A 71 10.73 12.52 -0.01
N LEU A 72 10.25 11.37 0.47
CA LEU A 72 8.83 11.06 0.40
C LEU A 72 8.06 12.03 1.30
N GLU A 73 6.93 12.48 0.78
CA GLU A 73 6.09 13.41 1.51
C GLU A 73 5.27 12.66 2.56
N LEU A 74 5.96 12.23 3.61
CA LEU A 74 5.32 11.50 4.69
C LEU A 74 4.14 12.33 5.22
N LYS A 75 4.18 13.62 4.94
CA LYS A 75 3.14 14.52 5.38
C LYS A 75 1.86 14.23 4.60
N ASP A 76 2.02 13.95 3.33
CA ASP A 76 0.88 13.65 2.47
C ASP A 76 0.93 12.17 2.07
N PHE A 77 1.35 11.34 3.02
CA PHE A 77 1.43 9.91 2.78
C PHE A 77 0.86 9.12 3.95
N LEU A 78 1.20 9.56 5.15
CA LEU A 78 0.72 8.91 6.35
C LEU A 78 -0.12 9.90 7.17
N PRO A 79 -0.91 9.33 8.12
CA PRO A 79 -1.76 10.15 8.97
C PRO A 79 -0.94 10.86 10.03
N LYS A 80 -1.27 12.13 10.23
CA LYS A 80 -0.57 12.95 11.22
C LYS A 80 -0.30 12.10 12.46
N GLU A 81 -1.19 11.15 12.71
CA GLU A 81 -1.06 10.27 13.85
C GLU A 81 0.29 9.53 13.80
N TYR A 82 0.55 8.93 12.65
CA TYR A 82 1.78 8.18 12.46
C TYR A 82 2.93 9.12 12.09
N ILE A 83 2.63 10.05 11.21
CA ILE A 83 3.63 11.02 10.77
C ILE A 83 4.53 11.39 11.94
N LYS A 84 3.88 11.81 13.03
CA LYS A 84 4.61 12.20 14.22
C LYS A 84 5.75 11.21 14.47
N GLN A 85 5.39 9.93 14.47
CA GLN A 85 6.37 8.88 14.68
C GLN A 85 7.41 8.89 13.57
N LYS A 86 6.92 8.79 12.35
CA LYS A 86 7.79 8.78 11.18
C LYS A 86 8.52 7.44 11.11
N GLY A 87 8.07 6.61 10.18
CA GLY A 87 8.65 5.29 10.00
C GLY A 87 9.90 5.38 9.12
N GLU A 88 9.68 5.48 7.82
CA GLU A 88 10.77 5.56 6.87
C GLU A 88 11.54 4.25 6.83
N ARG A 89 12.38 4.06 7.83
CA ARG A 89 13.18 2.85 7.91
C ARG A 89 12.32 1.61 7.65
N LYS A 90 11.15 1.61 8.29
CA LYS A 90 10.22 0.51 8.13
C LYS A 90 9.75 0.44 6.68
N ILE A 91 9.25 1.57 6.19
CA ILE A 91 8.77 1.65 4.83
C ILE A 91 9.71 0.88 3.91
N PHE A 92 10.92 1.42 3.78
CA PHE A 92 11.93 0.80 2.93
C PHE A 92 11.87 -0.72 3.04
N MET A 93 11.91 -1.21 4.27
CA MET A 93 11.85 -2.64 4.50
C MET A 93 10.80 -3.31 3.62
N ALA A 94 9.62 -2.71 3.61
CA ALA A 94 8.53 -3.24 2.81
C ALA A 94 8.99 -3.37 1.35
N HIS A 95 9.59 -2.31 0.85
CA HIS A 95 10.07 -2.29 -0.52
C HIS A 95 11.00 -3.49 -0.74
N LYS A 96 11.97 -3.62 0.15
CA LYS A 96 12.92 -4.71 0.06
C LYS A 96 12.17 -6.03 -0.13
N ASN A 97 11.05 -6.15 0.57
CA ASN A 97 10.24 -7.34 0.49
C ASN A 97 9.47 -7.34 -0.84
N CYS A 98 8.96 -6.17 -1.19
CA CYS A 98 8.21 -6.03 -2.43
C CYS A 98 9.05 -6.60 -3.56
N GLY A 99 10.23 -6.02 -3.75
CA GLY A 99 11.13 -6.46 -4.81
C GLY A 99 10.79 -5.78 -6.14
N ASN A 100 10.71 -6.60 -7.17
CA ASN A 100 10.40 -6.11 -8.51
C ASN A 100 8.98 -6.53 -8.89
N MET A 101 8.07 -6.37 -7.94
CA MET A 101 6.69 -6.74 -8.16
C MET A 101 5.99 -5.74 -9.09
N SER A 102 4.99 -6.24 -9.80
CA SER A 102 4.25 -5.40 -10.73
C SER A 102 3.69 -4.18 -9.99
N GLU A 103 3.72 -3.05 -10.69
CA GLU A 103 3.22 -1.81 -10.11
C GLU A 103 1.72 -1.92 -9.83
N ILE A 104 1.03 -2.62 -10.72
CA ILE A 104 -0.40 -2.80 -10.57
C ILE A 104 -0.66 -3.77 -9.41
N GLU A 105 -0.11 -4.96 -9.54
CA GLU A 105 -0.28 -5.98 -8.52
C GLU A 105 -0.05 -5.38 -7.13
N ALA A 106 0.77 -4.33 -7.09
CA ALA A 106 1.07 -3.66 -5.85
C ALA A 106 -0.12 -2.79 -5.43
N LYS A 107 -0.64 -2.05 -6.40
CA LYS A 107 -1.78 -1.19 -6.15
C LYS A 107 -2.99 -2.03 -5.74
N VAL A 108 -3.12 -3.17 -6.42
CA VAL A 108 -4.22 -4.08 -6.14
C VAL A 108 -4.27 -4.37 -4.64
N ARG A 109 -3.16 -4.88 -4.14
CA ARG A 109 -3.06 -5.22 -2.73
C ARG A 109 -3.40 -4.00 -1.87
N TYR A 110 -3.12 -2.83 -2.43
CA TYR A 110 -3.39 -1.58 -1.73
C TYR A 110 -4.88 -1.44 -1.41
N VAL A 111 -5.70 -1.78 -2.40
CA VAL A 111 -7.14 -1.69 -2.24
C VAL A 111 -7.61 -2.82 -1.33
N LYS A 112 -7.07 -4.00 -1.57
CA LYS A 112 -7.42 -5.18 -0.78
C LYS A 112 -7.03 -4.94 0.68
N LEU A 113 -5.76 -4.60 0.87
CA LEU A 113 -5.24 -4.36 2.20
C LEU A 113 -6.18 -3.39 2.93
N ALA A 114 -6.41 -2.25 2.29
CA ALA A 114 -7.29 -1.23 2.87
C ALA A 114 -8.66 -1.84 3.14
N ARG A 115 -9.16 -2.57 2.14
CA ARG A 115 -10.46 -3.21 2.26
C ARG A 115 -10.39 -4.37 3.27
N SER A 116 -9.17 -4.64 3.72
CA SER A 116 -8.97 -5.72 4.68
C SER A 116 -8.95 -5.15 6.10
N LEU A 117 -8.27 -4.04 6.26
CA LEU A 117 -8.17 -3.39 7.56
C LEU A 117 -9.57 -3.07 8.07
N LYS A 118 -10.33 -2.37 7.24
CA LYS A 118 -11.69 -2.01 7.59
C LYS A 118 -12.43 -3.24 8.10
N THR A 119 -12.93 -3.14 9.32
CA THR A 119 -13.66 -4.24 9.94
C THR A 119 -15.13 -4.18 9.53
N TYR A 120 -15.67 -5.35 9.22
CA TYR A 120 -17.07 -5.45 8.83
C TYR A 120 -17.95 -5.79 10.03
N GLY A 121 -19.26 -5.72 9.80
CA GLY A 121 -20.22 -6.02 10.84
C GLY A 121 -20.18 -4.95 11.94
N GLU A 1 11.76 -15.64 20.74
CA GLU A 1 10.98 -14.52 21.24
C GLU A 1 9.65 -14.43 20.50
N THR A 2 8.76 -15.36 20.82
CA THR A 2 7.45 -15.40 20.18
C THR A 2 7.59 -15.60 18.67
N LEU A 3 6.90 -16.62 18.18
CA LEU A 3 6.94 -16.93 16.76
C LEU A 3 5.91 -18.01 16.45
N LEU A 4 4.65 -17.60 16.47
CA LEU A 4 3.56 -18.51 16.19
C LEU A 4 2.26 -17.72 16.00
N LEU A 5 1.87 -17.58 14.74
CA LEU A 5 0.67 -16.84 14.41
C LEU A 5 0.43 -16.91 12.90
N ARG A 6 -0.61 -17.65 12.54
CA ARG A 6 -0.96 -17.82 11.13
C ARG A 6 -2.33 -18.47 11.00
N ARG A 7 -3.04 -18.08 9.94
CA ARG A 7 -4.36 -18.62 9.69
C ARG A 7 -4.60 -18.74 8.18
N LYS A 8 -4.47 -17.62 7.50
CA LYS A 8 -4.67 -17.58 6.06
C LYS A 8 -6.14 -17.85 5.75
N PHE A 9 -6.70 -16.98 4.92
CA PHE A 9 -8.09 -17.12 4.53
C PHE A 9 -8.45 -16.13 3.41
N PHE A 10 -9.48 -16.49 2.66
CA PHE A 10 -9.93 -15.64 1.57
C PHE A 10 -11.45 -15.73 1.40
N TYR A 11 -12.08 -14.56 1.44
CA TYR A 11 -13.53 -14.48 1.29
C TYR A 11 -13.93 -13.32 0.39
N SER A 12 -14.41 -13.66 -0.79
CA SER A 12 -14.84 -12.66 -1.75
C SER A 12 -13.62 -11.91 -2.28
N ASP A 13 -13.32 -12.15 -3.55
CA ASP A 13 -12.19 -11.51 -4.19
C ASP A 13 -12.69 -10.65 -5.34
N GLN A 14 -12.36 -9.37 -5.29
CA GLN A 14 -12.77 -8.44 -6.32
C GLN A 14 -11.87 -8.59 -7.56
N ASN A 15 -12.03 -9.73 -8.22
CA ASN A 15 -11.26 -10.01 -9.41
C ASN A 15 -11.89 -9.30 -10.60
N VAL A 16 -13.18 -9.06 -10.49
CA VAL A 16 -13.92 -8.40 -11.56
C VAL A 16 -13.59 -6.90 -11.53
N ASP A 17 -12.79 -6.52 -10.54
CA ASP A 17 -12.40 -5.12 -10.38
C ASP A 17 -10.90 -4.99 -10.67
N SER A 18 -10.18 -6.08 -10.44
CA SER A 18 -8.75 -6.10 -10.66
C SER A 18 -8.45 -5.93 -12.14
N ARG A 19 -9.23 -6.62 -12.96
CA ARG A 19 -9.07 -6.55 -14.40
C ARG A 19 -9.19 -5.10 -14.88
N ASP A 20 -9.81 -4.29 -14.04
CA ASP A 20 -9.99 -2.88 -14.38
C ASP A 20 -9.15 -2.03 -13.42
N PRO A 21 -8.17 -1.29 -14.02
CA PRO A 21 -7.29 -0.43 -13.25
C PRO A 21 -8.02 0.84 -12.81
N VAL A 22 -9.01 1.22 -13.61
CA VAL A 22 -9.79 2.41 -13.32
C VAL A 22 -10.43 2.27 -11.94
N GLN A 23 -11.14 1.17 -11.76
CA GLN A 23 -11.81 0.90 -10.50
C GLN A 23 -10.78 0.67 -9.39
N LEU A 24 -9.59 0.27 -9.81
CA LEU A 24 -8.51 0.01 -8.86
C LEU A 24 -7.86 1.34 -8.46
N ASN A 25 -7.85 2.27 -9.40
CA ASN A 25 -7.26 3.58 -9.15
C ASN A 25 -8.22 4.39 -8.28
N LEU A 26 -9.50 4.25 -8.55
CA LEU A 26 -10.52 4.96 -7.80
C LEU A 26 -10.52 4.47 -6.36
N LEU A 27 -10.22 3.19 -6.20
CA LEU A 27 -10.18 2.58 -4.88
C LEU A 27 -8.83 2.90 -4.22
N TYR A 28 -7.77 2.72 -4.99
CA TYR A 28 -6.43 2.98 -4.50
C TYR A 28 -6.34 4.39 -3.90
N VAL A 29 -7.00 5.33 -4.56
CA VAL A 29 -6.99 6.71 -4.11
C VAL A 29 -7.80 6.81 -2.82
N GLN A 30 -9.01 6.27 -2.87
CA GLN A 30 -9.89 6.30 -1.72
C GLN A 30 -9.21 5.65 -0.51
N ALA A 31 -8.55 4.53 -0.76
CA ALA A 31 -7.85 3.82 0.29
C ALA A 31 -6.83 4.76 0.94
N ARG A 32 -5.98 5.32 0.10
CA ARG A 32 -4.95 6.23 0.59
C ARG A 32 -5.59 7.48 1.20
N ASP A 33 -6.67 7.92 0.58
CA ASP A 33 -7.38 9.10 1.06
C ASP A 33 -7.84 8.85 2.50
N ASP A 34 -8.56 7.75 2.68
CA ASP A 34 -9.07 7.40 4.00
C ASP A 34 -7.90 7.20 4.95
N ILE A 35 -6.75 6.90 4.37
CA ILE A 35 -5.54 6.69 5.16
C ILE A 35 -4.97 8.03 5.59
N LEU A 36 -5.10 9.00 4.70
CA LEU A 36 -4.60 10.35 4.97
C LEU A 36 -5.65 11.12 5.78
N ASN A 37 -6.89 10.70 5.63
CA ASN A 37 -8.00 11.34 6.33
C ASN A 37 -7.93 10.98 7.80
N GLY A 38 -7.48 9.76 8.07
CA GLY A 38 -7.36 9.29 9.44
C GLY A 38 -8.73 8.88 10.00
N SER A 39 -9.47 8.14 9.18
CA SER A 39 -10.79 7.70 9.58
C SER A 39 -10.72 6.25 10.09
N HIS A 40 -9.91 5.45 9.41
CA HIS A 40 -9.74 4.06 9.79
C HIS A 40 -8.43 3.90 10.56
N PRO A 41 -8.58 3.53 11.86
CA PRO A 41 -7.41 3.33 12.72
C PRO A 41 -6.71 2.01 12.39
N VAL A 42 -5.93 2.04 11.32
CA VAL A 42 -5.20 0.86 10.89
C VAL A 42 -3.95 0.70 11.75
N SER A 43 -3.17 -0.33 11.44
CA SER A 43 -1.95 -0.60 12.18
C SER A 43 -0.78 0.18 11.55
N PHE A 44 0.17 0.52 12.41
CA PHE A 44 1.33 1.26 11.97
C PHE A 44 2.02 0.55 10.78
N ASP A 45 2.56 -0.62 11.08
CA ASP A 45 3.24 -1.41 10.06
C ASP A 45 2.42 -1.39 8.77
N LYS A 46 1.15 -1.77 8.91
CA LYS A 46 0.25 -1.80 7.78
C LYS A 46 0.34 -0.49 7.02
N ALA A 47 -0.13 0.57 7.66
CA ALA A 47 -0.11 1.89 7.05
C ALA A 47 1.27 2.14 6.43
N CYS A 48 2.29 1.75 7.17
CA CYS A 48 3.66 1.91 6.71
C CYS A 48 3.80 1.19 5.37
N GLU A 49 3.22 0.00 5.31
CA GLU A 49 3.28 -0.81 4.10
C GLU A 49 2.86 0.04 2.89
N PHE A 50 1.61 0.47 2.92
CA PHE A 50 1.08 1.28 1.83
C PHE A 50 2.12 2.26 1.30
N ALA A 51 2.67 3.05 2.22
CA ALA A 51 3.67 4.03 1.87
C ALA A 51 4.72 3.37 0.95
N GLY A 52 5.43 2.40 1.52
CA GLY A 52 6.44 1.69 0.78
C GLY A 52 5.98 1.38 -0.64
N TYR A 53 4.73 0.93 -0.73
CA TYR A 53 4.15 0.59 -2.02
C TYR A 53 3.81 1.85 -2.82
N GLN A 54 3.46 2.90 -2.09
CA GLN A 54 3.11 4.16 -2.72
C GLN A 54 4.32 4.74 -3.45
N CYS A 55 5.47 4.63 -2.79
CA CYS A 55 6.71 5.14 -3.37
C CYS A 55 7.06 4.28 -4.59
N GLN A 56 6.84 2.99 -4.45
CA GLN A 56 7.12 2.06 -5.53
C GLN A 56 6.27 2.38 -6.75
N ILE A 57 4.96 2.37 -6.53
CA ILE A 57 4.02 2.67 -7.60
C ILE A 57 4.34 4.04 -8.19
N GLN A 58 4.78 4.93 -7.32
CA GLN A 58 5.13 6.28 -7.75
C GLN A 58 6.22 6.24 -8.82
N PHE A 59 7.40 5.82 -8.39
CA PHE A 59 8.54 5.72 -9.30
C PHE A 59 8.72 4.29 -9.80
N GLY A 60 8.94 3.39 -8.85
CA GLY A 60 9.14 1.99 -9.18
C GLY A 60 10.24 1.38 -8.33
N PRO A 61 10.26 0.02 -8.29
CA PRO A 61 11.25 -0.70 -7.52
C PRO A 61 12.62 -0.67 -8.21
N HIS A 62 12.65 0.02 -9.35
CA HIS A 62 13.89 0.14 -10.11
C HIS A 62 14.77 1.21 -9.48
N ASN A 63 15.04 1.04 -8.20
CA ASN A 63 15.88 1.98 -7.48
C ASN A 63 16.10 1.47 -6.05
N GLU A 64 17.05 2.09 -5.38
CA GLU A 64 17.38 1.71 -4.01
C GLU A 64 18.71 2.33 -3.59
N GLN A 65 19.62 2.40 -4.54
CA GLN A 65 20.93 2.97 -4.28
C GLN A 65 20.89 4.49 -4.36
N LYS A 66 19.96 4.98 -5.17
CA LYS A 66 19.79 6.41 -5.34
C LYS A 66 18.58 6.88 -4.53
N HIS A 67 17.47 6.18 -4.73
CA HIS A 67 16.25 6.53 -4.02
C HIS A 67 16.38 6.13 -2.55
N LYS A 68 15.88 7.01 -1.69
CA LYS A 68 15.93 6.76 -0.26
C LYS A 68 14.61 7.20 0.37
N PRO A 69 14.32 6.58 1.55
CA PRO A 69 13.09 6.89 2.27
C PRO A 69 13.18 8.25 2.97
N GLY A 70 14.40 8.77 3.00
CA GLY A 70 14.64 10.06 3.63
C GLY A 70 14.04 11.20 2.80
N PHE A 71 14.04 11.00 1.49
CA PHE A 71 13.50 11.99 0.57
C PHE A 71 11.97 11.97 0.58
N LEU A 72 11.43 10.75 0.55
CA LEU A 72 9.99 10.58 0.55
C LEU A 72 9.36 11.56 1.54
N GLU A 73 8.07 11.80 1.36
CA GLU A 73 7.34 12.71 2.22
C GLU A 73 6.23 11.96 2.96
N LEU A 74 6.64 11.19 3.96
CA LEU A 74 5.70 10.43 4.76
C LEU A 74 4.68 11.38 5.39
N LYS A 75 5.11 12.61 5.60
CA LYS A 75 4.26 13.62 6.19
C LYS A 75 3.13 13.97 5.21
N ASP A 76 3.44 13.87 3.93
CA ASP A 76 2.47 14.16 2.90
C ASP A 76 1.98 12.85 2.28
N PHE A 77 2.04 11.80 3.09
CA PHE A 77 1.60 10.48 2.62
C PHE A 77 0.88 9.73 3.75
N LEU A 78 1.47 9.79 4.94
CA LEU A 78 0.90 9.12 6.09
C LEU A 78 0.05 10.12 6.89
N PRO A 79 -0.84 9.56 7.74
CA PRO A 79 -1.71 10.39 8.56
C PRO A 79 -0.94 11.00 9.73
N LYS A 80 -1.27 12.25 10.02
CA LYS A 80 -0.61 12.96 11.11
C LYS A 80 -0.61 12.08 12.36
N GLU A 81 -1.61 11.22 12.44
CA GLU A 81 -1.72 10.32 13.58
C GLU A 81 -0.47 9.46 13.70
N TYR A 82 0.20 9.27 12.57
CA TYR A 82 1.41 8.47 12.54
C TYR A 82 2.65 9.35 12.37
N ILE A 83 2.48 10.42 11.59
CA ILE A 83 3.56 11.34 11.34
C ILE A 83 4.36 11.55 12.62
N LYS A 84 3.63 11.81 13.70
CA LYS A 84 4.25 12.03 14.99
C LYS A 84 5.28 10.94 15.26
N GLN A 85 4.84 9.69 15.08
CA GLN A 85 5.70 8.55 15.30
C GLN A 85 6.89 8.60 14.34
N LYS A 86 6.59 8.85 13.07
CA LYS A 86 7.62 8.93 12.06
C LYS A 86 8.17 7.52 11.80
N GLY A 87 8.06 7.11 10.54
CA GLY A 87 8.54 5.80 10.15
C GLY A 87 9.72 5.92 9.18
N GLU A 88 9.40 5.87 7.89
CA GLU A 88 10.42 5.97 6.86
C GLU A 88 11.34 4.74 6.90
N ARG A 89 12.18 4.69 7.91
CA ARG A 89 13.10 3.58 8.06
C ARG A 89 12.38 2.25 7.84
N LYS A 90 11.13 2.21 8.29
CA LYS A 90 10.33 1.01 8.14
C LYS A 90 9.74 0.97 6.73
N ILE A 91 9.26 2.12 6.28
CA ILE A 91 8.67 2.23 4.96
C ILE A 91 9.52 1.45 3.96
N PHE A 92 10.80 1.79 3.94
CA PHE A 92 11.72 1.12 3.03
C PHE A 92 11.62 -0.40 3.15
N MET A 93 11.41 -0.85 4.38
CA MET A 93 11.29 -2.27 4.65
C MET A 93 10.20 -2.90 3.77
N ALA A 94 9.05 -2.22 3.75
CA ALA A 94 7.92 -2.70 2.97
C ALA A 94 8.35 -2.87 1.52
N HIS A 95 9.10 -1.89 1.04
CA HIS A 95 9.59 -1.91 -0.33
C HIS A 95 10.39 -3.19 -0.58
N LYS A 96 11.17 -3.55 0.43
CA LYS A 96 12.00 -4.75 0.35
C LYS A 96 11.09 -5.98 0.20
N ASN A 97 9.88 -5.85 0.73
CA ASN A 97 8.92 -6.93 0.67
C ASN A 97 8.26 -6.95 -0.72
N CYS A 98 7.83 -5.76 -1.14
CA CYS A 98 7.19 -5.62 -2.44
C CYS A 98 8.12 -6.20 -3.51
N GLY A 99 9.35 -5.71 -3.51
CA GLY A 99 10.34 -6.17 -4.46
C GLY A 99 10.15 -5.49 -5.81
N ASN A 100 10.49 -6.22 -6.87
CA ASN A 100 10.36 -5.70 -8.22
C ASN A 100 8.96 -6.03 -8.76
N MET A 101 7.97 -5.82 -7.90
CA MET A 101 6.59 -6.10 -8.27
C MET A 101 6.09 -5.05 -9.27
N SER A 102 5.03 -5.43 -9.99
CA SER A 102 4.44 -4.54 -10.97
C SER A 102 3.60 -3.46 -10.27
N GLU A 103 3.68 -2.26 -10.82
CA GLU A 103 2.93 -1.13 -10.26
C GLU A 103 1.46 -1.50 -10.15
N ILE A 104 0.98 -2.26 -11.12
CA ILE A 104 -0.41 -2.67 -11.13
C ILE A 104 -0.65 -3.68 -10.02
N GLU A 105 0.16 -4.73 -10.02
CA GLU A 105 0.05 -5.77 -9.01
C GLU A 105 0.20 -5.17 -7.61
N ALA A 106 0.89 -4.03 -7.56
CA ALA A 106 1.12 -3.35 -6.30
C ALA A 106 -0.13 -2.58 -5.90
N LYS A 107 -0.77 -2.00 -6.91
CA LYS A 107 -1.98 -1.22 -6.69
C LYS A 107 -3.12 -2.17 -6.34
N VAL A 108 -3.15 -3.30 -7.04
CA VAL A 108 -4.18 -4.29 -6.81
C VAL A 108 -4.23 -4.65 -5.33
N ARG A 109 -3.11 -5.14 -4.83
CA ARG A 109 -3.00 -5.52 -3.43
C ARG A 109 -3.31 -4.32 -2.53
N TYR A 110 -2.91 -3.15 -3.00
CA TYR A 110 -3.12 -1.93 -2.24
C TYR A 110 -4.61 -1.78 -1.88
N VAL A 111 -5.46 -2.24 -2.77
CA VAL A 111 -6.89 -2.17 -2.54
C VAL A 111 -7.33 -3.33 -1.65
N LYS A 112 -7.00 -4.54 -2.09
CA LYS A 112 -7.34 -5.73 -1.34
C LYS A 112 -6.82 -5.60 0.09
N LEU A 113 -5.70 -4.89 0.22
CA LEU A 113 -5.10 -4.69 1.52
C LEU A 113 -5.97 -3.75 2.35
N ALA A 114 -6.27 -2.60 1.76
CA ALA A 114 -7.10 -1.61 2.43
C ALA A 114 -8.42 -2.24 2.83
N ARG A 115 -9.10 -2.80 1.83
CA ARG A 115 -10.39 -3.44 2.08
C ARG A 115 -10.23 -4.60 3.05
N SER A 116 -8.98 -5.03 3.21
CA SER A 116 -8.68 -6.12 4.12
C SER A 116 -8.41 -5.59 5.54
N LEU A 117 -7.90 -4.36 5.57
CA LEU A 117 -7.61 -3.72 6.84
C LEU A 117 -8.91 -3.28 7.51
N LYS A 118 -9.80 -2.74 6.70
CA LYS A 118 -11.09 -2.27 7.19
C LYS A 118 -11.77 -3.40 7.96
N THR A 119 -12.37 -4.31 7.21
CA THR A 119 -13.07 -5.44 7.80
C THR A 119 -12.07 -6.56 8.13
N TYR A 120 -12.27 -7.15 9.30
CA TYR A 120 -11.39 -8.23 9.74
C TYR A 120 -11.99 -9.59 9.39
N GLY A 121 -11.19 -10.62 9.60
CA GLY A 121 -11.63 -11.98 9.31
C GLY A 121 -11.35 -12.92 10.50
N GLU A 1 9.95 -28.58 -10.82
CA GLU A 1 10.66 -29.75 -10.33
C GLU A 1 9.74 -30.66 -9.54
N THR A 2 9.16 -30.10 -8.49
CA THR A 2 8.25 -30.83 -7.65
C THR A 2 6.89 -30.13 -7.57
N LEU A 3 6.90 -28.96 -6.96
CA LEU A 3 5.68 -28.18 -6.83
C LEU A 3 5.91 -26.78 -7.37
N LEU A 4 6.98 -26.15 -6.88
CA LEU A 4 7.32 -24.82 -7.31
C LEU A 4 6.24 -23.84 -6.86
N LEU A 5 6.46 -23.26 -5.69
CA LEU A 5 5.52 -22.31 -5.12
C LEU A 5 4.18 -23.02 -4.88
N ARG A 6 3.36 -22.37 -4.06
CA ARG A 6 2.06 -22.93 -3.73
C ARG A 6 0.94 -22.08 -4.33
N ARG A 7 -0.28 -22.49 -4.09
CA ARG A 7 -1.44 -21.77 -4.60
C ARG A 7 -2.67 -22.06 -3.73
N LYS A 8 -3.18 -21.00 -3.13
CA LYS A 8 -4.35 -21.12 -2.27
C LYS A 8 -5.03 -19.76 -2.15
N PHE A 9 -6.22 -19.77 -1.56
CA PHE A 9 -6.98 -18.54 -1.38
C PHE A 9 -8.04 -18.71 -0.28
N PHE A 10 -8.62 -17.60 0.11
CA PHE A 10 -9.65 -17.60 1.14
C PHE A 10 -10.42 -16.29 1.15
N TYR A 11 -11.68 -16.37 0.74
CA TYR A 11 -12.54 -15.21 0.69
C TYR A 11 -11.82 -14.02 0.04
N SER A 12 -12.01 -13.92 -1.27
CA SER A 12 -11.39 -12.83 -2.02
C SER A 12 -11.92 -12.82 -3.45
N ASP A 13 -12.40 -11.66 -3.87
CA ASP A 13 -12.94 -11.51 -5.21
C ASP A 13 -12.74 -10.06 -5.66
N GLN A 14 -11.96 -9.90 -6.73
CA GLN A 14 -11.68 -8.59 -7.27
C GLN A 14 -11.07 -8.70 -8.67
N ASN A 15 -11.48 -9.75 -9.37
CA ASN A 15 -10.98 -9.99 -10.71
C ASN A 15 -11.65 -9.02 -11.69
N VAL A 16 -12.94 -8.82 -11.47
CA VAL A 16 -13.71 -7.93 -12.32
C VAL A 16 -13.29 -6.48 -12.04
N ASP A 17 -12.47 -6.33 -11.00
CA ASP A 17 -12.00 -5.01 -10.62
C ASP A 17 -10.48 -4.93 -10.87
N SER A 18 -9.88 -6.10 -10.98
CA SER A 18 -8.44 -6.17 -11.22
C SER A 18 -8.13 -5.72 -12.65
N ARG A 19 -9.01 -6.07 -13.56
CA ARG A 19 -8.85 -5.70 -14.96
C ARG A 19 -8.71 -4.19 -15.09
N ASP A 20 -9.84 -3.51 -15.01
CA ASP A 20 -9.86 -2.06 -15.12
C ASP A 20 -9.03 -1.46 -13.98
N PRO A 21 -7.89 -0.84 -14.38
CA PRO A 21 -7.00 -0.22 -13.42
C PRO A 21 -7.57 1.10 -12.91
N VAL A 22 -8.42 1.68 -13.73
CA VAL A 22 -9.05 2.95 -13.39
C VAL A 22 -9.76 2.81 -12.04
N GLN A 23 -10.62 1.81 -11.96
CA GLN A 23 -11.38 1.56 -10.74
C GLN A 23 -10.43 1.13 -9.62
N LEU A 24 -9.29 0.58 -10.03
CA LEU A 24 -8.30 0.12 -9.07
C LEU A 24 -7.50 1.32 -8.56
N ASN A 25 -7.32 2.30 -9.44
CA ASN A 25 -6.58 3.50 -9.09
C ASN A 25 -7.44 4.37 -8.17
N LEU A 26 -8.72 4.42 -8.50
CA LEU A 26 -9.66 5.21 -7.72
C LEU A 26 -9.74 4.66 -6.30
N LEU A 27 -9.62 3.34 -6.21
CA LEU A 27 -9.68 2.66 -4.92
C LEU A 27 -8.39 2.92 -4.15
N TYR A 28 -7.29 2.83 -4.88
CA TYR A 28 -5.97 3.04 -4.28
C TYR A 28 -5.88 4.44 -3.67
N VAL A 29 -6.46 5.41 -4.37
CA VAL A 29 -6.45 6.78 -3.90
C VAL A 29 -7.37 6.91 -2.69
N GLN A 30 -8.61 6.47 -2.87
CA GLN A 30 -9.59 6.53 -1.80
C GLN A 30 -9.03 5.89 -0.53
N ALA A 31 -8.42 4.73 -0.70
CA ALA A 31 -7.84 4.02 0.42
C ALA A 31 -6.87 4.94 1.17
N ARG A 32 -5.97 5.54 0.41
CA ARG A 32 -4.99 6.44 0.99
C ARG A 32 -5.70 7.64 1.64
N ASP A 33 -6.53 8.30 0.85
CA ASP A 33 -7.26 9.45 1.34
C ASP A 33 -7.84 9.13 2.73
N ASP A 34 -8.61 8.04 2.78
CA ASP A 34 -9.22 7.63 4.02
C ASP A 34 -8.17 7.64 5.14
N ILE A 35 -6.99 7.12 4.81
CA ILE A 35 -5.90 7.07 5.76
C ILE A 35 -5.45 8.49 6.09
N LEU A 36 -5.24 9.27 5.04
CA LEU A 36 -4.81 10.65 5.20
C LEU A 36 -5.85 11.41 6.01
N ASN A 37 -7.10 10.98 5.87
CA ASN A 37 -8.19 11.62 6.58
C ASN A 37 -8.02 11.39 8.09
N GLY A 38 -7.52 10.21 8.43
CA GLY A 38 -7.29 9.86 9.82
C GLY A 38 -8.61 9.46 10.50
N SER A 39 -9.43 8.74 9.75
CA SER A 39 -10.71 8.29 10.26
C SER A 39 -10.60 6.82 10.70
N HIS A 40 -10.04 6.01 9.83
CA HIS A 40 -9.87 4.59 10.11
C HIS A 40 -8.52 4.36 10.77
N PRO A 41 -8.56 3.93 12.06
CA PRO A 41 -7.36 3.67 12.81
C PRO A 41 -6.71 2.35 12.37
N VAL A 42 -5.98 2.43 11.27
CA VAL A 42 -5.32 1.26 10.74
C VAL A 42 -4.09 0.93 11.59
N SER A 43 -3.41 -0.13 11.21
CA SER A 43 -2.22 -0.56 11.94
C SER A 43 -1.01 0.27 11.50
N PHE A 44 -0.11 0.49 12.44
CA PHE A 44 1.09 1.26 12.16
C PHE A 44 1.90 0.61 11.05
N ASP A 45 2.23 -0.67 11.24
CA ASP A 45 3.00 -1.41 10.28
C ASP A 45 2.27 -1.39 8.93
N LYS A 46 1.02 -1.83 8.96
CA LYS A 46 0.21 -1.86 7.76
C LYS A 46 0.34 -0.53 7.01
N ALA A 47 -0.13 0.52 7.66
CA ALA A 47 -0.08 1.84 7.07
C ALA A 47 1.28 2.03 6.38
N CYS A 48 2.33 1.72 7.13
CA CYS A 48 3.69 1.85 6.61
C CYS A 48 3.78 1.02 5.33
N GLU A 49 3.30 -0.21 5.42
CA GLU A 49 3.32 -1.12 4.29
C GLU A 49 3.01 -0.36 2.99
N PHE A 50 1.96 0.45 3.05
CA PHE A 50 1.55 1.22 1.90
C PHE A 50 2.65 2.19 1.47
N ALA A 51 3.12 2.98 2.43
CA ALA A 51 4.17 3.95 2.17
C ALA A 51 5.24 3.30 1.29
N GLY A 52 5.70 2.14 1.73
CA GLY A 52 6.72 1.40 1.01
C GLY A 52 6.33 1.23 -0.47
N TYR A 53 5.15 0.66 -0.67
CA TYR A 53 4.65 0.44 -2.00
C TYR A 53 4.44 1.76 -2.75
N GLN A 54 3.83 2.70 -2.05
CA GLN A 54 3.57 4.01 -2.63
C GLN A 54 4.78 4.47 -3.47
N CYS A 55 5.92 4.50 -2.81
CA CYS A 55 7.15 4.91 -3.47
C CYS A 55 7.39 3.98 -4.66
N GLN A 56 7.18 2.69 -4.42
CA GLN A 56 7.38 1.69 -5.45
C GLN A 56 6.48 2.00 -6.65
N ILE A 57 5.18 2.06 -6.38
CA ILE A 57 4.21 2.34 -7.42
C ILE A 57 4.52 3.69 -8.06
N GLN A 58 5.06 4.58 -7.23
CA GLN A 58 5.40 5.91 -7.70
C GLN A 58 6.41 5.83 -8.85
N PHE A 59 7.58 5.28 -8.53
CA PHE A 59 8.63 5.14 -9.51
C PHE A 59 8.80 3.68 -9.94
N GLY A 60 9.05 2.83 -8.95
CA GLY A 60 9.23 1.41 -9.21
C GLY A 60 10.46 0.87 -8.46
N PRO A 61 10.61 -0.48 -8.53
CA PRO A 61 11.72 -1.13 -7.87
C PRO A 61 13.02 -0.91 -8.65
N HIS A 62 12.89 -0.24 -9.77
CA HIS A 62 14.04 0.05 -10.62
C HIS A 62 14.82 1.24 -10.04
N ASN A 63 15.17 1.11 -8.77
CA ASN A 63 15.92 2.17 -8.09
C ASN A 63 16.26 1.71 -6.68
N GLU A 64 17.07 2.52 -6.01
CA GLU A 64 17.48 2.22 -4.65
C GLU A 64 18.52 3.23 -4.17
N GLN A 65 19.34 3.68 -5.10
CA GLN A 65 20.38 4.65 -4.78
C GLN A 65 19.79 6.07 -4.79
N LYS A 66 18.85 6.27 -5.69
CA LYS A 66 18.20 7.57 -5.81
C LYS A 66 16.92 7.58 -4.99
N HIS A 67 16.25 6.43 -4.99
CA HIS A 67 15.01 6.29 -4.24
C HIS A 67 15.30 6.27 -2.75
N LYS A 68 14.74 7.24 -2.04
CA LYS A 68 14.94 7.34 -0.61
C LYS A 68 13.58 7.46 0.08
N PRO A 69 13.51 6.92 1.33
CA PRO A 69 12.28 6.97 2.09
C PRO A 69 12.05 8.37 2.67
N GLY A 70 13.09 9.18 2.60
CA GLY A 70 13.02 10.53 3.10
C GLY A 70 12.35 11.47 2.09
N PHE A 71 12.89 11.45 0.88
CA PHE A 71 12.36 12.28 -0.19
C PHE A 71 10.83 12.27 -0.19
N LEU A 72 10.28 11.12 0.18
CA LEU A 72 8.84 10.96 0.23
C LEU A 72 8.25 12.03 1.15
N GLU A 73 7.03 12.43 0.84
CA GLU A 73 6.35 13.44 1.64
C GLU A 73 5.45 12.78 2.67
N LEU A 74 6.07 12.23 3.70
CA LEU A 74 5.35 11.56 4.76
C LEU A 74 4.13 12.40 5.15
N LYS A 75 4.40 13.67 5.44
CA LYS A 75 3.34 14.59 5.82
C LYS A 75 2.17 14.47 4.84
N ASP A 76 2.53 14.24 3.59
CA ASP A 76 1.53 14.08 2.55
C ASP A 76 1.52 12.64 2.05
N PHE A 77 1.67 11.72 2.98
CA PHE A 77 1.68 10.30 2.65
C PHE A 77 1.15 9.46 3.81
N LEU A 78 1.61 9.80 5.01
CA LEU A 78 1.18 9.09 6.20
C LEU A 78 0.20 9.96 6.98
N PRO A 79 -0.56 9.29 7.90
CA PRO A 79 -1.54 9.99 8.72
C PRO A 79 -0.85 10.79 9.82
N LYS A 80 -1.15 12.08 9.86
CA LYS A 80 -0.58 12.96 10.85
C LYS A 80 -0.51 12.23 12.19
N GLU A 81 -1.45 11.33 12.39
CA GLU A 81 -1.51 10.56 13.62
C GLU A 81 -0.22 9.77 13.81
N TYR A 82 0.05 8.90 12.85
CA TYR A 82 1.24 8.07 12.89
C TYR A 82 2.49 8.88 12.53
N ILE A 83 2.29 9.83 11.62
CA ILE A 83 3.38 10.68 11.18
C ILE A 83 4.24 11.06 12.37
N LYS A 84 3.59 11.53 13.42
CA LYS A 84 4.28 11.93 14.63
C LYS A 84 5.38 10.91 14.94
N GLN A 85 5.00 9.64 14.92
CA GLN A 85 5.93 8.57 15.19
C GLN A 85 6.98 8.48 14.08
N LYS A 86 6.50 8.11 12.89
CA LYS A 86 7.38 7.98 11.75
C LYS A 86 8.10 6.63 11.80
N GLY A 87 8.10 5.94 10.67
CA GLY A 87 8.74 4.65 10.57
C GLY A 87 9.44 4.47 9.22
N GLU A 88 10.36 5.39 8.95
CA GLU A 88 11.10 5.35 7.70
C GLU A 88 11.67 3.95 7.47
N ARG A 89 12.42 3.47 8.45
CA ARG A 89 13.03 2.15 8.36
C ARG A 89 11.96 1.10 8.04
N LYS A 90 10.80 1.27 8.66
CA LYS A 90 9.70 0.35 8.45
C LYS A 90 9.30 0.37 6.97
N ILE A 91 9.06 1.57 6.48
CA ILE A 91 8.66 1.74 5.08
C ILE A 91 9.58 0.90 4.20
N PHE A 92 10.87 1.20 4.27
CA PHE A 92 11.86 0.49 3.49
C PHE A 92 11.58 -1.02 3.49
N MET A 93 11.43 -1.55 4.70
CA MET A 93 11.16 -2.97 4.86
C MET A 93 10.12 -3.45 3.84
N ALA A 94 9.01 -2.73 3.80
CA ALA A 94 7.93 -3.07 2.88
C ALA A 94 8.49 -3.19 1.47
N HIS A 95 9.38 -2.26 1.13
CA HIS A 95 9.99 -2.25 -0.19
C HIS A 95 10.77 -3.55 -0.40
N LYS A 96 11.41 -4.00 0.67
CA LYS A 96 12.20 -5.22 0.61
C LYS A 96 11.25 -6.41 0.40
N ASN A 97 10.02 -6.24 0.85
CA ASN A 97 9.02 -7.28 0.72
C ASN A 97 8.37 -7.18 -0.67
N CYS A 98 8.10 -5.96 -1.07
CA CYS A 98 7.48 -5.70 -2.36
C CYS A 98 8.35 -6.37 -3.44
N GLY A 99 9.60 -5.96 -3.48
CA GLY A 99 10.53 -6.50 -4.45
C GLY A 99 10.34 -5.85 -5.82
N ASN A 100 10.61 -6.63 -6.86
CA ASN A 100 10.47 -6.15 -8.22
C ASN A 100 9.04 -6.43 -8.72
N MET A 101 8.08 -6.13 -7.87
CA MET A 101 6.68 -6.35 -8.20
C MET A 101 6.20 -5.33 -9.24
N SER A 102 5.12 -5.69 -9.92
CA SER A 102 4.56 -4.82 -10.93
C SER A 102 3.63 -3.78 -10.28
N GLU A 103 3.80 -2.54 -10.70
CA GLU A 103 3.00 -1.46 -10.18
C GLU A 103 1.54 -1.89 -10.05
N ILE A 104 1.03 -2.51 -11.10
CA ILE A 104 -0.34 -2.97 -11.13
C ILE A 104 -0.54 -3.98 -9.99
N GLU A 105 0.23 -5.07 -10.07
CA GLU A 105 0.14 -6.11 -9.07
C GLU A 105 0.26 -5.51 -7.66
N ALA A 106 0.92 -4.37 -7.60
CA ALA A 106 1.12 -3.69 -6.33
C ALA A 106 -0.16 -2.95 -5.95
N LYS A 107 -0.69 -2.21 -6.91
CA LYS A 107 -1.91 -1.44 -6.70
C LYS A 107 -3.02 -2.40 -6.26
N VAL A 108 -3.07 -3.55 -6.92
CA VAL A 108 -4.08 -4.55 -6.63
C VAL A 108 -4.05 -4.87 -5.13
N ARG A 109 -2.91 -5.40 -4.70
CA ARG A 109 -2.73 -5.75 -3.31
C ARG A 109 -3.00 -4.54 -2.41
N TYR A 110 -2.68 -3.37 -2.94
CA TYR A 110 -2.88 -2.14 -2.20
C TYR A 110 -4.34 -1.95 -1.82
N VAL A 111 -5.21 -2.14 -2.82
CA VAL A 111 -6.63 -2.00 -2.60
C VAL A 111 -7.11 -3.08 -1.62
N LYS A 112 -6.70 -4.31 -1.91
CA LYS A 112 -7.06 -5.44 -1.07
C LYS A 112 -6.67 -5.14 0.38
N LEU A 113 -5.41 -4.79 0.55
CA LEU A 113 -4.89 -4.48 1.88
C LEU A 113 -5.74 -3.37 2.51
N ALA A 114 -5.94 -2.31 1.74
CA ALA A 114 -6.72 -1.19 2.20
C ALA A 114 -8.13 -1.67 2.57
N ARG A 115 -8.66 -2.56 1.72
CA ARG A 115 -9.98 -3.10 1.93
C ARG A 115 -9.95 -4.14 3.05
N SER A 116 -8.75 -4.41 3.55
CA SER A 116 -8.58 -5.38 4.61
C SER A 116 -8.59 -4.67 5.96
N LEU A 117 -8.02 -3.47 5.98
CA LEU A 117 -7.96 -2.68 7.20
C LEU A 117 -9.38 -2.29 7.62
N LYS A 118 -10.07 -1.63 6.71
CA LYS A 118 -11.43 -1.19 6.97
C LYS A 118 -12.26 -2.37 7.48
N THR A 119 -12.75 -2.22 8.70
CA THR A 119 -13.56 -3.27 9.31
C THR A 119 -14.96 -3.29 8.70
N TYR A 120 -15.13 -4.17 7.72
CA TYR A 120 -16.40 -4.30 7.05
C TYR A 120 -17.18 -5.52 7.57
N GLY A 121 -16.50 -6.66 7.54
CA GLY A 121 -17.11 -7.89 8.00
C GLY A 121 -18.57 -8.01 7.52
N GLU A 1 20.69 -5.63 7.75
CA GLU A 1 21.88 -5.75 8.58
C GLU A 1 21.96 -7.13 9.20
N THR A 2 22.23 -8.13 8.35
CA THR A 2 22.33 -9.50 8.82
C THR A 2 22.50 -10.44 7.62
N LEU A 3 21.82 -10.10 6.53
CA LEU A 3 21.88 -10.90 5.33
C LEU A 3 21.26 -12.27 5.61
N LEU A 4 19.99 -12.41 5.23
CA LEU A 4 19.28 -13.65 5.44
C LEU A 4 18.07 -13.71 4.48
N LEU A 5 18.37 -13.98 3.22
CA LEU A 5 17.32 -14.06 2.22
C LEU A 5 16.29 -15.11 2.64
N ARG A 6 15.04 -14.85 2.27
CA ARG A 6 13.96 -15.76 2.61
C ARG A 6 12.64 -15.22 2.06
N ARG A 7 11.72 -16.14 1.81
CA ARG A 7 10.41 -15.79 1.29
C ARG A 7 9.49 -17.00 1.27
N LYS A 8 8.25 -16.77 1.68
CA LYS A 8 7.26 -17.84 1.72
C LYS A 8 5.98 -17.32 2.36
N PHE A 9 5.13 -16.75 1.52
CA PHE A 9 3.87 -16.20 1.99
C PHE A 9 2.91 -15.95 0.82
N PHE A 10 1.67 -15.66 1.17
CA PHE A 10 0.65 -15.40 0.16
C PHE A 10 0.55 -16.56 -0.84
N TYR A 11 -0.49 -16.51 -1.64
CA TYR A 11 -0.71 -17.54 -2.63
C TYR A 11 -1.98 -17.27 -3.45
N SER A 12 -2.16 -18.04 -4.51
CA SER A 12 -3.31 -17.88 -5.37
C SER A 12 -3.30 -16.49 -6.02
N ASP A 13 -4.18 -16.33 -6.99
CA ASP A 13 -4.29 -15.06 -7.69
C ASP A 13 -5.74 -14.58 -7.67
N GLN A 14 -5.90 -13.27 -7.64
CA GLN A 14 -7.22 -12.68 -7.62
C GLN A 14 -7.39 -11.69 -8.78
N ASN A 15 -7.50 -12.26 -9.98
CA ASN A 15 -7.66 -11.45 -11.17
C ASN A 15 -9.14 -11.07 -11.33
N VAL A 16 -9.99 -11.84 -10.68
CA VAL A 16 -11.42 -11.60 -10.73
C VAL A 16 -11.73 -10.25 -10.06
N ASP A 17 -10.72 -9.73 -9.37
CA ASP A 17 -10.88 -8.45 -8.69
C ASP A 17 -9.96 -7.42 -9.33
N SER A 18 -8.78 -7.88 -9.72
CA SER A 18 -7.81 -7.00 -10.35
C SER A 18 -8.04 -6.97 -11.86
N ARG A 19 -9.14 -7.56 -12.28
CA ARG A 19 -9.48 -7.61 -13.69
C ARG A 19 -9.54 -6.19 -14.26
N ASP A 20 -10.14 -5.30 -13.50
CA ASP A 20 -10.26 -3.92 -13.91
C ASP A 20 -9.36 -3.04 -13.04
N PRO A 21 -8.31 -2.46 -13.70
CA PRO A 21 -7.38 -1.60 -13.00
C PRO A 21 -7.99 -0.24 -12.71
N VAL A 22 -8.94 0.15 -13.55
CA VAL A 22 -9.62 1.41 -13.39
C VAL A 22 -10.25 1.49 -12.00
N GLN A 23 -11.07 0.50 -11.71
CA GLN A 23 -11.74 0.44 -10.42
C GLN A 23 -10.71 0.24 -9.30
N LEU A 24 -9.56 -0.29 -9.67
CA LEU A 24 -8.50 -0.53 -8.71
C LEU A 24 -7.74 0.77 -8.45
N ASN A 25 -7.67 1.59 -9.49
CA ASN A 25 -6.98 2.86 -9.39
C ASN A 25 -7.85 3.84 -8.60
N LEU A 26 -9.15 3.79 -8.87
CA LEU A 26 -10.09 4.67 -8.21
C LEU A 26 -10.12 4.33 -6.71
N LEU A 27 -9.92 3.04 -6.43
CA LEU A 27 -9.91 2.58 -5.06
C LEU A 27 -8.61 3.00 -4.37
N TYR A 28 -7.51 2.81 -5.11
CA TYR A 28 -6.20 3.16 -4.59
C TYR A 28 -6.17 4.61 -4.10
N VAL A 29 -6.77 5.48 -4.91
CA VAL A 29 -6.83 6.89 -4.57
C VAL A 29 -7.68 7.08 -3.32
N GLN A 30 -8.87 6.50 -3.35
CA GLN A 30 -9.78 6.60 -2.22
C GLN A 30 -9.12 6.08 -0.95
N ALA A 31 -8.53 4.90 -1.07
CA ALA A 31 -7.86 4.28 0.06
C ALA A 31 -6.77 5.22 0.57
N ARG A 32 -5.87 5.58 -0.34
CA ARG A 32 -4.77 6.46 0.01
C ARG A 32 -5.30 7.73 0.67
N ASP A 33 -6.39 8.24 0.11
CA ASP A 33 -6.99 9.45 0.63
C ASP A 33 -7.54 9.18 2.03
N ASP A 34 -8.25 8.06 2.15
CA ASP A 34 -8.82 7.67 3.43
C ASP A 34 -7.70 7.57 4.47
N ILE A 35 -6.53 7.18 4.00
CA ILE A 35 -5.38 7.03 4.88
C ILE A 35 -4.93 8.41 5.36
N LEU A 36 -4.86 9.33 4.43
CA LEU A 36 -4.45 10.69 4.75
C LEU A 36 -5.61 11.43 5.40
N ASN A 37 -6.79 10.83 5.30
CA ASN A 37 -7.99 11.42 5.87
C ASN A 37 -7.99 11.19 7.38
N GLY A 38 -7.49 10.04 7.78
CA GLY A 38 -7.41 9.69 9.19
C GLY A 38 -8.80 9.28 9.72
N SER A 39 -9.46 8.43 8.95
CA SER A 39 -10.77 7.96 9.33
C SER A 39 -10.70 6.49 9.78
N HIS A 40 -10.03 5.70 8.96
CA HIS A 40 -9.88 4.29 9.27
C HIS A 40 -8.59 4.06 10.07
N PRO A 41 -8.78 3.65 11.35
CA PRO A 41 -7.64 3.41 12.23
C PRO A 41 -6.94 2.09 11.87
N VAL A 42 -6.18 2.14 10.79
CA VAL A 42 -5.47 0.95 10.33
C VAL A 42 -4.20 0.77 11.18
N SER A 43 -3.70 -0.45 11.17
CA SER A 43 -2.50 -0.77 11.93
C SER A 43 -1.33 0.06 11.43
N PHE A 44 -0.49 0.47 12.38
CA PHE A 44 0.68 1.27 12.05
C PHE A 44 1.53 0.59 10.97
N ASP A 45 1.59 -0.73 11.06
CA ASP A 45 2.35 -1.51 10.11
C ASP A 45 1.70 -1.41 8.73
N LYS A 46 0.43 -1.79 8.67
CA LYS A 46 -0.31 -1.75 7.43
C LYS A 46 -0.15 -0.38 6.78
N ALA A 47 -0.36 0.65 7.60
CA ALA A 47 -0.24 2.02 7.13
C ALA A 47 1.14 2.22 6.51
N CYS A 48 2.16 1.78 7.23
CA CYS A 48 3.52 1.90 6.77
C CYS A 48 3.66 1.12 5.47
N GLU A 49 2.75 0.17 5.28
CA GLU A 49 2.76 -0.65 4.09
C GLU A 49 2.30 0.16 2.87
N PHE A 50 1.17 0.85 3.04
CA PHE A 50 0.63 1.66 1.98
C PHE A 50 1.65 2.69 1.50
N ALA A 51 2.28 3.35 2.47
CA ALA A 51 3.27 4.36 2.16
C ALA A 51 4.34 3.76 1.24
N GLY A 52 5.12 2.84 1.81
CA GLY A 52 6.17 2.19 1.05
C GLY A 52 5.68 1.79 -0.34
N TYR A 53 4.47 1.24 -0.37
CA TYR A 53 3.88 0.81 -1.63
C TYR A 53 3.53 2.01 -2.51
N GLN A 54 3.15 3.09 -1.86
CA GLN A 54 2.79 4.31 -2.56
C GLN A 54 3.99 4.85 -3.34
N CYS A 55 5.14 4.87 -2.67
CA CYS A 55 6.35 5.36 -3.28
C CYS A 55 6.74 4.40 -4.40
N GLN A 56 6.42 3.13 -4.19
CA GLN A 56 6.73 2.10 -5.18
C GLN A 56 5.83 2.27 -6.41
N ILE A 57 4.54 2.13 -6.17
CA ILE A 57 3.56 2.25 -7.24
C ILE A 57 3.76 3.59 -7.96
N GLN A 58 4.23 4.57 -7.19
CA GLN A 58 4.47 5.90 -7.73
C GLN A 58 5.49 5.82 -8.87
N PHE A 59 6.73 5.53 -8.49
CA PHE A 59 7.80 5.43 -9.47
C PHE A 59 8.21 3.98 -9.67
N GLY A 60 8.47 3.30 -8.56
CA GLY A 60 8.88 1.91 -8.61
C GLY A 60 10.20 1.69 -7.87
N PRO A 61 10.96 0.65 -8.32
CA PRO A 61 12.24 0.34 -7.71
C PRO A 61 13.30 1.34 -8.13
N HIS A 62 12.90 2.28 -8.97
CA HIS A 62 13.81 3.30 -9.44
C HIS A 62 13.97 4.39 -8.38
N ASN A 63 14.80 4.08 -7.39
CA ASN A 63 15.04 5.02 -6.30
C ASN A 63 16.16 4.48 -5.41
N GLU A 64 16.03 3.21 -5.07
CA GLU A 64 17.02 2.55 -4.23
C GLU A 64 18.41 2.72 -4.82
N GLN A 65 18.45 3.02 -6.11
CA GLN A 65 19.71 3.20 -6.81
C GLN A 65 20.14 4.67 -6.74
N LYS A 66 19.19 5.52 -6.38
CA LYS A 66 19.47 6.94 -6.27
C LYS A 66 19.45 7.36 -4.80
N HIS A 67 18.25 7.32 -4.22
CA HIS A 67 18.08 7.69 -2.83
C HIS A 67 17.56 6.48 -2.04
N LYS A 68 17.69 6.57 -0.72
CA LYS A 68 17.23 5.50 0.15
C LYS A 68 15.71 5.63 0.35
N PRO A 69 15.09 4.49 0.72
CA PRO A 69 13.65 4.47 0.95
C PRO A 69 13.30 5.13 2.29
N GLY A 70 13.76 6.36 2.43
CA GLY A 70 13.50 7.11 3.66
C GLY A 70 13.33 8.61 3.35
N PHE A 71 14.25 9.12 2.55
CA PHE A 71 14.22 10.53 2.18
C PHE A 71 12.80 10.97 1.83
N LEU A 72 12.01 10.01 1.36
CA LEU A 72 10.63 10.28 0.99
C LEU A 72 9.95 11.05 2.13
N GLU A 73 8.96 11.84 1.75
CA GLU A 73 8.22 12.62 2.72
C GLU A 73 6.92 11.90 3.13
N LEU A 74 7.09 10.89 3.96
CA LEU A 74 5.95 10.10 4.42
C LEU A 74 4.87 11.06 4.94
N LYS A 75 5.30 12.25 5.32
CA LYS A 75 4.39 13.25 5.84
C LYS A 75 3.23 13.42 4.84
N ASP A 76 3.53 13.18 3.58
CA ASP A 76 2.54 13.31 2.54
C ASP A 76 2.08 11.92 2.09
N PHE A 77 2.14 10.98 3.03
CA PHE A 77 1.74 9.61 2.75
C PHE A 77 0.84 9.07 3.86
N LEU A 78 1.35 9.14 5.08
CA LEU A 78 0.60 8.65 6.23
C LEU A 78 -0.06 9.85 6.93
N PRO A 79 -1.01 9.51 7.86
CA PRO A 79 -1.72 10.53 8.60
C PRO A 79 -0.83 11.15 9.68
N LYS A 80 -1.29 12.28 10.20
CA LYS A 80 -0.55 12.98 11.23
C LYS A 80 -0.15 11.99 12.33
N GLU A 81 -1.13 11.22 12.76
CA GLU A 81 -0.90 10.22 13.80
C GLU A 81 0.47 9.57 13.63
N TYR A 82 0.88 9.47 12.37
CA TYR A 82 2.16 8.87 12.05
C TYR A 82 3.25 9.95 11.87
N ILE A 83 2.90 10.96 11.09
CA ILE A 83 3.83 12.06 10.84
C ILE A 83 4.57 12.40 12.13
N LYS A 84 3.88 12.20 13.24
CA LYS A 84 4.47 12.48 14.55
C LYS A 84 5.12 11.21 15.09
N GLN A 85 5.93 10.59 14.23
CA GLN A 85 6.62 9.37 14.61
C GLN A 85 7.48 8.86 13.45
N LYS A 86 6.83 8.72 12.30
CA LYS A 86 7.51 8.24 11.11
C LYS A 86 7.91 6.77 11.31
N GLY A 87 7.87 6.03 10.21
CA GLY A 87 8.22 4.63 10.24
C GLY A 87 9.02 4.23 9.00
N GLU A 88 9.99 5.07 8.66
CA GLU A 88 10.83 4.82 7.51
C GLU A 88 11.42 3.40 7.58
N ARG A 89 12.05 3.12 8.71
CA ARG A 89 12.66 1.82 8.91
C ARG A 89 11.69 0.71 8.53
N LYS A 90 10.40 1.03 8.64
CA LYS A 90 9.36 0.07 8.31
C LYS A 90 9.04 0.17 6.81
N ILE A 91 8.92 1.40 6.35
CA ILE A 91 8.60 1.65 4.94
C ILE A 91 9.59 0.87 4.08
N PHE A 92 10.83 0.82 4.54
CA PHE A 92 11.87 0.12 3.81
C PHE A 92 11.39 -1.27 3.36
N MET A 93 11.31 -2.18 4.32
CA MET A 93 10.87 -3.53 4.04
C MET A 93 9.68 -3.52 3.07
N ALA A 94 8.67 -2.76 3.43
CA ALA A 94 7.47 -2.66 2.61
C ALA A 94 7.87 -2.20 1.20
N HIS A 95 8.84 -1.30 1.16
CA HIS A 95 9.32 -0.78 -0.11
C HIS A 95 10.14 -1.85 -0.83
N LYS A 96 10.93 -2.57 -0.07
CA LYS A 96 11.76 -3.62 -0.61
C LYS A 96 10.87 -4.68 -1.25
N ASN A 97 9.82 -5.02 -0.54
CA ASN A 97 8.87 -6.03 -1.01
C ASN A 97 8.12 -5.47 -2.21
N CYS A 98 7.45 -4.35 -1.99
CA CYS A 98 6.68 -3.71 -3.05
C CYS A 98 7.59 -3.55 -4.27
N GLY A 99 8.78 -3.04 -4.02
CA GLY A 99 9.75 -2.83 -5.09
C GLY A 99 9.85 -4.07 -5.99
N ASN A 100 10.43 -3.87 -7.15
CA ASN A 100 10.60 -4.95 -8.10
C ASN A 100 9.23 -5.36 -8.66
N MET A 101 8.40 -5.88 -7.76
CA MET A 101 7.07 -6.30 -8.14
C MET A 101 6.42 -5.30 -9.12
N SER A 102 5.37 -5.76 -9.77
CA SER A 102 4.66 -4.91 -10.72
C SER A 102 3.90 -3.82 -9.98
N GLU A 103 3.89 -2.63 -10.57
CA GLU A 103 3.20 -1.50 -9.98
C GLU A 103 1.74 -1.86 -9.68
N ILE A 104 1.16 -2.65 -10.57
CA ILE A 104 -0.21 -3.06 -10.41
C ILE A 104 -0.33 -3.97 -9.18
N GLU A 105 0.36 -5.10 -9.25
CA GLU A 105 0.35 -6.05 -8.15
C GLU A 105 0.55 -5.33 -6.81
N ALA A 106 1.19 -4.17 -6.90
CA ALA A 106 1.46 -3.38 -5.72
C ALA A 106 0.20 -2.60 -5.33
N LYS A 107 -0.45 -2.06 -6.35
CA LYS A 107 -1.67 -1.28 -6.14
C LYS A 107 -2.77 -2.21 -5.66
N VAL A 108 -2.79 -3.41 -6.22
CA VAL A 108 -3.78 -4.41 -5.85
C VAL A 108 -3.75 -4.62 -4.34
N ARG A 109 -2.58 -5.05 -3.86
CA ARG A 109 -2.40 -5.29 -2.43
C ARG A 109 -2.87 -4.08 -1.62
N TYR A 110 -2.65 -2.91 -2.19
CA TYR A 110 -3.03 -1.67 -1.53
C TYR A 110 -4.53 -1.66 -1.22
N VAL A 111 -5.31 -2.02 -2.22
CA VAL A 111 -6.76 -2.06 -2.07
C VAL A 111 -7.14 -3.27 -1.22
N LYS A 112 -6.65 -4.43 -1.63
CA LYS A 112 -6.94 -5.67 -0.92
C LYS A 112 -6.64 -5.47 0.56
N LEU A 113 -5.44 -4.99 0.84
CA LEU A 113 -5.03 -4.76 2.21
C LEU A 113 -6.03 -3.83 2.89
N ALA A 114 -6.13 -2.63 2.35
CA ALA A 114 -7.05 -1.64 2.89
C ALA A 114 -8.43 -2.28 3.10
N ARG A 115 -8.95 -2.84 2.01
CA ARG A 115 -10.25 -3.49 2.07
C ARG A 115 -10.26 -4.57 3.15
N SER A 116 -9.06 -4.97 3.56
CA SER A 116 -8.91 -6.00 4.57
C SER A 116 -9.07 -5.38 5.96
N LEU A 117 -8.45 -4.22 6.14
CA LEU A 117 -8.50 -3.52 7.40
C LEU A 117 -9.96 -3.40 7.85
N LYS A 118 -10.73 -2.70 7.03
CA LYS A 118 -12.14 -2.51 7.33
C LYS A 118 -12.76 -3.83 7.76
N THR A 119 -13.66 -3.75 8.72
CA THR A 119 -14.34 -4.93 9.23
C THR A 119 -15.79 -4.97 8.75
N TYR A 120 -16.35 -3.79 8.57
CA TYR A 120 -17.73 -3.67 8.12
C TYR A 120 -17.80 -3.64 6.58
N GLY A 121 -18.97 -4.02 6.08
CA GLY A 121 -19.18 -4.04 4.64
C GLY A 121 -20.55 -3.46 4.28
N GLU A 1 -1.98 -17.68 -0.27
CA GLU A 1 -1.19 -18.69 -0.97
C GLU A 1 -0.75 -19.79 -0.02
N THR A 2 0.22 -19.47 0.82
CA THR A 2 0.74 -20.42 1.78
C THR A 2 -0.41 -21.12 2.51
N LEU A 3 -1.34 -20.30 2.99
CA LEU A 3 -2.48 -20.82 3.71
C LEU A 3 -3.59 -19.76 3.74
N LEU A 4 -4.82 -20.23 3.93
CA LEU A 4 -5.96 -19.34 3.98
C LEU A 4 -7.06 -19.97 4.84
N LEU A 5 -7.59 -21.08 4.35
CA LEU A 5 -8.64 -21.79 5.06
C LEU A 5 -9.80 -20.83 5.33
N ARG A 6 -10.70 -20.76 4.37
CA ARG A 6 -11.86 -19.88 4.50
C ARG A 6 -13.01 -20.38 3.63
N ARG A 7 -14.07 -20.84 4.30
CA ARG A 7 -15.23 -21.35 3.59
C ARG A 7 -15.90 -20.24 2.79
N LYS A 8 -15.75 -20.31 1.48
CA LYS A 8 -16.33 -19.33 0.60
C LYS A 8 -16.32 -19.86 -0.84
N PHE A 9 -17.49 -20.30 -1.28
CA PHE A 9 -17.65 -20.84 -2.62
C PHE A 9 -16.78 -20.07 -3.62
N PHE A 10 -16.95 -18.75 -3.60
CA PHE A 10 -16.19 -17.88 -4.49
C PHE A 10 -14.74 -17.76 -4.03
N TYR A 11 -13.91 -17.27 -4.95
CA TYR A 11 -12.49 -17.10 -4.65
C TYR A 11 -11.97 -15.81 -5.27
N SER A 12 -10.70 -15.52 -4.97
CA SER A 12 -10.06 -14.32 -5.49
C SER A 12 -10.68 -13.08 -4.83
N ASP A 13 -11.89 -12.75 -5.28
CA ASP A 13 -12.58 -11.59 -4.74
C ASP A 13 -11.97 -10.32 -5.32
N GLN A 14 -12.80 -9.29 -5.41
CA GLN A 14 -12.35 -8.01 -5.94
C GLN A 14 -11.57 -8.21 -7.24
N ASN A 15 -11.90 -9.30 -7.92
CA ASN A 15 -11.23 -9.62 -9.17
C ASN A 15 -11.90 -8.85 -10.31
N VAL A 16 -13.18 -8.54 -10.10
CA VAL A 16 -13.93 -7.81 -11.10
C VAL A 16 -13.40 -6.37 -11.19
N ASP A 17 -12.51 -6.05 -10.26
CA ASP A 17 -11.92 -4.72 -10.22
C ASP A 17 -10.42 -4.82 -10.52
N SER A 18 -9.80 -5.83 -9.91
CA SER A 18 -8.39 -6.05 -10.10
C SER A 18 -8.02 -5.89 -11.58
N ARG A 19 -8.89 -6.42 -12.43
CA ARG A 19 -8.68 -6.35 -13.86
C ARG A 19 -8.71 -4.89 -14.33
N ASP A 20 -9.76 -4.20 -13.93
CA ASP A 20 -9.92 -2.80 -14.30
C ASP A 20 -9.05 -1.94 -13.39
N PRO A 21 -8.06 -1.24 -14.03
CA PRO A 21 -7.16 -0.37 -13.29
C PRO A 21 -7.85 0.92 -12.87
N VAL A 22 -8.88 1.29 -13.64
CA VAL A 22 -9.63 2.49 -13.36
C VAL A 22 -10.32 2.36 -12.00
N GLN A 23 -11.04 1.26 -11.85
CA GLN A 23 -11.76 1.00 -10.61
C GLN A 23 -10.77 0.80 -9.46
N LEU A 24 -9.57 0.36 -9.82
CA LEU A 24 -8.53 0.12 -8.84
C LEU A 24 -7.93 1.46 -8.41
N ASN A 25 -7.75 2.34 -9.39
CA ASN A 25 -7.19 3.65 -9.12
C ASN A 25 -8.19 4.48 -8.30
N LEU A 26 -9.47 4.27 -8.60
CA LEU A 26 -10.52 4.98 -7.90
C LEU A 26 -10.50 4.60 -6.42
N LEU A 27 -10.20 3.33 -6.18
CA LEU A 27 -10.15 2.82 -4.81
C LEU A 27 -8.85 3.28 -4.16
N TYR A 28 -7.74 2.90 -4.79
CA TYR A 28 -6.43 3.26 -4.27
C TYR A 28 -6.42 4.71 -3.78
N VAL A 29 -7.15 5.55 -4.49
CA VAL A 29 -7.24 6.95 -4.14
C VAL A 29 -8.11 7.12 -2.89
N GLN A 30 -9.33 6.64 -2.99
CA GLN A 30 -10.27 6.72 -1.88
C GLN A 30 -9.66 6.07 -0.63
N ALA A 31 -9.05 4.92 -0.85
CA ALA A 31 -8.43 4.19 0.24
C ALA A 31 -7.30 5.03 0.84
N ARG A 32 -6.60 5.73 -0.03
CA ARG A 32 -5.50 6.57 0.40
C ARG A 32 -6.03 7.79 1.16
N ASP A 33 -7.00 8.46 0.55
CA ASP A 33 -7.61 9.63 1.17
C ASP A 33 -8.07 9.27 2.59
N ASP A 34 -8.79 8.17 2.68
CA ASP A 34 -9.31 7.72 3.96
C ASP A 34 -8.15 7.59 4.95
N ILE A 35 -7.01 7.18 4.43
CA ILE A 35 -5.83 7.02 5.25
C ILE A 35 -5.29 8.40 5.64
N LEU A 36 -5.11 9.24 4.64
CA LEU A 36 -4.61 10.58 4.87
C LEU A 36 -5.59 11.34 5.76
N ASN A 37 -6.86 10.95 5.67
CA ASN A 37 -7.90 11.58 6.46
C ASN A 37 -7.73 11.19 7.93
N GLY A 38 -7.30 9.95 8.13
CA GLY A 38 -7.10 9.44 9.47
C GLY A 38 -8.42 9.02 10.11
N SER A 39 -9.27 8.41 9.30
CA SER A 39 -10.57 7.96 9.76
C SER A 39 -10.49 6.50 10.22
N HIS A 40 -10.02 5.67 9.30
CA HIS A 40 -9.89 4.24 9.58
C HIS A 40 -8.62 4.00 10.40
N PRO A 41 -8.82 3.53 11.66
CA PRO A 41 -7.71 3.26 12.56
C PRO A 41 -7.01 1.97 12.16
N VAL A 42 -6.18 2.07 11.12
CA VAL A 42 -5.45 0.91 10.64
C VAL A 42 -4.26 0.64 11.57
N SER A 43 -3.47 -0.34 11.19
CA SER A 43 -2.30 -0.71 11.98
C SER A 43 -1.10 0.15 11.57
N PHE A 44 -0.23 0.41 12.54
CA PHE A 44 0.95 1.21 12.30
C PHE A 44 1.82 0.58 11.21
N ASP A 45 2.29 -0.62 11.49
CA ASP A 45 3.14 -1.34 10.55
C ASP A 45 2.47 -1.34 9.17
N LYS A 46 1.26 -1.88 9.13
CA LYS A 46 0.51 -1.95 7.89
C LYS A 46 0.60 -0.61 7.17
N ALA A 47 0.17 0.44 7.87
CA ALA A 47 0.20 1.78 7.30
C ALA A 47 1.51 1.97 6.52
N CYS A 48 2.60 1.67 7.19
CA CYS A 48 3.92 1.81 6.58
C CYS A 48 3.95 0.94 5.33
N GLU A 49 3.46 -0.28 5.49
CA GLU A 49 3.42 -1.23 4.38
C GLU A 49 3.05 -0.51 3.08
N PHE A 50 1.99 0.28 3.16
CA PHE A 50 1.52 1.03 2.00
C PHE A 50 2.59 2.00 1.51
N ALA A 51 3.09 2.80 2.44
CA ALA A 51 4.12 3.78 2.12
C ALA A 51 5.14 3.15 1.18
N GLY A 52 5.43 1.88 1.43
CA GLY A 52 6.39 1.15 0.62
C GLY A 52 5.86 0.98 -0.82
N TYR A 53 4.64 0.48 -0.91
CA TYR A 53 4.02 0.26 -2.21
C TYR A 53 3.61 1.59 -2.84
N GLN A 54 3.81 2.66 -2.09
CA GLN A 54 3.47 3.99 -2.57
C GLN A 54 4.59 4.54 -3.45
N CYS A 55 5.80 4.50 -2.89
CA CYS A 55 6.96 5.01 -3.60
C CYS A 55 7.20 4.12 -4.83
N GLN A 56 6.84 2.85 -4.68
CA GLN A 56 7.01 1.90 -5.76
C GLN A 56 6.08 2.26 -6.93
N ILE A 57 4.79 2.29 -6.64
CA ILE A 57 3.80 2.61 -7.64
C ILE A 57 4.14 3.97 -8.27
N GLN A 58 4.79 4.81 -7.48
CA GLN A 58 5.19 6.12 -7.94
C GLN A 58 6.24 6.01 -9.05
N PHE A 59 7.43 5.61 -8.65
CA PHE A 59 8.53 5.46 -9.59
C PHE A 59 8.71 3.99 -9.98
N GLY A 60 8.81 3.15 -8.97
CA GLY A 60 8.98 1.73 -9.18
C GLY A 60 10.09 1.16 -8.28
N PRO A 61 10.29 -0.18 -8.38
CA PRO A 61 11.30 -0.84 -7.59
C PRO A 61 12.70 -0.57 -8.14
N HIS A 62 12.73 0.17 -9.24
CA HIS A 62 14.00 0.51 -9.88
C HIS A 62 14.64 1.68 -9.14
N ASN A 63 14.79 1.50 -7.83
CA ASN A 63 15.40 2.52 -7.00
C ASN A 63 15.54 2.00 -5.58
N GLU A 64 16.65 2.36 -4.95
CA GLU A 64 16.91 1.94 -3.59
C GLU A 64 18.24 2.54 -3.09
N GLN A 65 19.23 2.50 -3.97
CA GLN A 65 20.54 3.03 -3.64
C GLN A 65 20.55 4.56 -3.76
N LYS A 66 19.66 5.05 -4.61
CA LYS A 66 19.54 6.48 -4.84
C LYS A 66 18.42 7.05 -3.95
N HIS A 67 17.22 6.55 -4.20
CA HIS A 67 16.06 6.99 -3.44
C HIS A 67 16.24 6.61 -1.97
N LYS A 68 15.77 7.50 -1.10
CA LYS A 68 15.87 7.27 0.33
C LYS A 68 14.55 7.66 0.99
N PRO A 69 14.30 7.05 2.18
CA PRO A 69 13.09 7.32 2.93
C PRO A 69 13.15 8.68 3.61
N GLY A 70 13.28 9.71 2.80
CA GLY A 70 13.36 11.07 3.31
C GLY A 70 12.80 12.07 2.30
N PHE A 71 13.19 11.89 1.05
CA PHE A 71 12.75 12.76 -0.02
C PHE A 71 11.24 12.62 -0.25
N LEU A 72 10.70 11.53 0.26
CA LEU A 72 9.27 11.26 0.13
C LEU A 72 8.49 12.27 0.96
N GLU A 73 7.34 12.67 0.43
CA GLU A 73 6.50 13.63 1.12
C GLU A 73 5.73 12.94 2.25
N LEU A 74 6.47 12.53 3.27
CA LEU A 74 5.89 11.85 4.41
C LEU A 74 4.62 12.60 4.84
N LYS A 75 4.76 13.91 4.96
CA LYS A 75 3.65 14.75 5.36
C LYS A 75 2.47 14.50 4.43
N ASP A 76 2.79 14.25 3.16
CA ASP A 76 1.76 13.99 2.17
C ASP A 76 1.86 12.54 1.71
N PHE A 77 2.11 11.66 2.67
CA PHE A 77 2.23 10.24 2.38
C PHE A 77 1.58 9.40 3.48
N LEU A 78 1.85 9.78 4.71
CA LEU A 78 1.30 9.08 5.87
C LEU A 78 0.36 10.00 6.63
N PRO A 79 -0.49 9.39 7.48
CA PRO A 79 -1.45 10.14 8.28
C PRO A 79 -0.75 10.87 9.43
N LYS A 80 -1.07 12.14 9.56
CA LYS A 80 -0.49 12.95 10.62
C LYS A 80 -0.40 12.13 11.90
N GLU A 81 -1.33 11.20 12.04
CA GLU A 81 -1.37 10.34 13.21
C GLU A 81 -0.07 9.55 13.33
N TYR A 82 0.20 8.76 12.30
CA TYR A 82 1.41 7.94 12.27
C TYR A 82 2.64 8.80 11.95
N ILE A 83 2.41 9.81 11.13
CA ILE A 83 3.48 10.71 10.73
C ILE A 83 4.35 11.02 11.96
N LYS A 84 3.70 11.47 13.01
CA LYS A 84 4.40 11.81 14.24
C LYS A 84 5.35 10.68 14.61
N GLN A 85 4.86 9.45 14.45
CA GLN A 85 5.66 8.28 14.76
C GLN A 85 6.88 8.22 13.83
N LYS A 86 6.60 8.29 12.54
CA LYS A 86 7.66 8.24 11.54
C LYS A 86 8.26 6.82 11.51
N GLY A 87 8.06 6.16 10.39
CA GLY A 87 8.57 4.81 10.21
C GLY A 87 9.92 4.81 9.50
N GLU A 88 9.87 5.10 8.21
CA GLU A 88 11.07 5.16 7.39
C GLU A 88 11.71 3.77 7.32
N ARG A 89 12.41 3.41 8.39
CA ARG A 89 13.06 2.12 8.46
C ARG A 89 12.10 1.00 8.09
N LYS A 90 10.85 1.19 8.48
CA LYS A 90 9.82 0.21 8.18
C LYS A 90 9.45 0.28 6.70
N ILE A 91 9.22 1.50 6.24
CA ILE A 91 8.87 1.71 4.84
C ILE A 91 9.76 0.84 3.95
N PHE A 92 11.05 1.04 4.08
CA PHE A 92 12.01 0.28 3.31
C PHE A 92 11.70 -1.20 3.34
N MET A 93 11.54 -1.71 4.56
CA MET A 93 11.23 -3.12 4.75
C MET A 93 10.12 -3.58 3.80
N ALA A 94 9.09 -2.75 3.71
CA ALA A 94 7.96 -3.05 2.86
C ALA A 94 8.46 -3.20 1.41
N HIS A 95 9.42 -2.37 1.06
CA HIS A 95 9.99 -2.40 -0.27
C HIS A 95 10.70 -3.74 -0.51
N LYS A 96 11.40 -4.18 0.52
CA LYS A 96 12.12 -5.43 0.45
C LYS A 96 11.13 -6.57 0.19
N ASN A 97 9.90 -6.35 0.60
CA ASN A 97 8.84 -7.34 0.42
C ASN A 97 8.20 -7.14 -0.95
N CYS A 98 7.93 -5.89 -1.28
CA CYS A 98 7.32 -5.56 -2.54
C CYS A 98 8.10 -6.27 -3.66
N GLY A 99 9.38 -5.94 -3.74
CA GLY A 99 10.23 -6.54 -4.75
C GLY A 99 10.08 -5.83 -6.10
N ASN A 100 10.30 -6.58 -7.15
CA ASN A 100 10.18 -6.04 -8.50
C ASN A 100 8.75 -6.24 -9.00
N MET A 101 7.81 -5.92 -8.13
CA MET A 101 6.40 -6.05 -8.48
C MET A 101 5.96 -4.96 -9.47
N SER A 102 4.84 -5.22 -10.13
CA SER A 102 4.32 -4.28 -11.09
C SER A 102 3.56 -3.15 -10.39
N GLU A 103 3.63 -1.97 -10.98
CA GLU A 103 2.97 -0.81 -10.41
C GLU A 103 1.51 -1.14 -10.08
N ILE A 104 0.92 -1.97 -10.94
CA ILE A 104 -0.47 -2.37 -10.75
C ILE A 104 -0.54 -3.40 -9.61
N GLU A 105 0.25 -4.45 -9.75
CA GLU A 105 0.28 -5.50 -8.76
C GLU A 105 0.47 -4.91 -7.36
N ALA A 106 1.07 -3.72 -7.33
CA ALA A 106 1.31 -3.04 -6.08
C ALA A 106 0.05 -2.28 -5.66
N LYS A 107 -0.60 -1.69 -6.64
CA LYS A 107 -1.81 -0.93 -6.39
C LYS A 107 -2.90 -1.88 -5.88
N VAL A 108 -2.95 -3.05 -6.49
CA VAL A 108 -3.94 -4.05 -6.11
C VAL A 108 -3.74 -4.41 -4.63
N ARG A 109 -2.56 -4.90 -4.32
CA ARG A 109 -2.24 -5.28 -2.96
C ARG A 109 -2.65 -4.18 -1.99
N TYR A 110 -2.45 -2.94 -2.42
CA TYR A 110 -2.78 -1.79 -1.60
C TYR A 110 -4.28 -1.80 -1.26
N VAL A 111 -5.09 -1.93 -2.29
CA VAL A 111 -6.54 -1.96 -2.12
C VAL A 111 -6.93 -3.18 -1.30
N LYS A 112 -6.42 -4.33 -1.72
CA LYS A 112 -6.71 -5.57 -1.04
C LYS A 112 -6.24 -5.48 0.41
N LEU A 113 -5.10 -4.83 0.59
CA LEU A 113 -4.53 -4.66 1.91
C LEU A 113 -5.46 -3.78 2.75
N ALA A 114 -5.71 -2.58 2.25
CA ALA A 114 -6.58 -1.65 2.95
C ALA A 114 -7.95 -2.29 3.15
N ARG A 115 -8.43 -2.93 2.10
CA ARG A 115 -9.73 -3.59 2.16
C ARG A 115 -9.63 -4.88 2.99
N SER A 116 -8.41 -5.21 3.36
CA SER A 116 -8.16 -6.41 4.14
C SER A 116 -8.08 -6.05 5.64
N LEU A 117 -7.71 -4.80 5.88
CA LEU A 117 -7.58 -4.32 7.24
C LEU A 117 -8.98 -4.15 7.85
N LYS A 118 -9.69 -3.16 7.34
CA LYS A 118 -11.04 -2.89 7.81
C LYS A 118 -12.05 -3.49 6.84
N THR A 119 -12.62 -4.61 7.25
CA THR A 119 -13.61 -5.31 6.43
C THR A 119 -14.88 -5.57 7.24
N TYR A 120 -16.00 -5.52 6.53
CA TYR A 120 -17.29 -5.74 7.17
C TYR A 120 -17.53 -7.23 7.42
N GLY A 121 -17.36 -8.01 6.35
CA GLY A 121 -17.54 -9.45 6.45
C GLY A 121 -16.28 -10.20 6.03
N GLU A 1 2.51 8.57 -10.87
CA GLU A 1 1.26 7.93 -10.51
C GLU A 1 0.32 7.91 -11.70
N THR A 2 0.83 7.40 -12.82
CA THR A 2 0.05 7.31 -14.04
C THR A 2 0.28 5.96 -14.72
N LEU A 3 -0.83 5.32 -15.09
CA LEU A 3 -0.76 4.04 -15.76
C LEU A 3 -1.29 4.17 -17.19
N LEU A 4 -0.93 3.20 -18.01
CA LEU A 4 -1.35 3.19 -19.40
C LEU A 4 -1.20 1.79 -19.97
N LEU A 5 -2.13 1.44 -20.86
CA LEU A 5 -2.10 0.13 -21.49
C LEU A 5 -0.68 -0.17 -21.99
N ARG A 6 -0.05 -1.11 -21.33
CA ARG A 6 1.30 -1.50 -21.69
C ARG A 6 1.41 -3.02 -21.86
N ARG A 7 0.87 -3.72 -20.87
CA ARG A 7 0.89 -5.17 -20.90
C ARG A 7 0.08 -5.73 -19.72
N LYS A 8 -0.17 -7.03 -19.78
CA LYS A 8 -0.92 -7.70 -18.73
C LYS A 8 -0.94 -9.20 -19.01
N PHE A 9 -0.85 -9.97 -17.93
CA PHE A 9 -0.85 -11.42 -18.03
C PHE A 9 -0.78 -12.06 -16.65
N PHE A 10 -1.67 -13.04 -16.44
CA PHE A 10 -1.72 -13.74 -15.18
C PHE A 10 -1.98 -12.77 -14.02
N TYR A 11 -2.55 -13.31 -12.95
CA TYR A 11 -2.84 -12.51 -11.78
C TYR A 11 -3.17 -13.40 -10.57
N SER A 12 -4.10 -14.31 -10.79
CA SER A 12 -4.51 -15.22 -9.73
C SER A 12 -5.16 -14.45 -8.59
N ASP A 13 -6.42 -14.79 -8.33
CA ASP A 13 -7.17 -14.13 -7.28
C ASP A 13 -7.26 -12.63 -7.58
N GLN A 14 -8.23 -11.99 -6.94
CA GLN A 14 -8.43 -10.57 -7.12
C GLN A 14 -8.23 -10.19 -8.58
N ASN A 15 -8.71 -11.06 -9.46
CA ASN A 15 -8.57 -10.84 -10.89
C ASN A 15 -9.84 -10.14 -11.41
N VAL A 16 -10.93 -10.36 -10.69
CA VAL A 16 -12.20 -9.77 -11.06
C VAL A 16 -12.12 -8.25 -10.90
N ASP A 17 -11.04 -7.81 -10.27
CA ASP A 17 -10.83 -6.39 -10.04
C ASP A 17 -9.61 -5.93 -10.84
N SER A 18 -8.62 -6.81 -10.92
CA SER A 18 -7.41 -6.50 -11.66
C SER A 18 -7.74 -6.23 -13.13
N ARG A 19 -8.85 -6.81 -13.56
CA ARG A 19 -9.29 -6.64 -14.93
C ARG A 19 -9.40 -5.14 -15.29
N ASP A 20 -9.94 -4.39 -14.35
CA ASP A 20 -10.09 -2.96 -14.54
C ASP A 20 -9.17 -2.22 -13.57
N PRO A 21 -8.10 -1.60 -14.16
CA PRO A 21 -7.15 -0.86 -13.36
C PRO A 21 -7.72 0.49 -12.93
N VAL A 22 -8.60 1.02 -13.77
CA VAL A 22 -9.22 2.30 -13.49
C VAL A 22 -9.94 2.23 -12.15
N GLN A 23 -10.85 1.26 -12.05
CA GLN A 23 -11.61 1.06 -10.83
C GLN A 23 -10.68 0.76 -9.66
N LEU A 24 -9.48 0.29 -10.00
CA LEU A 24 -8.49 -0.04 -8.99
C LEU A 24 -7.81 1.24 -8.52
N ASN A 25 -7.55 2.12 -9.47
CA ASN A 25 -6.89 3.39 -9.16
C ASN A 25 -7.85 4.26 -8.35
N LEU A 26 -9.12 4.18 -8.69
CA LEU A 26 -10.14 4.95 -8.01
C LEU A 26 -10.22 4.50 -6.54
N LEU A 27 -10.07 3.20 -6.36
CA LEU A 27 -10.13 2.63 -5.02
C LEU A 27 -8.80 2.90 -4.30
N TYR A 28 -7.72 2.78 -5.05
CA TYR A 28 -6.39 3.01 -4.51
C TYR A 28 -6.27 4.41 -3.93
N VAL A 29 -6.93 5.35 -4.61
CA VAL A 29 -6.90 6.74 -4.18
C VAL A 29 -7.78 6.90 -2.92
N GLN A 30 -8.99 6.39 -3.03
CA GLN A 30 -9.93 6.47 -1.92
C GLN A 30 -9.33 5.81 -0.67
N ALA A 31 -8.73 4.65 -0.89
CA ALA A 31 -8.12 3.91 0.21
C ALA A 31 -7.00 4.77 0.83
N ARG A 32 -6.15 5.29 -0.04
CA ARG A 32 -5.04 6.11 0.40
C ARG A 32 -5.56 7.37 1.11
N ASP A 33 -6.51 8.02 0.44
CA ASP A 33 -7.10 9.23 0.99
C ASP A 33 -7.66 8.95 2.38
N ASP A 34 -8.41 7.85 2.46
CA ASP A 34 -9.01 7.46 3.73
C ASP A 34 -7.94 7.50 4.83
N ILE A 35 -6.74 7.07 4.46
CA ILE A 35 -5.64 7.05 5.39
C ILE A 35 -5.26 8.49 5.76
N LEU A 36 -4.97 9.27 4.74
CA LEU A 36 -4.60 10.66 4.93
C LEU A 36 -5.71 11.39 5.69
N ASN A 37 -6.94 10.94 5.44
CA ASN A 37 -8.10 11.54 6.09
C ASN A 37 -7.99 11.31 7.60
N GLY A 38 -7.46 10.15 7.96
CA GLY A 38 -7.31 9.80 9.36
C GLY A 38 -8.64 9.34 9.96
N SER A 39 -9.39 8.62 9.16
CA SER A 39 -10.69 8.12 9.60
C SER A 39 -10.55 6.68 10.10
N HIS A 40 -9.79 5.90 9.35
CA HIS A 40 -9.56 4.50 9.70
C HIS A 40 -8.15 4.33 10.26
N PRO A 41 -8.10 4.01 11.58
CA PRO A 41 -6.81 3.81 12.25
C PRO A 41 -6.18 2.48 11.85
N VAL A 42 -5.52 2.50 10.69
CA VAL A 42 -4.87 1.30 10.19
C VAL A 42 -3.53 1.11 10.91
N SER A 43 -3.37 -0.06 11.51
CA SER A 43 -2.15 -0.38 12.22
C SER A 43 -0.94 0.19 11.47
N PHE A 44 -0.18 1.02 12.17
CA PHE A 44 1.00 1.62 11.59
C PHE A 44 1.71 0.65 10.65
N ASP A 45 2.01 -0.52 11.19
CA ASP A 45 2.69 -1.54 10.41
C ASP A 45 2.05 -1.65 9.02
N LYS A 46 0.74 -1.84 9.03
CA LYS A 46 -0.01 -1.95 7.79
C LYS A 46 0.13 -0.64 7.01
N ALA A 47 -0.29 0.44 7.64
CA ALA A 47 -0.22 1.75 7.01
C ALA A 47 1.12 1.90 6.30
N CYS A 48 2.15 1.39 6.94
CA CYS A 48 3.49 1.46 6.38
C CYS A 48 3.51 0.66 5.07
N GLU A 49 2.98 -0.55 5.15
CA GLU A 49 2.92 -1.42 3.98
C GLU A 49 2.58 -0.61 2.74
N PHE A 50 1.58 0.25 2.88
CA PHE A 50 1.13 1.08 1.78
C PHE A 50 2.25 2.00 1.30
N ALA A 51 2.73 2.82 2.22
CA ALA A 51 3.80 3.75 1.91
C ALA A 51 4.83 3.06 1.02
N GLY A 52 5.41 1.98 1.55
CA GLY A 52 6.40 1.22 0.81
C GLY A 52 5.94 0.95 -0.62
N TYR A 53 4.72 0.44 -0.73
CA TYR A 53 4.15 0.13 -2.02
C TYR A 53 3.95 1.39 -2.85
N GLN A 54 3.55 2.46 -2.17
CA GLN A 54 3.33 3.73 -2.83
C GLN A 54 4.57 4.14 -3.63
N CYS A 55 5.64 4.42 -2.90
CA CYS A 55 6.89 4.82 -3.53
C CYS A 55 7.11 3.92 -4.76
N GLN A 56 6.98 2.63 -4.53
CA GLN A 56 7.17 1.66 -5.60
C GLN A 56 6.26 1.99 -6.78
N ILE A 57 4.95 1.88 -6.54
CA ILE A 57 3.97 2.16 -7.57
C ILE A 57 4.27 3.52 -8.19
N GLN A 58 4.83 4.40 -7.38
CA GLN A 58 5.18 5.74 -7.84
C GLN A 58 6.34 5.67 -8.85
N PHE A 59 7.53 5.48 -8.32
CA PHE A 59 8.71 5.40 -9.15
C PHE A 59 8.96 3.95 -9.62
N GLY A 60 9.01 3.05 -8.65
CA GLY A 60 9.23 1.65 -8.94
C GLY A 60 10.51 1.14 -8.26
N PRO A 61 10.89 -0.12 -8.61
CA PRO A 61 12.08 -0.72 -8.04
C PRO A 61 13.34 -0.14 -8.66
N HIS A 62 13.14 0.73 -9.63
CA HIS A 62 14.26 1.37 -10.32
C HIS A 62 14.77 2.53 -9.46
N ASN A 63 15.09 2.20 -8.21
CA ASN A 63 15.60 3.20 -7.29
C ASN A 63 15.96 2.52 -5.96
N GLU A 64 16.80 3.21 -5.19
CA GLU A 64 17.23 2.69 -3.91
C GLU A 64 18.42 3.49 -3.38
N GLN A 65 19.50 3.44 -4.14
CA GLN A 65 20.71 4.15 -3.76
C GLN A 65 20.45 5.66 -3.71
N LYS A 66 19.63 6.13 -4.64
CA LYS A 66 19.29 7.54 -4.71
C LYS A 66 18.06 7.79 -3.82
N HIS A 67 17.06 6.95 -3.99
CA HIS A 67 15.84 7.08 -3.22
C HIS A 67 16.13 6.80 -1.74
N LYS A 68 15.19 7.19 -0.90
CA LYS A 68 15.33 6.99 0.53
C LYS A 68 13.95 6.96 1.18
N PRO A 69 13.88 6.25 2.35
CA PRO A 69 12.63 6.14 3.08
C PRO A 69 12.28 7.44 3.79
N GLY A 70 13.18 8.39 3.68
CA GLY A 70 12.99 9.69 4.31
C GLY A 70 12.62 10.76 3.28
N PHE A 71 13.39 10.79 2.20
CA PHE A 71 13.15 11.75 1.14
C PHE A 71 11.66 11.82 0.79
N LEU A 72 10.98 10.72 1.03
CA LEU A 72 9.55 10.65 0.75
C LEU A 72 8.82 11.72 1.57
N GLU A 73 7.70 12.16 1.01
CA GLU A 73 6.90 13.19 1.68
C GLU A 73 5.91 12.53 2.64
N LEU A 74 6.45 12.01 3.74
CA LEU A 74 5.62 11.37 4.74
C LEU A 74 4.41 12.25 5.05
N LYS A 75 4.69 13.52 5.27
CA LYS A 75 3.63 14.48 5.58
C LYS A 75 2.51 14.34 4.55
N ASP A 76 2.91 14.01 3.32
CA ASP A 76 1.95 13.83 2.25
C ASP A 76 1.91 12.36 1.84
N PHE A 77 2.00 11.49 2.84
CA PHE A 77 1.97 10.06 2.60
C PHE A 77 1.22 9.33 3.71
N LEU A 78 1.62 9.61 4.94
CA LEU A 78 1.00 8.99 6.09
C LEU A 78 0.17 10.03 6.84
N PRO A 79 -0.68 9.52 7.77
CA PRO A 79 -1.53 10.40 8.56
C PRO A 79 -0.71 11.12 9.64
N LYS A 80 -0.90 12.44 9.71
CA LYS A 80 -0.19 13.24 10.68
C LYS A 80 -0.15 12.50 12.02
N GLU A 81 -1.17 11.67 12.23
CA GLU A 81 -1.27 10.90 13.46
C GLU A 81 -0.03 10.01 13.62
N TYR A 82 0.16 9.13 12.66
CA TYR A 82 1.29 8.21 12.68
C TYR A 82 2.59 8.94 12.30
N ILE A 83 2.44 9.93 11.43
CA ILE A 83 3.58 10.71 10.97
C ILE A 83 4.45 11.07 12.18
N LYS A 84 3.79 11.45 13.25
CA LYS A 84 4.50 11.82 14.47
C LYS A 84 5.52 10.74 14.81
N GLN A 85 5.12 9.50 14.58
CA GLN A 85 6.00 8.37 14.86
C GLN A 85 7.14 8.32 13.85
N LYS A 86 6.77 8.08 12.60
CA LYS A 86 7.75 8.01 11.53
C LYS A 86 8.33 6.59 11.49
N GLY A 87 8.50 6.09 10.27
CA GLY A 87 9.05 4.76 10.08
C GLY A 87 9.79 4.66 8.73
N GLU A 88 11.04 5.07 8.75
CA GLU A 88 11.86 5.03 7.54
C GLU A 88 12.46 3.64 7.36
N ARG A 89 12.81 3.02 8.49
CA ARG A 89 13.39 1.69 8.46
C ARG A 89 12.31 0.63 8.20
N LYS A 90 11.06 1.06 8.36
CA LYS A 90 9.94 0.17 8.16
C LYS A 90 9.49 0.26 6.70
N ILE A 91 9.24 1.49 6.27
CA ILE A 91 8.81 1.72 4.90
C ILE A 91 9.75 1.00 3.94
N PHE A 92 11.01 1.44 3.95
CA PHE A 92 12.01 0.85 3.08
C PHE A 92 11.82 -0.66 2.98
N MET A 93 11.89 -1.32 4.13
CA MET A 93 11.73 -2.76 4.17
C MET A 93 10.59 -3.22 3.26
N ALA A 94 9.47 -2.52 3.39
CA ALA A 94 8.29 -2.85 2.59
C ALA A 94 8.63 -2.68 1.11
N HIS A 95 9.27 -1.56 0.80
CA HIS A 95 9.66 -1.28 -0.57
C HIS A 95 10.49 -2.43 -1.13
N LYS A 96 11.27 -3.03 -0.24
CA LYS A 96 12.12 -4.15 -0.62
C LYS A 96 11.24 -5.30 -1.13
N ASN A 97 10.18 -5.56 -0.39
CA ASN A 97 9.25 -6.61 -0.76
C ASN A 97 8.52 -6.24 -2.05
N CYS A 98 7.85 -5.09 -2.00
CA CYS A 98 7.11 -4.60 -3.15
C CYS A 98 8.05 -4.60 -4.36
N GLY A 99 9.31 -4.33 -4.08
CA GLY A 99 10.32 -4.31 -5.14
C GLY A 99 10.17 -5.52 -6.06
N ASN A 100 10.31 -5.26 -7.36
CA ASN A 100 10.20 -6.30 -8.35
C ASN A 100 8.73 -6.50 -8.71
N MET A 101 7.91 -6.54 -7.68
CA MET A 101 6.47 -6.74 -7.87
C MET A 101 5.92 -5.74 -8.89
N SER A 102 4.85 -6.14 -9.54
CA SER A 102 4.22 -5.31 -10.55
C SER A 102 3.53 -4.11 -9.87
N GLU A 103 3.60 -2.97 -10.55
CA GLU A 103 2.99 -1.77 -10.03
C GLU A 103 1.49 -1.97 -9.82
N ILE A 104 0.89 -2.73 -10.74
CA ILE A 104 -0.53 -3.01 -10.66
C ILE A 104 -0.80 -3.93 -9.47
N GLU A 105 -0.12 -5.07 -9.47
CA GLU A 105 -0.29 -6.04 -8.40
C GLU A 105 -0.19 -5.35 -7.04
N ALA A 106 0.74 -4.41 -6.95
CA ALA A 106 0.95 -3.67 -5.72
C ALA A 106 -0.30 -2.83 -5.43
N LYS A 107 -0.79 -2.16 -6.47
CA LYS A 107 -1.96 -1.32 -6.34
C LYS A 107 -3.16 -2.18 -5.95
N VAL A 108 -3.23 -3.35 -6.55
CA VAL A 108 -4.32 -4.27 -6.28
C VAL A 108 -4.35 -4.58 -4.78
N ARG A 109 -3.21 -4.99 -4.26
CA ARG A 109 -3.09 -5.31 -2.86
C ARG A 109 -3.36 -4.06 -2.00
N TYR A 110 -3.01 -2.92 -2.56
CA TYR A 110 -3.20 -1.66 -1.87
C TYR A 110 -4.67 -1.47 -1.47
N VAL A 111 -5.55 -1.93 -2.35
CA VAL A 111 -6.98 -1.82 -2.10
C VAL A 111 -7.41 -2.93 -1.14
N LYS A 112 -7.24 -4.16 -1.60
CA LYS A 112 -7.62 -5.31 -0.79
C LYS A 112 -7.06 -5.14 0.62
N LEU A 113 -5.86 -4.59 0.70
CA LEU A 113 -5.21 -4.37 1.97
C LEU A 113 -6.07 -3.42 2.81
N ALA A 114 -6.28 -2.23 2.26
CA ALA A 114 -7.08 -1.23 2.95
C ALA A 114 -8.46 -1.81 3.28
N ARG A 115 -8.94 -2.66 2.37
CA ARG A 115 -10.23 -3.29 2.56
C ARG A 115 -10.13 -4.43 3.58
N SER A 116 -8.89 -4.81 3.87
CA SER A 116 -8.64 -5.88 4.82
C SER A 116 -8.36 -5.30 6.20
N LEU A 117 -8.07 -4.00 6.21
CA LEU A 117 -7.79 -3.32 7.46
C LEU A 117 -9.10 -2.86 8.10
N LYS A 118 -10.03 -2.46 7.25
CA LYS A 118 -11.32 -2.00 7.71
C LYS A 118 -12.12 -3.19 8.25
N THR A 119 -12.87 -2.92 9.31
CA THR A 119 -13.69 -3.96 9.92
C THR A 119 -15.15 -3.52 9.98
N TYR A 120 -15.35 -2.26 10.32
CA TYR A 120 -16.70 -1.71 10.41
C TYR A 120 -17.00 -0.81 9.21
N GLY A 121 -18.02 -1.22 8.45
CA GLY A 121 -18.41 -0.47 7.28
C GLY A 121 -19.55 -1.18 6.52
#